data_6ZO9
#
_entry.id   6ZO9
#
_cell.length_a   147.165
_cell.length_b   160.519
_cell.length_c   244.078
_cell.angle_alpha   90.000
_cell.angle_beta   90.000
_cell.angle_gamma   90.000
#
_symmetry.space_group_name_H-M   'P 21 21 21'
#
loop_
_entity.id
_entity.type
_entity.pdbx_description
1 polymer 'Multidrug efflux pump subunit AcrB'
2 polymer DARPIN
3 non-polymer DODECANE
4 non-polymer DODECYL-BETA-D-MALTOSIDE
5 non-polymer PHOSPHATIDYLETHANOLAMINE
6 non-polymer GLYCEROL
7 non-polymer 1,2-ETHANEDIOL
8 non-polymer '(2S)-3-hydroxypropane-1,2-diyl didecanoate'
9 non-polymer HEXANE
10 non-polymer N-OCTANE
11 non-polymer 'SULFATE ION'
12 non-polymer RIFABUTIN
13 non-polymer TETRADECANE
14 non-polymer DECANE
15 non-polymer 'CHLORIDE ION'
16 water water
#
loop_
_entity_poly.entity_id
_entity_poly.type
_entity_poly.pdbx_seq_one_letter_code
_entity_poly.pdbx_strand_id
1 'polypeptide(L)'
;MPNFFIDRPIFAWVIAIIIMLAGGLAILKLPVAQYPTIAPPAVTISASYPGADAKTVQDTVTQVIEQNMNGIDNLMYMSS
NSDSTGTVQITLTFESGTDADIAQVQVQNKLQLAMPLLPQEVQQQGVSVEKSSSSFLMVVGVINTDGTMTQEDISDYVAA
NMKDAISRTSGVGDVQLFGSQYAMRIWMNPNELNKFQLTPVDVITAIKAQNAQVAAGQLGGTPPVKGQQLNASIIAQTRL
TSTEEFGKILLKVNQDGSRVLLRDVAKIELGGENYDIIAEFNGQPASGLGIKLATGANALDTAAAIRAELAKMEPFFPSG
LKIVYPYDTTPFVKISIHEVVKTLVEAIILVFLVMYLFLQNFRATLIPTIAVPVVLLGTFAVLAAFGFSINTLTMFGMVL
AIGLLVDDAIVVVENVERVMAEEGLPPKEATRKSMGQIQGALVGIAMVLSAVFVPMAFFGGSTGAIYRQFSITIVSAMAL
SVLVALILTPALCATMLKPIAKGDHGEGKKGFFGWFNRMFEKSTHHYTDSVGGILRSTGRYLVLYLIIVVGMAYLFVRLP
SSFLPDEDQGVFMTMVQLPAGATQERTQKVLNEVTHYYLTKEKNNVESVFAVNGFGFAGRPQNTGIAFVSLKDWADRPGE
ENKVEAITMRATRAFSQIKDAMVFAFNLPAIVELGTATGFDFELIDQAGLGHEKLTQARNQLLAEAAKHPDMLTSVRPNG
LEDTPQFKIDIDQEKAQALGVSINDINTTLGAAWGGSYVNDFIDRGRVKKVYVMSEAKYRMLPDDIGDWYVRAADGQMVP
FSAFSSSRWEYGSPRLERYNGLPSMEILGQAAPGKSTGEAMELMEQLASKLPTGVGYDWTGMSYQERLSGNQAPSLYAIS
LIVVFLCLAALYESWSIPFSVMLVVPLGVIGALLAATFRGLTNDVYFQVGLLTTIGLSAKNAILIVEFAKDLMDKEGKGL
IEATLDAVRMRLRPILMTSLAFILGVMPLVISTGAGSGAQNAVGTGVMGGMVTATVLAIFFVPVFFVVVRRRFSRKNEDI
EHSHTVDHHLEHHHHHH
;
A,B,C
2 'polypeptide(L)'
;MRGSHHHHHHGSDLGKKLLEAARAGRDDEVRILMANGADVNAADVVGWTPLHLAAYWGHLEIVEVLLKNGADVNAYDTLG
STPLHLAAHFGHLEIVEVLLKNGADVNAKDDNGITPLHLAANRGHLEIVEVLLKYGADVNAQDKFGKTAFDISINNGNED
LAEILQKLN
;
D,E
#
# COMPACT_ATOMS: atom_id res chain seq x y z
N MET A 1 19.38 41.63 15.09
CA MET A 1 19.80 40.87 13.87
C MET A 1 20.14 41.84 12.73
N PRO A 2 19.33 42.89 12.44
CA PRO A 2 19.67 43.85 11.39
C PRO A 2 21.08 44.46 11.52
N ASN A 3 21.48 44.82 12.75
CA ASN A 3 22.79 45.46 13.06
C ASN A 3 23.94 44.51 12.68
N PHE A 4 23.71 43.20 12.78
CA PHE A 4 24.70 42.13 12.42
C PHE A 4 24.95 42.14 10.91
N PHE A 5 23.89 42.23 10.11
CA PHE A 5 23.91 42.03 8.63
C PHE A 5 24.20 43.35 7.90
N ILE A 6 24.05 44.50 8.57
CA ILE A 6 24.47 45.83 8.03
C ILE A 6 26.00 45.86 7.96
N ASP A 7 26.67 45.33 9.00
CA ASP A 7 28.15 45.24 9.09
C ASP A 7 28.67 44.16 8.14
N ARG A 8 27.85 43.16 7.81
CA ARG A 8 28.22 41.99 6.96
C ARG A 8 27.23 41.86 5.80
N PRO A 9 27.35 42.69 4.74
CA PRO A 9 26.47 42.57 3.57
C PRO A 9 26.58 41.25 2.79
N ILE A 10 27.78 40.66 2.70
CA ILE A 10 28.06 39.43 1.91
C ILE A 10 27.38 38.24 2.60
N PHE A 11 27.37 38.20 3.93
CA PHE A 11 26.66 37.17 4.75
C PHE A 11 25.18 37.19 4.37
N ALA A 12 24.57 38.37 4.38
CA ALA A 12 23.15 38.61 4.02
C ALA A 12 22.88 38.14 2.59
N TRP A 13 23.79 38.45 1.66
CA TRP A 13 23.71 38.05 0.23
C TRP A 13 23.76 36.52 0.10
N VAL A 14 24.59 35.85 0.89
CA VAL A 14 24.77 34.37 0.88
C VAL A 14 23.44 33.71 1.30
N ILE A 15 22.82 34.19 2.37
CA ILE A 15 21.51 33.67 2.89
C ILE A 15 20.45 33.84 1.79
N ALA A 16 20.43 34.99 1.12
CA ALA A 16 19.49 35.32 0.02
C ALA A 16 19.69 34.32 -1.13
N ILE A 17 20.94 34.05 -1.51
CA ILE A 17 21.31 33.17 -2.66
C ILE A 17 20.91 31.72 -2.35
N ILE A 18 21.19 31.24 -1.13
CA ILE A 18 20.94 29.82 -0.71
C ILE A 18 19.42 29.58 -0.66
N ILE A 19 18.64 30.58 -0.21
CA ILE A 19 17.14 30.54 -0.24
C ILE A 19 16.68 30.39 -1.70
N MET A 20 17.30 31.14 -2.62
CA MET A 20 16.95 31.15 -4.07
C MET A 20 17.41 29.84 -4.73
N LEU A 21 18.56 29.29 -4.30
CA LEU A 21 19.06 27.96 -4.76
C LEU A 21 18.09 26.86 -4.28
N ALA A 22 17.72 26.88 -3.00
CA ALA A 22 16.73 25.97 -2.39
C ALA A 22 15.38 26.10 -3.10
N GLY A 23 15.00 27.34 -3.45
CA GLY A 23 13.79 27.66 -4.23
C GLY A 23 13.88 27.10 -5.65
N GLY A 24 15.02 27.32 -6.31
CA GLY A 24 15.29 26.85 -7.69
C GLY A 24 15.19 25.34 -7.80
N LEU A 25 15.89 24.61 -6.92
CA LEU A 25 15.93 23.12 -6.89
C LEU A 25 14.55 22.56 -6.55
N ALA A 26 13.77 23.29 -5.73
CA ALA A 26 12.37 22.94 -5.36
C ALA A 26 11.48 23.01 -6.60
N ILE A 27 11.55 24.11 -7.34
CA ILE A 27 10.70 24.39 -8.55
C ILE A 27 10.91 23.28 -9.59
N LEU A 28 12.16 22.81 -9.76
CA LEU A 28 12.52 21.75 -10.75
C LEU A 28 11.92 20.39 -10.31
N LYS A 29 11.98 20.08 -9.02
CA LYS A 29 11.67 18.72 -8.48
C LYS A 29 10.21 18.62 -8.00
N LEU A 30 9.57 19.75 -7.67
CA LEU A 30 8.16 19.77 -7.17
C LEU A 30 7.21 19.27 -8.26
N PRO A 31 6.14 18.55 -7.89
CA PRO A 31 5.13 18.13 -8.86
C PRO A 31 4.22 19.31 -9.25
N VAL A 32 3.59 19.22 -10.42
CA VAL A 32 2.73 20.30 -11.00
C VAL A 32 1.34 19.70 -11.31
N ALA A 33 0.28 20.42 -10.95
CA ALA A 33 -1.14 20.06 -11.20
C ALA A 33 -1.98 21.34 -11.29
N GLN A 34 -3.25 21.21 -11.68
CA GLN A 34 -4.21 22.33 -11.74
C GLN A 34 -4.69 22.67 -10.33
N TYR A 35 -5.12 21.64 -9.57
CA TYR A 35 -5.66 21.74 -8.20
C TYR A 35 -5.10 20.62 -7.33
N PRO A 36 -5.16 20.73 -5.99
CA PRO A 36 -4.88 19.59 -5.11
C PRO A 36 -5.90 18.46 -5.28
N THR A 37 -5.47 17.21 -5.08
CA THR A 37 -6.30 15.98 -5.22
C THR A 37 -7.32 15.92 -4.09
N ILE A 38 -8.55 16.36 -4.34
CA ILE A 38 -9.68 16.40 -3.35
C ILE A 38 -10.70 15.30 -3.69
N ALA A 39 -10.55 14.62 -4.83
CA ALA A 39 -11.47 13.58 -5.33
C ALA A 39 -11.37 12.33 -4.45
N PRO A 40 -12.51 11.70 -4.07
CA PRO A 40 -12.49 10.48 -3.27
C PRO A 40 -11.95 9.29 -4.07
N PRO A 41 -11.00 8.50 -3.53
CA PRO A 41 -10.54 7.26 -4.17
C PRO A 41 -11.70 6.30 -4.50
N ALA A 42 -11.67 5.71 -5.70
CA ALA A 42 -12.69 4.76 -6.20
C ALA A 42 -11.99 3.53 -6.81
N VAL A 43 -12.31 2.34 -6.30
CA VAL A 43 -11.83 1.02 -6.85
C VAL A 43 -12.98 0.41 -7.67
N THR A 44 -12.72 0.10 -8.94
CA THR A 44 -13.72 -0.45 -9.90
C THR A 44 -13.39 -1.93 -10.18
N ILE A 45 -14.35 -2.82 -9.96
CA ILE A 45 -14.29 -4.27 -10.32
C ILE A 45 -15.05 -4.44 -11.65
N SER A 46 -14.34 -4.81 -12.71
CA SER A 46 -14.90 -5.06 -14.07
C SER A 46 -14.79 -6.55 -14.41
N ALA A 47 -15.89 -7.16 -14.85
CA ALA A 47 -15.96 -8.55 -15.35
C ALA A 47 -16.86 -8.60 -16.60
N SER A 48 -16.76 -9.68 -17.38
CA SER A 48 -17.45 -9.84 -18.69
C SER A 48 -17.94 -11.28 -18.86
N TYR A 49 -19.25 -11.45 -19.09
CA TYR A 49 -19.92 -12.73 -19.44
C TYR A 49 -20.34 -12.66 -20.91
N PRO A 50 -19.59 -13.28 -21.84
CA PRO A 50 -19.89 -13.19 -23.28
C PRO A 50 -21.28 -13.76 -23.63
N GLY A 51 -22.12 -12.95 -24.27
CA GLY A 51 -23.44 -13.34 -24.80
C GLY A 51 -24.52 -13.40 -23.73
N ALA A 52 -24.26 -12.85 -22.54
CA ALA A 52 -25.19 -12.86 -21.38
C ALA A 52 -26.06 -11.60 -21.42
N ASP A 53 -27.32 -11.74 -21.01
CA ASP A 53 -28.28 -10.61 -20.83
C ASP A 53 -28.02 -9.96 -19.47
N ALA A 54 -28.59 -8.77 -19.25
CA ALA A 54 -28.39 -7.93 -18.04
C ALA A 54 -28.70 -8.73 -16.77
N LYS A 55 -29.79 -9.51 -16.77
CA LYS A 55 -30.30 -10.22 -15.57
C LYS A 55 -29.35 -11.39 -15.22
N THR A 56 -28.91 -12.14 -16.22
CA THR A 56 -27.95 -13.27 -16.08
C THR A 56 -26.65 -12.76 -15.43
N VAL A 57 -26.14 -11.62 -15.90
CA VAL A 57 -24.90 -10.97 -15.37
C VAL A 57 -25.12 -10.63 -13.89
N GLN A 58 -26.23 -9.98 -13.57
CA GLN A 58 -26.57 -9.49 -12.20
C GLN A 58 -26.61 -10.67 -11.21
N ASP A 59 -27.29 -11.75 -11.59
CA ASP A 59 -27.70 -12.85 -10.66
C ASP A 59 -26.60 -13.91 -10.53
N THR A 60 -25.65 -13.98 -11.46
CA THR A 60 -24.56 -15.00 -11.46
C THR A 60 -23.21 -14.36 -11.14
N VAL A 61 -23.06 -13.04 -11.27
CA VAL A 61 -21.76 -12.33 -11.08
C VAL A 61 -21.94 -11.20 -10.06
N THR A 62 -22.69 -10.15 -10.40
CA THR A 62 -22.77 -8.87 -9.64
C THR A 62 -23.16 -9.14 -8.18
N GLN A 63 -24.27 -9.85 -7.95
CA GLN A 63 -24.83 -10.13 -6.60
C GLN A 63 -23.83 -10.97 -5.80
N VAL A 64 -23.22 -11.99 -6.42
CA VAL A 64 -22.26 -12.93 -5.76
C VAL A 64 -21.04 -12.14 -5.28
N ILE A 65 -20.56 -11.18 -6.07
CA ILE A 65 -19.40 -10.30 -5.73
C ILE A 65 -19.83 -9.32 -4.64
N GLU A 66 -20.97 -8.65 -4.81
CA GLU A 66 -21.49 -7.61 -3.88
C GLU A 66 -21.64 -8.17 -2.46
N GLN A 67 -22.19 -9.40 -2.33
CA GLN A 67 -22.46 -10.06 -1.03
C GLN A 67 -21.14 -10.34 -0.28
N ASN A 68 -20.02 -10.47 -1.01
CA ASN A 68 -18.68 -10.74 -0.44
C ASN A 68 -18.00 -9.43 0.00
N MET A 69 -18.38 -8.29 -0.60
CA MET A 69 -17.82 -6.96 -0.28
C MET A 69 -18.31 -6.52 1.10
N ASN A 70 -17.56 -6.88 2.15
CA ASN A 70 -17.84 -6.53 3.56
C ASN A 70 -16.50 -6.45 4.33
N GLY A 71 -16.48 -5.70 5.44
CA GLY A 71 -15.27 -5.46 6.24
C GLY A 71 -14.19 -4.75 5.44
N ILE A 72 -14.59 -3.72 4.66
CA ILE A 72 -13.70 -2.87 3.82
C ILE A 72 -13.66 -1.47 4.45
N ASP A 73 -12.47 -1.01 4.86
CA ASP A 73 -12.27 0.23 5.64
C ASP A 73 -12.55 1.46 4.77
N ASN A 74 -13.18 2.48 5.35
CA ASN A 74 -13.34 3.84 4.78
C ASN A 74 -14.25 3.82 3.54
N LEU A 75 -15.17 2.85 3.46
CA LEU A 75 -16.13 2.71 2.33
C LEU A 75 -17.32 3.66 2.56
N MET A 76 -17.52 4.62 1.66
CA MET A 76 -18.64 5.60 1.71
C MET A 76 -19.91 4.93 1.16
N TYR A 77 -19.82 4.37 -0.05
CA TYR A 77 -20.94 3.67 -0.74
C TYR A 77 -20.41 2.78 -1.87
N MET A 78 -21.28 1.92 -2.40
CA MET A 78 -21.01 0.97 -3.51
C MET A 78 -22.14 1.08 -4.54
N SER A 79 -21.80 1.19 -5.83
CA SER A 79 -22.75 1.22 -6.98
C SER A 79 -22.25 0.25 -8.06
N SER A 80 -23.17 -0.35 -8.82
CA SER A 80 -22.86 -1.33 -9.89
C SER A 80 -23.89 -1.26 -11.03
N ASN A 81 -23.47 -1.66 -12.23
CA ASN A 81 -24.32 -1.77 -13.46
C ASN A 81 -24.13 -3.17 -14.06
N SER A 82 -25.23 -3.85 -14.38
CA SER A 82 -25.27 -5.14 -15.11
C SER A 82 -26.10 -4.97 -16.37
N ASP A 83 -25.48 -5.02 -17.56
CA ASP A 83 -26.11 -4.64 -18.85
C ASP A 83 -26.05 -5.81 -19.84
N SER A 84 -26.75 -5.68 -20.97
CA SER A 84 -27.02 -6.75 -21.97
C SER A 84 -25.84 -6.93 -22.94
N THR A 85 -24.80 -6.09 -22.83
CA THR A 85 -23.49 -6.31 -23.51
C THR A 85 -22.82 -7.53 -22.89
N GLY A 86 -23.21 -7.89 -21.66
CA GLY A 86 -22.66 -9.03 -20.89
C GLY A 86 -21.51 -8.59 -20.00
N THR A 87 -21.64 -7.39 -19.42
CA THR A 87 -20.57 -6.70 -18.65
C THR A 87 -21.13 -6.24 -17.29
N VAL A 88 -20.27 -6.24 -16.26
CA VAL A 88 -20.57 -5.68 -14.91
C VAL A 88 -19.44 -4.70 -14.53
N GLN A 89 -19.79 -3.61 -13.85
CA GLN A 89 -18.82 -2.64 -13.26
C GLN A 89 -19.31 -2.24 -11.87
N ILE A 90 -18.78 -2.89 -10.83
CA ILE A 90 -19.00 -2.55 -9.40
C ILE A 90 -17.96 -1.52 -8.99
N THR A 91 -18.40 -0.28 -8.68
CA THR A 91 -17.54 0.85 -8.24
C THR A 91 -17.71 1.06 -6.73
N LEU A 92 -16.62 0.90 -5.97
CA LEU A 92 -16.57 1.15 -4.51
C LEU A 92 -15.82 2.46 -4.25
N THR A 93 -16.55 3.52 -3.88
CA THR A 93 -16.00 4.87 -3.57
C THR A 93 -15.62 4.92 -2.08
N PHE A 94 -14.47 5.54 -1.77
CA PHE A 94 -13.85 5.57 -0.42
C PHE A 94 -13.75 7.01 0.09
N GLU A 95 -13.67 7.17 1.42
CA GLU A 95 -13.50 8.48 2.11
C GLU A 95 -12.21 9.16 1.61
N SER A 96 -12.22 10.49 1.53
CA SER A 96 -11.08 11.33 1.10
C SER A 96 -9.91 11.13 2.07
N GLY A 97 -8.74 10.75 1.55
CA GLY A 97 -7.51 10.52 2.33
C GLY A 97 -7.19 9.05 2.50
N THR A 98 -8.05 8.16 1.98
CA THR A 98 -7.86 6.68 2.00
C THR A 98 -6.71 6.31 1.06
N ASP A 99 -5.83 5.40 1.49
CA ASP A 99 -4.72 4.85 0.68
C ASP A 99 -5.32 3.89 -0.36
N ALA A 100 -5.28 4.29 -1.64
CA ALA A 100 -5.85 3.55 -2.79
C ALA A 100 -5.19 2.17 -2.93
N ASP A 101 -3.90 2.07 -2.57
CA ASP A 101 -3.12 0.80 -2.59
C ASP A 101 -3.81 -0.23 -1.68
N ILE A 102 -4.14 0.16 -0.45
CA ILE A 102 -4.76 -0.73 0.58
C ILE A 102 -6.22 -0.99 0.19
N ALA A 103 -6.92 0.03 -0.32
CA ALA A 103 -8.33 -0.05 -0.79
C ALA A 103 -8.45 -1.15 -1.85
N GLN A 104 -7.51 -1.18 -2.80
CA GLN A 104 -7.45 -2.18 -3.91
C GLN A 104 -7.23 -3.58 -3.31
N VAL A 105 -6.31 -3.71 -2.35
CA VAL A 105 -5.92 -5.00 -1.70
C VAL A 105 -7.12 -5.56 -0.94
N GLN A 106 -7.81 -4.71 -0.15
CA GLN A 106 -8.99 -5.10 0.68
C GLN A 106 -10.13 -5.56 -0.24
N VAL A 107 -10.41 -4.79 -1.30
CA VAL A 107 -11.51 -5.07 -2.27
C VAL A 107 -11.25 -6.41 -2.96
N GLN A 108 -10.01 -6.64 -3.42
CA GLN A 108 -9.64 -7.85 -4.21
C GLN A 108 -9.57 -9.08 -3.29
N ASN A 109 -9.20 -8.89 -2.02
CA ASN A 109 -9.17 -9.97 -0.99
C ASN A 109 -10.56 -10.63 -0.91
N LYS A 110 -11.61 -9.81 -0.99
CA LYS A 110 -13.03 -10.25 -0.91
C LYS A 110 -13.48 -10.83 -2.25
N LEU A 111 -13.00 -10.25 -3.36
CA LEU A 111 -13.31 -10.70 -4.75
C LEU A 111 -12.83 -12.14 -4.96
N GLN A 112 -11.68 -12.50 -4.36
CA GLN A 112 -11.04 -13.84 -4.48
C GLN A 112 -11.92 -14.91 -3.82
N LEU A 113 -12.77 -14.53 -2.86
CA LEU A 113 -13.75 -15.44 -2.20
C LEU A 113 -14.92 -15.70 -3.18
N ALA A 114 -15.28 -14.70 -3.99
CA ALA A 114 -16.39 -14.76 -4.98
C ALA A 114 -15.91 -15.46 -6.26
N MET A 115 -14.64 -15.26 -6.65
CA MET A 115 -14.07 -15.65 -7.97
C MET A 115 -14.43 -17.10 -8.33
N PRO A 116 -14.21 -18.09 -7.45
CA PRO A 116 -14.53 -19.49 -7.77
C PRO A 116 -16.03 -19.77 -7.94
N LEU A 117 -16.88 -18.96 -7.29
CA LEU A 117 -18.37 -19.09 -7.33
C LEU A 117 -18.91 -18.52 -8.65
N LEU A 118 -18.12 -17.71 -9.37
CA LEU A 118 -18.51 -17.08 -10.66
C LEU A 118 -18.55 -18.15 -11.74
N PRO A 119 -19.29 -17.93 -12.86
CA PRO A 119 -19.26 -18.84 -14.00
C PRO A 119 -17.86 -18.94 -14.63
N GLN A 120 -17.55 -20.08 -15.25
CA GLN A 120 -16.22 -20.40 -15.81
C GLN A 120 -15.93 -19.48 -17.01
N GLU A 121 -16.97 -19.08 -17.75
CA GLU A 121 -16.86 -18.18 -18.93
C GLU A 121 -16.42 -16.78 -18.48
N VAL A 122 -16.88 -16.35 -17.29
CA VAL A 122 -16.58 -14.99 -16.73
C VAL A 122 -15.13 -14.96 -16.22
N GLN A 123 -14.68 -16.03 -15.57
CA GLN A 123 -13.29 -16.16 -15.04
C GLN A 123 -12.29 -16.11 -16.20
N GLN A 124 -12.58 -16.80 -17.30
CA GLN A 124 -11.68 -16.93 -18.48
C GLN A 124 -11.64 -15.62 -19.27
N GLN A 125 -12.62 -14.73 -19.12
CA GLN A 125 -12.64 -13.38 -19.74
C GLN A 125 -11.69 -12.45 -18.97
N GLY A 126 -11.29 -12.84 -17.75
CA GLY A 126 -10.37 -12.07 -16.89
C GLY A 126 -11.11 -10.95 -16.17
N VAL A 127 -11.33 -11.11 -14.86
CA VAL A 127 -11.89 -10.05 -13.96
C VAL A 127 -10.74 -9.11 -13.61
N SER A 128 -10.99 -7.80 -13.54
CA SER A 128 -9.98 -6.75 -13.32
C SER A 128 -10.42 -5.82 -12.18
N VAL A 129 -9.52 -5.56 -11.23
CA VAL A 129 -9.68 -4.56 -10.13
C VAL A 129 -8.73 -3.39 -10.43
N GLU A 130 -9.29 -2.18 -10.61
CA GLU A 130 -8.55 -0.97 -11.04
C GLU A 130 -8.85 0.20 -10.10
N LYS A 131 -7.85 1.06 -9.86
CA LYS A 131 -7.95 2.27 -9.01
C LYS A 131 -7.55 3.49 -9.86
N SER A 132 -8.54 4.20 -10.41
CA SER A 132 -8.34 5.31 -11.39
C SER A 132 -9.52 6.28 -11.33
N SER A 133 -9.34 7.48 -11.90
CA SER A 133 -10.40 8.49 -12.14
C SER A 133 -11.37 7.97 -13.20
N SER A 134 -12.63 8.38 -13.13
CA SER A 134 -13.70 7.99 -14.09
C SER A 134 -13.45 8.66 -15.44
N SER A 135 -13.03 9.94 -15.43
CA SER A 135 -12.75 10.78 -16.62
C SER A 135 -11.40 10.37 -17.22
N PHE A 136 -11.17 10.71 -18.50
CA PHE A 136 -9.94 10.39 -19.28
C PHE A 136 -8.89 11.48 -19.08
N LEU A 137 -7.64 11.08 -18.87
CA LEU A 137 -6.45 11.97 -18.82
C LEU A 137 -6.17 12.48 -20.25
N MET A 138 -6.14 11.56 -21.22
CA MET A 138 -5.87 11.86 -22.65
C MET A 138 -6.40 10.72 -23.53
N VAL A 139 -6.59 11.00 -24.82
CA VAL A 139 -6.87 9.99 -25.89
C VAL A 139 -5.70 10.01 -26.87
N VAL A 140 -4.93 8.92 -26.93
CA VAL A 140 -3.84 8.71 -27.92
C VAL A 140 -4.45 8.06 -29.17
N GLY A 141 -4.87 8.87 -30.13
CA GLY A 141 -5.42 8.42 -31.42
C GLY A 141 -4.32 7.94 -32.36
N VAL A 142 -4.61 6.93 -33.17
CA VAL A 142 -3.65 6.33 -34.16
C VAL A 142 -4.37 6.18 -35.50
N ILE A 143 -3.77 6.73 -36.58
CA ILE A 143 -4.31 6.75 -37.96
C ILE A 143 -3.24 6.29 -38.94
N ASN A 144 -3.63 6.00 -40.18
CA ASN A 144 -2.73 5.66 -41.31
C ASN A 144 -2.95 6.71 -42.43
N THR A 145 -1.92 7.51 -42.71
CA THR A 145 -1.95 8.63 -43.70
C THR A 145 -2.00 8.05 -45.13
N ASP A 146 -1.29 6.95 -45.37
CA ASP A 146 -1.22 6.26 -46.69
C ASP A 146 -2.53 5.54 -46.98
N GLY A 147 -3.30 5.20 -45.93
CA GLY A 147 -4.57 4.47 -46.04
C GLY A 147 -4.36 3.01 -46.43
N THR A 148 -3.24 2.43 -46.00
CA THR A 148 -2.82 1.03 -46.28
C THR A 148 -3.56 0.06 -45.34
N MET A 149 -3.81 0.49 -44.10
CA MET A 149 -4.43 -0.32 -43.02
C MET A 149 -5.86 0.15 -42.78
N THR A 150 -6.79 -0.80 -42.58
CA THR A 150 -8.22 -0.55 -42.26
C THR A 150 -8.37 -0.19 -40.77
N GLN A 151 -9.59 0.13 -40.34
CA GLN A 151 -9.92 0.44 -38.92
C GLN A 151 -9.54 -0.76 -38.04
N GLU A 152 -9.82 -1.98 -38.50
CA GLU A 152 -9.59 -3.25 -37.76
C GLU A 152 -8.09 -3.53 -37.65
N ASP A 153 -7.32 -3.29 -38.72
CA ASP A 153 -5.85 -3.53 -38.80
C ASP A 153 -5.13 -2.60 -37.80
N ILE A 154 -5.54 -1.34 -37.72
CA ILE A 154 -4.91 -0.29 -36.86
C ILE A 154 -5.16 -0.64 -35.39
N SER A 155 -6.39 -1.02 -35.05
CA SER A 155 -6.81 -1.41 -33.68
C SER A 155 -5.98 -2.62 -33.20
N ASP A 156 -5.77 -3.60 -34.08
CA ASP A 156 -4.98 -4.84 -33.78
C ASP A 156 -3.53 -4.46 -33.44
N TYR A 157 -2.91 -3.58 -34.24
CA TYR A 157 -1.51 -3.13 -34.05
C TYR A 157 -1.39 -2.42 -32.69
N VAL A 158 -2.34 -1.52 -32.38
CA VAL A 158 -2.39 -0.75 -31.10
C VAL A 158 -2.48 -1.75 -29.94
N ALA A 159 -3.33 -2.78 -30.09
CA ALA A 159 -3.61 -3.80 -29.05
C ALA A 159 -2.41 -4.74 -28.88
N ALA A 160 -1.68 -5.03 -29.95
CA ALA A 160 -0.61 -6.06 -30.01
C ALA A 160 0.77 -5.46 -29.74
N ASN A 161 1.01 -4.19 -30.09
CA ASN A 161 2.36 -3.57 -30.11
C ASN A 161 2.46 -2.35 -29.19
N MET A 162 1.33 -1.73 -28.79
CA MET A 162 1.33 -0.42 -28.08
C MET A 162 0.66 -0.53 -26.70
N LYS A 163 -0.53 -1.12 -26.63
CA LYS A 163 -1.46 -1.04 -25.47
C LYS A 163 -0.78 -1.50 -24.17
N ASP A 164 -0.13 -2.67 -24.18
CA ASP A 164 0.43 -3.34 -22.97
C ASP A 164 1.43 -2.43 -22.27
N ALA A 165 2.41 -1.89 -23.00
CA ALA A 165 3.51 -1.04 -22.47
C ALA A 165 2.93 0.24 -21.84
N ILE A 166 1.85 0.78 -22.40
CA ILE A 166 1.14 1.98 -21.86
C ILE A 166 0.42 1.58 -20.56
N SER A 167 -0.18 0.38 -20.54
CA SER A 167 -0.94 -0.17 -19.40
C SER A 167 -0.01 -0.46 -18.21
N ARG A 168 1.27 -0.72 -18.47
CA ARG A 168 2.30 -1.05 -17.44
C ARG A 168 2.97 0.22 -16.91
N THR A 169 2.94 1.32 -17.68
CA THR A 169 3.53 2.64 -17.31
C THR A 169 2.94 3.10 -15.97
N SER A 170 3.78 3.57 -15.05
CA SER A 170 3.39 4.02 -13.69
C SER A 170 2.54 5.29 -13.79
N GLY A 171 1.38 5.29 -13.14
CA GLY A 171 0.40 6.41 -13.15
C GLY A 171 -0.81 6.09 -14.02
N VAL A 172 -0.68 5.16 -14.96
CA VAL A 172 -1.78 4.71 -15.88
C VAL A 172 -2.65 3.71 -15.11
N GLY A 173 -3.83 4.13 -14.68
CA GLY A 173 -4.77 3.34 -13.87
C GLY A 173 -5.62 2.40 -14.72
N ASP A 174 -5.96 2.82 -15.95
CA ASP A 174 -6.80 2.04 -16.90
C ASP A 174 -6.51 2.50 -18.34
N VAL A 175 -6.51 1.57 -19.28
CA VAL A 175 -6.34 1.83 -20.75
C VAL A 175 -7.50 1.18 -21.50
N GLN A 176 -8.34 1.99 -22.15
CA GLN A 176 -9.49 1.55 -22.99
C GLN A 176 -9.06 1.59 -24.46
N LEU A 177 -9.10 0.44 -25.14
CA LEU A 177 -8.81 0.32 -26.60
C LEU A 177 -10.05 0.76 -27.39
N PHE A 178 -9.92 1.82 -28.19
CA PHE A 178 -10.98 2.33 -29.10
C PHE A 178 -10.98 1.47 -30.37
N GLY A 179 -11.46 0.24 -30.23
CA GLY A 179 -11.40 -0.83 -31.25
C GLY A 179 -11.35 -2.20 -30.58
N SER A 180 -10.70 -3.17 -31.22
CA SER A 180 -10.56 -4.56 -30.71
C SER A 180 -9.30 -5.22 -31.28
N GLN A 181 -8.57 -5.95 -30.43
CA GLN A 181 -7.47 -6.85 -30.83
C GLN A 181 -8.06 -7.96 -31.71
N TYR A 182 -7.29 -8.49 -32.66
CA TYR A 182 -7.71 -9.61 -33.54
C TYR A 182 -7.87 -10.89 -32.71
N ALA A 183 -8.70 -11.80 -33.21
CA ALA A 183 -8.93 -13.16 -32.69
C ALA A 183 -9.29 -14.07 -33.85
N MET A 184 -9.04 -15.38 -33.74
CA MET A 184 -9.42 -16.36 -34.78
C MET A 184 -10.94 -16.55 -34.71
N ARG A 185 -11.67 -15.93 -35.64
CA ARG A 185 -13.16 -15.99 -35.72
C ARG A 185 -13.57 -17.18 -36.60
N ILE A 186 -14.17 -18.21 -35.99
CA ILE A 186 -14.82 -19.35 -36.69
C ILE A 186 -16.30 -19.00 -36.87
N TRP A 187 -16.65 -18.39 -38.01
CA TRP A 187 -18.04 -18.00 -38.37
C TRP A 187 -18.80 -19.24 -38.87
N MET A 188 -19.61 -19.86 -38.01
CA MET A 188 -20.26 -21.17 -38.25
C MET A 188 -21.46 -20.99 -39.20
N ASN A 189 -21.73 -22.02 -40.00
CA ASN A 189 -22.88 -22.11 -40.95
C ASN A 189 -23.78 -23.24 -40.48
N PRO A 190 -25.06 -22.96 -40.12
CA PRO A 190 -25.95 -24.00 -39.60
C PRO A 190 -26.41 -25.00 -40.67
N ASN A 191 -26.54 -24.55 -41.92
CA ASN A 191 -26.95 -25.38 -43.09
C ASN A 191 -25.89 -26.44 -43.36
N GLU A 192 -24.61 -26.04 -43.37
CA GLU A 192 -23.45 -26.91 -43.66
C GLU A 192 -23.18 -27.85 -42.48
N LEU A 193 -23.41 -27.37 -41.24
CA LEU A 193 -23.26 -28.18 -39.99
C LEU A 193 -24.31 -29.30 -39.99
N ASN A 194 -25.55 -28.99 -40.38
CA ASN A 194 -26.69 -29.95 -40.42
C ASN A 194 -26.45 -31.00 -41.51
N LYS A 195 -25.83 -30.60 -42.63
CA LYS A 195 -25.59 -31.47 -43.81
C LYS A 195 -24.66 -32.63 -43.42
N PHE A 196 -23.60 -32.35 -42.63
CA PHE A 196 -22.59 -33.34 -42.19
C PHE A 196 -22.89 -33.84 -40.77
N GLN A 197 -24.07 -33.49 -40.23
CA GLN A 197 -24.61 -33.98 -38.94
C GLN A 197 -23.67 -33.58 -37.80
N LEU A 198 -23.35 -32.28 -37.68
CA LEU A 198 -22.44 -31.72 -36.64
C LEU A 198 -23.11 -30.52 -35.95
N THR A 199 -22.54 -30.09 -34.82
CA THR A 199 -23.04 -28.99 -33.96
C THR A 199 -21.86 -28.09 -33.57
N PRO A 200 -22.13 -26.88 -33.04
CA PRO A 200 -21.09 -26.06 -32.41
C PRO A 200 -20.24 -26.79 -31.35
N VAL A 201 -20.84 -27.77 -30.65
CA VAL A 201 -20.16 -28.59 -29.60
C VAL A 201 -19.01 -29.37 -30.25
N ASP A 202 -19.26 -29.98 -31.41
CA ASP A 202 -18.25 -30.77 -32.19
C ASP A 202 -17.14 -29.84 -32.69
N VAL A 203 -17.48 -28.62 -33.10
CA VAL A 203 -16.52 -27.59 -33.58
C VAL A 203 -15.60 -27.19 -32.42
N ILE A 204 -16.17 -26.90 -31.25
CA ILE A 204 -15.42 -26.46 -30.03
C ILE A 204 -14.50 -27.61 -29.58
N THR A 205 -15.00 -28.85 -29.57
CA THR A 205 -14.23 -30.06 -29.19
C THR A 205 -13.03 -30.24 -30.12
N ALA A 206 -13.24 -30.06 -31.43
CA ALA A 206 -12.22 -30.21 -32.50
C ALA A 206 -11.13 -29.16 -32.34
N ILE A 207 -11.50 -27.89 -32.08
CA ILE A 207 -10.57 -26.74 -31.91
C ILE A 207 -9.70 -27.00 -30.66
N LYS A 208 -10.30 -27.43 -29.56
CA LYS A 208 -9.60 -27.75 -28.28
C LYS A 208 -8.60 -28.90 -28.51
N ALA A 209 -8.93 -29.85 -29.38
CA ALA A 209 -8.14 -31.07 -29.66
C ALA A 209 -6.99 -30.77 -30.63
N GLN A 210 -7.24 -29.99 -31.69
CA GLN A 210 -6.33 -29.82 -32.85
C GLN A 210 -5.64 -28.44 -32.83
N ASN A 211 -6.11 -27.51 -31.99
CA ASN A 211 -5.40 -26.24 -31.67
C ASN A 211 -4.95 -26.31 -30.20
N ALA A 212 -3.97 -27.17 -29.92
CA ALA A 212 -3.49 -27.50 -28.56
C ALA A 212 -1.96 -27.33 -28.50
N GLN A 213 -1.45 -26.91 -27.33
CA GLN A 213 -0.01 -26.80 -27.02
C GLN A 213 0.35 -27.85 -25.97
N VAL A 214 0.87 -29.01 -26.41
CA VAL A 214 1.09 -30.22 -25.57
C VAL A 214 2.48 -30.14 -24.92
N ALA A 215 2.55 -30.54 -23.65
CA ALA A 215 3.81 -30.80 -22.91
C ALA A 215 4.15 -32.28 -23.04
N ALA A 216 5.07 -32.61 -23.96
CA ALA A 216 5.34 -33.99 -24.44
C ALA A 216 6.59 -34.59 -23.79
N GLY A 217 7.29 -33.84 -22.94
CA GLY A 217 8.48 -34.32 -22.21
C GLY A 217 9.75 -34.26 -23.07
N GLN A 218 10.73 -35.11 -22.75
CA GLN A 218 12.08 -35.10 -23.38
C GLN A 218 12.55 -36.53 -23.67
N LEU A 219 13.36 -36.68 -24.73
CA LEU A 219 14.26 -37.84 -24.94
C LEU A 219 15.42 -37.72 -23.95
N GLY A 220 15.82 -38.82 -23.31
CA GLY A 220 16.89 -38.85 -22.29
C GLY A 220 16.61 -37.92 -21.13
N GLY A 221 15.35 -37.86 -20.68
CA GLY A 221 14.91 -37.02 -19.57
C GLY A 221 15.35 -37.59 -18.23
N THR A 222 15.45 -36.74 -17.20
CA THR A 222 15.85 -37.12 -15.81
C THR A 222 14.66 -37.76 -15.10
N PRO A 223 14.85 -38.86 -14.33
CA PRO A 223 16.14 -39.54 -14.21
C PRO A 223 16.44 -40.40 -15.44
N PRO A 224 17.66 -40.35 -16.01
CA PRO A 224 18.00 -41.12 -17.21
C PRO A 224 18.56 -42.51 -16.87
N VAL A 225 18.74 -43.35 -17.89
CA VAL A 225 19.45 -44.67 -17.77
C VAL A 225 20.96 -44.40 -17.82
N LYS A 226 21.76 -45.40 -17.45
CA LYS A 226 23.25 -45.32 -17.45
C LYS A 226 23.74 -45.36 -18.90
N GLY A 227 24.59 -44.40 -19.28
CA GLY A 227 25.23 -44.31 -20.60
C GLY A 227 24.34 -43.64 -21.64
N GLN A 228 23.50 -42.69 -21.22
CA GLN A 228 22.62 -41.89 -22.12
C GLN A 228 23.47 -40.78 -22.75
N GLN A 229 23.37 -40.63 -24.08
CA GLN A 229 24.12 -39.62 -24.88
C GLN A 229 23.15 -38.57 -25.44
N LEU A 230 21.97 -38.99 -25.90
CA LEU A 230 20.94 -38.10 -26.51
C LEU A 230 20.09 -37.45 -25.41
N ASN A 231 19.93 -36.13 -25.47
CA ASN A 231 19.00 -35.33 -24.61
C ASN A 231 18.40 -34.22 -25.47
N ALA A 232 17.09 -34.32 -25.77
CA ALA A 232 16.35 -33.38 -26.65
C ALA A 232 14.88 -33.32 -26.22
N SER A 233 14.28 -32.12 -26.33
CA SER A 233 12.84 -31.86 -26.06
C SER A 233 11.98 -32.54 -27.14
N ILE A 234 10.90 -33.21 -26.73
CA ILE A 234 9.86 -33.76 -27.65
C ILE A 234 8.84 -32.65 -27.90
N ILE A 235 8.58 -32.33 -29.18
CA ILE A 235 7.61 -31.29 -29.63
C ILE A 235 6.46 -32.00 -30.35
N ALA A 236 5.27 -32.03 -29.74
CA ALA A 236 4.02 -32.57 -30.33
C ALA A 236 3.23 -31.40 -30.95
N GLN A 237 1.91 -31.37 -30.78
CA GLN A 237 1.03 -30.29 -31.31
C GLN A 237 1.40 -28.94 -30.68
N THR A 238 1.35 -27.87 -31.47
CA THR A 238 1.54 -26.46 -31.04
C THR A 238 0.30 -25.65 -31.44
N ARG A 239 0.17 -24.43 -30.92
CA ARG A 239 -0.93 -23.50 -31.27
C ARG A 239 -0.88 -23.20 -32.77
N LEU A 240 -2.03 -23.23 -33.43
CA LEU A 240 -2.16 -22.90 -34.89
C LEU A 240 -1.92 -21.40 -35.05
N THR A 241 -1.28 -21.00 -36.16
CA THR A 241 -0.71 -19.65 -36.37
C THR A 241 -1.54 -18.81 -37.35
N SER A 242 -2.33 -19.46 -38.23
CA SER A 242 -3.03 -18.81 -39.37
C SER A 242 -4.42 -19.42 -39.60
N THR A 243 -5.24 -18.72 -40.38
CA THR A 243 -6.61 -19.13 -40.80
C THR A 243 -6.56 -20.45 -41.57
N GLU A 244 -5.50 -20.65 -42.37
CA GLU A 244 -5.31 -21.85 -43.23
CA GLU A 244 -5.32 -21.86 -43.23
C GLU A 244 -5.23 -23.10 -42.35
N GLU A 245 -4.47 -23.03 -41.25
CA GLU A 245 -4.24 -24.15 -40.31
C GLU A 245 -5.55 -24.51 -39.59
N PHE A 246 -6.33 -23.52 -39.19
CA PHE A 246 -7.68 -23.69 -38.58
C PHE A 246 -8.63 -24.28 -39.62
N GLY A 247 -8.50 -23.86 -40.88
CA GLY A 247 -9.29 -24.35 -42.02
C GLY A 247 -9.22 -25.86 -42.18
N LYS A 248 -8.03 -26.44 -42.01
CA LYS A 248 -7.78 -27.89 -42.26
C LYS A 248 -7.89 -28.70 -40.96
N ILE A 249 -8.57 -28.15 -39.93
CA ILE A 249 -8.99 -28.91 -38.71
C ILE A 249 -10.00 -29.97 -39.16
N LEU A 250 -9.68 -31.25 -38.99
CA LEU A 250 -10.53 -32.41 -39.40
C LEU A 250 -11.59 -32.67 -38.33
N LEU A 251 -12.84 -32.28 -38.61
CA LEU A 251 -14.00 -32.47 -37.70
C LEU A 251 -14.37 -33.95 -37.64
N LYS A 252 -14.53 -34.60 -38.80
CA LYS A 252 -14.80 -36.05 -38.90
C LYS A 252 -14.49 -36.57 -40.31
N VAL A 253 -14.39 -37.89 -40.45
CA VAL A 253 -14.24 -38.63 -41.75
C VAL A 253 -15.56 -39.34 -42.03
N ASN A 254 -16.10 -39.18 -43.24
CA ASN A 254 -17.38 -39.81 -43.69
C ASN A 254 -17.15 -41.32 -43.90
N GLN A 255 -18.25 -42.07 -44.01
CA GLN A 255 -18.25 -43.56 -44.16
C GLN A 255 -17.55 -43.94 -45.47
N ASP A 256 -17.79 -43.18 -46.55
CA ASP A 256 -17.21 -43.43 -47.91
C ASP A 256 -15.70 -43.17 -47.88
N GLY A 257 -15.25 -42.17 -47.12
CA GLY A 257 -13.81 -41.84 -46.96
C GLY A 257 -13.53 -40.34 -46.96
N SER A 258 -14.42 -39.52 -47.52
CA SER A 258 -14.27 -38.05 -47.66
C SER A 258 -14.12 -37.41 -46.27
N ARG A 259 -13.37 -36.31 -46.20
CA ARG A 259 -13.02 -35.58 -44.94
C ARG A 259 -13.86 -34.30 -44.85
N VAL A 260 -14.53 -34.10 -43.71
CA VAL A 260 -15.27 -32.84 -43.37
C VAL A 260 -14.32 -31.95 -42.56
N LEU A 261 -13.76 -30.92 -43.19
CA LEU A 261 -12.86 -29.93 -42.55
C LEU A 261 -13.71 -28.81 -41.94
N LEU A 262 -13.10 -27.97 -41.10
CA LEU A 262 -13.77 -26.85 -40.39
C LEU A 262 -14.18 -25.76 -41.40
N ARG A 263 -13.42 -25.59 -42.49
CA ARG A 263 -13.67 -24.57 -43.54
C ARG A 263 -14.88 -25.00 -44.40
N ASP A 264 -15.28 -26.27 -44.34
CA ASP A 264 -16.44 -26.82 -45.08
C ASP A 264 -17.76 -26.46 -44.34
N VAL A 265 -17.70 -26.15 -43.05
CA VAL A 265 -18.90 -25.86 -42.20
C VAL A 265 -18.80 -24.46 -41.58
N ALA A 266 -17.80 -23.65 -41.97
CA ALA A 266 -17.59 -22.30 -41.40
C ALA A 266 -16.68 -21.46 -42.31
N LYS A 267 -16.86 -20.13 -42.26
CA LYS A 267 -15.93 -19.13 -42.84
C LYS A 267 -14.94 -18.71 -41.74
N ILE A 268 -13.64 -18.71 -42.06
CA ILE A 268 -12.53 -18.50 -41.09
C ILE A 268 -11.73 -17.27 -41.51
N GLU A 269 -11.78 -16.20 -40.70
CA GLU A 269 -11.01 -14.95 -40.90
C GLU A 269 -10.39 -14.50 -39.58
N LEU A 270 -9.41 -13.60 -39.66
CA LEU A 270 -8.68 -13.01 -38.49
C LEU A 270 -9.36 -11.70 -38.10
N GLY A 271 -10.55 -11.80 -37.51
CA GLY A 271 -11.40 -10.65 -37.12
C GLY A 271 -11.18 -10.26 -35.66
N GLY A 272 -11.89 -9.22 -35.19
CA GLY A 272 -11.76 -8.66 -33.83
C GLY A 272 -12.44 -9.53 -32.78
N GLU A 273 -11.97 -9.45 -31.53
CA GLU A 273 -12.55 -10.16 -30.36
C GLU A 273 -14.02 -9.76 -30.19
N ASN A 274 -14.33 -8.49 -30.41
CA ASN A 274 -15.72 -7.95 -30.44
C ASN A 274 -15.78 -6.77 -31.42
N TYR A 275 -16.97 -6.44 -31.91
CA TYR A 275 -17.23 -5.41 -32.95
C TYR A 275 -18.11 -4.31 -32.36
N ASP A 276 -17.78 -3.88 -31.12
CA ASP A 276 -18.54 -2.87 -30.34
C ASP A 276 -18.04 -1.47 -30.66
N ILE A 277 -16.70 -1.30 -30.68
CA ILE A 277 -16.02 0.03 -30.82
C ILE A 277 -15.53 0.19 -32.26
N ILE A 278 -15.90 1.31 -32.90
CA ILE A 278 -15.37 1.77 -34.21
C ILE A 278 -15.08 3.27 -34.10
N ALA A 279 -13.80 3.65 -34.08
CA ALA A 279 -13.32 5.04 -33.89
C ALA A 279 -13.00 5.68 -35.24
N GLU A 280 -13.11 7.01 -35.32
CA GLU A 280 -12.74 7.83 -36.50
C GLU A 280 -12.10 9.14 -36.02
N PHE A 281 -11.05 9.58 -36.72
CA PHE A 281 -10.33 10.86 -36.48
C PHE A 281 -10.51 11.77 -37.71
N ASN A 282 -11.43 12.74 -37.60
CA ASN A 282 -11.78 13.72 -38.67
C ASN A 282 -12.31 12.95 -39.90
N GLY A 283 -13.09 11.89 -39.67
CA GLY A 283 -13.81 11.15 -40.72
C GLY A 283 -13.10 9.87 -41.15
N GLN A 284 -11.77 9.89 -41.25
CA GLN A 284 -10.96 8.75 -41.78
C GLN A 284 -10.85 7.66 -40.71
N PRO A 285 -10.59 6.39 -41.11
CA PRO A 285 -10.47 5.30 -40.14
C PRO A 285 -9.37 5.55 -39.10
N ALA A 286 -9.64 5.17 -37.84
CA ALA A 286 -8.75 5.40 -36.68
C ALA A 286 -9.01 4.39 -35.58
N SER A 287 -8.00 4.15 -34.72
CA SER A 287 -8.11 3.51 -33.39
C SER A 287 -7.50 4.46 -32.36
N GLY A 288 -7.29 3.99 -31.13
CA GLY A 288 -6.61 4.78 -30.09
C GLY A 288 -6.72 4.16 -28.70
N LEU A 289 -6.20 4.86 -27.70
CA LEU A 289 -6.16 4.41 -26.28
C LEU A 289 -6.73 5.52 -25.38
N GLY A 290 -7.86 5.24 -24.72
CA GLY A 290 -8.41 6.08 -23.64
C GLY A 290 -7.70 5.81 -22.33
N ILE A 291 -6.75 6.67 -21.96
CA ILE A 291 -5.89 6.50 -20.75
C ILE A 291 -6.52 7.26 -19.58
N LYS A 292 -6.81 6.56 -18.48
CA LYS A 292 -7.35 7.13 -17.22
C LYS A 292 -6.22 7.20 -16.18
N LEU A 293 -6.10 8.34 -15.49
CA LEU A 293 -5.05 8.60 -14.48
C LEU A 293 -5.33 7.77 -13.22
N ALA A 294 -4.31 7.06 -12.71
CA ALA A 294 -4.38 6.26 -11.47
C ALA A 294 -4.59 7.18 -10.27
N THR A 295 -5.30 6.69 -9.24
CA THR A 295 -5.68 7.44 -8.02
C THR A 295 -4.42 8.01 -7.35
N GLY A 296 -4.30 9.34 -7.27
CA GLY A 296 -3.25 10.05 -6.52
C GLY A 296 -2.07 10.45 -7.39
N ALA A 297 -1.89 9.81 -8.55
CA ALA A 297 -0.74 10.01 -9.47
C ALA A 297 -0.82 11.41 -10.11
N ASN A 298 0.33 11.94 -10.54
CA ASN A 298 0.48 13.28 -11.16
C ASN A 298 0.08 13.19 -12.63
N ALA A 299 -0.68 14.17 -13.12
CA ALA A 299 -1.21 14.24 -14.51
C ALA A 299 -0.06 14.46 -15.50
N LEU A 300 0.77 15.48 -15.27
CA LEU A 300 1.84 15.92 -16.21
C LEU A 300 2.95 14.87 -16.28
N ASP A 301 3.34 14.27 -15.14
CA ASP A 301 4.42 13.26 -15.04
C ASP A 301 4.00 11.99 -15.78
N THR A 302 2.76 11.54 -15.61
CA THR A 302 2.17 10.34 -16.26
C THR A 302 2.06 10.58 -17.78
N ALA A 303 1.59 11.76 -18.18
CA ALA A 303 1.45 12.19 -19.59
C ALA A 303 2.83 12.19 -20.27
N ALA A 304 3.87 12.66 -19.56
CA ALA A 304 5.27 12.68 -20.02
C ALA A 304 5.79 11.25 -20.19
N ALA A 305 5.43 10.36 -19.27
CA ALA A 305 5.84 8.93 -19.25
C ALA A 305 5.22 8.19 -20.45
N ILE A 306 3.98 8.54 -20.81
CA ILE A 306 3.23 7.93 -21.95
C ILE A 306 3.90 8.36 -23.27
N ARG A 307 4.18 9.66 -23.42
CA ARG A 307 4.80 10.26 -24.64
CA ARG A 307 4.80 10.25 -24.64
C ARG A 307 6.19 9.64 -24.84
N ALA A 308 6.91 9.37 -23.75
CA ALA A 308 8.27 8.76 -23.74
C ALA A 308 8.20 7.31 -24.24
N GLU A 309 7.16 6.57 -23.84
CA GLU A 309 6.96 5.14 -24.21
C GLU A 309 6.46 5.04 -25.65
N LEU A 310 5.60 5.98 -26.08
CA LEU A 310 5.10 6.07 -27.47
C LEU A 310 6.26 6.39 -28.43
N ALA A 311 7.22 7.20 -27.98
CA ALA A 311 8.41 7.62 -28.75
C ALA A 311 9.29 6.42 -29.09
N LYS A 312 9.31 5.40 -28.22
CA LYS A 312 10.09 4.15 -28.41
C LYS A 312 9.44 3.27 -29.48
N MET A 313 8.11 3.37 -29.65
CA MET A 313 7.31 2.53 -30.59
C MET A 313 7.38 3.10 -32.01
N GLU A 314 7.36 4.43 -32.14
CA GLU A 314 7.22 5.16 -33.44
C GLU A 314 8.22 4.64 -34.47
N PRO A 315 9.54 4.53 -34.16
CA PRO A 315 10.51 4.02 -35.12
C PRO A 315 10.16 2.68 -35.80
N PHE A 316 9.41 1.81 -35.11
CA PHE A 316 9.14 0.41 -35.52
C PHE A 316 7.71 0.26 -36.05
N PHE A 317 7.04 1.35 -36.41
CA PHE A 317 5.68 1.34 -37.02
C PHE A 317 5.76 0.85 -38.46
N PRO A 318 4.65 0.31 -39.03
CA PRO A 318 4.56 0.11 -40.48
C PRO A 318 4.44 1.46 -41.20
N SER A 319 4.70 1.49 -42.51
CA SER A 319 4.60 2.70 -43.37
C SER A 319 3.16 3.22 -43.33
N GLY A 320 2.99 4.53 -43.07
CA GLY A 320 1.69 5.22 -43.07
C GLY A 320 1.17 5.48 -41.67
N LEU A 321 1.30 4.50 -40.76
CA LEU A 321 0.80 4.57 -39.36
C LEU A 321 1.43 5.77 -38.65
N LYS A 322 0.63 6.51 -37.88
CA LYS A 322 1.04 7.79 -37.23
C LYS A 322 0.17 8.04 -35.99
N ILE A 323 0.76 8.58 -34.92
CA ILE A 323 0.06 8.97 -33.66
C ILE A 323 -0.53 10.37 -33.85
N VAL A 324 -1.72 10.61 -33.29
CA VAL A 324 -2.40 11.94 -33.25
C VAL A 324 -2.93 12.15 -31.83
N TYR A 325 -3.10 13.41 -31.42
CA TYR A 325 -3.45 13.82 -30.03
C TYR A 325 -4.76 14.62 -30.05
N PRO A 326 -5.91 13.96 -30.33
CA PRO A 326 -7.19 14.65 -30.43
C PRO A 326 -7.89 15.02 -29.11
N TYR A 327 -7.32 14.61 -27.97
CA TYR A 327 -7.84 14.93 -26.62
C TYR A 327 -6.73 14.77 -25.57
N ASP A 328 -6.43 15.84 -24.86
CA ASP A 328 -5.41 15.88 -23.78
C ASP A 328 -5.75 17.02 -22.81
N THR A 329 -5.85 16.73 -21.51
CA THR A 329 -6.22 17.68 -20.44
C THR A 329 -4.96 18.35 -19.86
N THR A 330 -3.79 17.74 -20.08
CA THR A 330 -2.50 18.16 -19.47
C THR A 330 -1.97 19.46 -20.09
N PRO A 331 -2.09 19.70 -21.42
CA PRO A 331 -1.54 20.92 -22.01
C PRO A 331 -2.11 22.21 -21.39
N PHE A 332 -3.41 22.21 -21.05
CA PHE A 332 -4.09 23.34 -20.35
C PHE A 332 -3.39 23.60 -19.02
N VAL A 333 -3.16 22.54 -18.23
CA VAL A 333 -2.52 22.60 -16.89
C VAL A 333 -1.10 23.16 -17.03
N LYS A 334 -0.38 22.73 -18.08
CA LYS A 334 1.03 23.14 -18.35
C LYS A 334 1.07 24.61 -18.78
N ILE A 335 0.19 25.01 -19.70
CA ILE A 335 0.19 26.36 -20.33
C ILE A 335 -0.40 27.39 -19.36
N SER A 336 -1.48 27.05 -18.64
CA SER A 336 -2.20 27.96 -17.71
C SER A 336 -1.29 28.38 -16.55
N ILE A 337 -0.47 27.46 -16.04
CA ILE A 337 0.50 27.71 -14.94
C ILE A 337 1.60 28.65 -15.45
N HIS A 338 2.08 28.43 -16.69
CA HIS A 338 3.12 29.25 -17.35
CA HIS A 338 3.13 29.26 -17.34
C HIS A 338 2.62 30.70 -17.54
N GLU A 339 1.32 30.86 -17.79
CA GLU A 339 0.67 32.19 -17.98
C GLU A 339 0.69 32.96 -16.65
N VAL A 340 0.58 32.26 -15.52
CA VAL A 340 0.65 32.85 -14.15
C VAL A 340 2.11 33.19 -13.83
N VAL A 341 3.05 32.36 -14.29
CA VAL A 341 4.52 32.59 -14.14
C VAL A 341 4.90 33.86 -14.93
N LYS A 342 4.28 34.07 -16.09
CA LYS A 342 4.52 35.25 -16.97
C LYS A 342 4.09 36.54 -16.25
N THR A 343 2.94 36.50 -15.56
CA THR A 343 2.35 37.65 -14.82
C THR A 343 3.20 37.97 -13.58
N LEU A 344 3.83 36.95 -12.96
CA LEU A 344 4.76 37.12 -11.82
C LEU A 344 5.98 37.93 -12.28
N VAL A 345 6.54 37.58 -13.44
CA VAL A 345 7.73 38.26 -14.05
C VAL A 345 7.33 39.68 -14.45
N GLU A 346 6.15 39.85 -15.06
CA GLU A 346 5.60 41.17 -15.48
C GLU A 346 5.36 42.05 -14.26
N ALA A 347 4.81 41.49 -13.18
CA ALA A 347 4.49 42.19 -11.91
C ALA A 347 5.78 42.78 -11.31
N ILE A 348 6.86 42.00 -11.30
CA ILE A 348 8.20 42.41 -10.76
C ILE A 348 8.74 43.57 -11.61
N ILE A 349 8.59 43.50 -12.94
CA ILE A 349 9.04 44.55 -13.89
C ILE A 349 8.19 45.81 -13.69
N LEU A 350 6.89 45.65 -13.49
CA LEU A 350 5.93 46.78 -13.26
C LEU A 350 6.19 47.41 -11.89
N VAL A 351 6.64 46.62 -10.91
CA VAL A 351 7.06 47.12 -9.57
C VAL A 351 8.33 47.95 -9.74
N PHE A 352 9.31 47.43 -10.50
CA PHE A 352 10.61 48.10 -10.78
C PHE A 352 10.38 49.52 -11.30
N LEU A 353 9.45 49.69 -12.25
CA LEU A 353 9.14 51.00 -12.89
C LEU A 353 8.49 51.95 -11.87
N VAL A 354 7.57 51.44 -11.04
CA VAL A 354 6.83 52.24 -10.02
C VAL A 354 7.80 52.62 -8.88
N MET A 355 8.73 51.74 -8.54
CA MET A 355 9.78 51.98 -7.50
C MET A 355 10.80 53.00 -8.03
N TYR A 356 11.05 53.01 -9.34
CA TYR A 356 12.00 53.94 -10.03
C TYR A 356 11.44 55.38 -10.01
N LEU A 357 10.11 55.52 -9.98
CA LEU A 357 9.41 56.84 -10.02
C LEU A 357 9.67 57.62 -8.72
N PHE A 358 9.60 56.95 -7.57
CA PHE A 358 9.66 57.57 -6.22
C PHE A 358 11.11 57.64 -5.71
N LEU A 359 11.89 56.57 -5.91
CA LEU A 359 13.29 56.46 -5.41
C LEU A 359 14.23 57.26 -6.33
N GLN A 360 13.98 57.23 -7.65
CA GLN A 360 14.67 58.06 -8.67
C GLN A 360 16.16 57.72 -8.73
N ASN A 361 16.50 56.43 -8.67
CA ASN A 361 17.90 55.92 -8.64
C ASN A 361 17.90 54.42 -8.96
N PHE A 362 18.80 53.98 -9.85
CA PHE A 362 18.87 52.60 -10.39
C PHE A 362 19.15 51.60 -9.27
N ARG A 363 20.24 51.80 -8.52
CA ARG A 363 20.74 50.86 -7.48
C ARG A 363 19.78 50.84 -6.28
N ALA A 364 19.10 51.96 -6.00
CA ALA A 364 18.09 52.09 -4.92
C ALA A 364 16.82 51.30 -5.28
N THR A 365 16.47 51.27 -6.58
CA THR A 365 15.24 50.62 -7.12
C THR A 365 15.38 49.10 -7.04
N LEU A 366 16.60 48.56 -7.04
CA LEU A 366 16.88 47.10 -7.05
C LEU A 366 16.52 46.47 -5.69
N ILE A 367 16.50 47.24 -4.60
CA ILE A 367 16.34 46.69 -3.21
C ILE A 367 14.96 46.06 -3.08
N PRO A 368 13.85 46.75 -3.44
CA PRO A 368 12.55 46.08 -3.58
C PRO A 368 12.53 44.97 -4.64
N THR A 369 13.18 45.20 -5.78
CA THR A 369 13.14 44.33 -7.00
C THR A 369 13.86 43.01 -6.74
N ILE A 370 14.87 42.99 -5.85
CA ILE A 370 15.63 41.77 -5.46
C ILE A 370 14.88 41.03 -4.35
N ALA A 371 14.29 41.78 -3.40
CA ALA A 371 13.64 41.26 -2.17
C ALA A 371 12.52 40.27 -2.52
N VAL A 372 11.70 40.60 -3.53
CA VAL A 372 10.45 39.84 -3.87
C VAL A 372 10.82 38.49 -4.48
N PRO A 373 11.66 38.41 -5.53
CA PRO A 373 12.16 37.13 -6.03
C PRO A 373 12.75 36.19 -4.95
N VAL A 374 13.51 36.74 -4.00
CA VAL A 374 14.21 35.97 -2.92
C VAL A 374 13.17 35.26 -2.05
N VAL A 375 12.07 35.95 -1.72
CA VAL A 375 10.99 35.43 -0.82
C VAL A 375 10.11 34.46 -1.62
N LEU A 376 9.69 34.83 -2.83
CA LEU A 376 8.82 34.01 -3.72
C LEU A 376 9.49 32.65 -3.99
N LEU A 377 10.76 32.66 -4.39
CA LEU A 377 11.57 31.43 -4.61
C LEU A 377 11.67 30.66 -3.27
N GLY A 378 11.92 31.39 -2.17
CA GLY A 378 11.98 30.83 -0.81
C GLY A 378 10.70 30.11 -0.43
N THR A 379 9.54 30.64 -0.83
CA THR A 379 8.19 30.12 -0.51
C THR A 379 7.99 28.75 -1.17
N PHE A 380 8.51 28.56 -2.39
CA PHE A 380 8.47 27.27 -3.14
C PHE A 380 9.17 26.17 -2.34
N ALA A 381 10.27 26.52 -1.66
CA ALA A 381 11.07 25.60 -0.81
C ALA A 381 10.28 25.21 0.44
N VAL A 382 9.47 26.13 0.97
CA VAL A 382 8.61 25.89 2.19
C VAL A 382 7.45 24.97 1.81
N LEU A 383 6.91 25.10 0.60
CA LEU A 383 5.83 24.23 0.06
C LEU A 383 6.35 22.78 -0.07
N ALA A 384 7.61 22.62 -0.48
CA ALA A 384 8.29 21.31 -0.65
C ALA A 384 8.39 20.59 0.69
N ALA A 385 8.65 21.33 1.77
CA ALA A 385 8.80 20.81 3.15
C ALA A 385 7.47 20.19 3.62
N PHE A 386 6.35 20.89 3.39
CA PHE A 386 5.00 20.50 3.87
C PHE A 386 4.28 19.65 2.80
N GLY A 387 4.98 19.27 1.74
CA GLY A 387 4.52 18.26 0.75
C GLY A 387 3.42 18.76 -0.16
N PHE A 388 3.34 20.08 -0.39
CA PHE A 388 2.39 20.72 -1.34
C PHE A 388 2.98 20.69 -2.75
N SER A 389 2.17 21.01 -3.75
CA SER A 389 2.54 21.01 -5.19
C SER A 389 2.43 22.43 -5.76
N ILE A 390 3.13 22.71 -6.87
CA ILE A 390 3.00 23.97 -7.65
C ILE A 390 1.71 23.86 -8.49
N ASN A 391 0.63 24.52 -8.04
CA ASN A 391 -0.70 24.44 -8.67
C ASN A 391 -1.30 25.85 -8.80
N THR A 392 -2.42 25.96 -9.53
CA THR A 392 -3.14 27.23 -9.84
C THR A 392 -3.31 28.05 -8.55
N LEU A 393 -3.76 27.42 -7.46
CA LEU A 393 -4.14 28.08 -6.20
C LEU A 393 -2.88 28.60 -5.48
N THR A 394 -1.83 27.79 -5.41
CA THR A 394 -0.52 28.16 -4.81
C THR A 394 0.13 29.28 -5.65
N MET A 395 0.05 29.18 -6.98
CA MET A 395 0.66 30.15 -7.93
C MET A 395 -0.04 31.50 -7.84
N PHE A 396 -1.35 31.53 -7.61
CA PHE A 396 -2.13 32.78 -7.38
C PHE A 396 -1.86 33.30 -5.96
N GLY A 397 -1.51 32.39 -5.04
CA GLY A 397 -0.99 32.72 -3.70
C GLY A 397 0.30 33.51 -3.79
N MET A 398 1.18 33.15 -4.74
CA MET A 398 2.47 33.82 -5.02
C MET A 398 2.22 35.23 -5.56
N VAL A 399 1.24 35.38 -6.48
CA VAL A 399 0.92 36.66 -7.16
C VAL A 399 0.35 37.65 -6.12
N LEU A 400 -0.64 37.22 -5.33
CA LEU A 400 -1.30 38.03 -4.28
C LEU A 400 -0.26 38.45 -3.22
N ALA A 401 0.70 37.57 -2.91
CA ALA A 401 1.74 37.75 -1.87
C ALA A 401 2.63 38.96 -2.21
N ILE A 402 2.88 39.21 -3.51
CA ILE A 402 3.78 40.30 -4.01
C ILE A 402 3.42 41.61 -3.31
N GLY A 403 2.12 41.90 -3.15
CA GLY A 403 1.60 43.08 -2.45
C GLY A 403 2.14 43.17 -1.03
N LEU A 404 2.14 42.04 -0.30
CA LEU A 404 2.65 41.94 1.10
C LEU A 404 4.18 41.93 1.10
N LEU A 405 4.80 41.27 0.12
CA LEU A 405 6.28 41.11 0.01
C LEU A 405 6.93 42.48 -0.27
N VAL A 406 6.39 43.22 -1.24
CA VAL A 406 6.96 44.53 -1.71
C VAL A 406 6.74 45.59 -0.63
N ASP A 407 5.65 45.49 0.14
CA ASP A 407 5.32 46.45 1.24
C ASP A 407 6.43 46.37 2.30
N ASP A 408 6.83 45.16 2.69
CA ASP A 408 7.93 44.91 3.66
C ASP A 408 9.21 45.60 3.19
N ALA A 409 9.49 45.55 1.88
CA ALA A 409 10.65 46.21 1.24
C ALA A 409 10.48 47.73 1.27
N ILE A 410 9.31 48.22 0.82
CA ILE A 410 8.98 49.68 0.73
C ILE A 410 9.05 50.30 2.13
N VAL A 411 8.39 49.68 3.12
CA VAL A 411 8.32 50.18 4.53
C VAL A 411 9.74 50.35 5.07
N VAL A 412 10.66 49.43 4.77
CA VAL A 412 12.07 49.44 5.24
C VAL A 412 12.85 50.51 4.47
N VAL A 413 12.79 50.49 3.13
CA VAL A 413 13.60 51.37 2.22
C VAL A 413 13.14 52.83 2.41
N GLU A 414 11.83 53.10 2.35
CA GLU A 414 11.25 54.46 2.46
C GLU A 414 11.63 55.08 3.81
N ASN A 415 11.56 54.31 4.89
CA ASN A 415 11.85 54.76 6.28
C ASN A 415 13.32 55.20 6.37
N VAL A 416 14.22 54.49 5.68
CA VAL A 416 15.68 54.83 5.61
C VAL A 416 15.85 56.15 4.84
N GLU A 417 15.13 56.29 3.72
CA GLU A 417 15.19 57.48 2.81
C GLU A 417 14.69 58.73 3.54
N ARG A 418 13.70 58.58 4.43
CA ARG A 418 13.09 59.72 5.19
C ARG A 418 14.07 60.20 6.27
N VAL A 419 14.73 59.28 6.97
CA VAL A 419 15.71 59.58 8.06
C VAL A 419 16.88 60.40 7.48
N MET A 420 17.37 60.02 6.30
CA MET A 420 18.47 60.73 5.58
C MET A 420 17.98 62.07 5.06
N ALA A 421 16.67 62.19 4.77
CA ALA A 421 16.01 63.44 4.31
C ALA A 421 15.83 64.39 5.51
N GLU A 422 15.35 63.87 6.65
CA GLU A 422 15.01 64.66 7.86
C GLU A 422 16.30 65.03 8.62
N GLU A 423 17.01 64.02 9.14
CA GLU A 423 18.16 64.20 10.08
C GLU A 423 19.43 64.53 9.29
N GLY A 424 19.69 63.82 8.18
CA GLY A 424 20.84 64.04 7.29
C GLY A 424 22.04 63.19 7.69
N LEU A 425 21.82 61.91 7.98
CA LEU A 425 22.87 60.92 8.34
C LEU A 425 23.33 60.19 7.08
N PRO A 426 24.51 59.53 7.09
CA PRO A 426 24.92 58.65 5.99
C PRO A 426 24.04 57.41 5.89
N PRO A 427 24.14 56.62 4.78
CA PRO A 427 23.36 55.39 4.63
C PRO A 427 23.57 54.36 5.74
N LYS A 428 24.82 54.19 6.19
CA LYS A 428 25.23 53.17 7.19
C LYS A 428 24.53 53.44 8.53
N GLU A 429 24.58 54.69 9.01
CA GLU A 429 24.03 55.12 10.33
C GLU A 429 22.51 55.20 10.27
N ALA A 430 21.95 55.69 9.15
CA ALA A 430 20.50 55.96 8.96
C ALA A 430 19.70 54.65 9.04
N THR A 431 20.27 53.54 8.55
CA THR A 431 19.62 52.20 8.51
C THR A 431 19.43 51.67 9.93
N ARG A 432 20.44 51.82 10.79
CA ARG A 432 20.42 51.36 12.21
C ARG A 432 19.35 52.15 12.97
N LYS A 433 19.26 53.47 12.70
CA LYS A 433 18.20 54.36 13.23
C LYS A 433 16.85 53.89 12.69
N SER A 434 16.75 53.65 11.38
CA SER A 434 15.51 53.29 10.64
C SER A 434 14.96 51.95 11.14
N MET A 435 15.78 50.88 11.11
CA MET A 435 15.37 49.50 11.48
C MET A 435 14.95 49.47 12.96
N GLY A 436 15.67 50.20 13.81
CA GLY A 436 15.35 50.36 15.25
C GLY A 436 13.90 50.77 15.48
N GLN A 437 13.28 51.45 14.51
CA GLN A 437 11.89 51.97 14.59
C GLN A 437 10.88 50.91 14.16
N ILE A 438 11.22 50.03 13.20
CA ILE A 438 10.26 49.10 12.53
C ILE A 438 10.78 47.65 12.55
N GLN A 439 11.64 47.28 13.49
CA GLN A 439 12.01 45.85 13.73
C GLN A 439 10.80 45.13 14.32
N GLY A 440 10.32 45.63 15.46
CA GLY A 440 9.20 45.04 16.23
C GLY A 440 7.85 45.26 15.57
N ALA A 441 7.74 46.27 14.70
CA ALA A 441 6.51 46.60 13.95
C ALA A 441 6.26 45.53 12.88
N LEU A 442 7.28 45.21 12.08
CA LEU A 442 7.20 44.23 10.96
C LEU A 442 6.92 42.83 11.50
N VAL A 443 7.58 42.44 12.59
CA VAL A 443 7.40 41.12 13.27
C VAL A 443 5.99 41.07 13.86
N GLY A 444 5.55 42.16 14.50
CA GLY A 444 4.21 42.30 15.11
C GLY A 444 3.11 42.19 14.08
N ILE A 445 3.26 42.86 12.93
CA ILE A 445 2.24 42.92 11.83
C ILE A 445 2.08 41.53 11.22
N ALA A 446 3.18 40.82 10.97
CA ALA A 446 3.20 39.46 10.35
C ALA A 446 2.34 38.50 11.17
N MET A 447 2.40 38.60 12.51
CA MET A 447 1.62 37.75 13.45
C MET A 447 0.15 38.18 13.46
N VAL A 448 -0.12 39.47 13.24
CA VAL A 448 -1.51 40.04 13.12
C VAL A 448 -2.11 39.58 11.78
N LEU A 449 -1.35 39.67 10.68
CA LEU A 449 -1.79 39.30 9.31
C LEU A 449 -2.00 37.79 9.22
N SER A 450 -1.17 37.00 9.91
CA SER A 450 -1.25 35.51 9.95
C SER A 450 -2.61 35.08 10.53
N ALA A 451 -3.16 35.87 11.47
CA ALA A 451 -4.47 35.63 12.11
C ALA A 451 -5.62 35.77 11.10
N VAL A 452 -5.37 36.42 9.96
CA VAL A 452 -6.36 36.60 8.86
C VAL A 452 -6.35 35.37 7.95
N PHE A 453 -5.16 34.83 7.64
CA PHE A 453 -4.93 33.82 6.58
C PHE A 453 -4.96 32.39 7.16
N VAL A 454 -4.46 32.18 8.38
CA VAL A 454 -4.31 30.82 9.00
C VAL A 454 -5.70 30.19 9.19
N PRO A 455 -6.72 30.90 9.74
CA PRO A 455 -8.04 30.31 9.97
C PRO A 455 -8.69 29.61 8.76
N MET A 456 -8.43 30.05 7.53
CA MET A 456 -9.05 29.50 6.29
C MET A 456 -8.30 28.23 5.85
N ALA A 457 -7.29 27.79 6.63
CA ALA A 457 -6.60 26.49 6.46
C ALA A 457 -7.40 25.38 7.15
N PHE A 458 -8.34 25.74 8.02
CA PHE A 458 -9.10 24.80 8.90
C PHE A 458 -10.55 24.65 8.42
N PHE A 459 -10.80 24.83 7.12
CA PHE A 459 -12.10 24.48 6.47
C PHE A 459 -12.13 22.96 6.26
N GLY A 460 -13.31 22.35 6.40
CA GLY A 460 -13.50 20.89 6.42
C GLY A 460 -13.78 20.31 5.04
N GLY A 461 -13.39 19.05 4.82
CA GLY A 461 -13.74 18.25 3.63
C GLY A 461 -12.90 18.62 2.42
N SER A 462 -13.48 18.44 1.23
CA SER A 462 -12.84 18.66 -0.10
C SER A 462 -12.64 20.15 -0.36
N THR A 463 -13.68 20.96 -0.08
CA THR A 463 -13.71 22.43 -0.30
C THR A 463 -12.60 23.13 0.50
N GLY A 464 -12.25 22.58 1.67
CA GLY A 464 -11.27 23.17 2.60
C GLY A 464 -9.83 23.08 2.10
N ALA A 465 -9.51 22.03 1.34
CA ALA A 465 -8.16 21.74 0.80
C ALA A 465 -7.77 22.81 -0.23
N ILE A 466 -8.76 23.38 -0.94
CA ILE A 466 -8.55 24.48 -1.94
C ILE A 466 -8.06 25.73 -1.21
N TYR A 467 -8.75 26.11 -0.12
CA TYR A 467 -8.45 27.33 0.68
C TYR A 467 -7.11 27.18 1.41
N ARG A 468 -6.72 25.95 1.77
CA ARG A 468 -5.50 25.65 2.56
C ARG A 468 -4.24 25.92 1.72
N GLN A 469 -4.35 25.85 0.39
CA GLN A 469 -3.23 26.13 -0.56
C GLN A 469 -2.79 27.59 -0.38
N PHE A 470 -3.74 28.53 -0.40
CA PHE A 470 -3.52 29.99 -0.23
C PHE A 470 -2.96 30.27 1.17
N SER A 471 -3.57 29.67 2.19
CA SER A 471 -3.22 29.84 3.63
C SER A 471 -1.72 29.66 3.83
N ILE A 472 -1.19 28.48 3.50
CA ILE A 472 0.21 28.06 3.78
C ILE A 472 1.16 28.86 2.89
N THR A 473 0.79 29.12 1.62
CA THR A 473 1.61 29.86 0.63
C THR A 473 1.83 31.30 1.10
N ILE A 474 0.76 32.00 1.49
CA ILE A 474 0.77 33.44 1.88
C ILE A 474 1.48 33.60 3.23
N VAL A 475 1.13 32.76 4.22
CA VAL A 475 1.70 32.82 5.60
C VAL A 475 3.20 32.52 5.55
N SER A 476 3.61 31.54 4.73
CA SER A 476 5.04 31.17 4.49
C SER A 476 5.78 32.34 3.83
N ALA A 477 5.13 33.00 2.86
CA ALA A 477 5.67 34.16 2.12
C ALA A 477 5.91 35.32 3.09
N MET A 478 4.91 35.65 3.91
CA MET A 478 4.96 36.74 4.92
C MET A 478 6.07 36.47 5.94
N ALA A 479 6.21 35.21 6.38
CA ALA A 479 7.22 34.76 7.36
C ALA A 479 8.63 35.02 6.82
N LEU A 480 8.91 34.60 5.59
CA LEU A 480 10.22 34.78 4.91
C LEU A 480 10.43 36.26 4.58
N SER A 481 9.37 37.01 4.32
CA SER A 481 9.40 38.46 3.99
C SER A 481 9.99 39.25 5.16
N VAL A 482 9.54 38.97 6.38
CA VAL A 482 10.06 39.59 7.65
C VAL A 482 11.51 39.15 7.85
N LEU A 483 11.82 37.87 7.63
CA LEU A 483 13.18 37.29 7.77
C LEU A 483 14.13 37.99 6.78
N VAL A 484 13.68 38.23 5.55
CA VAL A 484 14.44 38.94 4.48
C VAL A 484 14.54 40.44 4.84
N ALA A 485 13.47 41.00 5.43
CA ALA A 485 13.38 42.42 5.84
C ALA A 485 14.30 42.72 7.02
N LEU A 486 14.72 41.68 7.77
CA LEU A 486 15.64 41.80 8.94
C LEU A 486 17.08 41.44 8.56
N ILE A 487 17.28 40.63 7.50
CA ILE A 487 18.61 40.12 7.08
C ILE A 487 19.11 40.92 5.86
N LEU A 488 18.46 40.75 4.70
CA LEU A 488 18.97 41.24 3.39
C LEU A 488 18.72 42.74 3.23
N THR A 489 17.47 43.18 3.38
CA THR A 489 17.01 44.56 3.05
C THR A 489 17.83 45.61 3.80
N PRO A 490 18.10 45.44 5.12
CA PRO A 490 18.92 46.39 5.86
C PRO A 490 20.38 46.46 5.34
N ALA A 491 20.93 45.32 4.91
CA ALA A 491 22.30 45.18 4.37
C ALA A 491 22.41 45.93 3.03
N LEU A 492 21.40 45.82 2.17
CA LEU A 492 21.36 46.48 0.84
C LEU A 492 21.19 48.01 1.02
N CYS A 493 20.32 48.42 1.94
CA CYS A 493 20.03 49.84 2.27
C CYS A 493 21.32 50.57 2.66
N ALA A 494 22.21 49.90 3.40
CA ALA A 494 23.50 50.44 3.90
C ALA A 494 24.48 50.66 2.73
N THR A 495 24.56 49.70 1.81
CA THR A 495 25.56 49.65 0.71
C THR A 495 25.07 50.42 -0.52
N MET A 496 23.84 50.13 -0.99
CA MET A 496 23.35 50.49 -2.34
C MET A 496 22.77 51.90 -2.38
N LEU A 497 22.07 52.34 -1.32
CA LEU A 497 21.47 53.70 -1.24
C LEU A 497 22.57 54.75 -1.12
N LYS A 498 22.51 55.80 -1.95
CA LYS A 498 23.44 56.97 -1.90
C LYS A 498 23.04 57.87 -0.73
N PRO A 499 23.98 58.67 -0.16
CA PRO A 499 23.63 59.59 0.92
C PRO A 499 22.77 60.76 0.42
N ILE A 500 21.74 61.13 1.18
CA ILE A 500 20.85 62.30 0.91
C ILE A 500 21.13 63.36 1.98
N ALA A 501 21.27 64.63 1.55
CA ALA A 501 21.56 65.79 2.42
C ALA A 501 20.32 66.17 3.23
N LYS A 502 20.50 66.98 4.28
CA LYS A 502 19.43 67.42 5.22
C LYS A 502 18.43 68.31 4.49
N GLY A 503 17.13 67.99 4.57
CA GLY A 503 16.02 68.76 4.01
C GLY A 503 16.03 68.76 2.49
N ASP A 504 16.49 67.67 1.86
CA ASP A 504 16.55 67.49 0.39
C ASP A 504 15.55 66.41 -0.03
N HIS A 505 14.50 66.80 -0.77
CA HIS A 505 13.45 65.90 -1.31
C HIS A 505 13.51 65.89 -2.85
N GLY A 506 14.71 66.12 -3.40
CA GLY A 506 14.98 66.08 -4.86
C GLY A 506 14.26 67.19 -5.62
N GLU A 507 13.95 68.30 -4.95
CA GLU A 507 13.21 69.45 -5.54
C GLU A 507 14.13 70.24 -6.48
N GLY A 508 15.44 70.19 -6.25
CA GLY A 508 16.46 70.94 -7.01
C GLY A 508 16.82 70.27 -8.34
N LYS A 509 16.34 69.04 -8.57
CA LYS A 509 16.61 68.25 -9.80
C LYS A 509 15.89 68.87 -11.00
N LYS A 510 16.34 68.55 -12.21
CA LYS A 510 15.76 69.02 -13.50
C LYS A 510 15.25 67.81 -14.29
N GLY A 511 14.21 68.02 -15.11
CA GLY A 511 13.58 66.97 -15.94
C GLY A 511 12.24 66.52 -15.36
N PHE A 512 11.88 65.25 -15.59
CA PHE A 512 10.60 64.64 -15.15
C PHE A 512 10.60 64.46 -13.63
N PHE A 513 11.74 64.04 -13.07
CA PHE A 513 11.93 63.80 -11.61
C PHE A 513 11.76 65.13 -10.85
N GLY A 514 12.36 66.21 -11.37
CA GLY A 514 12.25 67.58 -10.82
C GLY A 514 10.80 68.01 -10.66
N TRP A 515 9.99 67.84 -11.71
CA TRP A 515 8.55 68.19 -11.75
C TRP A 515 7.78 67.35 -10.72
N PHE A 516 8.08 66.05 -10.64
CA PHE A 516 7.38 65.07 -9.76
C PHE A 516 7.59 65.43 -8.29
N ASN A 517 8.82 65.85 -7.93
CA ASN A 517 9.24 66.13 -6.53
C ASN A 517 8.50 67.36 -5.99
N ARG A 518 8.46 68.46 -6.77
CA ARG A 518 7.72 69.70 -6.40
C ARG A 518 6.22 69.39 -6.31
N MET A 519 5.70 68.60 -7.25
CA MET A 519 4.26 68.21 -7.33
C MET A 519 3.88 67.36 -6.11
N PHE A 520 4.69 66.34 -5.79
CA PHE A 520 4.44 65.37 -4.69
C PHE A 520 4.51 66.06 -3.33
N GLU A 521 5.56 66.88 -3.11
CA GLU A 521 5.80 67.61 -1.84
C GLU A 521 4.64 68.59 -1.58
N LYS A 522 4.16 69.28 -2.62
CA LYS A 522 3.01 70.21 -2.52
C LYS A 522 1.71 69.42 -2.34
N SER A 523 1.59 68.26 -3.01
CA SER A 523 0.44 67.33 -2.89
C SER A 523 0.35 66.79 -1.45
N THR A 524 1.50 66.57 -0.80
CA THR A 524 1.60 66.14 0.63
C THR A 524 1.06 67.25 1.52
N HIS A 525 1.42 68.52 1.23
CA HIS A 525 0.96 69.73 1.97
C HIS A 525 -0.55 69.89 1.83
N HIS A 526 -1.10 69.64 0.63
CA HIS A 526 -2.56 69.66 0.34
C HIS A 526 -3.26 68.57 1.16
N TYR A 527 -2.65 67.38 1.26
CA TYR A 527 -3.18 66.19 1.98
C TYR A 527 -3.26 66.49 3.48
N THR A 528 -2.16 66.98 4.07
CA THR A 528 -2.02 67.26 5.53
C THR A 528 -3.05 68.32 5.96
N ASP A 529 -3.20 69.39 5.17
CA ASP A 529 -4.17 70.49 5.42
C ASP A 529 -5.59 69.95 5.29
N SER A 530 -5.83 69.06 4.32
CA SER A 530 -7.15 68.40 4.06
C SER A 530 -7.52 67.49 5.23
N VAL A 531 -6.56 66.70 5.73
CA VAL A 531 -6.74 65.78 6.90
C VAL A 531 -7.01 66.62 8.16
N GLY A 532 -6.26 67.71 8.33
CA GLY A 532 -6.40 68.67 9.45
C GLY A 532 -7.82 69.21 9.55
N GLY A 533 -8.43 69.54 8.42
CA GLY A 533 -9.82 70.05 8.33
C GLY A 533 -10.85 68.99 8.71
N ILE A 534 -10.60 67.74 8.35
CA ILE A 534 -11.51 66.58 8.61
C ILE A 534 -11.58 66.32 10.13
N LEU A 535 -10.46 66.50 10.83
CA LEU A 535 -10.32 66.23 12.29
C LEU A 535 -11.13 67.27 13.10
N ARG A 536 -11.42 68.44 12.52
CA ARG A 536 -12.33 69.46 13.13
C ARG A 536 -13.79 68.99 12.99
N SER A 537 -14.17 68.49 11.81
CA SER A 537 -15.54 68.02 11.49
C SER A 537 -15.84 66.71 12.24
N THR A 538 -15.13 65.63 11.89
CA THR A 538 -15.15 64.32 12.58
C THR A 538 -16.52 63.65 12.43
N GLY A 539 -17.54 64.16 13.14
CA GLY A 539 -18.88 63.54 13.29
C GLY A 539 -19.56 63.27 11.95
N ARG A 540 -19.36 64.15 10.96
CA ARG A 540 -20.00 64.07 9.62
C ARG A 540 -19.44 62.85 8.85
N TYR A 541 -18.17 62.51 9.05
CA TYR A 541 -17.45 61.41 8.35
C TYR A 541 -17.78 60.06 8.99
N LEU A 542 -18.19 60.05 10.26
CA LEU A 542 -18.68 58.83 10.97
C LEU A 542 -20.01 58.38 10.36
N VAL A 543 -20.84 59.34 9.90
CA VAL A 543 -22.12 59.08 9.19
C VAL A 543 -21.81 58.58 7.78
N LEU A 544 -20.78 59.14 7.13
CA LEU A 544 -20.32 58.74 5.77
C LEU A 544 -19.77 57.31 5.82
N TYR A 545 -19.16 56.91 6.94
CA TYR A 545 -18.61 55.55 7.17
C TYR A 545 -19.76 54.53 7.22
N LEU A 546 -20.84 54.86 7.92
CA LEU A 546 -22.05 53.98 8.06
C LEU A 546 -22.70 53.77 6.69
N ILE A 547 -22.65 54.77 5.80
CA ILE A 547 -23.20 54.68 4.41
C ILE A 547 -22.38 53.65 3.62
N ILE A 548 -21.05 53.63 3.82
CA ILE A 548 -20.12 52.67 3.15
C ILE A 548 -20.40 51.25 3.66
N VAL A 549 -20.67 51.10 4.95
CA VAL A 549 -20.94 49.78 5.62
C VAL A 549 -22.28 49.23 5.12
N VAL A 550 -23.31 50.09 4.99
CA VAL A 550 -24.65 49.72 4.46
C VAL A 550 -24.52 49.43 2.96
N GLY A 551 -23.73 50.23 2.24
CA GLY A 551 -23.39 50.02 0.83
C GLY A 551 -22.66 48.69 0.62
N MET A 552 -21.75 48.36 1.54
CA MET A 552 -21.01 47.06 1.56
C MET A 552 -22.00 45.92 1.82
N ALA A 553 -22.92 46.10 2.77
CA ALA A 553 -23.95 45.11 3.16
C ALA A 553 -24.88 44.83 1.96
N TYR A 554 -25.27 45.87 1.22
CA TYR A 554 -26.19 45.78 0.04
C TYR A 554 -25.54 44.95 -1.07
N LEU A 555 -24.32 45.32 -1.46
CA LEU A 555 -23.59 44.70 -2.62
C LEU A 555 -23.22 43.25 -2.30
N PHE A 556 -22.86 42.94 -1.05
CA PHE A 556 -22.43 41.59 -0.60
C PHE A 556 -23.58 40.58 -0.77
N VAL A 557 -24.80 40.98 -0.37
CA VAL A 557 -26.01 40.11 -0.39
C VAL A 557 -26.46 39.89 -1.84
N ARG A 558 -26.45 40.94 -2.67
CA ARG A 558 -26.96 40.92 -4.07
C ARG A 558 -26.00 40.16 -4.99
N LEU A 559 -24.70 40.13 -4.68
CA LEU A 559 -23.66 39.45 -5.48
C LEU A 559 -23.83 37.93 -5.37
N PRO A 560 -24.07 37.21 -6.48
CA PRO A 560 -24.14 35.74 -6.45
C PRO A 560 -22.79 35.12 -6.08
N SER A 561 -22.83 33.90 -5.53
CA SER A 561 -21.64 33.13 -5.08
C SER A 561 -21.45 31.87 -5.93
N SER A 562 -20.20 31.40 -6.03
CA SER A 562 -19.78 30.14 -6.70
C SER A 562 -18.52 29.60 -6.02
N PHE A 563 -17.94 28.51 -6.54
CA PHE A 563 -16.68 27.91 -6.02
C PHE A 563 -15.51 28.30 -6.92
N LEU A 564 -15.47 27.76 -8.15
CA LEU A 564 -14.38 27.99 -9.14
C LEU A 564 -14.99 28.12 -10.53
N PRO A 565 -14.79 29.27 -11.24
CA PRO A 565 -15.25 29.43 -12.61
C PRO A 565 -14.78 28.32 -13.56
N ASP A 566 -15.65 27.93 -14.50
CA ASP A 566 -15.34 26.95 -15.59
C ASP A 566 -14.39 27.62 -16.59
N GLU A 567 -13.26 26.99 -16.87
CA GLU A 567 -12.19 27.53 -17.76
C GLU A 567 -12.27 26.87 -19.14
N ASP A 568 -11.88 27.61 -20.18
CA ASP A 568 -11.62 27.08 -21.54
C ASP A 568 -10.31 26.26 -21.47
N GLN A 569 -10.40 24.95 -21.68
CA GLN A 569 -9.25 24.00 -21.58
C GLN A 569 -8.80 23.57 -22.98
N GLY A 570 -9.39 24.14 -24.03
CA GLY A 570 -9.06 23.84 -25.43
C GLY A 570 -9.59 22.48 -25.88
N VAL A 571 -10.45 21.86 -25.07
CA VAL A 571 -11.06 20.51 -25.33
C VAL A 571 -12.44 20.46 -24.69
N PHE A 572 -13.30 19.56 -25.18
CA PHE A 572 -14.62 19.21 -24.60
C PHE A 572 -15.12 17.91 -25.24
N MET A 573 -16.17 17.32 -24.66
CA MET A 573 -16.78 16.04 -25.11
C MET A 573 -18.23 16.29 -25.52
N THR A 574 -18.70 15.53 -26.53
CA THR A 574 -20.10 15.52 -27.02
C THR A 574 -20.63 14.08 -26.94
N MET A 575 -21.50 13.81 -25.95
CA MET A 575 -22.04 12.46 -25.69
C MET A 575 -23.32 12.25 -26.53
N VAL A 576 -23.46 11.06 -27.13
CA VAL A 576 -24.58 10.67 -28.04
C VAL A 576 -25.29 9.47 -27.42
N GLN A 577 -26.61 9.58 -27.20
CA GLN A 577 -27.47 8.51 -26.63
C GLN A 577 -28.75 8.38 -27.46
N LEU A 578 -28.85 7.31 -28.26
CA LEU A 578 -30.10 6.92 -28.97
C LEU A 578 -31.01 6.20 -27.99
N PRO A 579 -32.31 6.01 -28.31
CA PRO A 579 -33.19 5.16 -27.50
C PRO A 579 -32.74 3.69 -27.52
N ALA A 580 -32.93 2.97 -26.40
CA ALA A 580 -32.57 1.55 -26.22
C ALA A 580 -33.28 0.70 -27.28
N GLY A 581 -32.54 -0.20 -27.94
CA GLY A 581 -33.02 -1.04 -29.05
C GLY A 581 -32.43 -0.60 -30.38
N ALA A 582 -31.92 0.63 -30.46
CA ALA A 582 -31.29 1.23 -31.66
C ALA A 582 -29.99 0.50 -31.98
N THR A 583 -29.60 0.49 -33.26
CA THR A 583 -28.48 -0.32 -33.83
C THR A 583 -27.20 0.52 -33.91
N GLN A 584 -26.07 -0.14 -34.19
CA GLN A 584 -24.72 0.46 -34.36
C GLN A 584 -24.73 1.41 -35.56
N GLU A 585 -25.41 1.02 -36.64
CA GLU A 585 -25.48 1.77 -37.92
C GLU A 585 -26.22 3.10 -37.71
N ARG A 586 -27.24 3.11 -36.86
CA ARG A 586 -28.07 4.31 -36.55
CA ARG A 586 -28.07 4.31 -36.55
C ARG A 586 -27.24 5.29 -35.72
N THR A 587 -26.46 4.78 -34.76
CA THR A 587 -25.57 5.59 -33.86
C THR A 587 -24.46 6.23 -34.69
N GLN A 588 -23.92 5.49 -35.67
CA GLN A 588 -22.88 5.98 -36.61
C GLN A 588 -23.43 7.15 -37.43
N LYS A 589 -24.69 7.06 -37.86
CA LYS A 589 -25.40 8.08 -38.68
C LYS A 589 -25.44 9.40 -37.90
N VAL A 590 -25.74 9.36 -36.60
CA VAL A 590 -25.86 10.55 -35.71
C VAL A 590 -24.44 11.10 -35.45
N LEU A 591 -23.46 10.23 -35.24
CA LEU A 591 -22.04 10.62 -34.97
C LEU A 591 -21.47 11.34 -36.20
N ASN A 592 -21.84 10.92 -37.41
CA ASN A 592 -21.45 11.57 -38.70
C ASN A 592 -21.97 13.02 -38.70
N GLU A 593 -23.23 13.22 -38.31
CA GLU A 593 -23.90 14.55 -38.26
C GLU A 593 -23.20 15.44 -37.22
N VAL A 594 -22.80 14.87 -36.09
CA VAL A 594 -22.06 15.58 -35.00
C VAL A 594 -20.68 15.98 -35.53
N THR A 595 -19.95 15.04 -36.13
CA THR A 595 -18.61 15.25 -36.75
C THR A 595 -18.73 16.30 -37.86
N HIS A 596 -19.79 16.22 -38.68
CA HIS A 596 -20.07 17.14 -39.81
C HIS A 596 -20.11 18.59 -39.29
N TYR A 597 -20.93 18.86 -38.27
CA TYR A 597 -21.16 20.19 -37.67
C TYR A 597 -19.81 20.86 -37.33
N TYR A 598 -18.93 20.14 -36.63
CA TYR A 598 -17.63 20.65 -36.12
C TYR A 598 -16.65 20.90 -37.27
N LEU A 599 -16.68 20.05 -38.31
CA LEU A 599 -15.76 20.14 -39.48
C LEU A 599 -16.25 21.20 -40.48
N THR A 600 -17.53 21.57 -40.43
CA THR A 600 -18.17 22.53 -41.39
C THR A 600 -18.44 23.86 -40.70
N LYS A 601 -19.35 23.91 -39.72
CA LYS A 601 -19.82 25.17 -39.07
C LYS A 601 -18.71 25.75 -38.19
N GLU A 602 -18.18 24.96 -37.24
CA GLU A 602 -17.15 25.39 -36.26
C GLU A 602 -15.76 25.12 -36.85
N LYS A 603 -15.47 25.69 -38.02
CA LYS A 603 -14.24 25.42 -38.83
C LYS A 603 -13.06 26.20 -38.25
N ASN A 604 -13.29 27.42 -37.78
CA ASN A 604 -12.25 28.35 -37.26
C ASN A 604 -11.83 27.93 -35.83
N ASN A 605 -12.71 27.24 -35.10
CA ASN A 605 -12.55 26.92 -33.66
C ASN A 605 -12.00 25.50 -33.49
N VAL A 606 -12.64 24.50 -34.10
CA VAL A 606 -12.33 23.05 -33.91
C VAL A 606 -11.08 22.68 -34.73
N GLU A 607 -10.08 22.09 -34.08
CA GLU A 607 -8.84 21.56 -34.70
C GLU A 607 -9.12 20.14 -35.23
N SER A 608 -9.62 19.25 -34.36
CA SER A 608 -9.87 17.81 -34.65
C SER A 608 -11.06 17.29 -33.84
N VAL A 609 -11.69 16.21 -34.32
CA VAL A 609 -12.79 15.48 -33.65
C VAL A 609 -12.45 13.98 -33.69
N PHE A 610 -12.48 13.32 -32.52
CA PHE A 610 -12.27 11.85 -32.37
C PHE A 610 -13.62 11.23 -31.94
N ALA A 611 -14.42 10.81 -32.92
CA ALA A 611 -15.73 10.15 -32.74
C ALA A 611 -15.53 8.66 -32.46
N VAL A 612 -16.22 8.11 -31.47
CA VAL A 612 -16.16 6.67 -31.06
C VAL A 612 -17.59 6.12 -31.02
N ASN A 613 -17.90 5.18 -31.91
CA ASN A 613 -19.22 4.49 -32.01
C ASN A 613 -19.25 3.34 -30.99
N GLY A 614 -20.31 3.27 -30.18
CA GLY A 614 -20.56 2.16 -29.25
C GLY A 614 -19.72 2.24 -27.99
N PHE A 615 -19.45 3.47 -27.49
CA PHE A 615 -18.73 3.71 -26.21
C PHE A 615 -19.47 4.76 -25.37
N GLY A 616 -19.51 4.52 -24.05
CA GLY A 616 -20.00 5.45 -23.02
C GLY A 616 -19.38 5.14 -21.68
N PHE A 617 -19.50 6.06 -20.71
CA PHE A 617 -18.96 5.92 -19.33
C PHE A 617 -19.87 4.99 -18.51
N ALA A 618 -21.14 4.86 -18.90
CA ALA A 618 -22.14 3.94 -18.31
C ALA A 618 -21.86 2.51 -18.79
N GLY A 619 -21.82 2.32 -20.11
CA GLY A 619 -21.55 1.02 -20.77
C GLY A 619 -21.17 1.19 -22.23
N ARG A 620 -21.16 0.08 -22.99
CA ARG A 620 -20.74 0.05 -24.42
C ARG A 620 -21.74 -0.70 -25.28
N PRO A 621 -23.07 -0.41 -25.18
CA PRO A 621 -24.04 -0.96 -26.13
C PRO A 621 -23.96 -0.31 -27.52
N GLN A 622 -24.84 -0.72 -28.44
CA GLN A 622 -24.89 -0.24 -29.85
C GLN A 622 -25.49 1.17 -29.91
N ASN A 623 -26.29 1.56 -28.92
CA ASN A 623 -27.17 2.77 -28.96
C ASN A 623 -26.50 3.97 -28.28
N THR A 624 -25.20 3.91 -27.99
CA THR A 624 -24.42 5.01 -27.33
C THR A 624 -23.17 5.33 -28.14
N GLY A 625 -22.67 6.56 -28.03
CA GLY A 625 -21.44 7.05 -28.69
C GLY A 625 -20.94 8.33 -28.05
N ILE A 626 -19.70 8.72 -28.35
CA ILE A 626 -19.06 9.97 -27.82
C ILE A 626 -18.10 10.53 -28.88
N ALA A 627 -17.89 11.84 -28.85
CA ALA A 627 -16.96 12.59 -29.74
C ALA A 627 -16.06 13.50 -28.88
N PHE A 628 -14.77 13.20 -28.83
CA PHE A 628 -13.73 14.02 -28.15
C PHE A 628 -13.30 15.15 -29.11
N VAL A 629 -13.75 16.37 -28.84
CA VAL A 629 -13.45 17.58 -29.65
C VAL A 629 -12.25 18.30 -29.04
N SER A 630 -11.28 18.69 -29.89
CA SER A 630 -10.10 19.52 -29.53
C SER A 630 -10.13 20.80 -30.37
N LEU A 631 -10.11 21.97 -29.72
CA LEU A 631 -10.17 23.29 -30.38
C LEU A 631 -8.75 23.74 -30.77
N LYS A 632 -8.65 24.80 -31.57
CA LYS A 632 -7.38 25.47 -31.93
C LYS A 632 -6.86 26.25 -30.71
N ASP A 633 -5.66 26.82 -30.80
CA ASP A 633 -5.00 27.59 -29.71
C ASP A 633 -5.91 28.76 -29.30
N TRP A 634 -5.79 29.20 -28.05
CA TRP A 634 -6.61 30.27 -27.43
C TRP A 634 -6.42 31.60 -28.19
N ALA A 635 -5.21 31.86 -28.69
CA ALA A 635 -4.83 33.09 -29.45
C ALA A 635 -5.60 33.15 -30.77
N ASP A 636 -5.91 32.00 -31.37
CA ASP A 636 -6.60 31.87 -32.68
C ASP A 636 -8.13 31.84 -32.48
N ARG A 637 -8.60 31.93 -31.22
CA ARG A 637 -10.04 31.95 -30.86
C ARG A 637 -10.33 33.16 -29.98
N PRO A 638 -10.31 34.39 -30.54
CA PRO A 638 -10.62 35.60 -29.76
C PRO A 638 -12.12 35.82 -29.58
N GLY A 639 -12.51 36.53 -28.51
CA GLY A 639 -13.91 36.85 -28.18
C GLY A 639 -14.58 35.71 -27.41
N GLU A 640 -15.71 36.00 -26.77
CA GLU A 640 -16.47 35.06 -25.90
C GLU A 640 -17.17 34.01 -26.78
N GLU A 641 -17.57 34.38 -28.01
CA GLU A 641 -18.36 33.51 -28.93
C GLU A 641 -17.50 32.33 -29.43
N ASN A 642 -16.17 32.45 -29.39
CA ASN A 642 -15.21 31.43 -29.87
C ASN A 642 -14.63 30.63 -28.69
N LYS A 643 -15.19 30.78 -27.49
CA LYS A 643 -14.80 29.99 -26.28
C LYS A 643 -15.70 28.77 -26.16
N VAL A 644 -15.29 27.79 -25.35
CA VAL A 644 -15.91 26.44 -25.22
C VAL A 644 -17.38 26.59 -24.82
N GLU A 645 -17.68 27.45 -23.84
CA GLU A 645 -19.05 27.66 -23.28
C GLU A 645 -20.00 28.06 -24.42
N ALA A 646 -19.58 29.01 -25.26
CA ALA A 646 -20.35 29.54 -26.41
C ALA A 646 -20.49 28.47 -27.50
N ILE A 647 -19.39 27.78 -27.83
CA ILE A 647 -19.31 26.73 -28.90
C ILE A 647 -20.23 25.56 -28.53
N THR A 648 -20.14 25.07 -27.28
CA THR A 648 -20.93 23.91 -26.76
C THR A 648 -22.42 24.26 -26.73
N MET A 649 -22.75 25.53 -26.46
CA MET A 649 -24.15 26.03 -26.37
C MET A 649 -24.76 26.09 -27.78
N ARG A 650 -23.99 26.58 -28.77
CA ARG A 650 -24.39 26.61 -30.20
C ARG A 650 -24.52 25.18 -30.73
N ALA A 651 -23.62 24.28 -30.32
CA ALA A 651 -23.57 22.86 -30.73
C ALA A 651 -24.81 22.12 -30.22
N THR A 652 -25.11 22.25 -28.92
CA THR A 652 -26.26 21.60 -28.23
C THR A 652 -27.56 22.07 -28.89
N ARG A 653 -27.67 23.36 -29.22
CA ARG A 653 -28.85 23.97 -29.91
C ARG A 653 -29.04 23.31 -31.28
N ALA A 654 -27.95 23.07 -32.01
CA ALA A 654 -27.94 22.50 -33.38
C ALA A 654 -28.34 21.01 -33.34
N PHE A 655 -27.88 20.27 -32.33
CA PHE A 655 -28.07 18.80 -32.19
C PHE A 655 -29.47 18.46 -31.68
N SER A 656 -30.21 19.45 -31.15
CA SER A 656 -31.60 19.29 -30.64
C SER A 656 -32.56 19.00 -31.82
N GLN A 657 -32.19 19.43 -33.03
CA GLN A 657 -33.00 19.24 -34.27
C GLN A 657 -32.95 17.78 -34.74
N ILE A 658 -31.93 17.01 -34.32
CA ILE A 658 -31.77 15.57 -34.68
C ILE A 658 -32.83 14.76 -33.93
N LYS A 659 -33.56 13.91 -34.65
CA LYS A 659 -34.71 13.12 -34.11
C LYS A 659 -34.21 11.79 -33.53
N ASP A 660 -34.85 11.32 -32.46
CA ASP A 660 -34.61 9.99 -31.82
C ASP A 660 -33.15 9.89 -31.38
N ALA A 661 -32.65 10.88 -30.63
CA ALA A 661 -31.27 10.95 -30.11
C ALA A 661 -31.17 12.04 -29.03
N MET A 662 -30.51 11.72 -27.91
CA MET A 662 -30.11 12.68 -26.86
C MET A 662 -28.63 13.03 -27.05
N VAL A 663 -28.36 14.09 -27.82
CA VAL A 663 -26.99 14.56 -28.21
C VAL A 663 -26.77 15.96 -27.64
N PHE A 664 -25.70 16.14 -26.86
CA PHE A 664 -25.36 17.43 -26.19
C PHE A 664 -23.85 17.52 -25.95
N ALA A 665 -23.28 18.70 -26.21
CA ALA A 665 -21.88 19.07 -25.92
C ALA A 665 -21.83 19.81 -24.57
N PHE A 666 -20.81 19.53 -23.75
CA PHE A 666 -20.66 20.07 -22.38
C PHE A 666 -19.17 20.30 -22.06
N ASN A 667 -18.88 21.42 -21.39
CA ASN A 667 -17.54 21.77 -20.86
C ASN A 667 -17.31 21.02 -19.54
N LEU A 668 -16.07 20.63 -19.25
CA LEU A 668 -15.67 19.99 -17.96
C LEU A 668 -15.79 21.02 -16.84
N PRO A 669 -16.23 20.63 -15.62
CA PRO A 669 -16.19 21.53 -14.47
C PRO A 669 -14.75 21.79 -13.99
N ALA A 670 -14.59 22.69 -13.00
CA ALA A 670 -13.31 22.97 -12.32
C ALA A 670 -12.83 21.69 -11.63
N ILE A 671 -13.71 21.09 -10.81
CA ILE A 671 -13.54 19.72 -10.21
C ILE A 671 -14.70 18.87 -10.72
N VAL A 672 -14.40 17.80 -11.49
CA VAL A 672 -15.41 16.94 -12.18
C VAL A 672 -16.19 16.13 -11.13
N GLU A 673 -15.57 15.80 -9.99
CA GLU A 673 -16.20 15.00 -8.91
C GLU A 673 -17.27 15.83 -8.18
N LEU A 674 -17.04 17.14 -8.01
CA LEU A 674 -18.04 18.09 -7.44
C LEU A 674 -19.23 18.21 -8.39
N GLY A 675 -18.97 18.17 -9.70
CA GLY A 675 -20.00 18.19 -10.76
C GLY A 675 -20.50 19.59 -11.06
N THR A 676 -21.79 19.72 -11.38
CA THR A 676 -22.47 21.00 -11.72
C THR A 676 -22.72 21.80 -10.42
N ALA A 677 -23.08 23.07 -10.56
CA ALA A 677 -23.24 24.04 -9.45
C ALA A 677 -24.53 23.74 -8.66
N THR A 678 -25.65 23.54 -9.36
CA THR A 678 -27.02 23.44 -8.78
C THR A 678 -27.58 22.01 -8.87
N GLY A 679 -26.82 21.07 -9.46
CA GLY A 679 -27.27 19.69 -9.74
C GLY A 679 -27.28 18.82 -8.49
N PHE A 680 -28.14 17.80 -8.48
CA PHE A 680 -28.23 16.75 -7.42
C PHE A 680 -28.24 15.37 -8.06
N ASP A 681 -27.81 14.35 -7.31
CA ASP A 681 -27.70 12.93 -7.75
C ASP A 681 -28.51 12.05 -6.79
N PHE A 682 -29.75 11.72 -7.18
CA PHE A 682 -30.73 10.94 -6.37
C PHE A 682 -30.60 9.46 -6.73
N GLU A 683 -30.75 8.58 -5.72
CA GLU A 683 -30.73 7.10 -5.87
C GLU A 683 -32.02 6.52 -5.25
N LEU A 684 -32.97 6.11 -6.10
CA LEU A 684 -34.20 5.40 -5.68
C LEU A 684 -33.84 3.93 -5.40
N ILE A 685 -34.10 3.45 -4.19
CA ILE A 685 -33.66 2.12 -3.67
C ILE A 685 -34.88 1.19 -3.56
N ASP A 686 -34.69 -0.09 -3.90
CA ASP A 686 -35.67 -1.19 -3.69
C ASP A 686 -35.32 -1.89 -2.37
N GLN A 687 -36.10 -1.63 -1.30
CA GLN A 687 -35.78 -2.02 0.09
C GLN A 687 -36.41 -3.37 0.43
N ALA A 688 -37.65 -3.62 0.00
CA ALA A 688 -38.48 -4.79 0.41
C ALA A 688 -38.39 -5.93 -0.61
N GLY A 689 -37.55 -5.79 -1.65
CA GLY A 689 -37.40 -6.80 -2.71
C GLY A 689 -38.65 -6.89 -3.58
N LEU A 690 -39.17 -5.75 -4.03
CA LEU A 690 -40.42 -5.63 -4.82
C LEU A 690 -40.20 -6.25 -6.21
N GLY A 691 -39.13 -5.83 -6.90
CA GLY A 691 -38.77 -6.29 -8.26
C GLY A 691 -38.43 -5.11 -9.16
N HIS A 692 -38.03 -5.38 -10.40
CA HIS A 692 -37.65 -4.37 -11.41
C HIS A 692 -38.89 -3.59 -11.88
N GLU A 693 -40.00 -4.31 -12.15
CA GLU A 693 -41.26 -3.73 -12.69
C GLU A 693 -41.85 -2.73 -11.69
N LYS A 694 -41.93 -3.10 -10.41
CA LYS A 694 -42.53 -2.26 -9.33
C LYS A 694 -41.65 -1.04 -9.07
N LEU A 695 -40.32 -1.18 -9.15
CA LEU A 695 -39.36 -0.08 -8.94
C LEU A 695 -39.43 0.92 -10.11
N THR A 696 -39.63 0.43 -11.34
CA THR A 696 -39.82 1.25 -12.57
C THR A 696 -41.09 2.09 -12.42
N GLN A 697 -42.19 1.46 -11.97
CA GLN A 697 -43.50 2.11 -11.73
C GLN A 697 -43.36 3.19 -10.65
N ALA A 698 -42.61 2.89 -9.58
CA ALA A 698 -42.31 3.81 -8.45
C ALA A 698 -41.45 4.98 -8.96
N ARG A 699 -40.51 4.70 -9.87
CA ARG A 699 -39.61 5.71 -10.49
C ARG A 699 -40.44 6.68 -11.35
N ASN A 700 -41.31 6.14 -12.21
CA ASN A 700 -42.19 6.92 -13.12
C ASN A 700 -43.14 7.80 -12.30
N GLN A 701 -43.59 7.32 -11.15
CA GLN A 701 -44.47 8.05 -10.20
C GLN A 701 -43.69 9.25 -9.62
N LEU A 702 -42.40 9.07 -9.32
CA LEU A 702 -41.52 10.12 -8.75
C LEU A 702 -41.20 11.17 -9.82
N LEU A 703 -40.89 10.74 -11.04
CA LEU A 703 -40.58 11.62 -12.21
C LEU A 703 -41.81 12.46 -12.57
N ALA A 704 -43.00 11.84 -12.54
CA ALA A 704 -44.30 12.47 -12.88
C ALA A 704 -44.61 13.61 -11.90
N GLU A 705 -44.46 13.35 -10.59
CA GLU A 705 -44.73 14.33 -9.50
C GLU A 705 -43.65 15.42 -9.50
N ALA A 706 -42.44 15.10 -9.95
CA ALA A 706 -41.29 16.04 -10.04
C ALA A 706 -41.51 17.05 -11.17
N ALA A 707 -42.17 16.62 -12.25
CA ALA A 707 -42.49 17.45 -13.45
C ALA A 707 -43.55 18.50 -13.09
N LYS A 708 -44.38 18.24 -12.07
CA LYS A 708 -45.50 19.11 -11.63
C LYS A 708 -44.98 20.30 -10.82
N HIS A 709 -43.67 20.36 -10.51
CA HIS A 709 -43.00 21.48 -9.81
C HIS A 709 -41.84 22.02 -10.66
N PRO A 710 -42.11 22.73 -11.78
CA PRO A 710 -41.06 23.43 -12.51
C PRO A 710 -40.38 24.56 -11.70
N ASP A 711 -41.12 25.15 -10.75
CA ASP A 711 -40.67 26.27 -9.90
C ASP A 711 -39.48 25.85 -9.02
N MET A 712 -39.43 24.58 -8.61
CA MET A 712 -38.38 24.03 -7.70
C MET A 712 -37.40 23.15 -8.49
N LEU A 713 -37.90 22.09 -9.12
CA LEU A 713 -37.09 21.05 -9.81
C LEU A 713 -37.06 21.31 -11.32
N THR A 714 -35.93 21.03 -11.97
CA THR A 714 -35.68 21.23 -13.42
C THR A 714 -34.97 20.02 -14.01
N SER A 715 -35.44 19.54 -15.17
CA SER A 715 -34.84 18.45 -15.99
C SER A 715 -34.52 17.23 -15.11
N VAL A 716 -35.47 16.80 -14.27
CA VAL A 716 -35.37 15.57 -13.43
C VAL A 716 -35.62 14.36 -14.34
N ARG A 717 -34.58 13.53 -14.54
CA ARG A 717 -34.56 12.46 -15.57
C ARG A 717 -33.88 11.21 -15.02
N PRO A 718 -34.20 10.01 -15.56
CA PRO A 718 -33.48 8.79 -15.20
C PRO A 718 -32.11 8.72 -15.89
N ASN A 719 -31.07 8.33 -15.17
CA ASN A 719 -29.67 8.26 -15.67
C ASN A 719 -29.49 6.99 -16.51
N GLY A 720 -30.21 5.92 -16.17
CA GLY A 720 -30.09 4.59 -16.82
C GLY A 720 -30.91 4.50 -18.09
N LEU A 721 -31.08 3.27 -18.60
CA LEU A 721 -31.80 2.96 -19.87
C LEU A 721 -33.21 2.45 -19.56
N GLU A 722 -34.09 2.47 -20.56
CA GLU A 722 -35.49 1.95 -20.49
C GLU A 722 -35.49 0.49 -20.95
N ASP A 723 -36.52 -0.26 -20.56
CA ASP A 723 -36.73 -1.68 -20.94
C ASP A 723 -36.98 -1.76 -22.46
N THR A 724 -36.57 -2.86 -23.09
CA THR A 724 -36.68 -3.11 -24.55
C THR A 724 -37.23 -4.50 -24.80
N PRO A 725 -37.84 -4.75 -25.99
CA PRO A 725 -38.25 -6.11 -26.37
C PRO A 725 -37.07 -7.08 -26.33
N GLN A 726 -37.29 -8.27 -25.75
CA GLN A 726 -36.28 -9.36 -25.67
C GLN A 726 -36.95 -10.69 -26.01
N PHE A 727 -36.22 -11.56 -26.72
CA PHE A 727 -36.72 -12.84 -27.28
C PHE A 727 -36.63 -13.95 -26.22
N LYS A 728 -37.70 -14.15 -25.47
CA LYS A 728 -37.83 -15.24 -24.45
C LYS A 728 -37.98 -16.57 -25.19
N ILE A 729 -37.16 -17.56 -24.84
CA ILE A 729 -37.21 -18.95 -25.40
C ILE A 729 -37.19 -19.95 -24.24
N ASP A 730 -38.12 -20.92 -24.26
CA ASP A 730 -38.29 -21.96 -23.21
C ASP A 730 -37.92 -23.33 -23.80
N ILE A 731 -36.81 -23.90 -23.33
CA ILE A 731 -36.35 -25.27 -23.70
C ILE A 731 -37.20 -26.28 -22.92
N ASP A 732 -38.15 -26.94 -23.59
CA ASP A 732 -39.03 -27.98 -23.00
C ASP A 732 -38.18 -29.20 -22.63
N GLN A 733 -38.08 -29.51 -21.34
CA GLN A 733 -37.19 -30.57 -20.78
C GLN A 733 -37.69 -31.96 -21.20
N GLU A 734 -39.01 -32.18 -21.15
CA GLU A 734 -39.65 -33.49 -21.44
C GLU A 734 -39.37 -33.90 -22.88
N LYS A 735 -39.63 -33.02 -23.85
CA LYS A 735 -39.48 -33.29 -25.30
C LYS A 735 -38.00 -33.53 -25.63
N ALA A 736 -37.09 -32.81 -24.96
CA ALA A 736 -35.61 -32.96 -25.10
C ALA A 736 -35.19 -34.36 -24.65
N GLN A 737 -35.73 -34.83 -23.51
CA GLN A 737 -35.47 -36.18 -22.95
C GLN A 737 -36.05 -37.26 -23.87
N ALA A 738 -37.26 -37.02 -24.40
CA ALA A 738 -37.99 -37.95 -25.30
C ALA A 738 -37.23 -38.15 -26.61
N LEU A 739 -36.78 -37.05 -27.23
CA LEU A 739 -36.03 -37.06 -28.53
C LEU A 739 -34.57 -37.48 -28.28
N GLY A 740 -34.10 -37.44 -27.03
CA GLY A 740 -32.75 -37.87 -26.62
C GLY A 740 -31.71 -36.79 -26.89
N VAL A 741 -32.06 -35.53 -26.59
CA VAL A 741 -31.19 -34.33 -26.80
C VAL A 741 -30.70 -33.84 -25.43
N SER A 742 -29.38 -33.72 -25.27
CA SER A 742 -28.71 -33.20 -24.05
C SER A 742 -29.02 -31.70 -23.90
N ILE A 743 -29.26 -31.24 -22.66
CA ILE A 743 -29.55 -29.82 -22.33
C ILE A 743 -28.24 -29.01 -22.47
N ASN A 744 -27.10 -29.63 -22.13
CA ASN A 744 -25.75 -29.03 -22.27
C ASN A 744 -25.47 -28.74 -23.75
N ASP A 745 -25.86 -29.65 -24.64
CA ASP A 745 -25.69 -29.52 -26.12
C ASP A 745 -26.59 -28.39 -26.63
N ILE A 746 -27.82 -28.29 -26.13
CA ILE A 746 -28.81 -27.23 -26.50
C ILE A 746 -28.26 -25.86 -26.09
N ASN A 747 -27.87 -25.71 -24.82
CA ASN A 747 -27.39 -24.43 -24.22
C ASN A 747 -26.11 -23.98 -24.92
N THR A 748 -25.19 -24.91 -25.21
CA THR A 748 -23.91 -24.63 -25.92
C THR A 748 -24.20 -24.20 -27.37
N THR A 749 -25.09 -24.91 -28.06
CA THR A 749 -25.48 -24.64 -29.47
C THR A 749 -26.13 -23.25 -29.55
N LEU A 750 -27.05 -22.94 -28.64
CA LEU A 750 -27.75 -21.63 -28.58
C LEU A 750 -26.74 -20.53 -28.19
N GLY A 751 -25.97 -20.77 -27.13
CA GLY A 751 -25.02 -19.79 -26.55
C GLY A 751 -23.89 -19.45 -27.50
N ALA A 752 -23.21 -20.46 -28.06
CA ALA A 752 -22.03 -20.32 -28.93
C ALA A 752 -22.42 -19.62 -30.24
N ALA A 753 -23.50 -20.07 -30.88
CA ALA A 753 -23.97 -19.57 -32.19
C ALA A 753 -24.40 -18.10 -32.10
N TRP A 754 -25.29 -17.78 -31.15
CA TRP A 754 -25.98 -16.47 -31.06
C TRP A 754 -25.20 -15.49 -30.16
N GLY A 755 -24.56 -16.00 -29.10
CA GLY A 755 -23.82 -15.19 -28.11
C GLY A 755 -22.33 -15.11 -28.40
N GLY A 756 -21.73 -16.23 -28.82
CA GLY A 756 -20.28 -16.37 -29.00
C GLY A 756 -19.67 -17.21 -27.88
N SER A 757 -18.62 -17.97 -28.18
CA SER A 757 -17.94 -18.91 -27.25
C SER A 757 -16.41 -18.78 -27.37
N TYR A 758 -15.75 -18.34 -26.30
CA TYR A 758 -14.27 -18.26 -26.16
C TYR A 758 -13.73 -19.66 -25.89
N VAL A 759 -13.23 -20.33 -26.92
CA VAL A 759 -12.79 -21.76 -26.89
C VAL A 759 -11.42 -21.84 -26.20
N ASN A 760 -10.37 -21.30 -26.85
CA ASN A 760 -8.97 -21.37 -26.38
C ASN A 760 -8.17 -20.25 -27.06
N ASP A 761 -6.85 -20.23 -26.85
CA ASP A 761 -5.92 -19.20 -27.40
C ASP A 761 -5.17 -19.76 -28.62
N PHE A 762 -4.59 -18.87 -29.42
CA PHE A 762 -3.71 -19.19 -30.58
C PHE A 762 -2.62 -18.11 -30.67
N ILE A 763 -1.65 -18.29 -31.57
CA ILE A 763 -0.46 -17.39 -31.71
C ILE A 763 -0.55 -16.65 -33.05
N ASP A 764 -0.85 -15.35 -33.01
CA ASP A 764 -0.92 -14.45 -34.19
C ASP A 764 0.37 -13.62 -34.25
N ARG A 765 1.32 -14.02 -35.11
CA ARG A 765 2.65 -13.37 -35.29
C ARG A 765 3.34 -13.23 -33.92
N GLY A 766 3.45 -14.32 -33.17
CA GLY A 766 4.24 -14.42 -31.93
C GLY A 766 3.53 -13.91 -30.69
N ARG A 767 2.28 -13.44 -30.82
CA ARG A 767 1.48 -12.91 -29.68
C ARG A 767 0.26 -13.82 -29.43
N VAL A 768 0.00 -14.14 -28.15
CA VAL A 768 -1.18 -14.93 -27.69
C VAL A 768 -2.44 -14.09 -27.91
N LYS A 769 -3.45 -14.65 -28.58
CA LYS A 769 -4.77 -14.01 -28.83
C LYS A 769 -5.86 -15.09 -28.74
N LYS A 770 -7.12 -14.66 -28.64
CA LYS A 770 -8.29 -15.54 -28.36
C LYS A 770 -8.75 -16.21 -29.66
N VAL A 771 -9.47 -17.33 -29.52
CA VAL A 771 -10.18 -18.04 -30.63
C VAL A 771 -11.66 -18.11 -30.26
N TYR A 772 -12.50 -17.33 -30.98
CA TYR A 772 -13.97 -17.26 -30.76
C TYR A 772 -14.70 -18.09 -31.81
N VAL A 773 -15.66 -18.90 -31.36
CA VAL A 773 -16.65 -19.62 -32.22
C VAL A 773 -17.99 -18.89 -32.09
N MET A 774 -18.62 -18.59 -33.23
CA MET A 774 -19.90 -17.82 -33.31
C MET A 774 -20.55 -18.06 -34.67
N SER A 775 -21.85 -17.83 -34.79
CA SER A 775 -22.62 -17.91 -36.06
C SER A 775 -22.19 -16.75 -36.96
N GLU A 776 -22.11 -17.00 -38.27
CA GLU A 776 -21.94 -15.94 -39.31
C GLU A 776 -23.19 -15.04 -39.28
N ALA A 777 -22.98 -13.72 -39.26
CA ALA A 777 -24.02 -12.69 -39.05
C ALA A 777 -25.38 -13.13 -39.60
N LYS A 778 -25.43 -13.52 -40.87
CA LYS A 778 -26.67 -13.72 -41.68
C LYS A 778 -27.58 -14.81 -41.07
N TYR A 779 -27.07 -15.67 -40.19
CA TYR A 779 -27.81 -16.82 -39.60
C TYR A 779 -28.23 -16.54 -38.15
N ARG A 780 -28.12 -15.30 -37.68
CA ARG A 780 -28.51 -14.90 -36.29
C ARG A 780 -29.07 -13.47 -36.27
N MET A 781 -29.88 -13.11 -37.28
CA MET A 781 -30.46 -11.75 -37.46
C MET A 781 -31.98 -11.78 -37.26
N LEU A 782 -32.66 -12.83 -37.75
CA LEU A 782 -34.14 -12.97 -37.71
C LEU A 782 -34.54 -13.97 -36.63
N PRO A 783 -35.73 -13.81 -36.00
CA PRO A 783 -36.29 -14.80 -35.09
C PRO A 783 -36.45 -16.22 -35.69
N ASP A 784 -36.74 -16.32 -36.99
CA ASP A 784 -37.00 -17.60 -37.70
C ASP A 784 -35.71 -18.39 -37.89
N ASP A 785 -34.54 -17.75 -37.75
CA ASP A 785 -33.21 -18.38 -37.91
C ASP A 785 -32.93 -19.38 -36.77
N ILE A 786 -33.65 -19.25 -35.64
CA ILE A 786 -33.55 -20.16 -34.46
C ILE A 786 -33.78 -21.61 -34.93
N GLY A 787 -34.83 -21.83 -35.73
CA GLY A 787 -35.25 -23.16 -36.22
C GLY A 787 -34.21 -23.81 -37.13
N ASP A 788 -33.35 -23.02 -37.77
CA ASP A 788 -32.34 -23.48 -38.76
C ASP A 788 -31.17 -24.18 -38.04
N TRP A 789 -31.04 -24.02 -36.72
CA TRP A 789 -29.98 -24.67 -35.89
C TRP A 789 -30.44 -26.05 -35.43
N TYR A 790 -29.64 -27.07 -35.70
CA TYR A 790 -29.90 -28.51 -35.38
C TYR A 790 -28.92 -28.98 -34.30
N VAL A 791 -29.38 -29.88 -33.43
CA VAL A 791 -28.59 -30.53 -32.34
C VAL A 791 -28.73 -32.04 -32.49
N ARG A 792 -27.61 -32.77 -32.47
CA ARG A 792 -27.58 -34.25 -32.64
C ARG A 792 -28.04 -34.91 -31.33
N ALA A 793 -29.02 -35.81 -31.43
CA ALA A 793 -29.56 -36.61 -30.31
C ALA A 793 -28.68 -37.85 -30.10
N ALA A 794 -28.94 -38.62 -29.04
CA ALA A 794 -28.18 -39.83 -28.65
C ALA A 794 -28.27 -40.90 -29.75
N ASP A 795 -29.43 -41.03 -30.40
CA ASP A 795 -29.70 -42.06 -31.43
C ASP A 795 -28.96 -41.74 -32.74
N GLY A 796 -28.68 -40.45 -32.99
CA GLY A 796 -27.88 -39.99 -34.14
C GLY A 796 -28.60 -38.96 -35.01
N GLN A 797 -29.94 -38.88 -34.88
CA GLN A 797 -30.79 -37.97 -35.69
C GLN A 797 -30.54 -36.52 -35.28
N MET A 798 -30.50 -35.61 -36.26
CA MET A 798 -30.36 -34.14 -36.06
C MET A 798 -31.74 -33.55 -35.80
N VAL A 799 -31.91 -32.87 -34.65
CA VAL A 799 -33.20 -32.31 -34.17
C VAL A 799 -33.12 -30.78 -34.21
N PRO A 800 -34.05 -30.08 -34.89
CA PRO A 800 -34.07 -28.62 -34.90
C PRO A 800 -34.62 -28.05 -33.58
N PHE A 801 -34.32 -26.78 -33.28
CA PHE A 801 -34.74 -26.08 -32.05
C PHE A 801 -36.28 -26.01 -31.97
N SER A 802 -36.94 -25.88 -33.13
CA SER A 802 -38.42 -25.80 -33.27
C SER A 802 -39.10 -27.01 -32.62
N ALA A 803 -38.46 -28.18 -32.66
CA ALA A 803 -38.99 -29.47 -32.18
C ALA A 803 -39.18 -29.46 -30.66
N PHE A 804 -38.27 -28.82 -29.91
CA PHE A 804 -38.16 -28.95 -28.43
C PHE A 804 -38.14 -27.58 -27.72
N SER A 805 -38.57 -26.50 -28.38
CA SER A 805 -38.58 -25.14 -27.79
C SER A 805 -39.76 -24.30 -28.30
N SER A 806 -40.30 -23.45 -27.42
CA SER A 806 -41.28 -22.37 -27.72
C SER A 806 -40.64 -21.01 -27.41
N SER A 807 -41.11 -19.95 -28.07
CA SER A 807 -40.58 -18.56 -27.91
C SER A 807 -41.74 -17.56 -27.90
N ARG A 808 -41.53 -16.42 -27.22
CA ARG A 808 -42.49 -15.28 -27.15
C ARG A 808 -41.72 -13.97 -26.90
N TRP A 809 -42.31 -12.84 -27.29
CA TRP A 809 -41.76 -11.48 -27.05
C TRP A 809 -42.18 -10.99 -25.65
N GLU A 810 -41.25 -10.36 -24.94
CA GLU A 810 -41.50 -9.71 -23.62
C GLU A 810 -40.52 -8.55 -23.45
N TYR A 811 -40.67 -7.76 -22.38
CA TYR A 811 -39.83 -6.59 -22.06
C TYR A 811 -38.97 -6.89 -20.82
N GLY A 812 -37.67 -6.56 -20.90
CA GLY A 812 -36.69 -6.68 -19.80
C GLY A 812 -35.65 -5.57 -19.85
N SER A 813 -34.89 -5.39 -18.77
CA SER A 813 -33.90 -4.29 -18.60
C SER A 813 -32.62 -4.59 -19.38
N PRO A 814 -32.13 -3.65 -20.21
CA PRO A 814 -30.81 -3.77 -20.83
C PRO A 814 -29.65 -3.28 -19.93
N ARG A 815 -29.96 -2.60 -18.82
CA ARG A 815 -28.99 -2.20 -17.77
C ARG A 815 -29.72 -2.17 -16.41
N LEU A 816 -29.35 -3.08 -15.50
CA LEU A 816 -29.88 -3.17 -14.12
C LEU A 816 -28.88 -2.51 -13.15
N GLU A 817 -29.29 -1.43 -12.49
CA GLU A 817 -28.46 -0.64 -11.53
C GLU A 817 -28.68 -1.16 -10.11
N ARG A 818 -27.64 -1.12 -9.28
CA ARG A 818 -27.69 -1.47 -7.83
C ARG A 818 -26.89 -0.42 -7.04
N TYR A 819 -27.34 -0.11 -5.82
CA TYR A 819 -26.70 0.86 -4.89
C TYR A 819 -26.67 0.26 -3.48
N ASN A 820 -25.45 0.10 -2.93
CA ASN A 820 -25.18 -0.47 -1.57
C ASN A 820 -25.82 -1.87 -1.47
N GLY A 821 -25.70 -2.68 -2.52
CA GLY A 821 -26.06 -4.12 -2.52
C GLY A 821 -27.47 -4.38 -3.01
N LEU A 822 -28.39 -3.41 -2.87
CA LEU A 822 -29.83 -3.56 -3.21
C LEU A 822 -30.09 -3.03 -4.62
N PRO A 823 -31.18 -3.48 -5.29
CA PRO A 823 -31.56 -2.93 -6.60
C PRO A 823 -31.93 -1.44 -6.47
N SER A 824 -31.52 -0.62 -7.45
CA SER A 824 -31.70 0.85 -7.43
C SER A 824 -31.92 1.39 -8.85
N MET A 825 -32.26 2.68 -8.95
CA MET A 825 -32.39 3.45 -10.22
C MET A 825 -31.92 4.89 -9.98
N GLU A 826 -30.80 5.27 -10.60
CA GLU A 826 -30.15 6.61 -10.44
C GLU A 826 -30.98 7.65 -11.19
N ILE A 827 -31.38 8.72 -10.49
CA ILE A 827 -32.17 9.86 -11.06
C ILE A 827 -31.34 11.14 -10.89
N LEU A 828 -30.93 11.74 -12.01
CA LEU A 828 -30.25 13.06 -12.05
C LEU A 828 -31.30 14.17 -12.04
N GLY A 829 -30.87 15.42 -11.86
CA GLY A 829 -31.76 16.60 -11.77
C GLY A 829 -31.01 17.78 -11.16
N GLN A 830 -31.65 18.96 -11.13
CA GLN A 830 -31.04 20.22 -10.63
C GLN A 830 -32.13 21.15 -10.09
N ALA A 831 -31.72 22.15 -9.31
CA ALA A 831 -32.59 23.22 -8.76
C ALA A 831 -32.91 24.23 -9.85
N ALA A 832 -34.16 24.71 -9.89
CA ALA A 832 -34.62 25.79 -10.80
C ALA A 832 -33.91 27.10 -10.43
N PRO A 833 -33.86 28.10 -11.34
CA PRO A 833 -33.11 29.33 -11.10
C PRO A 833 -33.69 30.13 -9.92
N GLY A 834 -32.83 30.58 -8.99
CA GLY A 834 -33.21 31.33 -7.79
C GLY A 834 -33.44 30.42 -6.58
N LYS A 835 -33.69 29.13 -6.84
CA LYS A 835 -33.87 28.07 -5.80
C LYS A 835 -32.53 27.34 -5.62
N SER A 836 -32.13 27.10 -4.37
CA SER A 836 -30.84 26.46 -4.00
C SER A 836 -30.94 24.94 -4.15
N THR A 837 -29.80 24.25 -4.12
CA THR A 837 -29.68 22.77 -4.25
C THR A 837 -30.35 22.10 -3.03
N GLY A 838 -29.96 22.50 -1.82
CA GLY A 838 -30.50 21.97 -0.55
C GLY A 838 -32.01 22.11 -0.45
N GLU A 839 -32.54 23.23 -0.95
CA GLU A 839 -34.01 23.52 -0.97
C GLU A 839 -34.72 22.56 -1.92
N ALA A 840 -34.10 22.25 -3.07
CA ALA A 840 -34.63 21.33 -4.10
C ALA A 840 -34.63 19.89 -3.59
N MET A 841 -33.57 19.48 -2.89
CA MET A 841 -33.37 18.11 -2.34
C MET A 841 -34.45 17.79 -1.31
N GLU A 842 -34.93 18.79 -0.56
CA GLU A 842 -35.99 18.63 0.47
C GLU A 842 -37.30 18.18 -0.19
N LEU A 843 -37.62 18.71 -1.37
CA LEU A 843 -38.86 18.36 -2.13
C LEU A 843 -38.77 16.92 -2.64
N MET A 844 -37.59 16.50 -3.10
CA MET A 844 -37.32 15.10 -3.57
C MET A 844 -37.52 14.12 -2.41
N GLU A 845 -37.02 14.46 -1.21
CA GLU A 845 -37.20 13.67 0.04
C GLU A 845 -38.70 13.58 0.37
N GLN A 846 -39.43 14.69 0.24
CA GLN A 846 -40.89 14.80 0.52
C GLN A 846 -41.67 13.94 -0.48
N LEU A 847 -41.34 14.04 -1.77
CA LEU A 847 -42.01 13.28 -2.87
C LEU A 847 -41.68 11.78 -2.74
N ALA A 848 -40.48 11.44 -2.27
CA ALA A 848 -39.98 10.06 -2.11
C ALA A 848 -40.76 9.33 -1.01
N SER A 849 -41.24 10.06 0.01
CA SER A 849 -41.96 9.50 1.19
C SER A 849 -43.38 9.09 0.81
N LYS A 850 -43.93 9.63 -0.28
CA LYS A 850 -45.33 9.38 -0.74
C LYS A 850 -45.36 8.22 -1.76
N LEU A 851 -44.22 7.61 -2.06
CA LEU A 851 -44.10 6.46 -3.02
C LEU A 851 -44.64 5.20 -2.37
N PRO A 852 -44.93 4.13 -3.14
CA PRO A 852 -45.37 2.85 -2.59
C PRO A 852 -44.45 2.25 -1.51
N THR A 853 -44.98 1.28 -0.76
CA THR A 853 -44.30 0.59 0.37
C THR A 853 -43.11 -0.22 -0.15
N GLY A 854 -42.01 -0.25 0.61
CA GLY A 854 -40.79 -1.01 0.28
C GLY A 854 -39.86 -0.24 -0.63
N VAL A 855 -40.14 1.04 -0.89
CA VAL A 855 -39.34 1.94 -1.78
C VAL A 855 -38.71 3.04 -0.92
N GLY A 856 -37.39 2.95 -0.72
CA GLY A 856 -36.58 3.95 0.02
C GLY A 856 -35.80 4.84 -0.94
N TYR A 857 -34.83 5.60 -0.43
CA TYR A 857 -33.98 6.51 -1.23
C TYR A 857 -32.64 6.74 -0.50
N ASP A 858 -31.69 7.37 -1.21
CA ASP A 858 -30.36 7.79 -0.69
C ASP A 858 -29.76 8.83 -1.65
N TRP A 859 -28.74 9.54 -1.20
CA TRP A 859 -27.97 10.54 -1.99
C TRP A 859 -26.55 10.03 -2.22
N THR A 860 -25.98 10.30 -3.40
CA THR A 860 -24.64 9.83 -3.85
C THR A 860 -23.88 10.97 -4.54
N GLY A 861 -22.59 10.74 -4.83
CA GLY A 861 -21.71 11.65 -5.58
C GLY A 861 -21.65 13.05 -4.96
N MET A 862 -22.15 14.06 -5.67
CA MET A 862 -22.10 15.49 -5.27
C MET A 862 -23.09 15.74 -4.12
N SER A 863 -24.22 15.03 -4.10
CA SER A 863 -25.31 15.17 -3.11
C SER A 863 -24.90 14.57 -1.75
N TYR A 864 -23.99 13.59 -1.76
CA TYR A 864 -23.46 12.91 -0.54
C TYR A 864 -22.62 13.90 0.28
N GLN A 865 -21.75 14.66 -0.39
CA GLN A 865 -20.79 15.61 0.23
C GLN A 865 -21.53 16.87 0.71
N GLU A 866 -22.63 17.24 0.03
CA GLU A 866 -23.33 18.54 0.21
C GLU A 866 -24.09 18.56 1.54
N ARG A 867 -24.70 17.44 1.94
CA ARG A 867 -25.60 17.34 3.14
C ARG A 867 -24.78 17.58 4.41
N LEU A 868 -23.93 16.62 4.80
CA LEU A 868 -23.12 16.67 6.06
C LEU A 868 -21.84 17.47 5.81
N SER A 869 -21.36 18.20 6.83
CA SER A 869 -20.18 19.09 6.79
C SER A 869 -20.43 20.24 5.80
N GLY A 870 -21.33 21.16 6.17
CA GLY A 870 -21.70 22.33 5.34
C GLY A 870 -20.62 23.39 5.33
N ASN A 871 -20.97 24.62 4.96
CA ASN A 871 -20.05 25.79 4.89
C ASN A 871 -19.83 26.32 6.32
N GLN A 872 -18.60 26.16 6.84
CA GLN A 872 -18.19 26.66 8.18
C GLN A 872 -17.44 27.99 8.00
N ALA A 873 -18.04 28.92 7.26
CA ALA A 873 -17.48 30.25 6.91
C ALA A 873 -17.56 31.20 8.11
N PRO A 874 -18.75 31.46 8.71
CA PRO A 874 -18.87 32.52 9.72
C PRO A 874 -18.16 32.19 11.03
N SER A 875 -18.01 30.90 11.34
CA SER A 875 -17.35 30.37 12.57
C SER A 875 -15.85 30.67 12.55
N LEU A 876 -15.19 30.42 11.42
CA LEU A 876 -13.71 30.54 11.27
C LEU A 876 -13.30 32.02 11.07
N TYR A 877 -14.19 32.85 10.51
CA TYR A 877 -13.96 34.30 10.29
C TYR A 877 -14.29 35.09 11.56
N ALA A 878 -15.15 34.53 12.42
CA ALA A 878 -15.51 35.11 13.74
C ALA A 878 -14.29 35.06 14.67
N ILE A 879 -13.66 33.89 14.81
CA ILE A 879 -12.46 33.67 15.66
C ILE A 879 -11.27 34.41 15.03
N SER A 880 -11.22 34.50 13.69
CA SER A 880 -10.21 35.28 12.93
C SER A 880 -10.27 36.75 13.36
N LEU A 881 -11.47 37.32 13.45
CA LEU A 881 -11.72 38.73 13.86
C LEU A 881 -11.30 38.90 15.33
N ILE A 882 -11.57 37.90 16.17
CA ILE A 882 -11.27 37.93 17.64
C ILE A 882 -9.76 37.88 17.86
N VAL A 883 -9.04 37.02 17.13
CA VAL A 883 -7.56 36.84 17.27
C VAL A 883 -6.84 38.09 16.75
N VAL A 884 -7.35 38.70 15.66
CA VAL A 884 -6.79 39.95 15.07
C VAL A 884 -6.94 41.09 16.10
N PHE A 885 -8.08 41.16 16.80
CA PHE A 885 -8.35 42.15 17.89
C PHE A 885 -7.35 41.94 19.02
N LEU A 886 -7.14 40.68 19.43
CA LEU A 886 -6.24 40.29 20.55
C LEU A 886 -4.78 40.61 20.18
N CYS A 887 -4.36 40.22 18.98
CA CYS A 887 -2.98 40.43 18.46
C CYS A 887 -2.65 41.93 18.43
N LEU A 888 -3.60 42.77 17.98
CA LEU A 888 -3.47 44.24 17.93
C LEU A 888 -3.44 44.82 19.34
N ALA A 889 -4.24 44.25 20.26
CA ALA A 889 -4.36 44.68 21.68
C ALA A 889 -3.00 44.52 22.39
N ALA A 890 -2.26 43.44 22.06
CA ALA A 890 -0.91 43.15 22.59
C ALA A 890 0.11 44.14 22.01
N LEU A 891 -0.04 44.49 20.72
CA LEU A 891 0.90 45.37 19.98
C LEU A 891 0.87 46.80 20.56
N TYR A 892 -0.32 47.31 20.91
CA TYR A 892 -0.56 48.70 21.37
C TYR A 892 -0.72 48.75 22.90
N GLU A 893 -0.91 47.61 23.56
CA GLU A 893 -1.14 47.49 25.02
C GLU A 893 -2.39 48.30 25.39
N SER A 894 -3.52 48.00 24.74
CA SER A 894 -4.83 48.69 24.89
C SER A 894 -5.95 47.83 24.31
N TRP A 895 -7.13 47.85 24.95
CA TRP A 895 -8.35 47.14 24.50
C TRP A 895 -9.11 48.01 23.47
N SER A 896 -8.86 49.32 23.47
CA SER A 896 -9.60 50.35 22.68
C SER A 896 -8.91 50.61 21.34
N ILE A 897 -7.58 50.76 21.34
CA ILE A 897 -6.77 51.25 20.18
C ILE A 897 -6.90 50.29 19.00
N PRO A 898 -6.96 48.95 19.20
CA PRO A 898 -7.18 48.02 18.08
C PRO A 898 -8.37 48.32 17.16
N PHE A 899 -9.44 48.95 17.69
CA PHE A 899 -10.67 49.31 16.94
C PHE A 899 -10.33 50.31 15.81
N SER A 900 -9.35 51.19 16.04
CA SER A 900 -8.88 52.21 15.06
C SER A 900 -8.33 51.54 13.81
N VAL A 901 -7.69 50.37 13.96
CA VAL A 901 -7.09 49.56 12.86
C VAL A 901 -8.20 48.77 12.15
N MET A 902 -9.07 48.11 12.92
CA MET A 902 -10.04 47.09 12.43
C MET A 902 -11.21 47.73 11.66
N LEU A 903 -11.36 49.06 11.72
CA LEU A 903 -12.49 49.79 11.07
C LEU A 903 -12.15 50.09 9.59
N VAL A 904 -10.97 49.68 9.10
CA VAL A 904 -10.53 49.92 7.69
C VAL A 904 -10.96 48.74 6.79
N VAL A 905 -11.58 47.70 7.36
CA VAL A 905 -11.93 46.45 6.61
C VAL A 905 -12.96 46.80 5.53
N PRO A 906 -14.07 47.51 5.84
CA PRO A 906 -15.07 47.87 4.82
C PRO A 906 -14.56 48.79 3.71
N LEU A 907 -13.49 49.55 3.94
CA LEU A 907 -12.89 50.51 2.95
C LEU A 907 -12.36 49.72 1.75
N GLY A 908 -11.81 48.52 1.98
CA GLY A 908 -11.25 47.64 0.93
C GLY A 908 -12.32 46.77 0.28
N VAL A 909 -13.32 46.36 1.06
CA VAL A 909 -14.38 45.38 0.62
C VAL A 909 -15.29 46.06 -0.41
N ILE A 910 -15.69 47.32 -0.18
CA ILE A 910 -16.65 48.08 -1.04
C ILE A 910 -16.10 48.18 -2.47
N GLY A 911 -14.79 48.39 -2.61
CA GLY A 911 -14.11 48.51 -3.92
C GLY A 911 -14.10 47.18 -4.67
N ALA A 912 -13.93 46.07 -3.95
CA ALA A 912 -13.93 44.69 -4.49
C ALA A 912 -15.34 44.34 -5.00
N LEU A 913 -16.36 44.56 -4.16
CA LEU A 913 -17.78 44.25 -4.45
C LEU A 913 -18.25 45.06 -5.67
N LEU A 914 -17.91 46.34 -5.75
CA LEU A 914 -18.29 47.25 -6.87
C LEU A 914 -17.67 46.74 -8.17
N ALA A 915 -16.36 46.44 -8.16
CA ALA A 915 -15.58 45.97 -9.33
C ALA A 915 -16.09 44.59 -9.77
N ALA A 916 -16.47 43.73 -8.82
CA ALA A 916 -17.04 42.39 -9.07
C ALA A 916 -18.43 42.52 -9.72
N THR A 917 -19.25 43.44 -9.19
CA THR A 917 -20.63 43.72 -9.69
C THR A 917 -20.56 44.38 -11.08
N PHE A 918 -19.64 45.34 -11.26
CA PHE A 918 -19.47 46.13 -12.52
C PHE A 918 -19.11 45.18 -13.67
N ARG A 919 -18.07 44.37 -13.49
CA ARG A 919 -17.57 43.41 -14.53
C ARG A 919 -18.51 42.20 -14.61
N GLY A 920 -19.25 41.91 -13.52
CA GLY A 920 -20.25 40.83 -13.47
C GLY A 920 -19.64 39.49 -13.10
N LEU A 921 -18.72 39.47 -12.13
CA LEU A 921 -18.11 38.25 -11.56
C LEU A 921 -18.94 37.81 -10.34
N THR A 922 -18.59 36.66 -9.74
CA THR A 922 -19.29 36.04 -8.60
C THR A 922 -18.40 36.05 -7.36
N ASN A 923 -19.00 35.85 -6.18
CA ASN A 923 -18.28 35.69 -4.88
C ASN A 923 -17.69 34.28 -4.83
N ASP A 924 -16.52 34.10 -5.45
CA ASP A 924 -15.85 32.78 -5.64
C ASP A 924 -14.57 32.74 -4.79
N VAL A 925 -13.83 31.63 -4.85
CA VAL A 925 -12.57 31.39 -4.08
C VAL A 925 -11.58 32.52 -4.36
N TYR A 926 -11.36 32.83 -5.65
CA TYR A 926 -10.35 33.81 -6.14
C TYR A 926 -10.69 35.21 -5.60
N PHE A 927 -11.98 35.56 -5.51
CA PHE A 927 -12.47 36.85 -4.97
C PHE A 927 -12.18 36.94 -3.47
N GLN A 928 -12.47 35.85 -2.74
CA GLN A 928 -12.36 35.77 -1.26
C GLN A 928 -10.90 35.91 -0.82
N VAL A 929 -10.00 35.11 -1.42
CA VAL A 929 -8.54 35.08 -1.07
C VAL A 929 -7.90 36.42 -1.47
N GLY A 930 -8.31 36.98 -2.62
CA GLY A 930 -7.85 38.30 -3.11
C GLY A 930 -8.32 39.43 -2.22
N LEU A 931 -9.51 39.29 -1.62
CA LEU A 931 -10.13 40.29 -0.71
C LEU A 931 -9.36 40.33 0.62
N LEU A 932 -8.99 39.16 1.16
CA LEU A 932 -8.23 39.04 2.44
C LEU A 932 -6.84 39.68 2.29
N THR A 933 -6.25 39.62 1.08
CA THR A 933 -4.95 40.28 0.75
C THR A 933 -5.12 41.79 0.84
N THR A 934 -6.23 42.33 0.33
CA THR A 934 -6.57 43.78 0.36
C THR A 934 -6.85 44.22 1.80
N ILE A 935 -7.57 43.40 2.57
CA ILE A 935 -7.86 43.64 4.02
C ILE A 935 -6.54 43.63 4.79
N GLY A 936 -5.60 42.76 4.40
CA GLY A 936 -4.26 42.64 5.00
C GLY A 936 -3.45 43.93 4.88
N LEU A 937 -3.32 44.46 3.65
CA LEU A 937 -2.52 45.67 3.33
C LEU A 937 -3.18 46.91 3.96
N SER A 938 -4.49 47.06 3.81
CA SER A 938 -5.29 48.18 4.37
C SER A 938 -5.12 48.23 5.90
N ALA A 939 -5.15 47.06 6.56
CA ALA A 939 -4.93 46.89 8.01
C ALA A 939 -3.46 47.18 8.35
N LYS A 940 -2.53 46.69 7.53
CA LYS A 940 -1.06 46.88 7.72
C LYS A 940 -0.71 48.37 7.62
N ASN A 941 -1.34 49.09 6.70
CA ASN A 941 -1.17 50.57 6.52
C ASN A 941 -1.71 51.28 7.77
N ALA A 942 -2.89 50.86 8.24
CA ALA A 942 -3.58 51.42 9.44
C ALA A 942 -2.73 51.18 10.70
N ILE A 943 -2.06 50.03 10.79
CA ILE A 943 -1.16 49.67 11.93
C ILE A 943 0.02 50.66 11.97
N LEU A 944 0.69 50.88 10.83
CA LEU A 944 1.90 51.73 10.71
C LEU A 944 1.55 53.20 11.01
N ILE A 945 0.35 53.66 10.63
CA ILE A 945 -0.13 55.05 10.89
C ILE A 945 -0.37 55.22 12.39
N VAL A 946 -1.09 54.28 13.01
CA VAL A 946 -1.48 54.33 14.46
C VAL A 946 -0.23 54.12 15.33
N GLU A 947 0.69 53.27 14.91
CA GLU A 947 1.96 52.97 15.64
C GLU A 947 2.81 54.24 15.70
N PHE A 948 2.98 54.94 14.57
CA PHE A 948 3.75 56.21 14.44
C PHE A 948 3.08 57.31 15.28
N ALA A 949 1.74 57.41 15.19
CA ALA A 949 0.91 58.41 15.91
C ALA A 949 1.06 58.23 17.43
N LYS A 950 1.00 56.98 17.92
CA LYS A 950 1.07 56.64 19.36
C LYS A 950 2.49 56.88 19.89
N ASP A 951 3.51 56.56 19.08
CA ASP A 951 4.95 56.69 19.46
C ASP A 951 5.31 58.17 19.66
N LEU A 952 4.82 59.05 18.79
CA LEU A 952 5.03 60.53 18.88
C LEU A 952 4.44 61.06 20.19
N MET A 953 3.28 60.51 20.60
CA MET A 953 2.56 60.92 21.84
C MET A 953 3.26 60.36 23.08
N ASP A 954 3.83 59.15 22.98
CA ASP A 954 4.45 58.42 24.13
C ASP A 954 5.90 58.86 24.31
N LYS A 955 6.73 58.74 23.27
CA LYS A 955 8.20 58.97 23.32
C LYS A 955 8.49 60.48 23.40
N GLU A 956 8.13 61.23 22.35
CA GLU A 956 8.50 62.66 22.18
C GLU A 956 7.56 63.54 23.01
N GLY A 957 6.28 63.16 23.11
CA GLY A 957 5.26 63.87 23.91
C GLY A 957 4.53 64.92 23.09
N LYS A 958 4.00 64.53 21.93
CA LYS A 958 3.17 65.40 21.04
C LYS A 958 1.72 65.34 21.49
N GLY A 959 0.88 66.22 20.95
CA GLY A 959 -0.59 66.23 21.15
C GLY A 959 -1.27 65.15 20.33
N LEU A 960 -2.59 65.06 20.43
CA LEU A 960 -3.42 64.02 19.73
C LEU A 960 -3.44 64.33 18.23
N ILE A 961 -3.86 65.53 17.85
CA ILE A 961 -4.05 65.97 16.44
C ILE A 961 -2.68 66.21 15.80
N GLU A 962 -1.75 66.83 16.54
CA GLU A 962 -0.38 67.18 16.06
C GLU A 962 0.37 65.90 15.68
N ALA A 963 0.26 64.85 16.50
CA ALA A 963 0.92 63.53 16.30
C ALA A 963 0.31 62.82 15.10
N THR A 964 -1.03 62.86 14.96
CA THR A 964 -1.80 62.20 13.87
C THR A 964 -1.36 62.77 12.51
N LEU A 965 -1.30 64.11 12.39
CA LEU A 965 -0.93 64.83 11.14
C LEU A 965 0.53 64.52 10.79
N ASP A 966 1.42 64.51 11.79
CA ASP A 966 2.88 64.22 11.62
C ASP A 966 3.07 62.73 11.27
N ALA A 967 2.16 61.86 11.73
CA ALA A 967 2.19 60.40 11.48
C ALA A 967 1.79 60.11 10.02
N VAL A 968 0.64 60.65 9.59
CA VAL A 968 0.00 60.31 8.28
C VAL A 968 0.81 60.91 7.12
N ARG A 969 1.51 62.03 7.33
CA ARG A 969 2.31 62.71 6.29
C ARG A 969 3.55 61.85 5.96
N MET A 970 4.11 61.19 6.98
CA MET A 970 5.28 60.28 6.84
C MET A 970 4.87 59.01 6.08
N ARG A 971 3.68 58.47 6.39
CA ARG A 971 3.19 57.17 5.88
C ARG A 971 2.46 57.33 4.54
N LEU A 972 2.18 58.57 4.11
CA LEU A 972 1.47 58.86 2.84
C LEU A 972 2.27 58.28 1.65
N ARG A 973 3.59 58.49 1.65
CA ARG A 973 4.51 58.14 0.54
C ARG A 973 4.54 56.62 0.35
N PRO A 974 4.90 55.80 1.37
CA PRO A 974 4.98 54.34 1.19
C PRO A 974 3.65 53.64 0.87
N ILE A 975 2.52 54.20 1.31
CA ILE A 975 1.15 53.66 1.02
C ILE A 975 0.89 53.76 -0.49
N LEU A 976 1.16 54.93 -1.08
CA LEU A 976 0.97 55.19 -2.54
C LEU A 976 1.97 54.34 -3.34
N MET A 977 3.20 54.19 -2.83
CA MET A 977 4.28 53.38 -3.47
C MET A 977 3.85 51.91 -3.54
N THR A 978 3.31 51.36 -2.46
CA THR A 978 2.81 49.96 -2.36
C THR A 978 1.57 49.79 -3.22
N SER A 979 0.62 50.73 -3.13
CA SER A 979 -0.68 50.71 -3.84
C SER A 979 -0.46 50.73 -5.36
N LEU A 980 0.25 51.74 -5.86
CA LEU A 980 0.50 51.95 -7.32
C LEU A 980 1.28 50.78 -7.90
N ALA A 981 2.21 50.20 -7.13
CA ALA A 981 3.06 49.05 -7.53
C ALA A 981 2.21 47.79 -7.67
N PHE A 982 1.27 47.56 -6.74
CA PHE A 982 0.43 46.34 -6.66
C PHE A 982 -0.78 46.47 -7.60
N ILE A 983 -1.40 47.65 -7.66
CA ILE A 983 -2.59 47.93 -8.55
C ILE A 983 -2.15 47.79 -10.01
N LEU A 984 -1.01 48.38 -10.38
CA LEU A 984 -0.43 48.28 -11.76
C LEU A 984 0.13 46.87 -11.96
N GLY A 985 0.62 46.23 -10.90
CA GLY A 985 1.21 44.87 -10.92
C GLY A 985 0.23 43.79 -11.33
N VAL A 986 -1.06 43.97 -11.01
CA VAL A 986 -2.15 42.97 -11.28
C VAL A 986 -2.98 43.42 -12.49
N MET A 987 -2.50 44.40 -13.28
CA MET A 987 -3.14 44.81 -14.56
C MET A 987 -3.05 43.66 -15.57
N PRO A 988 -1.89 42.98 -15.71
CA PRO A 988 -1.82 41.74 -16.49
C PRO A 988 -2.94 40.73 -16.23
N LEU A 989 -3.33 40.55 -14.95
CA LEU A 989 -4.42 39.60 -14.54
C LEU A 989 -5.76 40.07 -15.12
N VAL A 990 -6.05 41.37 -15.02
CA VAL A 990 -7.34 41.99 -15.44
C VAL A 990 -7.47 41.90 -16.97
N ILE A 991 -6.39 42.25 -17.69
CA ILE A 991 -6.36 42.32 -19.18
C ILE A 991 -6.24 40.90 -19.76
N SER A 992 -5.71 39.94 -18.99
CA SER A 992 -5.45 38.53 -19.41
C SER A 992 -6.65 37.99 -20.21
N THR A 993 -6.37 37.41 -21.39
CA THR A 993 -7.35 36.70 -22.25
C THR A 993 -6.64 35.50 -22.92
N GLY A 994 -7.13 34.28 -22.67
CA GLY A 994 -6.57 33.03 -23.21
C GLY A 994 -6.56 31.93 -22.17
N ALA A 995 -5.42 31.23 -22.04
CA ALA A 995 -5.24 30.04 -21.16
C ALA A 995 -5.34 30.45 -19.68
N GLY A 996 -6.40 30.02 -19.01
CA GLY A 996 -6.64 30.24 -17.56
C GLY A 996 -6.85 31.71 -17.24
N SER A 997 -7.51 32.46 -18.14
CA SER A 997 -7.79 33.91 -18.00
C SER A 997 -8.95 34.15 -17.03
N GLY A 998 -9.94 33.24 -17.02
CA GLY A 998 -11.12 33.30 -16.14
C GLY A 998 -10.72 33.41 -14.67
N ALA A 999 -9.73 32.63 -14.25
CA ALA A 999 -9.15 32.62 -12.89
C ALA A 999 -8.40 33.92 -12.64
N GLN A 1000 -7.58 34.36 -13.61
CA GLN A 1000 -6.76 35.61 -13.54
C GLN A 1000 -7.70 36.81 -13.41
N ASN A 1001 -8.74 36.88 -14.25
CA ASN A 1001 -9.77 37.97 -14.25
C ASN A 1001 -10.43 38.05 -12.87
N ALA A 1002 -10.72 36.89 -12.26
CA ALA A 1002 -11.39 36.77 -10.93
C ALA A 1002 -10.48 37.33 -9.83
N VAL A 1003 -9.19 37.01 -9.88
CA VAL A 1003 -8.16 37.50 -8.90
C VAL A 1003 -7.94 39.01 -9.13
N GLY A 1004 -7.60 39.38 -10.37
CA GLY A 1004 -7.21 40.76 -10.75
C GLY A 1004 -8.27 41.80 -10.41
N THR A 1005 -9.53 41.54 -10.79
CA THR A 1005 -10.67 42.49 -10.66
C THR A 1005 -10.92 42.82 -9.19
N GLY A 1006 -11.09 41.79 -8.36
CA GLY A 1006 -11.38 41.93 -6.91
C GLY A 1006 -10.29 42.67 -6.16
N VAL A 1007 -9.03 42.45 -6.55
CA VAL A 1007 -7.83 43.08 -5.92
C VAL A 1007 -7.73 44.54 -6.36
N MET A 1008 -7.72 44.78 -7.68
CA MET A 1008 -7.54 46.13 -8.29
C MET A 1008 -8.62 47.08 -7.76
N GLY A 1009 -9.89 46.71 -7.91
CA GLY A 1009 -11.06 47.49 -7.45
C GLY A 1009 -10.98 47.79 -5.96
N GLY A 1010 -10.67 46.77 -5.15
CA GLY A 1010 -10.58 46.86 -3.68
C GLY A 1010 -9.42 47.75 -3.24
N MET A 1011 -8.26 47.61 -3.87
CA MET A 1011 -7.01 48.34 -3.51
C MET A 1011 -7.17 49.84 -3.80
N VAL A 1012 -7.92 50.21 -4.84
CA VAL A 1012 -8.18 51.63 -5.23
C VAL A 1012 -8.93 52.33 -4.09
N THR A 1013 -10.03 51.73 -3.61
CA THR A 1013 -10.86 52.25 -2.49
C THR A 1013 -10.07 52.20 -1.20
N ALA A 1014 -9.37 51.08 -0.94
CA ALA A 1014 -8.55 50.84 0.26
C ALA A 1014 -7.45 51.90 0.39
N THR A 1015 -6.90 52.37 -0.73
CA THR A 1015 -5.81 53.39 -0.79
C THR A 1015 -6.39 54.78 -0.50
N VAL A 1016 -7.33 55.24 -1.34
CA VAL A 1016 -7.82 56.65 -1.38
C VAL A 1016 -8.61 56.98 -0.10
N LEU A 1017 -9.40 56.04 0.43
CA LEU A 1017 -10.30 56.27 1.58
C LEU A 1017 -9.50 56.21 2.90
N ALA A 1018 -8.68 55.17 3.09
CA ALA A 1018 -7.95 54.87 4.34
C ALA A 1018 -7.08 56.08 4.77
N ILE A 1019 -6.37 56.70 3.82
CA ILE A 1019 -5.44 57.84 4.09
C ILE A 1019 -6.21 58.99 4.77
N PHE A 1020 -7.51 59.11 4.51
CA PHE A 1020 -8.40 60.14 5.14
C PHE A 1020 -9.09 59.57 6.39
N PHE A 1021 -9.54 58.31 6.32
CA PHE A 1021 -10.44 57.67 7.33
C PHE A 1021 -9.65 57.16 8.55
N VAL A 1022 -8.41 56.71 8.36
CA VAL A 1022 -7.54 56.20 9.46
C VAL A 1022 -7.27 57.32 10.46
N PRO A 1023 -6.87 58.54 10.03
CA PRO A 1023 -6.88 59.71 10.90
C PRO A 1023 -8.12 59.85 11.78
N VAL A 1024 -9.32 59.68 11.19
CA VAL A 1024 -10.64 59.84 11.87
C VAL A 1024 -10.79 58.72 12.91
N PHE A 1025 -10.51 57.46 12.52
CA PHE A 1025 -10.66 56.26 13.38
C PHE A 1025 -9.81 56.39 14.64
N PHE A 1026 -8.56 56.82 14.50
CA PHE A 1026 -7.58 56.96 15.61
C PHE A 1026 -8.07 58.01 16.62
N VAL A 1027 -8.37 59.22 16.15
CA VAL A 1027 -8.69 60.41 16.98
C VAL A 1027 -10.03 60.19 17.70
N VAL A 1028 -11.04 59.65 17.01
CA VAL A 1028 -12.40 59.40 17.58
C VAL A 1028 -12.28 58.37 18.71
N VAL A 1029 -11.53 57.29 18.49
CA VAL A 1029 -11.40 56.13 19.44
C VAL A 1029 -10.61 56.58 20.67
N ARG A 1030 -9.51 57.32 20.51
CA ARG A 1030 -8.65 57.77 21.64
C ARG A 1030 -9.46 58.72 22.54
N ARG A 1031 -10.10 59.74 21.95
CA ARG A 1031 -11.00 60.70 22.68
C ARG A 1031 -12.10 59.91 23.41
N ARG A 1032 -12.65 58.88 22.76
CA ARG A 1032 -13.77 58.04 23.27
C ARG A 1032 -13.40 57.46 24.64
N PHE A 1033 -12.29 56.71 24.71
CA PHE A 1033 -11.83 55.98 25.92
C PHE A 1033 -10.80 56.83 26.66
N SER A 1034 -9.52 56.79 26.28
CA SER A 1034 -8.39 57.50 26.93
C SER A 1034 -8.90 58.75 27.64
N ARG A 1035 -8.88 58.76 28.98
CA ARG A 1035 -9.67 59.68 29.84
C ARG A 1035 -8.81 60.82 30.41
N LYS A 1036 -7.49 60.80 30.18
CA LYS A 1036 -6.53 61.74 30.83
C LYS A 1036 -5.42 62.11 29.86
N ASN A 1037 -4.65 63.16 30.19
CA ASN A 1037 -3.54 63.69 29.35
C ASN A 1037 -4.15 64.21 28.03
N GLU A 1038 -3.53 63.89 26.88
CA GLU A 1038 -4.06 64.10 25.51
C GLU A 1038 -3.94 65.58 25.13
N ASP A 1039 -3.58 65.85 23.87
CA ASP A 1039 -3.19 67.19 23.34
C ASP A 1039 -1.87 67.60 24.01
N ILE A 1040 -1.45 68.87 23.86
CA ILE A 1040 -0.09 69.37 24.22
C ILE A 1040 0.39 68.71 25.52
N GLU A 1041 1.62 68.18 25.51
CA GLU A 1041 2.19 67.36 26.63
C GLU A 1041 3.71 67.40 26.59
N HIS A 1042 4.36 67.17 27.73
CA HIS A 1042 5.84 67.01 27.90
C HIS A 1042 6.56 68.24 27.35
N MET B 1 28.11 30.30 22.50
CA MET B 1 27.80 28.94 23.05
C MET B 1 29.02 28.35 23.76
N PRO B 2 30.26 28.43 23.21
CA PRO B 2 31.45 28.00 23.94
C PRO B 2 31.61 28.66 25.32
N ASN B 3 31.41 29.99 25.39
CA ASN B 3 31.52 30.79 26.64
C ASN B 3 30.47 30.32 27.66
N PHE B 4 29.30 29.88 27.19
CA PHE B 4 28.16 29.41 28.02
C PHE B 4 28.56 28.15 28.80
N PHE B 5 29.21 27.19 28.14
CA PHE B 5 29.51 25.84 28.67
C PHE B 5 30.87 25.81 29.40
N ILE B 6 31.68 26.87 29.26
CA ILE B 6 32.94 27.04 30.05
C ILE B 6 32.56 27.39 31.50
N ASP B 7 31.56 28.24 31.69
CA ASP B 7 31.02 28.67 33.02
C ASP B 7 30.08 27.59 33.58
N ARG B 8 29.60 26.68 32.72
CA ARG B 8 28.65 25.60 33.08
C ARG B 8 29.19 24.25 32.63
N PRO B 9 30.30 23.75 33.24
CA PRO B 9 30.89 22.47 32.84
C PRO B 9 30.05 21.22 33.16
N ILE B 10 29.15 21.30 34.14
CA ILE B 10 28.27 20.17 34.56
C ILE B 10 27.19 19.96 33.49
N PHE B 11 26.58 21.05 33.00
CA PHE B 11 25.55 21.03 31.92
C PHE B 11 26.17 20.43 30.65
N ALA B 12 27.44 20.73 30.38
CA ALA B 12 28.24 20.15 29.27
C ALA B 12 28.41 18.64 29.50
N TRP B 13 28.71 18.23 30.74
CA TRP B 13 28.86 16.81 31.16
C TRP B 13 27.52 16.08 31.01
N VAL B 14 26.41 16.74 31.34
CA VAL B 14 25.03 16.18 31.24
C VAL B 14 24.75 15.83 29.76
N ILE B 15 25.04 16.75 28.84
CA ILE B 15 24.83 16.58 27.37
C ILE B 15 25.73 15.42 26.88
N ALA B 16 26.96 15.33 27.41
CA ALA B 16 27.92 14.25 27.10
C ALA B 16 27.35 12.91 27.57
N ILE B 17 26.78 12.86 28.77
CA ILE B 17 26.22 11.62 29.40
C ILE B 17 24.99 11.16 28.61
N ILE B 18 24.09 12.08 28.25
CA ILE B 18 22.84 11.78 27.50
C ILE B 18 23.20 11.16 26.14
N ILE B 19 24.21 11.72 25.46
CA ILE B 19 24.69 11.24 24.13
C ILE B 19 25.29 9.84 24.28
N MET B 20 26.07 9.60 25.35
CA MET B 20 26.74 8.29 25.62
C MET B 20 25.68 7.22 25.90
N LEU B 21 24.64 7.54 26.68
CA LEU B 21 23.53 6.60 27.04
C LEU B 21 22.70 6.28 25.79
N ALA B 22 22.32 7.31 25.02
CA ALA B 22 21.59 7.19 23.73
C ALA B 22 22.41 6.35 22.75
N GLY B 23 23.73 6.57 22.72
CA GLY B 23 24.68 5.80 21.89
C GLY B 23 24.82 4.37 22.35
N GLY B 24 25.01 4.17 23.65
CA GLY B 24 25.11 2.83 24.29
C GLY B 24 23.84 2.01 24.08
N LEU B 25 22.68 2.67 24.17
CA LEU B 25 21.33 2.06 23.94
C LEU B 25 21.23 1.61 22.47
N ALA B 26 21.72 2.44 21.53
CA ALA B 26 21.70 2.18 20.08
C ALA B 26 22.54 0.95 19.74
N ILE B 27 23.74 0.82 20.33
CA ILE B 27 24.69 -0.30 20.07
C ILE B 27 24.03 -1.64 20.39
N LEU B 28 23.17 -1.69 21.43
CA LEU B 28 22.45 -2.92 21.84
C LEU B 28 21.33 -3.25 20.85
N LYS B 29 20.60 -2.23 20.38
CA LYS B 29 19.34 -2.40 19.60
C LYS B 29 19.60 -2.40 18.09
N LEU B 30 20.67 -1.75 17.62
CA LEU B 30 20.97 -1.55 16.17
C LEU B 30 21.02 -2.89 15.44
N PRO B 31 20.31 -3.04 14.30
CA PRO B 31 20.47 -4.21 13.43
C PRO B 31 21.91 -4.38 12.92
N VAL B 32 22.30 -5.63 12.64
CA VAL B 32 23.65 -6.01 12.15
C VAL B 32 23.49 -6.90 10.91
N ALA B 33 24.20 -6.56 9.82
CA ALA B 33 24.21 -7.30 8.54
C ALA B 33 25.52 -7.00 7.80
N GLN B 34 25.85 -7.79 6.77
CA GLN B 34 27.07 -7.59 5.93
C GLN B 34 26.89 -6.32 5.10
N TYR B 35 25.76 -6.20 4.38
CA TYR B 35 25.39 -5.04 3.55
C TYR B 35 23.91 -4.72 3.74
N PRO B 36 23.50 -3.44 3.55
CA PRO B 36 22.08 -3.05 3.59
C PRO B 36 21.41 -3.32 2.24
N THR B 37 20.13 -2.94 2.11
CA THR B 37 19.35 -3.04 0.85
C THR B 37 19.90 -2.03 -0.15
N ILE B 38 20.63 -2.51 -1.16
CA ILE B 38 21.33 -1.68 -2.19
C ILE B 38 20.66 -1.91 -3.55
N ALA B 39 20.49 -3.17 -3.95
CA ALA B 39 19.79 -3.58 -5.20
C ALA B 39 18.35 -3.10 -5.15
N PRO B 40 17.74 -2.70 -6.29
CA PRO B 40 16.38 -2.18 -6.31
C PRO B 40 15.35 -3.28 -6.02
N PRO B 41 14.14 -2.94 -5.53
CA PRO B 41 13.13 -3.96 -5.21
C PRO B 41 12.73 -4.77 -6.46
N ALA B 42 12.97 -6.09 -6.43
CA ALA B 42 12.67 -7.05 -7.52
C ALA B 42 11.68 -8.10 -7.02
N VAL B 43 10.70 -8.45 -7.85
CA VAL B 43 9.66 -9.48 -7.57
C VAL B 43 9.67 -10.50 -8.71
N THR B 44 10.08 -11.73 -8.43
CA THR B 44 10.16 -12.86 -9.40
C THR B 44 8.92 -13.74 -9.26
N ILE B 45 8.11 -13.81 -10.32
CA ILE B 45 6.97 -14.78 -10.46
C ILE B 45 7.56 -16.08 -11.03
N SER B 46 7.52 -17.18 -10.25
CA SER B 46 8.05 -18.52 -10.62
C SER B 46 6.88 -19.50 -10.77
N ALA B 47 6.85 -20.25 -11.88
CA ALA B 47 5.86 -21.32 -12.17
C ALA B 47 6.56 -22.52 -12.81
N SER B 48 5.87 -23.66 -12.85
CA SER B 48 6.39 -24.96 -13.35
C SER B 48 5.31 -25.69 -14.17
N TYR B 49 5.65 -26.07 -15.40
CA TYR B 49 4.83 -26.90 -16.32
C TYR B 49 5.60 -28.20 -16.60
N PRO B 50 5.42 -29.25 -15.75
CA PRO B 50 6.16 -30.51 -15.91
C PRO B 50 6.14 -31.08 -17.33
N GLY B 51 7.33 -31.35 -17.89
CA GLY B 51 7.52 -32.00 -19.20
C GLY B 51 7.18 -31.09 -20.37
N ALA B 52 7.21 -29.77 -20.15
CA ALA B 52 6.87 -28.74 -21.16
C ALA B 52 8.16 -28.15 -21.75
N ASP B 53 8.16 -27.87 -23.06
CA ASP B 53 9.28 -27.22 -23.80
C ASP B 53 9.17 -25.70 -23.62
N ALA B 54 10.25 -24.97 -23.97
CA ALA B 54 10.39 -23.51 -23.80
C ALA B 54 9.21 -22.76 -24.42
N LYS B 55 8.83 -23.12 -25.65
CA LYS B 55 7.78 -22.41 -26.44
C LYS B 55 6.40 -22.66 -25.80
N THR B 56 6.12 -23.91 -25.42
CA THR B 56 4.86 -24.32 -24.72
C THR B 56 4.69 -23.48 -23.46
N VAL B 57 5.77 -23.34 -22.67
CA VAL B 57 5.79 -22.55 -21.40
C VAL B 57 5.52 -21.07 -21.74
N GLN B 58 6.19 -20.54 -22.78
CA GLN B 58 6.09 -19.11 -23.18
C GLN B 58 4.68 -18.79 -23.66
N ASP B 59 4.10 -19.63 -24.51
CA ASP B 59 2.89 -19.34 -25.32
C ASP B 59 1.60 -19.66 -24.55
N THR B 60 1.70 -20.34 -23.40
CA THR B 60 0.53 -20.71 -22.55
C THR B 60 0.62 -20.04 -21.17
N VAL B 61 1.83 -19.74 -20.67
CA VAL B 61 2.05 -19.22 -19.29
C VAL B 61 2.62 -17.80 -19.36
N THR B 62 3.85 -17.64 -19.87
CA THR B 62 4.67 -16.40 -19.78
C THR B 62 3.93 -15.22 -20.42
N GLN B 63 3.49 -15.36 -21.68
CA GLN B 63 2.81 -14.28 -22.45
C GLN B 63 1.50 -13.89 -21.75
N VAL B 64 0.79 -14.86 -21.17
CA VAL B 64 -0.53 -14.65 -20.51
C VAL B 64 -0.33 -13.82 -19.23
N ILE B 65 0.66 -14.16 -18.40
CA ILE B 65 0.98 -13.44 -17.15
C ILE B 65 1.45 -12.03 -17.51
N GLU B 66 2.42 -11.93 -18.44
CA GLU B 66 3.00 -10.64 -18.94
C GLU B 66 1.89 -9.67 -19.34
N GLN B 67 0.87 -10.15 -20.06
CA GLN B 67 -0.25 -9.33 -20.60
C GLN B 67 -1.13 -8.80 -19.47
N ASN B 68 -1.09 -9.42 -18.28
CA ASN B 68 -1.97 -9.09 -17.13
C ASN B 68 -1.19 -8.35 -16.04
N MET B 69 0.04 -7.90 -16.31
CA MET B 69 0.91 -7.17 -15.35
C MET B 69 0.72 -5.65 -15.52
N ASN B 70 -0.54 -5.18 -15.47
CA ASN B 70 -0.91 -3.75 -15.67
C ASN B 70 -1.38 -3.15 -14.33
N GLY B 71 -1.43 -1.82 -14.26
CA GLY B 71 -1.92 -1.05 -13.09
C GLY B 71 -1.10 -1.34 -11.84
N ILE B 72 0.19 -1.63 -12.02
CA ILE B 72 1.17 -1.88 -10.91
C ILE B 72 2.10 -0.66 -10.82
N ASP B 73 2.28 -0.12 -9.60
CA ASP B 73 2.93 1.19 -9.35
C ASP B 73 4.45 1.03 -9.36
N ASN B 74 5.15 2.02 -9.94
CA ASN B 74 6.62 2.23 -9.85
C ASN B 74 7.37 1.05 -10.48
N LEU B 75 6.85 0.52 -11.59
CA LEU B 75 7.51 -0.56 -12.39
C LEU B 75 8.48 0.08 -13.38
N MET B 76 9.77 -0.23 -13.27
CA MET B 76 10.84 0.27 -14.18
C MET B 76 10.85 -0.57 -15.46
N TYR B 77 11.02 -1.89 -15.33
CA TYR B 77 11.04 -2.85 -16.47
C TYR B 77 10.66 -4.27 -15.99
N MET B 78 10.27 -5.11 -16.95
CA MET B 78 9.86 -6.53 -16.75
C MET B 78 10.68 -7.41 -17.71
N SER B 79 11.42 -8.39 -17.17
CA SER B 79 12.20 -9.40 -17.93
C SER B 79 11.77 -10.80 -17.49
N SER B 80 11.66 -11.74 -18.42
CA SER B 80 11.20 -13.14 -18.16
C SER B 80 11.99 -14.14 -19.01
N ASN B 81 12.06 -15.38 -18.51
CA ASN B 81 12.72 -16.55 -19.17
C ASN B 81 11.72 -17.70 -19.25
N SER B 82 11.76 -18.47 -20.34
CA SER B 82 10.95 -19.70 -20.55
C SER B 82 11.84 -20.77 -21.19
N ASP B 83 12.11 -21.86 -20.48
CA ASP B 83 13.13 -22.88 -20.87
C ASP B 83 12.52 -24.29 -20.84
N SER B 84 13.25 -25.26 -21.40
CA SER B 84 12.79 -26.64 -21.71
C SER B 84 12.86 -27.55 -20.47
N THR B 85 13.23 -27.01 -19.30
CA THR B 85 13.07 -27.66 -17.98
C THR B 85 11.59 -27.63 -17.57
N GLY B 86 10.77 -26.85 -18.27
CA GLY B 86 9.33 -26.67 -17.99
C GLY B 86 9.12 -25.62 -16.91
N THR B 87 9.92 -24.55 -16.93
CA THR B 87 9.98 -23.50 -15.88
C THR B 87 9.84 -22.12 -16.53
N VAL B 88 9.23 -21.18 -15.81
CA VAL B 88 9.15 -19.74 -16.19
C VAL B 88 9.53 -18.89 -14.96
N GLN B 89 10.35 -17.86 -15.18
CA GLN B 89 10.72 -16.83 -14.16
C GLN B 89 10.45 -15.44 -14.77
N ILE B 90 9.45 -14.73 -14.27
CA ILE B 90 9.12 -13.33 -14.67
C ILE B 90 9.54 -12.39 -13.53
N THR B 91 10.63 -11.65 -13.72
CA THR B 91 11.20 -10.69 -12.74
C THR B 91 10.73 -9.27 -13.09
N LEU B 92 9.97 -8.64 -12.19
CA LEU B 92 9.54 -7.22 -12.27
C LEU B 92 10.41 -6.40 -11.31
N THR B 93 11.33 -5.59 -11.85
CA THR B 93 12.23 -4.68 -11.07
C THR B 93 11.53 -3.33 -10.92
N PHE B 94 11.57 -2.76 -9.70
CA PHE B 94 10.81 -1.54 -9.31
C PHE B 94 11.78 -0.39 -8.99
N GLU B 95 11.24 0.83 -8.96
CA GLU B 95 11.98 2.08 -8.63
C GLU B 95 12.58 1.95 -7.23
N SER B 96 13.80 2.49 -7.03
CA SER B 96 14.48 2.55 -5.72
C SER B 96 13.67 3.45 -4.77
N GLY B 97 13.28 2.91 -3.61
CA GLY B 97 12.44 3.60 -2.60
C GLY B 97 11.02 3.07 -2.56
N THR B 98 10.65 2.21 -3.52
CA THR B 98 9.32 1.54 -3.58
C THR B 98 9.20 0.54 -2.43
N ASP B 99 8.02 0.46 -1.81
CA ASP B 99 7.69 -0.55 -0.76
C ASP B 99 7.61 -1.93 -1.43
N ALA B 100 8.52 -2.84 -1.08
CA ALA B 100 8.66 -4.18 -1.67
C ALA B 100 7.43 -5.03 -1.38
N ASP B 101 6.77 -4.79 -0.23
CA ASP B 101 5.53 -5.50 0.19
C ASP B 101 4.36 -5.06 -0.72
N ILE B 102 4.21 -3.75 -0.93
CA ILE B 102 3.17 -3.15 -1.82
C ILE B 102 3.45 -3.60 -3.27
N ALA B 103 4.73 -3.62 -3.65
CA ALA B 103 5.21 -4.06 -5.00
C ALA B 103 4.82 -5.52 -5.22
N GLN B 104 5.06 -6.39 -4.23
CA GLN B 104 4.81 -7.85 -4.33
C GLN B 104 3.31 -8.15 -4.37
N VAL B 105 2.52 -7.51 -3.50
CA VAL B 105 1.06 -7.78 -3.35
C VAL B 105 0.31 -7.34 -4.62
N GLN B 106 0.75 -6.24 -5.24
CA GLN B 106 0.15 -5.70 -6.49
C GLN B 106 0.43 -6.68 -7.65
N VAL B 107 1.63 -7.27 -7.68
CA VAL B 107 2.03 -8.30 -8.69
C VAL B 107 1.25 -9.59 -8.41
N GLN B 108 1.26 -10.02 -7.14
CA GLN B 108 0.52 -11.21 -6.63
C GLN B 108 -0.96 -11.13 -7.04
N ASN B 109 -1.59 -9.97 -6.82
CA ASN B 109 -3.05 -9.74 -7.03
C ASN B 109 -3.39 -9.83 -8.52
N LYS B 110 -2.57 -9.24 -9.39
CA LYS B 110 -2.79 -9.24 -10.86
C LYS B 110 -2.56 -10.65 -11.42
N LEU B 111 -1.68 -11.43 -10.79
CA LEU B 111 -1.41 -12.86 -11.15
C LEU B 111 -2.64 -13.70 -10.80
N GLN B 112 -3.21 -13.51 -9.60
CA GLN B 112 -4.39 -14.26 -9.08
C GLN B 112 -5.54 -14.21 -10.09
N LEU B 113 -5.79 -13.04 -10.68
CA LEU B 113 -6.89 -12.80 -11.66
C LEU B 113 -6.58 -13.46 -13.01
N ALA B 114 -5.30 -13.72 -13.29
CA ALA B 114 -4.80 -14.32 -14.55
C ALA B 114 -4.67 -15.85 -14.42
N MET B 115 -4.86 -16.40 -13.22
CA MET B 115 -4.68 -17.86 -12.93
C MET B 115 -5.68 -18.68 -13.76
N PRO B 116 -6.96 -18.28 -13.88
CA PRO B 116 -7.91 -19.01 -14.72
C PRO B 116 -7.56 -19.06 -16.22
N LEU B 117 -6.66 -18.17 -16.68
CA LEU B 117 -6.22 -18.09 -18.11
C LEU B 117 -5.11 -19.13 -18.36
N LEU B 118 -4.43 -19.61 -17.32
CA LEU B 118 -3.29 -20.56 -17.42
C LEU B 118 -3.83 -21.98 -17.61
N PRO B 119 -3.00 -22.94 -18.06
CA PRO B 119 -3.41 -24.34 -18.14
C PRO B 119 -3.64 -24.97 -16.76
N GLN B 120 -4.46 -26.02 -16.69
CA GLN B 120 -4.83 -26.72 -15.43
C GLN B 120 -3.58 -27.29 -14.75
N GLU B 121 -2.64 -27.84 -15.54
CA GLU B 121 -1.38 -28.46 -15.05
C GLU B 121 -0.53 -27.41 -14.32
N VAL B 122 -0.50 -26.18 -14.84
CA VAL B 122 0.26 -25.03 -14.26
C VAL B 122 -0.48 -24.55 -12.99
N GLN B 123 -1.81 -24.48 -13.04
CA GLN B 123 -2.67 -24.08 -11.90
C GLN B 123 -2.52 -25.09 -10.75
N GLN B 124 -2.43 -26.38 -11.08
CA GLN B 124 -2.29 -27.49 -10.10
C GLN B 124 -0.95 -27.36 -9.37
N GLN B 125 0.15 -27.21 -10.12
CA GLN B 125 1.52 -26.93 -9.59
C GLN B 125 1.49 -25.60 -8.83
N GLY B 126 0.79 -24.60 -9.37
CA GLY B 126 0.64 -23.26 -8.79
C GLY B 126 1.83 -22.36 -9.14
N VAL B 127 1.68 -21.06 -8.90
CA VAL B 127 2.68 -20.01 -9.25
C VAL B 127 3.08 -19.27 -7.96
N SER B 128 4.39 -19.09 -7.73
CA SER B 128 4.98 -18.44 -6.53
C SER B 128 5.44 -17.03 -6.89
N VAL B 129 5.18 -16.05 -6.00
CA VAL B 129 5.62 -14.64 -6.12
C VAL B 129 6.47 -14.30 -4.88
N GLU B 130 7.77 -14.08 -5.08
CA GLU B 130 8.78 -13.89 -4.00
C GLU B 130 9.62 -12.63 -4.28
N LYS B 131 10.21 -12.06 -3.23
CA LYS B 131 11.29 -11.03 -3.33
C LYS B 131 12.60 -11.77 -3.67
N SER B 132 13.21 -11.45 -4.81
CA SER B 132 14.45 -12.07 -5.33
C SER B 132 15.66 -11.15 -5.12
N SER B 133 15.43 -9.93 -4.62
CA SER B 133 16.47 -8.87 -4.46
C SER B 133 17.35 -9.16 -3.23
N SER B 134 16.82 -9.86 -2.22
CA SER B 134 17.53 -10.22 -0.97
C SER B 134 18.50 -11.38 -1.23
N SER B 135 19.45 -11.60 -0.31
CA SER B 135 20.53 -12.63 -0.41
C SER B 135 20.57 -13.45 0.89
N PHE B 136 21.38 -14.53 0.89
CA PHE B 136 21.47 -15.53 1.98
C PHE B 136 22.46 -15.08 3.06
N LEU B 137 22.08 -15.29 4.33
CA LEU B 137 22.95 -15.08 5.52
C LEU B 137 23.94 -16.25 5.62
N MET B 138 23.43 -17.48 5.46
CA MET B 138 24.24 -18.74 5.45
C MET B 138 23.47 -19.84 4.72
N VAL B 139 24.18 -20.85 4.21
CA VAL B 139 23.61 -22.07 3.58
C VAL B 139 24.02 -23.27 4.45
N VAL B 140 23.07 -23.82 5.20
CA VAL B 140 23.28 -25.03 6.07
C VAL B 140 23.17 -26.28 5.20
N GLY B 141 24.30 -26.95 4.96
CA GLY B 141 24.36 -28.22 4.19
C GLY B 141 24.06 -29.40 5.09
N VAL B 142 23.30 -30.38 4.57
CA VAL B 142 22.93 -31.65 5.26
C VAL B 142 23.37 -32.82 4.37
N ILE B 143 24.20 -33.71 4.90
CA ILE B 143 24.87 -34.82 4.16
C ILE B 143 24.58 -36.15 4.86
N ASN B 144 24.99 -37.27 4.24
CA ASN B 144 24.90 -38.64 4.80
C ASN B 144 26.24 -39.35 4.53
N THR B 145 26.99 -39.63 5.61
CA THR B 145 28.38 -40.16 5.55
C THR B 145 28.39 -41.68 5.34
N ASP B 146 27.46 -42.40 6.00
CA ASP B 146 27.43 -43.89 6.03
C ASP B 146 26.85 -44.44 4.72
N GLY B 147 26.29 -43.58 3.86
CA GLY B 147 25.81 -43.94 2.51
C GLY B 147 24.54 -44.78 2.55
N THR B 148 23.67 -44.53 3.54
CA THR B 148 22.37 -45.22 3.75
C THR B 148 21.22 -44.41 3.14
N MET B 149 21.45 -43.11 2.87
CA MET B 149 20.41 -42.16 2.38
C MET B 149 20.88 -41.55 1.04
N THR B 150 19.94 -41.39 0.10
CA THR B 150 20.10 -40.62 -1.16
C THR B 150 19.82 -39.14 -0.87
N GLN B 151 20.04 -38.26 -1.86
CA GLN B 151 19.78 -36.80 -1.72
C GLN B 151 18.26 -36.57 -1.56
N GLU B 152 17.44 -37.45 -2.12
CA GLU B 152 15.95 -37.43 -2.01
C GLU B 152 15.56 -37.72 -0.55
N ASP B 153 16.21 -38.71 0.06
CA ASP B 153 15.94 -39.17 1.45
C ASP B 153 16.32 -38.07 2.44
N ILE B 154 17.46 -37.40 2.23
CA ILE B 154 17.99 -36.31 3.10
C ILE B 154 17.05 -35.11 3.02
N SER B 155 16.68 -34.71 1.79
CA SER B 155 15.80 -33.55 1.50
C SER B 155 14.46 -33.69 2.23
N ASP B 156 13.90 -34.91 2.27
CA ASP B 156 12.60 -35.22 2.92
C ASP B 156 12.70 -35.01 4.43
N TYR B 157 13.78 -35.47 5.05
CA TYR B 157 14.04 -35.33 6.51
C TYR B 157 14.17 -33.85 6.87
N VAL B 158 14.91 -33.09 6.04
CA VAL B 158 15.15 -31.62 6.23
C VAL B 158 13.81 -30.88 6.14
N ALA B 159 12.95 -31.26 5.18
CA ALA B 159 11.61 -30.67 4.97
C ALA B 159 10.70 -31.00 6.15
N ALA B 160 10.77 -32.24 6.67
CA ALA B 160 9.84 -32.79 7.68
C ALA B 160 10.27 -32.39 9.10
N ASN B 161 11.57 -32.43 9.41
CA ASN B 161 12.09 -32.46 10.80
C ASN B 161 13.02 -31.28 11.11
N MET B 162 13.33 -30.40 10.14
CA MET B 162 14.34 -29.31 10.33
C MET B 162 13.78 -27.96 9.87
N LYS B 163 13.37 -27.86 8.59
CA LYS B 163 13.00 -26.60 7.90
C LYS B 163 12.09 -25.74 8.79
N ASP B 164 11.01 -26.32 9.33
CA ASP B 164 9.96 -25.61 10.12
C ASP B 164 10.60 -24.99 11.38
N ALA B 165 11.44 -25.75 12.09
CA ALA B 165 12.09 -25.34 13.35
C ALA B 165 13.12 -24.23 13.08
N ILE B 166 13.78 -24.27 11.93
CA ILE B 166 14.78 -23.23 11.49
C ILE B 166 14.03 -21.94 11.14
N SER B 167 12.83 -22.06 10.54
CA SER B 167 11.95 -20.93 10.16
C SER B 167 11.44 -20.20 11.41
N ARG B 168 11.21 -20.93 12.50
CA ARG B 168 10.65 -20.39 13.77
C ARG B 168 11.76 -19.79 14.64
N THR B 169 13.03 -20.01 14.29
CA THR B 169 14.22 -19.47 15.00
C THR B 169 14.22 -17.94 14.90
N SER B 170 14.70 -17.26 15.95
CA SER B 170 14.70 -15.78 16.10
C SER B 170 15.60 -15.14 15.05
N GLY B 171 15.04 -14.21 14.26
CA GLY B 171 15.79 -13.37 13.29
C GLY B 171 15.89 -13.99 11.90
N VAL B 172 15.31 -15.18 11.70
CA VAL B 172 15.32 -15.91 10.39
C VAL B 172 14.20 -15.34 9.51
N GLY B 173 14.57 -14.73 8.37
CA GLY B 173 13.65 -14.08 7.43
C GLY B 173 12.93 -15.08 6.54
N ASP B 174 13.70 -15.94 5.85
CA ASP B 174 13.17 -16.92 4.86
C ASP B 174 14.09 -18.14 4.81
N VAL B 175 13.51 -19.32 4.59
CA VAL B 175 14.23 -20.63 4.48
C VAL B 175 13.79 -21.32 3.18
N GLN B 176 14.73 -21.52 2.24
CA GLN B 176 14.51 -22.26 0.97
C GLN B 176 15.11 -23.66 1.09
N LEU B 177 14.35 -24.69 0.73
CA LEU B 177 14.79 -26.11 0.74
C LEU B 177 15.60 -26.40 -0.53
N PHE B 178 16.88 -26.73 -0.38
CA PHE B 178 17.80 -27.13 -1.48
C PHE B 178 17.48 -28.57 -1.88
N GLY B 179 16.37 -28.74 -2.62
CA GLY B 179 15.77 -30.04 -2.95
C GLY B 179 14.26 -30.01 -2.74
N SER B 180 13.63 -31.18 -2.58
CA SER B 180 12.17 -31.33 -2.36
C SER B 180 11.89 -32.51 -1.42
N GLN B 181 10.77 -32.45 -0.70
CA GLN B 181 10.23 -33.57 0.12
C GLN B 181 9.86 -34.72 -0.82
N TYR B 182 9.56 -35.91 -0.26
CA TYR B 182 9.22 -37.13 -1.04
C TYR B 182 8.03 -36.86 -1.96
N ALA B 183 7.94 -37.64 -3.03
CA ALA B 183 6.77 -37.74 -3.93
C ALA B 183 6.52 -39.22 -4.23
N MET B 184 5.26 -39.65 -4.23
CA MET B 184 4.88 -41.04 -4.60
C MET B 184 5.08 -41.19 -6.12
N ARG B 185 6.18 -41.84 -6.52
CA ARG B 185 6.58 -42.02 -7.93
C ARG B 185 6.05 -43.37 -8.43
N ILE B 186 5.11 -43.33 -9.38
CA ILE B 186 4.61 -44.52 -10.14
C ILE B 186 5.43 -44.59 -11.44
N TRP B 187 6.42 -45.49 -11.50
CA TRP B 187 7.29 -45.71 -12.68
C TRP B 187 6.63 -46.73 -13.61
N MET B 188 5.89 -46.24 -14.61
CA MET B 188 5.02 -47.05 -15.52
C MET B 188 5.88 -47.89 -16.46
N ASN B 189 5.31 -49.01 -16.92
CA ASN B 189 5.96 -49.98 -17.84
C ASN B 189 5.03 -50.18 -19.05
N PRO B 190 5.47 -49.86 -20.28
CA PRO B 190 4.60 -49.95 -21.46
C PRO B 190 4.30 -51.39 -21.88
N ASN B 191 5.23 -52.31 -21.60
CA ASN B 191 5.12 -53.76 -21.92
C ASN B 191 4.01 -54.38 -21.06
N GLU B 192 4.00 -54.06 -19.75
CA GLU B 192 3.02 -54.58 -18.76
C GLU B 192 1.63 -53.95 -19.01
N LEU B 193 1.59 -52.65 -19.32
CA LEU B 193 0.33 -51.91 -19.61
C LEU B 193 -0.35 -52.49 -20.85
N ASN B 194 0.42 -52.76 -21.91
CA ASN B 194 -0.08 -53.30 -23.21
C ASN B 194 -0.55 -54.75 -23.00
N LYS B 195 0.06 -55.48 -22.05
CA LYS B 195 -0.26 -56.90 -21.73
C LYS B 195 -1.70 -57.01 -21.23
N PHE B 196 -2.12 -56.08 -20.37
CA PHE B 196 -3.46 -56.05 -19.71
C PHE B 196 -4.39 -55.04 -20.40
N GLN B 197 -4.02 -54.56 -21.59
CA GLN B 197 -4.80 -53.57 -22.39
C GLN B 197 -5.13 -52.34 -21.53
N LEU B 198 -4.11 -51.61 -21.08
CA LEU B 198 -4.24 -50.38 -20.24
C LEU B 198 -3.31 -49.28 -20.75
N THR B 199 -3.52 -48.06 -20.25
CA THR B 199 -2.77 -46.83 -20.64
C THR B 199 -2.46 -46.00 -19.39
N PRO B 200 -1.54 -45.01 -19.48
CA PRO B 200 -1.36 -44.03 -18.40
C PRO B 200 -2.64 -43.31 -17.96
N VAL B 201 -3.61 -43.16 -18.88
CA VAL B 201 -4.95 -42.54 -18.61
C VAL B 201 -5.66 -43.39 -17.53
N ASP B 202 -5.62 -44.72 -17.68
CA ASP B 202 -6.25 -45.69 -16.76
C ASP B 202 -5.58 -45.62 -15.38
N VAL B 203 -4.26 -45.41 -15.35
CA VAL B 203 -3.45 -45.29 -14.10
C VAL B 203 -3.86 -44.01 -13.37
N ILE B 204 -4.00 -42.90 -14.10
CA ILE B 204 -4.36 -41.56 -13.54
C ILE B 204 -5.80 -41.61 -12.99
N THR B 205 -6.73 -42.19 -13.76
CA THR B 205 -8.17 -42.33 -13.39
C THR B 205 -8.31 -43.12 -12.09
N ALA B 206 -7.55 -44.20 -11.94
CA ALA B 206 -7.59 -45.13 -10.78
C ALA B 206 -7.02 -44.44 -9.54
N ILE B 207 -5.90 -43.73 -9.67
CA ILE B 207 -5.18 -43.03 -8.55
C ILE B 207 -6.08 -41.91 -8.02
N LYS B 208 -6.71 -41.13 -8.91
CA LYS B 208 -7.63 -40.01 -8.56
C LYS B 208 -8.83 -40.54 -7.76
N ALA B 209 -9.32 -41.72 -8.12
CA ALA B 209 -10.51 -42.37 -7.51
C ALA B 209 -10.16 -42.95 -6.14
N GLN B 210 -9.07 -43.74 -6.06
CA GLN B 210 -8.73 -44.61 -4.91
C GLN B 210 -7.80 -43.89 -3.91
N ASN B 211 -7.38 -42.65 -4.23
CA ASN B 211 -6.59 -41.79 -3.31
C ASN B 211 -7.20 -40.38 -3.34
N ALA B 212 -8.15 -40.11 -2.44
CA ALA B 212 -8.88 -38.81 -2.36
C ALA B 212 -9.63 -38.70 -1.01
N GLN B 213 -9.86 -37.46 -0.56
CA GLN B 213 -10.73 -37.12 0.59
C GLN B 213 -12.19 -37.15 0.11
N VAL B 214 -13.09 -37.74 0.92
CA VAL B 214 -14.55 -37.88 0.62
C VAL B 214 -15.33 -37.28 1.80
N ALA B 215 -16.12 -36.23 1.53
CA ALA B 215 -17.07 -35.61 2.48
C ALA B 215 -18.23 -36.56 2.72
N ALA B 216 -18.62 -36.77 3.99
CA ALA B 216 -19.70 -37.69 4.43
C ALA B 216 -20.82 -36.90 5.10
N GLY B 217 -20.64 -36.52 6.37
CA GLY B 217 -21.65 -35.82 7.18
C GLY B 217 -21.56 -36.16 8.65
N GLN B 218 -22.70 -36.23 9.34
CA GLN B 218 -22.81 -36.47 10.80
C GLN B 218 -23.99 -37.39 11.11
N LEU B 219 -23.84 -38.27 12.11
CA LEU B 219 -24.96 -38.93 12.83
C LEU B 219 -25.65 -37.87 13.69
N GLY B 220 -26.98 -37.80 13.66
CA GLY B 220 -27.78 -36.86 14.47
C GLY B 220 -27.36 -35.42 14.25
N GLY B 221 -27.06 -35.05 13.00
CA GLY B 221 -26.73 -33.67 12.59
C GLY B 221 -27.99 -32.83 12.47
N THR B 222 -27.85 -31.50 12.55
CA THR B 222 -28.98 -30.53 12.54
C THR B 222 -29.49 -30.38 11.11
N PRO B 223 -30.82 -30.22 10.87
CA PRO B 223 -31.83 -30.30 11.93
C PRO B 223 -32.10 -31.74 12.34
N PRO B 224 -32.10 -32.06 13.66
CA PRO B 224 -32.27 -33.43 14.12
C PRO B 224 -33.74 -33.81 14.35
N VAL B 225 -34.02 -35.10 14.57
CA VAL B 225 -35.30 -35.60 15.14
C VAL B 225 -35.23 -35.39 16.65
N LYS B 226 -36.24 -34.72 17.22
CA LYS B 226 -36.33 -34.45 18.68
C LYS B 226 -36.26 -35.79 19.44
N GLY B 227 -35.38 -35.87 20.44
CA GLY B 227 -35.13 -37.08 21.24
C GLY B 227 -33.84 -37.78 20.83
N GLN B 228 -33.05 -37.18 19.93
CA GLN B 228 -31.72 -37.67 19.51
C GLN B 228 -30.74 -37.49 20.67
N GLN B 229 -29.96 -38.53 21.00
CA GLN B 229 -29.02 -38.56 22.16
C GLN B 229 -27.58 -38.34 21.67
N LEU B 230 -27.15 -39.09 20.65
CA LEU B 230 -25.75 -39.09 20.12
C LEU B 230 -25.65 -38.17 18.91
N ASN B 231 -24.55 -37.40 18.83
CA ASN B 231 -24.12 -36.60 17.65
C ASN B 231 -22.63 -36.88 17.39
N ALA B 232 -22.30 -37.42 16.21
CA ALA B 232 -20.93 -37.84 15.83
C ALA B 232 -20.68 -37.54 14.35
N SER B 233 -19.44 -37.17 14.01
CA SER B 233 -18.97 -36.95 12.62
C SER B 233 -18.72 -38.31 11.95
N ILE B 234 -19.20 -38.48 10.71
CA ILE B 234 -18.98 -39.70 9.88
C ILE B 234 -17.69 -39.49 9.08
N ILE B 235 -16.70 -40.36 9.29
CA ILE B 235 -15.40 -40.37 8.55
C ILE B 235 -15.51 -41.39 7.41
N ALA B 236 -15.32 -40.95 6.16
CA ALA B 236 -15.32 -41.81 4.95
C ALA B 236 -13.87 -42.00 4.48
N GLN B 237 -13.67 -42.30 3.19
CA GLN B 237 -12.35 -42.54 2.56
C GLN B 237 -11.46 -41.30 2.72
N THR B 238 -10.31 -41.46 3.39
CA THR B 238 -9.21 -40.46 3.46
C THR B 238 -8.12 -40.87 2.47
N ARG B 239 -7.11 -40.00 2.26
CA ARG B 239 -5.99 -40.23 1.30
C ARG B 239 -5.12 -41.40 1.79
N LEU B 240 -4.47 -42.10 0.85
CA LEU B 240 -3.55 -43.24 1.11
C LEU B 240 -2.24 -42.69 1.68
N THR B 241 -1.48 -43.52 2.42
CA THR B 241 -0.34 -43.08 3.28
C THR B 241 0.88 -43.99 3.14
N SER B 242 0.97 -44.83 2.10
CA SER B 242 2.08 -45.80 1.93
C SER B 242 2.16 -46.32 0.49
N THR B 243 3.35 -46.79 0.09
CA THR B 243 3.65 -47.40 -1.24
C THR B 243 2.87 -48.69 -1.41
N GLU B 244 2.66 -49.45 -0.33
CA GLU B 244 1.92 -50.74 -0.32
C GLU B 244 0.47 -50.50 -0.77
N GLU B 245 -0.17 -49.46 -0.21
CA GLU B 245 -1.58 -49.06 -0.51
C GLU B 245 -1.69 -48.66 -1.99
N PHE B 246 -0.74 -47.88 -2.50
CA PHE B 246 -0.66 -47.45 -3.92
C PHE B 246 -0.45 -48.66 -4.83
N GLY B 247 0.33 -49.65 -4.37
CA GLY B 247 0.56 -50.93 -5.07
C GLY B 247 -0.73 -51.70 -5.29
N LYS B 248 -1.68 -51.62 -4.34
CA LYS B 248 -2.93 -52.42 -4.32
C LYS B 248 -4.06 -51.68 -5.04
N ILE B 249 -3.79 -50.53 -5.68
CA ILE B 249 -4.78 -49.77 -6.49
C ILE B 249 -5.23 -50.66 -7.66
N LEU B 250 -6.52 -51.00 -7.71
CA LEU B 250 -7.14 -51.90 -8.72
C LEU B 250 -7.33 -51.13 -10.03
N LEU B 251 -6.77 -51.63 -11.14
CA LEU B 251 -6.85 -51.03 -12.49
C LEU B 251 -7.94 -51.74 -13.31
N LYS B 252 -7.88 -53.08 -13.37
CA LYS B 252 -8.78 -53.91 -14.22
C LYS B 252 -9.13 -55.23 -13.50
N VAL B 253 -10.27 -55.82 -13.86
CA VAL B 253 -10.73 -57.17 -13.41
C VAL B 253 -11.01 -58.01 -14.66
N ASN B 254 -10.27 -59.12 -14.82
CA ASN B 254 -10.35 -60.03 -15.99
C ASN B 254 -11.53 -61.00 -15.83
N GLN B 255 -11.87 -61.75 -16.88
CA GLN B 255 -12.99 -62.73 -16.91
C GLN B 255 -12.70 -63.88 -15.94
N ASP B 256 -11.48 -64.40 -15.94
CA ASP B 256 -11.06 -65.58 -15.13
C ASP B 256 -11.13 -65.23 -13.63
N GLY B 257 -10.88 -63.97 -13.26
CA GLY B 257 -11.07 -63.46 -11.89
C GLY B 257 -9.82 -62.84 -11.29
N SER B 258 -8.68 -62.91 -11.99
CA SER B 258 -7.38 -62.35 -11.54
C SER B 258 -7.46 -60.81 -11.50
N ARG B 259 -6.84 -60.20 -10.48
CA ARG B 259 -6.89 -58.73 -10.21
C ARG B 259 -5.62 -58.08 -10.73
N VAL B 260 -5.75 -57.15 -11.69
CA VAL B 260 -4.64 -56.33 -12.25
C VAL B 260 -4.46 -55.09 -11.36
N LEU B 261 -3.42 -55.09 -10.52
CA LEU B 261 -3.10 -53.98 -9.58
C LEU B 261 -2.09 -53.03 -10.23
N LEU B 262 -1.74 -51.94 -9.54
CA LEU B 262 -0.83 -50.88 -10.06
C LEU B 262 0.63 -51.33 -9.93
N ARG B 263 0.95 -52.19 -8.95
CA ARG B 263 2.32 -52.73 -8.74
C ARG B 263 2.65 -53.77 -9.81
N ASP B 264 1.63 -54.29 -10.50
CA ASP B 264 1.75 -55.33 -11.57
C ASP B 264 2.18 -54.68 -12.90
N VAL B 265 2.06 -53.35 -13.04
CA VAL B 265 2.38 -52.61 -14.30
C VAL B 265 3.27 -51.39 -14.01
N ALA B 266 3.86 -51.28 -12.82
CA ALA B 266 4.72 -50.13 -12.43
C ALA B 266 5.51 -50.44 -11.15
N LYS B 267 6.72 -49.89 -11.06
CA LYS B 267 7.55 -49.85 -9.82
C LYS B 267 7.12 -48.64 -9.00
N ILE B 268 6.85 -48.83 -7.71
CA ILE B 268 6.31 -47.78 -6.78
C ILE B 268 7.30 -47.58 -5.63
N GLU B 269 7.77 -46.34 -5.45
CA GLU B 269 8.75 -45.96 -4.39
C GLU B 269 8.60 -44.47 -4.07
N LEU B 270 9.03 -44.07 -2.88
CA LEU B 270 9.16 -42.64 -2.46
C LEU B 270 10.42 -42.07 -3.11
N GLY B 271 10.26 -41.09 -4.01
CA GLY B 271 11.36 -40.42 -4.73
C GLY B 271 11.25 -38.90 -4.63
N GLY B 272 12.02 -38.19 -5.44
CA GLY B 272 12.00 -36.71 -5.54
C GLY B 272 10.94 -36.23 -6.52
N GLU B 273 10.51 -34.98 -6.39
CA GLU B 273 9.53 -34.33 -7.30
C GLU B 273 10.20 -34.10 -8.67
N ASN B 274 11.46 -33.66 -8.66
CA ASN B 274 12.26 -33.36 -9.88
C ASN B 274 13.64 -34.01 -9.72
N TYR B 275 14.21 -34.52 -10.82
CA TYR B 275 15.50 -35.27 -10.85
C TYR B 275 16.55 -34.50 -11.67
N ASP B 276 16.30 -33.21 -11.97
CA ASP B 276 17.21 -32.35 -12.77
C ASP B 276 18.49 -32.07 -11.97
N ILE B 277 18.37 -31.80 -10.68
CA ILE B 277 19.51 -31.45 -9.78
C ILE B 277 20.07 -32.74 -9.14
N ILE B 278 21.38 -32.92 -9.22
CA ILE B 278 22.15 -33.93 -8.41
C ILE B 278 23.20 -33.16 -7.59
N ALA B 279 22.89 -32.88 -6.32
CA ALA B 279 23.74 -32.14 -5.36
C ALA B 279 24.61 -33.14 -4.59
N GLU B 280 25.92 -32.92 -4.56
CA GLU B 280 26.91 -33.76 -3.83
C GLU B 280 27.83 -32.85 -3.01
N PHE B 281 28.24 -33.31 -1.82
CA PHE B 281 29.18 -32.62 -0.90
C PHE B 281 30.38 -33.54 -0.66
N ASN B 282 31.44 -33.35 -1.45
CA ASN B 282 32.70 -34.16 -1.44
C ASN B 282 32.36 -35.62 -1.80
N GLY B 283 31.50 -35.81 -2.80
CA GLY B 283 31.13 -37.14 -3.35
C GLY B 283 29.85 -37.68 -2.74
N GLN B 284 29.63 -37.46 -1.44
CA GLN B 284 28.47 -37.98 -0.67
C GLN B 284 27.19 -37.27 -1.12
N PRO B 285 26.01 -37.92 -1.05
CA PRO B 285 24.74 -37.25 -1.34
C PRO B 285 24.46 -36.16 -0.30
N ALA B 286 23.85 -35.04 -0.72
CA ALA B 286 23.67 -33.83 0.11
C ALA B 286 22.38 -33.09 -0.27
N SER B 287 21.76 -32.44 0.73
CA SER B 287 20.69 -31.41 0.59
C SER B 287 21.17 -30.13 1.29
N GLY B 288 20.27 -29.21 1.64
CA GLY B 288 20.63 -28.01 2.41
C GLY B 288 19.46 -27.08 2.66
N LEU B 289 19.72 -25.99 3.40
CA LEU B 289 18.76 -24.91 3.71
C LEU B 289 19.44 -23.55 3.48
N GLY B 290 18.97 -22.80 2.47
CA GLY B 290 19.36 -21.40 2.25
C GLY B 290 18.60 -20.47 3.18
N ILE B 291 19.27 -19.94 4.20
CA ILE B 291 18.67 -19.06 5.25
C ILE B 291 18.95 -17.60 4.90
N LYS B 292 17.91 -16.76 4.92
CA LYS B 292 17.99 -15.28 4.69
C LYS B 292 17.67 -14.57 6.01
N LEU B 293 18.35 -13.45 6.28
CA LEU B 293 18.19 -12.63 7.51
C LEU B 293 16.91 -11.81 7.41
N ALA B 294 16.12 -11.78 8.49
CA ALA B 294 14.86 -11.00 8.62
C ALA B 294 15.19 -9.51 8.70
N THR B 295 14.20 -8.65 8.45
CA THR B 295 14.33 -7.17 8.48
C THR B 295 14.59 -6.71 9.92
N GLY B 296 15.62 -5.88 10.12
CA GLY B 296 16.00 -5.31 11.43
C GLY B 296 16.57 -6.34 12.38
N ALA B 297 16.99 -7.50 11.87
CA ALA B 297 17.50 -8.64 12.66
C ALA B 297 19.02 -8.51 12.83
N ASN B 298 19.56 -9.08 13.91
CA ASN B 298 21.02 -9.12 14.22
C ASN B 298 21.60 -10.39 13.60
N ALA B 299 22.52 -10.25 12.65
CA ALA B 299 23.13 -11.35 11.86
C ALA B 299 23.95 -12.27 12.77
N LEU B 300 24.63 -11.70 13.78
CA LEU B 300 25.48 -12.45 14.74
C LEU B 300 24.59 -13.33 15.64
N ASP B 301 23.48 -12.77 16.13
CA ASP B 301 22.53 -13.45 17.04
C ASP B 301 21.78 -14.56 16.28
N THR B 302 21.33 -14.25 15.05
CA THR B 302 20.54 -15.18 14.19
C THR B 302 21.37 -16.44 13.88
N ALA B 303 22.62 -16.27 13.47
CA ALA B 303 23.55 -17.37 13.12
C ALA B 303 23.80 -18.26 14.34
N ALA B 304 23.99 -17.65 15.52
CA ALA B 304 24.19 -18.34 16.82
C ALA B 304 22.92 -19.12 17.18
N ALA B 305 21.75 -18.52 16.95
CA ALA B 305 20.42 -19.10 17.23
C ALA B 305 20.16 -20.29 16.30
N ILE B 306 20.54 -20.17 15.02
CA ILE B 306 20.43 -21.25 13.99
C ILE B 306 21.27 -22.45 14.42
N ARG B 307 22.51 -22.21 14.85
CA ARG B 307 23.47 -23.25 15.32
C ARG B 307 22.95 -23.89 16.61
N ALA B 308 22.33 -23.08 17.49
CA ALA B 308 21.75 -23.52 18.79
C ALA B 308 20.57 -24.48 18.53
N GLU B 309 19.71 -24.14 17.56
CA GLU B 309 18.50 -24.93 17.22
C GLU B 309 18.91 -26.22 16.49
N LEU B 310 19.96 -26.16 15.66
CA LEU B 310 20.50 -27.33 14.92
C LEU B 310 21.12 -28.32 15.92
N ALA B 311 21.69 -27.83 17.02
CA ALA B 311 22.30 -28.62 18.11
C ALA B 311 21.22 -29.44 18.83
N LYS B 312 20.01 -28.87 19.00
CA LYS B 312 18.86 -29.53 19.68
C LYS B 312 18.33 -30.70 18.85
N MET B 313 18.53 -30.68 17.53
CA MET B 313 18.04 -31.71 16.57
C MET B 313 19.04 -32.87 16.45
N GLU B 314 20.25 -32.72 17.01
CA GLU B 314 21.37 -33.69 16.87
C GLU B 314 20.94 -35.09 17.32
N PRO B 315 20.30 -35.26 18.51
CA PRO B 315 19.92 -36.58 18.99
C PRO B 315 18.89 -37.33 18.11
N PHE B 316 18.09 -36.61 17.32
CA PHE B 316 16.92 -37.15 16.57
C PHE B 316 17.30 -37.50 15.13
N PHE B 317 18.52 -37.15 14.68
CA PHE B 317 19.02 -37.45 13.31
C PHE B 317 19.22 -38.94 13.13
N PRO B 318 19.01 -39.50 11.91
CA PRO B 318 19.42 -40.87 11.60
C PRO B 318 20.94 -41.05 11.65
N SER B 319 21.40 -42.31 11.63
CA SER B 319 22.84 -42.69 11.68
C SER B 319 23.53 -42.19 10.40
N GLY B 320 24.61 -41.41 10.57
CA GLY B 320 25.47 -40.95 9.46
C GLY B 320 25.12 -39.56 8.95
N LEU B 321 24.00 -38.98 9.41
CA LEU B 321 23.57 -37.61 9.03
C LEU B 321 24.41 -36.59 9.81
N LYS B 322 24.99 -35.61 9.11
CA LYS B 322 25.85 -34.55 9.69
C LYS B 322 25.48 -33.20 9.08
N ILE B 323 25.58 -32.12 9.87
CA ILE B 323 25.36 -30.71 9.44
C ILE B 323 26.72 -30.10 9.05
N VAL B 324 26.76 -29.37 7.94
CA VAL B 324 27.98 -28.66 7.42
C VAL B 324 27.59 -27.23 7.03
N TYR B 325 28.58 -26.34 6.98
CA TYR B 325 28.41 -24.87 6.77
C TYR B 325 29.31 -24.40 5.64
N PRO B 326 29.00 -24.78 4.37
CA PRO B 326 29.80 -24.36 3.21
C PRO B 326 29.81 -22.83 3.00
N TYR B 327 28.66 -22.17 3.16
CA TYR B 327 28.49 -20.70 3.04
C TYR B 327 27.97 -20.13 4.37
N ASP B 328 28.72 -19.18 4.94
CA ASP B 328 28.34 -18.46 6.20
C ASP B 328 29.07 -17.11 6.21
N THR B 329 28.31 -16.01 6.13
CA THR B 329 28.82 -14.63 6.05
C THR B 329 29.12 -14.07 7.45
N THR B 330 28.62 -14.72 8.50
CA THR B 330 28.69 -14.23 9.91
C THR B 330 30.14 -14.15 10.38
N PRO B 331 30.98 -15.20 10.17
CA PRO B 331 32.42 -15.09 10.44
C PRO B 331 33.10 -13.85 9.83
N PHE B 332 32.72 -13.48 8.60
CA PHE B 332 33.26 -12.31 7.86
C PHE B 332 32.86 -11.02 8.57
N VAL B 333 31.57 -10.90 8.94
CA VAL B 333 30.98 -9.71 9.63
C VAL B 333 31.56 -9.61 11.05
N LYS B 334 31.87 -10.76 11.67
CA LYS B 334 32.50 -10.84 13.02
C LYS B 334 33.87 -10.15 12.97
N ILE B 335 34.67 -10.45 11.94
CA ILE B 335 36.03 -9.87 11.71
C ILE B 335 35.88 -8.40 11.32
N SER B 336 34.91 -8.07 10.47
CA SER B 336 34.61 -6.69 9.99
C SER B 336 34.42 -5.75 11.18
N ILE B 337 33.67 -6.18 12.20
CA ILE B 337 33.38 -5.39 13.43
C ILE B 337 34.67 -5.28 14.27
N HIS B 338 35.33 -6.42 14.52
CA HIS B 338 36.54 -6.54 15.37
C HIS B 338 37.67 -5.63 14.84
N GLU B 339 37.83 -5.56 13.51
CA GLU B 339 38.89 -4.76 12.84
C GLU B 339 38.56 -3.26 12.91
N VAL B 340 37.28 -2.89 12.82
CA VAL B 340 36.81 -1.48 12.86
C VAL B 340 36.89 -0.96 14.30
N VAL B 341 36.50 -1.79 15.28
CA VAL B 341 36.61 -1.48 16.74
C VAL B 341 38.10 -1.31 17.10
N LYS B 342 38.98 -2.15 16.54
CA LYS B 342 40.45 -2.07 16.74
C LYS B 342 40.96 -0.73 16.21
N THR B 343 40.57 -0.36 14.98
CA THR B 343 41.00 0.88 14.28
C THR B 343 40.61 2.11 15.10
N LEU B 344 39.38 2.14 15.63
CA LEU B 344 38.84 3.28 16.42
C LEU B 344 39.57 3.40 17.76
N VAL B 345 39.90 2.27 18.40
CA VAL B 345 40.61 2.21 19.70
C VAL B 345 42.09 2.60 19.48
N GLU B 346 42.71 2.03 18.45
CA GLU B 346 44.13 2.33 18.05
C GLU B 346 44.26 3.83 17.71
N ALA B 347 43.27 4.39 17.01
CA ALA B 347 43.20 5.81 16.61
C ALA B 347 43.23 6.70 17.86
N ILE B 348 42.46 6.34 18.89
CA ILE B 348 42.38 7.08 20.19
C ILE B 348 43.70 6.93 20.94
N ILE B 349 44.34 5.75 20.86
CA ILE B 349 45.66 5.44 21.50
C ILE B 349 46.74 6.30 20.83
N LEU B 350 46.71 6.41 19.49
CA LEU B 350 47.71 7.19 18.71
C LEU B 350 47.57 8.68 19.01
N VAL B 351 46.34 9.17 19.23
CA VAL B 351 46.05 10.58 19.63
C VAL B 351 46.67 10.83 21.00
N PHE B 352 46.49 9.89 21.94
CA PHE B 352 47.04 9.95 23.32
C PHE B 352 48.57 10.12 23.28
N LEU B 353 49.24 9.34 22.41
CA LEU B 353 50.72 9.36 22.24
C LEU B 353 51.17 10.69 21.63
N VAL B 354 50.55 11.10 20.52
CA VAL B 354 50.92 12.34 19.76
C VAL B 354 50.64 13.57 20.63
N MET B 355 49.51 13.58 21.36
CA MET B 355 49.13 14.68 22.28
C MET B 355 50.19 14.82 23.39
N TYR B 356 50.69 13.69 23.91
CA TYR B 356 51.72 13.64 24.97
C TYR B 356 53.10 14.00 24.40
N LEU B 357 53.33 13.67 23.12
CA LEU B 357 54.63 13.91 22.42
C LEU B 357 54.90 15.41 22.31
N PHE B 358 53.87 16.20 21.97
CA PHE B 358 53.97 17.65 21.66
C PHE B 358 53.66 18.49 22.92
N LEU B 359 52.49 18.25 23.55
CA LEU B 359 51.97 19.09 24.67
C LEU B 359 52.63 18.67 26.00
N GLN B 360 52.87 17.36 26.18
CA GLN B 360 53.70 16.79 27.28
C GLN B 360 53.03 17.03 28.64
N ASN B 361 51.79 16.57 28.79
CA ASN B 361 51.05 16.50 30.09
C ASN B 361 49.84 15.58 29.92
N PHE B 362 49.51 14.80 30.95
CA PHE B 362 48.48 13.73 30.93
C PHE B 362 47.08 14.35 30.92
N ARG B 363 46.88 15.51 31.57
CA ARG B 363 45.57 16.20 31.68
C ARG B 363 45.08 16.62 30.29
N ALA B 364 45.99 17.00 29.39
CA ALA B 364 45.69 17.42 28.00
C ALA B 364 45.28 16.21 27.16
N THR B 365 45.92 15.05 27.36
CA THR B 365 45.75 13.82 26.56
C THR B 365 44.39 13.16 26.86
N LEU B 366 43.79 13.43 28.03
CA LEU B 366 42.50 12.84 28.47
C LEU B 366 41.33 13.49 27.72
N ILE B 367 41.48 14.73 27.25
CA ILE B 367 40.36 15.55 26.68
C ILE B 367 39.90 14.95 25.35
N PRO B 368 40.80 14.64 24.39
CA PRO B 368 40.41 13.88 23.20
C PRO B 368 39.91 12.46 23.51
N THR B 369 40.49 11.80 24.51
CA THR B 369 40.18 10.40 24.93
C THR B 369 38.73 10.32 25.41
N ILE B 370 38.19 11.41 25.98
CA ILE B 370 36.76 11.52 26.42
C ILE B 370 35.90 11.93 25.22
N ALA B 371 36.33 12.96 24.48
CA ALA B 371 35.54 13.66 23.45
C ALA B 371 35.22 12.75 22.25
N VAL B 372 36.20 11.95 21.80
CA VAL B 372 36.09 11.14 20.55
C VAL B 372 35.08 10.01 20.74
N PRO B 373 35.16 9.18 21.81
CA PRO B 373 34.12 8.20 22.11
C PRO B 373 32.69 8.78 22.23
N VAL B 374 32.56 9.97 22.81
CA VAL B 374 31.25 10.68 22.99
C VAL B 374 30.62 10.91 21.61
N VAL B 375 31.43 11.35 20.63
CA VAL B 375 30.98 11.66 19.24
C VAL B 375 30.63 10.33 18.53
N LEU B 376 31.50 9.32 18.64
CA LEU B 376 31.33 7.99 18.00
C LEU B 376 30.07 7.31 18.55
N LEU B 377 29.86 7.34 19.87
CA LEU B 377 28.64 6.80 20.53
C LEU B 377 27.40 7.54 19.99
N GLY B 378 27.44 8.88 19.99
CA GLY B 378 26.35 9.74 19.49
C GLY B 378 25.97 9.42 18.05
N THR B 379 26.96 9.07 17.21
CA THR B 379 26.79 8.76 15.77
C THR B 379 25.86 7.54 15.62
N PHE B 380 26.06 6.51 16.43
CA PHE B 380 25.24 5.26 16.44
C PHE B 380 23.78 5.59 16.74
N ALA B 381 23.54 6.54 17.66
CA ALA B 381 22.19 7.01 18.06
C ALA B 381 21.50 7.73 16.90
N VAL B 382 22.25 8.53 16.14
CA VAL B 382 21.73 9.27 14.95
C VAL B 382 21.46 8.28 13.81
N LEU B 383 22.33 7.28 13.63
CA LEU B 383 22.15 6.18 12.64
C LEU B 383 20.89 5.37 13.00
N ALA B 384 20.67 5.12 14.29
CA ALA B 384 19.49 4.41 14.84
C ALA B 384 18.21 5.19 14.53
N ALA B 385 18.26 6.53 14.67
CA ALA B 385 17.13 7.46 14.41
C ALA B 385 16.77 7.44 12.91
N PHE B 386 17.78 7.42 12.03
CA PHE B 386 17.62 7.39 10.55
C PHE B 386 17.22 5.98 10.08
N GLY B 387 17.34 4.97 10.96
CA GLY B 387 16.93 3.59 10.69
C GLY B 387 17.98 2.81 9.93
N PHE B 388 19.26 3.12 10.17
CA PHE B 388 20.43 2.49 9.52
C PHE B 388 20.87 1.29 10.37
N SER B 389 21.60 0.36 9.75
CA SER B 389 22.15 -0.88 10.38
C SER B 389 23.68 -0.76 10.47
N ILE B 390 24.28 -1.48 11.42
CA ILE B 390 25.76 -1.67 11.53
C ILE B 390 26.17 -2.65 10.44
N ASN B 391 26.71 -2.15 9.32
CA ASN B 391 27.11 -2.95 8.14
C ASN B 391 28.49 -2.48 7.65
N THR B 392 29.04 -3.15 6.65
CA THR B 392 30.40 -2.89 6.09
C THR B 392 30.50 -1.41 5.64
N LEU B 393 29.46 -0.88 5.00
CA LEU B 393 29.45 0.50 4.44
C LEU B 393 29.44 1.53 5.57
N THR B 394 28.57 1.33 6.58
CA THR B 394 28.41 2.24 7.75
C THR B 394 29.65 2.14 8.65
N MET B 395 30.25 0.96 8.76
CA MET B 395 31.44 0.71 9.63
C MET B 395 32.68 1.41 9.05
N PHE B 396 32.90 1.31 7.73
CA PHE B 396 34.03 1.98 7.03
C PHE B 396 33.74 3.48 6.89
N GLY B 397 32.46 3.86 6.96
CA GLY B 397 32.03 5.28 7.04
C GLY B 397 32.56 5.94 8.30
N MET B 398 32.59 5.21 9.42
CA MET B 398 33.14 5.66 10.73
C MET B 398 34.66 5.82 10.61
N VAL B 399 35.34 4.85 9.98
CA VAL B 399 36.83 4.78 9.87
C VAL B 399 37.33 5.97 9.03
N LEU B 400 36.62 6.31 7.95
CA LEU B 400 36.97 7.43 7.04
C LEU B 400 36.76 8.77 7.75
N ALA B 401 35.86 8.81 8.75
CA ALA B 401 35.49 10.03 9.51
C ALA B 401 36.48 10.30 10.65
N ILE B 402 37.28 9.31 11.04
CA ILE B 402 38.25 9.41 12.19
C ILE B 402 39.13 10.66 12.01
N GLY B 403 39.63 10.91 10.81
CA GLY B 403 40.46 12.07 10.46
C GLY B 403 39.80 13.38 10.89
N LEU B 404 38.49 13.51 10.66
CA LEU B 404 37.71 14.74 10.97
C LEU B 404 37.43 14.82 12.47
N LEU B 405 37.06 13.70 13.10
CA LEU B 405 36.73 13.60 14.55
C LEU B 405 37.96 13.96 15.39
N VAL B 406 39.12 13.36 15.05
CA VAL B 406 40.42 13.53 15.76
C VAL B 406 40.86 15.00 15.68
N ASP B 407 40.70 15.64 14.52
CA ASP B 407 41.13 17.04 14.26
C ASP B 407 40.37 17.99 15.20
N ASP B 408 39.05 17.84 15.30
CA ASP B 408 38.16 18.67 16.17
C ASP B 408 38.70 18.68 17.60
N ALA B 409 39.12 17.53 18.11
CA ALA B 409 39.67 17.35 19.48
C ALA B 409 41.01 18.08 19.61
N ILE B 410 41.94 17.82 18.68
CA ILE B 410 43.34 18.34 18.71
C ILE B 410 43.32 19.86 18.48
N VAL B 411 42.59 20.33 17.47
CA VAL B 411 42.54 21.78 17.06
C VAL B 411 42.15 22.63 18.26
N VAL B 412 41.11 22.22 19.01
CA VAL B 412 40.53 23.00 20.15
C VAL B 412 41.52 23.03 21.32
N VAL B 413 42.06 21.86 21.71
CA VAL B 413 42.94 21.70 22.91
C VAL B 413 44.31 22.36 22.63
N GLU B 414 44.90 22.08 21.46
CA GLU B 414 46.24 22.59 21.06
C GLU B 414 46.24 24.12 21.05
N ASN B 415 45.16 24.74 20.54
CA ASN B 415 45.01 26.21 20.41
C ASN B 415 44.97 26.83 21.82
N VAL B 416 44.33 26.16 22.78
CA VAL B 416 44.24 26.60 24.21
C VAL B 416 45.65 26.52 24.83
N GLU B 417 46.37 25.43 24.57
CA GLU B 417 47.75 25.18 25.09
C GLU B 417 48.71 26.25 24.54
N ARG B 418 48.50 26.68 23.28
CA ARG B 418 49.33 27.71 22.60
C ARG B 418 49.08 29.08 23.24
N VAL B 419 47.80 29.45 23.42
CA VAL B 419 47.37 30.77 23.98
C VAL B 419 47.96 30.93 25.39
N MET B 420 47.94 29.87 26.19
CA MET B 420 48.48 29.86 27.58
C MET B 420 50.00 30.07 27.55
N ALA B 421 50.69 29.47 26.58
CA ALA B 421 52.16 29.51 26.43
C ALA B 421 52.62 30.91 26.00
N GLU B 422 51.93 31.52 25.04
CA GLU B 422 52.36 32.78 24.37
C GLU B 422 51.98 34.00 25.22
N GLU B 423 50.75 34.02 25.78
CA GLU B 423 50.20 35.20 26.50
C GLU B 423 50.35 35.03 28.02
N GLY B 424 50.35 33.79 28.52
CA GLY B 424 50.51 33.47 29.95
C GLY B 424 49.22 33.67 30.73
N LEU B 425 48.08 33.33 30.14
CA LEU B 425 46.73 33.43 30.76
C LEU B 425 46.41 32.12 31.48
N PRO B 426 45.53 32.14 32.51
CA PRO B 426 45.10 30.91 33.18
C PRO B 426 44.14 30.09 32.31
N PRO B 427 43.94 28.79 32.61
CA PRO B 427 43.15 27.89 31.76
C PRO B 427 41.78 28.43 31.31
N LYS B 428 40.99 28.95 32.24
CA LYS B 428 39.58 29.38 32.01
C LYS B 428 39.57 30.58 31.04
N GLU B 429 40.35 31.63 31.33
CA GLU B 429 40.45 32.86 30.51
C GLU B 429 41.09 32.53 29.14
N ALA B 430 42.07 31.62 29.12
CA ALA B 430 42.80 31.19 27.91
C ALA B 430 41.85 30.47 26.94
N THR B 431 40.95 29.64 27.48
CA THR B 431 39.95 28.86 26.69
C THR B 431 38.93 29.81 26.05
N ARG B 432 38.48 30.82 26.79
CA ARG B 432 37.52 31.86 26.30
C ARG B 432 38.10 32.55 25.06
N LYS B 433 39.37 32.95 25.13
CA LYS B 433 40.08 33.68 24.03
C LYS B 433 40.38 32.70 22.89
N SER B 434 40.86 31.50 23.21
CA SER B 434 41.21 30.42 22.24
C SER B 434 39.98 30.04 21.41
N MET B 435 38.85 29.77 22.07
CA MET B 435 37.57 29.40 21.41
C MET B 435 37.05 30.60 20.61
N GLY B 436 37.24 31.82 21.11
CA GLY B 436 36.89 33.08 20.41
C GLY B 436 37.52 33.17 19.03
N GLN B 437 38.72 32.60 18.88
CA GLN B 437 39.53 32.65 17.62
C GLN B 437 39.01 31.61 16.60
N ILE B 438 38.44 30.50 17.06
CA ILE B 438 38.13 29.31 16.20
C ILE B 438 36.62 29.02 16.13
N GLN B 439 35.80 29.54 17.05
CA GLN B 439 34.35 29.18 17.16
C GLN B 439 33.64 29.50 15.84
N GLY B 440 33.95 30.64 15.22
CA GLY B 440 33.38 31.06 13.91
C GLY B 440 33.79 30.12 12.79
N ALA B 441 35.07 29.72 12.78
CA ALA B 441 35.66 28.81 11.77
C ALA B 441 35.03 27.42 11.87
N LEU B 442 34.90 26.88 13.09
CA LEU B 442 34.35 25.53 13.37
C LEU B 442 32.93 25.42 12.81
N VAL B 443 32.11 26.46 12.97
CA VAL B 443 30.72 26.53 12.42
C VAL B 443 30.79 26.59 10.89
N GLY B 444 31.69 27.43 10.36
CA GLY B 444 31.97 27.55 8.92
C GLY B 444 32.37 26.21 8.31
N ILE B 445 33.30 25.50 8.97
CA ILE B 445 33.84 24.17 8.54
C ILE B 445 32.68 23.16 8.47
N ALA B 446 31.79 23.17 9.46
CA ALA B 446 30.59 22.30 9.54
C ALA B 446 29.75 22.46 8.28
N MET B 447 29.49 23.71 7.86
CA MET B 447 28.63 24.06 6.70
C MET B 447 29.35 23.69 5.39
N VAL B 448 30.67 23.86 5.33
CA VAL B 448 31.52 23.50 4.15
C VAL B 448 31.48 21.97 3.98
N LEU B 449 31.78 21.22 5.04
CA LEU B 449 31.83 19.74 5.04
C LEU B 449 30.44 19.15 4.77
N SER B 450 29.37 19.83 5.23
CA SER B 450 27.96 19.49 4.91
C SER B 450 27.75 19.57 3.40
N ALA B 451 28.17 20.67 2.77
CA ALA B 451 28.05 20.95 1.33
C ALA B 451 28.84 19.92 0.51
N VAL B 452 29.92 19.37 1.07
CA VAL B 452 30.77 18.33 0.41
C VAL B 452 30.03 16.99 0.41
N PHE B 453 29.52 16.57 1.58
CA PHE B 453 29.10 15.17 1.87
C PHE B 453 27.59 14.97 1.65
N VAL B 454 26.75 15.97 1.94
CA VAL B 454 25.27 15.83 1.92
C VAL B 454 24.78 15.56 0.49
N PRO B 455 25.26 16.28 -0.55
CA PRO B 455 24.84 15.99 -1.94
C PRO B 455 25.16 14.57 -2.43
N MET B 456 26.10 13.88 -1.79
CA MET B 456 26.49 12.48 -2.11
C MET B 456 25.33 11.52 -1.84
N ALA B 457 24.43 11.87 -0.91
CA ALA B 457 23.28 11.04 -0.49
C ALA B 457 22.19 11.01 -1.57
N PHE B 458 22.13 12.03 -2.43
CA PHE B 458 21.02 12.27 -3.39
C PHE B 458 21.37 11.72 -4.79
N PHE B 459 22.29 10.76 -4.88
CA PHE B 459 22.53 9.96 -6.11
C PHE B 459 21.41 8.91 -6.22
N GLY B 460 21.07 8.51 -7.45
CA GLY B 460 19.96 7.59 -7.75
C GLY B 460 20.43 6.15 -7.93
N GLY B 461 19.59 5.19 -7.52
CA GLY B 461 19.79 3.76 -7.79
C GLY B 461 20.73 3.09 -6.80
N SER B 462 21.34 1.97 -7.22
CA SER B 462 22.20 1.09 -6.38
C SER B 462 23.47 1.83 -5.95
N THR B 463 24.09 2.58 -6.88
CA THR B 463 25.31 3.41 -6.62
C THR B 463 24.98 4.43 -5.52
N GLY B 464 23.88 5.17 -5.68
CA GLY B 464 23.41 6.21 -4.75
C GLY B 464 23.05 5.64 -3.38
N ALA B 465 22.56 4.40 -3.35
CA ALA B 465 22.19 3.66 -2.11
C ALA B 465 23.45 3.44 -1.25
N ILE B 466 24.57 3.06 -1.88
CA ILE B 466 25.89 2.86 -1.22
C ILE B 466 26.43 4.22 -0.74
N TYR B 467 26.40 5.22 -1.63
CA TYR B 467 26.89 6.61 -1.36
C TYR B 467 26.09 7.23 -0.21
N ARG B 468 24.81 6.86 -0.07
CA ARG B 468 23.89 7.35 0.99
C ARG B 468 24.36 6.83 2.36
N GLN B 469 24.87 5.59 2.42
CA GLN B 469 25.33 4.94 3.69
C GLN B 469 26.52 5.72 4.25
N PHE B 470 27.49 6.09 3.40
CA PHE B 470 28.71 6.86 3.78
C PHE B 470 28.32 8.30 4.14
N SER B 471 27.45 8.91 3.31
CA SER B 471 27.00 10.33 3.43
C SER B 471 26.43 10.58 4.84
N ILE B 472 25.35 9.87 5.19
CA ILE B 472 24.60 10.07 6.47
C ILE B 472 25.53 9.75 7.66
N THR B 473 26.38 8.73 7.54
CA THR B 473 27.34 8.30 8.59
C THR B 473 28.36 9.42 8.86
N ILE B 474 29.00 9.93 7.80
CA ILE B 474 30.11 10.93 7.88
C ILE B 474 29.53 12.29 8.32
N VAL B 475 28.41 12.72 7.73
CA VAL B 475 27.74 14.01 8.04
C VAL B 475 27.30 14.01 9.52
N SER B 476 26.73 12.90 10.00
CA SER B 476 26.27 12.71 11.40
C SER B 476 27.45 12.77 12.37
N ALA B 477 28.52 12.01 12.08
CA ALA B 477 29.76 11.94 12.86
C ALA B 477 30.42 13.32 12.93
N MET B 478 30.54 13.99 11.77
CA MET B 478 31.15 15.33 11.62
C MET B 478 30.32 16.37 12.40
N ALA B 479 28.99 16.31 12.28
CA ALA B 479 28.04 17.27 12.89
C ALA B 479 28.15 17.22 14.42
N LEU B 480 28.12 16.02 15.00
CA LEU B 480 28.23 15.78 16.46
C LEU B 480 29.61 16.24 16.96
N SER B 481 30.66 16.03 16.16
CA SER B 481 32.06 16.42 16.47
C SER B 481 32.14 17.94 16.69
N VAL B 482 31.42 18.72 15.86
CA VAL B 482 31.39 20.21 15.93
C VAL B 482 30.63 20.65 17.18
N LEU B 483 29.50 19.99 17.48
CA LEU B 483 28.67 20.25 18.69
C LEU B 483 29.50 19.95 19.94
N VAL B 484 30.19 18.82 19.97
CA VAL B 484 31.07 18.37 21.09
C VAL B 484 32.26 19.33 21.22
N ALA B 485 32.75 19.88 20.10
CA ALA B 485 33.90 20.81 20.03
C ALA B 485 33.51 22.19 20.56
N LEU B 486 32.21 22.53 20.54
CA LEU B 486 31.68 23.85 20.99
C LEU B 486 31.02 23.75 22.37
N ILE B 487 30.64 22.55 22.82
CA ILE B 487 29.89 22.31 24.09
C ILE B 487 30.81 21.67 25.12
N LEU B 488 31.30 20.46 24.84
CA LEU B 488 31.99 19.58 25.84
C LEU B 488 33.47 19.99 25.96
N THR B 489 34.22 19.96 24.85
CA THR B 489 35.71 20.11 24.81
C THR B 489 36.13 21.44 25.45
N PRO B 490 35.45 22.58 25.16
CA PRO B 490 35.79 23.84 25.82
C PRO B 490 35.66 23.78 27.36
N ALA B 491 34.62 23.11 27.86
CA ALA B 491 34.36 22.91 29.30
C ALA B 491 35.48 22.05 29.92
N LEU B 492 35.92 21.02 29.21
CA LEU B 492 37.01 20.09 29.66
C LEU B 492 38.33 20.85 29.73
N CYS B 493 38.63 21.68 28.72
CA CYS B 493 39.86 22.51 28.64
C CYS B 493 39.92 23.47 29.84
N ALA B 494 38.81 24.16 30.13
CA ALA B 494 38.70 25.21 31.18
C ALA B 494 38.87 24.60 32.58
N THR B 495 38.48 23.34 32.77
CA THR B 495 38.41 22.67 34.10
C THR B 495 39.64 21.80 34.36
N MET B 496 40.18 21.13 33.32
CA MET B 496 41.18 20.03 33.48
C MET B 496 42.61 20.55 33.23
N LEU B 497 42.82 21.40 32.23
CA LEU B 497 44.17 21.88 31.81
C LEU B 497 44.77 22.76 32.91
N LYS B 498 46.10 22.69 33.09
CA LYS B 498 46.88 23.47 34.08
C LYS B 498 47.40 24.74 33.41
N PRO B 499 47.70 25.81 34.18
CA PRO B 499 48.29 27.03 33.62
C PRO B 499 49.73 26.81 33.13
N ILE B 500 50.15 27.56 32.12
CA ILE B 500 51.54 27.57 31.57
C ILE B 500 52.07 29.01 31.65
N ALA B 501 53.33 29.17 32.10
CA ALA B 501 54.03 30.46 32.23
C ALA B 501 54.27 31.06 30.83
N LYS B 502 54.32 32.39 30.75
CA LYS B 502 54.50 33.15 29.48
C LYS B 502 55.88 32.85 28.89
N GLY B 503 55.93 32.48 27.61
CA GLY B 503 57.18 32.19 26.86
C GLY B 503 57.80 30.86 27.26
N ASP B 504 57.00 29.93 27.80
CA ASP B 504 57.43 28.56 28.20
C ASP B 504 56.96 27.57 27.13
N HIS B 505 57.88 27.09 26.28
CA HIS B 505 57.62 26.11 25.20
C HIS B 505 58.42 24.83 25.45
N GLY B 506 58.70 24.52 26.73
CA GLY B 506 59.35 23.28 27.18
C GLY B 506 60.79 23.16 26.72
N GLU B 507 61.46 24.29 26.47
CA GLU B 507 62.88 24.34 26.01
C GLU B 507 63.81 24.20 27.22
N GLY B 508 63.32 24.49 28.42
CA GLY B 508 64.08 24.43 29.69
C GLY B 508 64.19 23.03 30.24
N LYS B 509 63.38 22.08 29.73
CA LYS B 509 63.37 20.65 30.15
C LYS B 509 64.61 19.94 29.57
N LYS B 510 64.86 18.71 30.03
CA LYS B 510 65.99 17.85 29.57
C LYS B 510 65.44 16.46 29.18
N GLY B 511 66.31 15.60 28.65
CA GLY B 511 65.97 14.22 28.23
C GLY B 511 65.47 14.19 26.79
N PHE B 512 64.40 13.44 26.53
CA PHE B 512 63.76 13.27 25.20
C PHE B 512 62.87 14.47 24.89
N PHE B 513 62.05 14.89 25.87
CA PHE B 513 61.04 15.97 25.73
C PHE B 513 61.75 17.33 25.61
N GLY B 514 62.85 17.52 26.34
CA GLY B 514 63.70 18.73 26.24
C GLY B 514 64.30 18.88 24.85
N TRP B 515 64.83 17.78 24.30
CA TRP B 515 65.43 17.71 22.94
C TRP B 515 64.36 18.00 21.88
N PHE B 516 63.18 17.37 22.00
CA PHE B 516 62.05 17.44 21.03
C PHE B 516 61.57 18.89 20.90
N ASN B 517 61.41 19.59 22.03
CA ASN B 517 60.89 20.97 22.10
C ASN B 517 61.85 21.93 21.39
N ARG B 518 63.16 21.82 21.69
CA ARG B 518 64.23 22.65 21.08
C ARG B 518 64.34 22.33 19.58
N MET B 519 64.22 21.05 19.20
CA MET B 519 64.26 20.58 17.80
C MET B 519 63.07 21.15 17.02
N PHE B 520 61.86 21.04 17.57
CA PHE B 520 60.60 21.45 16.91
C PHE B 520 60.52 22.98 16.80
N GLU B 521 61.00 23.70 17.82
CA GLU B 521 61.00 25.19 17.86
C GLU B 521 61.88 25.72 16.72
N LYS B 522 63.06 25.12 16.50
CA LYS B 522 64.00 25.48 15.41
C LYS B 522 63.40 25.04 14.06
N SER B 523 62.74 23.88 14.03
CA SER B 523 62.05 23.32 12.84
C SER B 523 60.92 24.26 12.39
N THR B 524 60.24 24.91 13.35
CA THR B 524 59.18 25.92 13.10
C THR B 524 59.81 27.18 12.49
N HIS B 525 60.99 27.59 12.98
CA HIS B 525 61.76 28.75 12.48
C HIS B 525 62.28 28.47 11.06
N HIS B 526 62.72 27.22 10.80
CA HIS B 526 63.14 26.74 9.46
C HIS B 526 61.94 26.79 8.49
N TYR B 527 60.75 26.42 8.98
CA TYR B 527 59.49 26.39 8.20
C TYR B 527 59.07 27.82 7.80
N THR B 528 59.08 28.75 8.76
CA THR B 528 58.71 30.18 8.57
C THR B 528 59.67 30.85 7.59
N ASP B 529 60.97 30.53 7.69
CA ASP B 529 62.03 31.04 6.76
C ASP B 529 61.78 30.50 5.36
N SER B 530 61.37 29.22 5.25
CA SER B 530 61.06 28.53 3.96
C SER B 530 59.85 29.19 3.28
N VAL B 531 58.76 29.41 4.03
CA VAL B 531 57.50 30.03 3.54
C VAL B 531 57.80 31.48 3.13
N GLY B 532 58.62 32.19 3.91
CA GLY B 532 59.11 33.55 3.60
C GLY B 532 59.78 33.59 2.24
N GLY B 533 60.65 32.62 1.96
CA GLY B 533 61.35 32.47 0.67
C GLY B 533 60.40 32.16 -0.47
N ILE B 534 59.39 31.31 -0.21
CA ILE B 534 58.35 30.90 -1.20
C ILE B 534 57.52 32.12 -1.60
N LEU B 535 57.18 32.99 -0.64
CA LEU B 535 56.27 34.16 -0.85
C LEU B 535 56.98 35.29 -1.61
N ARG B 536 58.31 35.26 -1.70
CA ARG B 536 59.10 36.26 -2.47
C ARG B 536 58.95 35.98 -3.98
N SER B 537 58.94 34.70 -4.37
CA SER B 537 58.77 34.23 -5.77
C SER B 537 57.58 33.26 -5.85
N THR B 538 56.36 33.79 -5.89
CA THR B 538 55.08 33.02 -5.91
C THR B 538 54.84 32.43 -7.31
N GLY B 539 55.20 33.18 -8.36
CA GLY B 539 54.97 32.82 -9.77
C GLY B 539 55.42 31.41 -10.12
N ARG B 540 56.54 30.96 -9.54
CA ARG B 540 57.18 29.65 -9.82
C ARG B 540 56.32 28.50 -9.26
N TYR B 541 55.59 28.75 -8.18
CA TYR B 541 54.75 27.73 -7.48
C TYR B 541 53.37 27.63 -8.15
N LEU B 542 52.89 28.71 -8.76
CA LEU B 542 51.65 28.72 -9.59
C LEU B 542 51.84 27.81 -10.80
N VAL B 543 53.07 27.73 -11.34
CA VAL B 543 53.45 26.81 -12.45
C VAL B 543 53.50 25.39 -11.91
N LEU B 544 54.08 25.19 -10.71
CA LEU B 544 54.18 23.87 -10.04
C LEU B 544 52.77 23.37 -9.66
N TYR B 545 51.87 24.29 -9.31
CA TYR B 545 50.44 23.99 -8.99
C TYR B 545 49.75 23.42 -10.23
N LEU B 546 49.93 24.06 -11.38
CA LEU B 546 49.33 23.65 -12.68
C LEU B 546 49.86 22.26 -13.08
N ILE B 547 51.14 21.98 -12.82
CA ILE B 547 51.78 20.66 -13.10
C ILE B 547 51.08 19.58 -12.27
N ILE B 548 50.74 19.89 -11.00
CA ILE B 548 50.00 18.98 -10.08
C ILE B 548 48.58 18.78 -10.61
N VAL B 549 47.92 19.86 -11.06
CA VAL B 549 46.52 19.85 -11.58
C VAL B 549 46.47 19.04 -12.88
N VAL B 550 47.48 19.20 -13.75
CA VAL B 550 47.61 18.42 -15.03
C VAL B 550 47.94 16.97 -14.67
N GLY B 551 48.86 16.75 -13.73
CA GLY B 551 49.23 15.43 -13.20
C GLY B 551 48.04 14.71 -12.58
N MET B 552 47.18 15.45 -11.90
CA MET B 552 45.91 14.95 -11.28
C MET B 552 44.97 14.45 -12.38
N ALA B 553 44.68 15.31 -13.36
CA ALA B 553 43.76 15.05 -14.50
C ALA B 553 44.25 13.86 -15.32
N TYR B 554 45.58 13.72 -15.48
CA TYR B 554 46.24 12.61 -16.22
C TYR B 554 45.97 11.28 -15.51
N LEU B 555 46.22 11.24 -14.20
CA LEU B 555 46.11 10.00 -13.36
C LEU B 555 44.63 9.60 -13.20
N PHE B 556 43.70 10.56 -13.27
CA PHE B 556 42.24 10.31 -13.19
C PHE B 556 41.78 9.45 -14.38
N VAL B 557 42.25 9.80 -15.59
CA VAL B 557 41.90 9.10 -16.86
C VAL B 557 42.59 7.72 -16.90
N ARG B 558 43.84 7.65 -16.43
CA ARG B 558 44.68 6.42 -16.46
C ARG B 558 44.13 5.37 -15.50
N LEU B 559 43.77 5.78 -14.27
CA LEU B 559 43.31 4.86 -13.19
C LEU B 559 41.98 4.23 -13.59
N PRO B 560 41.91 2.88 -13.70
CA PRO B 560 40.68 2.21 -14.16
C PRO B 560 39.59 2.19 -13.08
N SER B 561 38.33 2.32 -13.50
CA SER B 561 37.13 2.39 -12.62
C SER B 561 36.64 0.99 -12.26
N SER B 562 36.09 0.83 -11.05
CA SER B 562 35.42 -0.40 -10.56
C SER B 562 34.33 -0.01 -9.54
N PHE B 563 33.55 -1.00 -9.07
CA PHE B 563 32.42 -0.81 -8.13
C PHE B 563 32.91 -1.02 -6.69
N LEU B 564 33.35 -2.24 -6.37
CA LEU B 564 33.89 -2.63 -5.04
C LEU B 564 35.01 -3.65 -5.22
N PRO B 565 35.94 -3.77 -4.25
CA PRO B 565 37.01 -4.77 -4.33
C PRO B 565 36.48 -6.17 -4.00
N ASP B 566 36.81 -7.16 -4.82
CA ASP B 566 36.49 -8.60 -4.60
C ASP B 566 37.21 -9.06 -3.32
N GLU B 567 36.47 -9.65 -2.37
CA GLU B 567 36.97 -10.08 -1.05
C GLU B 567 37.18 -11.59 -1.03
N ASP B 568 38.15 -12.06 -0.23
CA ASP B 568 38.31 -13.49 0.15
C ASP B 568 37.27 -13.79 1.24
N GLN B 569 36.13 -14.37 0.85
CA GLN B 569 34.98 -14.67 1.76
C GLN B 569 35.00 -16.16 2.15
N GLY B 570 36.13 -16.85 1.93
CA GLY B 570 36.32 -18.28 2.26
C GLY B 570 35.51 -19.20 1.36
N VAL B 571 35.02 -18.67 0.22
CA VAL B 571 34.18 -19.42 -0.77
C VAL B 571 34.44 -18.83 -2.16
N PHE B 572 34.36 -19.67 -3.20
CA PHE B 572 34.38 -19.26 -4.63
C PHE B 572 33.66 -20.32 -5.47
N MET B 573 33.37 -20.00 -6.73
CA MET B 573 32.53 -20.82 -7.64
C MET B 573 33.37 -21.32 -8.81
N THR B 574 33.02 -22.50 -9.35
CA THR B 574 33.64 -23.12 -10.54
C THR B 574 32.53 -23.65 -11.46
N MET B 575 32.23 -22.91 -12.54
CA MET B 575 31.15 -23.26 -13.52
C MET B 575 31.65 -24.36 -14.45
N VAL B 576 30.78 -25.32 -14.77
CA VAL B 576 31.00 -26.42 -15.75
C VAL B 576 29.96 -26.28 -16.87
N GLN B 577 30.42 -26.13 -18.12
CA GLN B 577 29.55 -25.94 -19.31
C GLN B 577 30.02 -26.88 -20.43
N LEU B 578 29.27 -27.97 -20.64
CA LEU B 578 29.51 -28.96 -21.74
C LEU B 578 28.84 -28.47 -23.01
N PRO B 579 29.19 -29.02 -24.19
CA PRO B 579 28.48 -28.72 -25.44
C PRO B 579 26.97 -28.97 -25.35
N ALA B 580 26.20 -28.28 -26.21
CA ALA B 580 24.72 -28.32 -26.27
C ALA B 580 24.24 -29.74 -26.60
N GLY B 581 23.24 -30.23 -25.86
CA GLY B 581 22.63 -31.57 -26.06
C GLY B 581 23.33 -32.65 -25.26
N ALA B 582 24.30 -32.28 -24.43
CA ALA B 582 25.07 -33.21 -23.55
C ALA B 582 24.21 -33.59 -22.34
N THR B 583 24.32 -34.84 -21.88
CA THR B 583 23.44 -35.46 -20.84
C THR B 583 23.99 -35.17 -19.44
N GLN B 584 23.20 -35.50 -18.41
CA GLN B 584 23.48 -35.27 -16.98
C GLN B 584 24.75 -36.04 -16.56
N GLU B 585 24.93 -37.26 -17.05
CA GLU B 585 26.04 -38.18 -16.69
C GLU B 585 27.38 -37.58 -17.13
N ARG B 586 27.44 -37.05 -18.35
CA ARG B 586 28.67 -36.42 -18.94
C ARG B 586 29.09 -35.23 -18.07
N THR B 587 28.13 -34.42 -17.62
CA THR B 587 28.34 -33.22 -16.77
C THR B 587 28.86 -33.67 -15.39
N GLN B 588 28.34 -34.77 -14.86
CA GLN B 588 28.71 -35.33 -13.53
C GLN B 588 30.18 -35.73 -13.52
N LYS B 589 30.67 -36.37 -14.59
CA LYS B 589 32.07 -36.84 -14.74
C LYS B 589 33.04 -35.66 -14.66
N VAL B 590 32.68 -34.51 -15.26
CA VAL B 590 33.51 -33.27 -15.25
C VAL B 590 33.50 -32.68 -13.83
N LEU B 591 32.33 -32.66 -13.17
CA LEU B 591 32.17 -32.17 -11.78
C LEU B 591 32.97 -33.06 -10.81
N ASN B 592 32.94 -34.39 -11.02
CA ASN B 592 33.69 -35.39 -10.23
C ASN B 592 35.20 -35.13 -10.38
N GLU B 593 35.63 -34.78 -11.61
CA GLU B 593 37.04 -34.46 -11.95
C GLU B 593 37.42 -33.11 -11.30
N VAL B 594 36.50 -32.15 -11.29
CA VAL B 594 36.68 -30.80 -10.67
C VAL B 594 36.77 -30.95 -9.15
N THR B 595 35.89 -31.77 -8.57
CA THR B 595 35.86 -32.09 -7.10
C THR B 595 37.16 -32.79 -6.71
N HIS B 596 37.63 -33.73 -7.55
CA HIS B 596 38.87 -34.52 -7.35
C HIS B 596 40.09 -33.60 -7.29
N TYR B 597 40.16 -32.60 -8.18
CA TYR B 597 41.26 -31.61 -8.26
C TYR B 597 41.41 -30.89 -6.92
N TYR B 598 40.32 -30.29 -6.42
CA TYR B 598 40.30 -29.39 -5.23
C TYR B 598 40.67 -30.18 -3.95
N LEU B 599 40.28 -31.45 -3.86
CA LEU B 599 40.54 -32.32 -2.68
C LEU B 599 41.95 -32.91 -2.76
N THR B 600 42.56 -32.95 -3.94
CA THR B 600 43.93 -33.48 -4.20
C THR B 600 44.94 -32.32 -4.16
N LYS B 601 44.86 -31.41 -5.13
CA LYS B 601 45.87 -30.33 -5.37
C LYS B 601 45.77 -29.26 -4.28
N GLU B 602 44.55 -28.83 -3.93
CA GLU B 602 44.29 -27.72 -2.97
C GLU B 602 43.73 -28.28 -1.65
N LYS B 603 44.31 -29.37 -1.14
CA LYS B 603 43.85 -30.08 0.09
C LYS B 603 44.17 -29.20 1.33
N ASN B 604 45.23 -28.38 1.25
CA ASN B 604 45.68 -27.49 2.35
C ASN B 604 44.74 -26.27 2.45
N ASN B 605 44.06 -25.90 1.36
CA ASN B 605 43.23 -24.68 1.25
C ASN B 605 41.74 -25.05 1.29
N VAL B 606 41.31 -25.99 0.46
CA VAL B 606 39.86 -26.32 0.23
C VAL B 606 39.36 -27.21 1.38
N GLU B 607 38.20 -26.86 1.96
CA GLU B 607 37.51 -27.61 3.04
C GLU B 607 36.55 -28.61 2.42
N SER B 608 35.72 -28.17 1.46
CA SER B 608 34.70 -29.00 0.77
C SER B 608 34.36 -28.42 -0.61
N VAL B 609 33.71 -29.23 -1.45
CA VAL B 609 33.22 -28.87 -2.81
C VAL B 609 31.75 -29.30 -2.92
N PHE B 610 30.84 -28.35 -3.08
CA PHE B 610 29.38 -28.58 -3.26
C PHE B 610 29.07 -28.67 -4.76
N ALA B 611 29.20 -29.87 -5.33
CA ALA B 611 29.01 -30.17 -6.76
C ALA B 611 27.49 -30.25 -7.07
N VAL B 612 26.93 -29.18 -7.65
CA VAL B 612 25.49 -29.08 -8.02
C VAL B 612 25.37 -29.30 -9.53
N ASN B 613 25.07 -30.53 -9.95
CA ASN B 613 24.93 -30.93 -11.38
C ASN B 613 23.53 -30.52 -11.87
N GLY B 614 23.44 -30.09 -13.13
CA GLY B 614 22.18 -29.67 -13.78
C GLY B 614 21.64 -28.38 -13.20
N PHE B 615 22.53 -27.48 -12.75
CA PHE B 615 22.19 -26.18 -12.12
C PHE B 615 22.94 -25.05 -12.83
N GLY B 616 22.30 -23.87 -12.90
CA GLY B 616 22.82 -22.65 -13.55
C GLY B 616 21.84 -21.50 -13.40
N PHE B 617 22.34 -20.28 -13.27
CA PHE B 617 21.53 -19.06 -12.98
C PHE B 617 20.91 -18.51 -14.27
N ALA B 618 21.48 -18.84 -15.43
CA ALA B 618 20.95 -18.53 -16.78
C ALA B 618 20.47 -19.82 -17.44
N GLY B 619 19.46 -20.46 -16.87
CA GLY B 619 18.89 -21.75 -17.34
C GLY B 619 19.54 -22.94 -16.65
N ARG B 620 18.83 -24.07 -16.57
CA ARG B 620 19.25 -25.30 -15.85
C ARG B 620 19.13 -26.52 -16.75
N PRO B 621 19.77 -26.53 -17.95
CA PRO B 621 19.82 -27.75 -18.77
C PRO B 621 20.78 -28.79 -18.17
N GLN B 622 20.81 -29.99 -18.76
CA GLN B 622 21.62 -31.15 -18.27
C GLN B 622 23.11 -30.89 -18.49
N ASN B 623 23.46 -30.14 -19.54
CA ASN B 623 24.86 -29.94 -20.00
C ASN B 623 25.61 -28.98 -19.04
N THR B 624 24.91 -28.03 -18.42
CA THR B 624 25.50 -27.05 -17.48
C THR B 624 25.51 -27.62 -16.06
N GLY B 625 26.54 -27.25 -15.28
CA GLY B 625 26.68 -27.57 -13.84
C GLY B 625 27.45 -26.48 -13.13
N ILE B 626 27.65 -26.61 -11.81
CA ILE B 626 28.39 -25.61 -10.98
C ILE B 626 28.87 -26.28 -9.69
N ALA B 627 30.02 -25.83 -9.18
CA ALA B 627 30.68 -26.34 -7.96
C ALA B 627 31.01 -25.17 -7.02
N PHE B 628 30.29 -25.07 -5.90
CA PHE B 628 30.54 -24.08 -4.82
C PHE B 628 31.66 -24.62 -3.90
N VAL B 629 32.89 -24.13 -4.10
CA VAL B 629 34.09 -24.54 -3.33
C VAL B 629 34.12 -23.73 -2.03
N SER B 630 34.15 -24.42 -0.88
CA SER B 630 34.28 -23.83 0.48
C SER B 630 35.70 -24.08 1.00
N LEU B 631 36.36 -23.02 1.48
CA LEU B 631 37.78 -23.05 1.93
C LEU B 631 37.85 -23.25 3.44
N LYS B 632 39.07 -23.45 3.96
CA LYS B 632 39.38 -23.51 5.41
C LYS B 632 39.45 -22.07 5.95
N ASP B 633 39.72 -21.92 7.25
CA ASP B 633 39.79 -20.61 7.95
C ASP B 633 40.96 -19.79 7.39
N TRP B 634 40.92 -18.47 7.61
CA TRP B 634 41.91 -17.49 7.06
C TRP B 634 43.30 -17.72 7.67
N ALA B 635 43.36 -18.17 8.93
CA ALA B 635 44.61 -18.47 9.67
C ALA B 635 45.30 -19.68 9.05
N ASP B 636 44.53 -20.63 8.50
CA ASP B 636 45.04 -21.91 7.94
C ASP B 636 45.56 -21.72 6.51
N ARG B 637 45.28 -20.57 5.88
CA ARG B 637 45.70 -20.25 4.50
C ARG B 637 46.58 -18.99 4.51
N PRO B 638 47.85 -19.09 4.96
CA PRO B 638 48.76 -17.94 4.98
C PRO B 638 49.35 -17.61 3.60
N GLY B 639 49.70 -16.34 3.40
CA GLY B 639 50.33 -15.83 2.15
C GLY B 639 49.30 -15.54 1.07
N GLU B 640 49.72 -14.86 0.00
CA GLU B 640 48.86 -14.46 -1.14
C GLU B 640 48.61 -15.68 -2.05
N GLU B 641 49.51 -16.67 -2.02
CA GLU B 641 49.46 -17.89 -2.87
C GLU B 641 48.28 -18.78 -2.48
N ASN B 642 47.80 -18.69 -1.24
CA ASN B 642 46.72 -19.55 -0.67
C ASN B 642 45.40 -18.78 -0.59
N LYS B 643 45.28 -17.63 -1.24
CA LYS B 643 44.04 -16.80 -1.28
C LYS B 643 43.18 -17.23 -2.48
N VAL B 644 41.93 -16.75 -2.53
CA VAL B 644 40.91 -17.13 -3.54
C VAL B 644 41.40 -16.75 -4.94
N GLU B 645 41.93 -15.54 -5.09
CA GLU B 645 42.40 -14.98 -6.39
C GLU B 645 43.50 -15.88 -6.99
N ALA B 646 44.43 -16.36 -6.14
CA ALA B 646 45.55 -17.24 -6.53
C ALA B 646 45.04 -18.63 -6.90
N ILE B 647 44.11 -19.18 -6.09
CA ILE B 647 43.51 -20.53 -6.28
C ILE B 647 42.66 -20.52 -7.56
N THR B 648 41.95 -19.41 -7.82
CA THR B 648 41.09 -19.19 -9.02
C THR B 648 41.94 -19.37 -10.30
N MET B 649 43.07 -18.67 -10.37
CA MET B 649 43.96 -18.62 -11.57
C MET B 649 44.62 -19.99 -11.79
N ARG B 650 45.03 -20.67 -10.71
CA ARG B 650 45.65 -22.02 -10.76
C ARG B 650 44.61 -23.04 -11.23
N ALA B 651 43.37 -22.95 -10.72
CA ALA B 651 42.25 -23.87 -11.02
C ALA B 651 41.83 -23.73 -12.49
N THR B 652 41.61 -22.50 -12.96
CA THR B 652 41.15 -22.17 -14.33
C THR B 652 42.18 -22.69 -15.37
N ARG B 653 43.47 -22.56 -15.07
CA ARG B 653 44.59 -22.98 -15.96
C ARG B 653 44.66 -24.52 -15.98
N ALA B 654 44.31 -25.18 -14.88
CA ALA B 654 44.35 -26.65 -14.72
C ALA B 654 43.23 -27.30 -15.55
N PHE B 655 42.02 -26.75 -15.51
CA PHE B 655 40.79 -27.33 -16.11
C PHE B 655 40.69 -26.99 -17.61
N SER B 656 41.52 -26.08 -18.11
CA SER B 656 41.59 -25.69 -19.54
C SER B 656 42.11 -26.86 -20.39
N GLN B 657 42.83 -27.80 -19.77
CA GLN B 657 43.37 -29.03 -20.41
C GLN B 657 42.20 -29.96 -20.82
N ILE B 658 41.13 -30.00 -20.03
CA ILE B 658 39.97 -30.93 -20.22
C ILE B 658 39.26 -30.58 -21.54
N LYS B 659 38.88 -31.61 -22.31
CA LYS B 659 38.17 -31.49 -23.60
C LYS B 659 36.66 -31.66 -23.40
N ASP B 660 35.86 -31.04 -24.26
CA ASP B 660 34.38 -31.16 -24.31
C ASP B 660 33.77 -30.64 -22.99
N ALA B 661 34.35 -29.58 -22.42
CA ALA B 661 33.91 -28.94 -21.15
C ALA B 661 34.61 -27.60 -20.96
N MET B 662 33.85 -26.50 -21.07
CA MET B 662 34.31 -25.12 -20.75
C MET B 662 34.20 -24.91 -19.23
N VAL B 663 35.33 -24.97 -18.52
CA VAL B 663 35.40 -24.94 -17.03
C VAL B 663 36.28 -23.76 -16.59
N PHE B 664 35.70 -22.80 -15.86
CA PHE B 664 36.40 -21.62 -15.28
C PHE B 664 36.03 -21.48 -13.80
N ALA B 665 37.05 -21.23 -12.96
CA ALA B 665 36.89 -20.81 -11.55
C ALA B 665 36.83 -19.28 -11.50
N PHE B 666 36.07 -18.71 -10.55
CA PHE B 666 35.90 -17.25 -10.38
C PHE B 666 35.45 -16.92 -8.95
N ASN B 667 35.90 -15.76 -8.45
CA ASN B 667 35.61 -15.25 -7.08
C ASN B 667 34.22 -14.59 -7.10
N LEU B 668 33.55 -14.55 -5.95
CA LEU B 668 32.25 -13.84 -5.75
C LEU B 668 32.51 -12.33 -5.80
N PRO B 669 31.47 -11.51 -6.05
CA PRO B 669 31.60 -10.05 -5.95
C PRO B 669 31.43 -9.59 -4.49
N ALA B 670 31.69 -8.30 -4.22
CA ALA B 670 31.59 -7.68 -2.88
C ALA B 670 30.15 -7.81 -2.37
N ILE B 671 29.21 -7.16 -3.06
CA ILE B 671 27.74 -7.27 -2.81
C ILE B 671 27.19 -8.37 -3.73
N VAL B 672 26.98 -9.57 -3.18
CA VAL B 672 26.68 -10.82 -3.94
C VAL B 672 25.26 -10.77 -4.52
N GLU B 673 24.35 -10.02 -3.89
CA GLU B 673 22.93 -9.86 -4.32
C GLU B 673 22.88 -9.03 -5.62
N LEU B 674 23.84 -8.12 -5.81
CA LEU B 674 23.87 -7.14 -6.95
C LEU B 674 24.63 -7.76 -8.13
N GLY B 675 25.86 -8.24 -7.90
CA GLY B 675 26.74 -8.82 -8.94
C GLY B 675 28.01 -8.03 -9.10
N THR B 676 28.63 -8.08 -10.28
CA THR B 676 29.93 -7.44 -10.61
C THR B 676 29.75 -5.92 -10.69
N ALA B 677 28.78 -5.46 -11.49
CA ALA B 677 28.39 -4.04 -11.67
C ALA B 677 29.55 -3.23 -12.23
N THR B 678 30.18 -3.72 -13.31
CA THR B 678 31.38 -3.12 -13.95
C THR B 678 31.11 -2.85 -15.44
N GLY B 679 30.77 -3.89 -16.20
CA GLY B 679 30.54 -3.82 -17.66
C GLY B 679 29.21 -3.19 -18.02
N PHE B 680 28.53 -3.72 -19.04
CA PHE B 680 27.19 -3.27 -19.51
C PHE B 680 26.28 -4.47 -19.75
N ASP B 681 24.96 -4.23 -19.68
CA ASP B 681 23.89 -5.25 -19.84
C ASP B 681 22.92 -4.77 -20.94
N PHE B 682 23.05 -5.34 -22.14
CA PHE B 682 22.32 -4.93 -23.38
C PHE B 682 21.17 -5.90 -23.64
N GLU B 683 20.03 -5.38 -24.12
CA GLU B 683 18.83 -6.14 -24.55
C GLU B 683 18.55 -5.86 -26.02
N LEU B 684 18.53 -6.90 -26.86
CA LEU B 684 18.13 -6.82 -28.30
C LEU B 684 16.68 -7.31 -28.41
N ILE B 685 15.77 -6.44 -28.88
CA ILE B 685 14.29 -6.61 -28.79
C ILE B 685 13.70 -6.84 -30.18
N ASP B 686 12.75 -7.78 -30.28
CA ASP B 686 11.88 -8.03 -31.47
C ASP B 686 10.67 -7.09 -31.37
N GLN B 687 10.68 -6.00 -32.16
CA GLN B 687 9.74 -4.85 -32.02
C GLN B 687 8.61 -4.92 -33.06
N ALA B 688 8.61 -5.92 -33.95
CA ALA B 688 7.65 -6.01 -35.08
C ALA B 688 7.37 -7.48 -35.45
N GLY B 689 7.27 -8.36 -34.46
CA GLY B 689 6.88 -9.78 -34.63
C GLY B 689 7.67 -10.50 -35.71
N LEU B 690 8.99 -10.31 -35.72
CA LEU B 690 9.93 -10.95 -36.69
C LEU B 690 10.05 -12.45 -36.38
N GLY B 691 10.10 -12.80 -35.09
CA GLY B 691 10.19 -14.19 -34.61
C GLY B 691 11.55 -14.50 -34.01
N HIS B 692 11.74 -15.74 -33.57
CA HIS B 692 12.97 -16.22 -32.86
C HIS B 692 14.16 -16.24 -33.81
N GLU B 693 14.00 -16.88 -34.97
CA GLU B 693 15.07 -17.11 -35.97
C GLU B 693 15.66 -15.76 -36.43
N LYS B 694 14.80 -14.80 -36.78
CA LYS B 694 15.20 -13.47 -37.31
C LYS B 694 15.90 -12.65 -36.22
N LEU B 695 15.48 -12.81 -34.95
CA LEU B 695 16.11 -12.15 -33.78
C LEU B 695 17.48 -12.77 -33.51
N THR B 696 17.62 -14.09 -33.74
CA THR B 696 18.90 -14.84 -33.64
C THR B 696 19.88 -14.31 -34.71
N GLN B 697 19.41 -14.16 -35.95
CA GLN B 697 20.20 -13.65 -37.10
C GLN B 697 20.68 -12.21 -36.81
N ALA B 698 19.80 -11.38 -36.22
CA ALA B 698 20.09 -9.98 -35.84
C ALA B 698 21.12 -9.95 -34.70
N ARG B 699 21.03 -10.88 -33.74
CA ARG B 699 21.97 -11.02 -32.60
C ARG B 699 23.36 -11.40 -33.14
N ASN B 700 23.42 -12.40 -34.02
CA ASN B 700 24.68 -12.90 -34.65
C ASN B 700 25.32 -11.76 -35.47
N GLN B 701 24.50 -10.92 -36.11
CA GLN B 701 24.94 -9.74 -36.90
C GLN B 701 25.60 -8.71 -35.95
N LEU B 702 25.02 -8.49 -34.77
CA LEU B 702 25.52 -7.53 -33.75
C LEU B 702 26.82 -8.06 -33.13
N LEU B 703 26.87 -9.36 -32.81
CA LEU B 703 28.05 -10.03 -32.20
C LEU B 703 29.23 -10.01 -33.18
N ALA B 704 28.96 -10.18 -34.48
CA ALA B 704 29.97 -10.18 -35.57
C ALA B 704 30.60 -8.79 -35.70
N GLU B 705 29.78 -7.73 -35.64
CA GLU B 705 30.21 -6.30 -35.73
C GLU B 705 30.96 -5.91 -34.44
N ALA B 706 30.56 -6.47 -33.29
CA ALA B 706 31.18 -6.22 -31.97
C ALA B 706 32.61 -6.76 -31.95
N ALA B 707 32.85 -7.89 -32.63
CA ALA B 707 34.16 -8.58 -32.72
C ALA B 707 35.16 -7.74 -33.53
N LYS B 708 34.65 -6.88 -34.43
CA LYS B 708 35.47 -6.04 -35.34
C LYS B 708 36.01 -4.80 -34.60
N HIS B 709 35.63 -4.59 -33.33
CA HIS B 709 36.13 -3.49 -32.47
C HIS B 709 36.67 -4.04 -31.15
N PRO B 710 37.83 -4.75 -31.15
CA PRO B 710 38.50 -5.13 -29.91
C PRO B 710 38.97 -3.91 -29.10
N ASP B 711 39.29 -2.82 -29.78
CA ASP B 711 39.81 -1.55 -29.19
C ASP B 711 38.78 -0.91 -28.25
N MET B 712 37.49 -1.16 -28.47
CA MET B 712 36.37 -0.55 -27.69
C MET B 712 35.65 -1.61 -26.86
N LEU B 713 35.16 -2.68 -27.50
CA LEU B 713 34.36 -3.76 -26.85
C LEU B 713 35.23 -4.99 -26.62
N THR B 714 34.97 -5.74 -25.53
CA THR B 714 35.63 -7.02 -25.19
C THR B 714 34.72 -7.86 -24.29
N SER B 715 34.86 -9.19 -24.35
CA SER B 715 34.12 -10.18 -23.51
C SER B 715 32.62 -10.10 -23.82
N VAL B 716 32.25 -9.79 -25.07
CA VAL B 716 30.84 -9.64 -25.50
C VAL B 716 30.22 -11.05 -25.70
N ARG B 717 29.42 -11.50 -24.73
CA ARG B 717 28.70 -12.81 -24.75
C ARG B 717 27.21 -12.55 -24.66
N PRO B 718 26.35 -13.40 -25.28
CA PRO B 718 24.93 -13.42 -24.97
C PRO B 718 24.66 -14.24 -23.68
N ASN B 719 23.71 -13.79 -22.87
CA ASN B 719 23.35 -14.41 -21.56
C ASN B 719 22.49 -15.66 -21.81
N GLY B 720 21.89 -15.78 -23.00
CA GLY B 720 20.96 -16.87 -23.37
C GLY B 720 21.67 -18.14 -23.79
N LEU B 721 20.89 -19.15 -24.16
CA LEU B 721 21.37 -20.46 -24.71
C LEU B 721 21.13 -20.49 -26.22
N GLU B 722 21.91 -21.30 -26.94
CA GLU B 722 21.79 -21.50 -28.41
C GLU B 722 20.71 -22.56 -28.67
N ASP B 723 20.10 -22.52 -29.86
CA ASP B 723 19.08 -23.52 -30.31
C ASP B 723 19.72 -24.90 -30.35
N THR B 724 18.94 -25.94 -30.06
CA THR B 724 19.39 -27.36 -29.97
C THR B 724 18.44 -28.26 -30.76
N PRO B 725 18.90 -29.46 -31.21
CA PRO B 725 18.03 -30.41 -31.87
C PRO B 725 16.88 -30.87 -30.94
N GLN B 726 15.65 -30.89 -31.46
CA GLN B 726 14.44 -31.31 -30.70
C GLN B 726 13.60 -32.25 -31.59
N PHE B 727 12.95 -33.24 -30.97
CA PHE B 727 12.24 -34.37 -31.63
C PHE B 727 10.79 -33.96 -31.91
N LYS B 728 10.56 -33.36 -33.07
CA LYS B 728 9.21 -32.96 -33.56
C LYS B 728 8.44 -34.23 -33.96
N ILE B 729 7.23 -34.42 -33.41
CA ILE B 729 6.32 -35.56 -33.74
C ILE B 729 4.95 -34.97 -34.13
N ASP B 730 4.43 -35.40 -35.28
CA ASP B 730 3.13 -34.94 -35.85
C ASP B 730 2.11 -36.08 -35.75
N ILE B 731 1.10 -35.92 -34.89
CA ILE B 731 -0.02 -36.88 -34.71
C ILE B 731 -0.97 -36.71 -35.91
N ASP B 732 -1.11 -37.76 -36.74
CA ASP B 732 -2.05 -37.78 -37.89
C ASP B 732 -3.47 -37.91 -37.34
N GLN B 733 -4.31 -36.89 -37.59
CA GLN B 733 -5.68 -36.78 -37.04
C GLN B 733 -6.59 -37.82 -37.72
N GLU B 734 -6.50 -37.93 -39.05
CA GLU B 734 -7.34 -38.83 -39.89
C GLU B 734 -7.15 -40.29 -39.45
N LYS B 735 -5.89 -40.71 -39.27
CA LYS B 735 -5.52 -42.10 -38.90
C LYS B 735 -6.00 -42.39 -37.47
N ALA B 736 -5.90 -41.40 -36.57
CA ALA B 736 -6.33 -41.49 -35.16
C ALA B 736 -7.86 -41.63 -35.09
N GLN B 737 -8.59 -40.85 -35.90
CA GLN B 737 -10.08 -40.87 -35.96
C GLN B 737 -10.56 -42.15 -36.65
N ALA B 738 -9.80 -42.66 -37.62
CA ALA B 738 -10.11 -43.88 -38.41
C ALA B 738 -10.02 -45.13 -37.53
N LEU B 739 -8.95 -45.24 -36.73
CA LEU B 739 -8.70 -46.39 -35.81
C LEU B 739 -9.57 -46.25 -34.56
N GLY B 740 -10.08 -45.05 -34.27
CA GLY B 740 -10.96 -44.76 -33.13
C GLY B 740 -10.17 -44.45 -31.87
N VAL B 741 -9.06 -43.72 -32.01
CA VAL B 741 -8.16 -43.29 -30.89
C VAL B 741 -8.36 -41.78 -30.67
N SER B 742 -8.82 -41.38 -29.49
CA SER B 742 -9.06 -39.97 -29.11
C SER B 742 -7.72 -39.26 -28.91
N ILE B 743 -7.68 -37.96 -29.20
CA ILE B 743 -6.44 -37.11 -29.15
C ILE B 743 -6.05 -36.87 -27.69
N ASN B 744 -7.03 -36.83 -26.78
CA ASN B 744 -6.81 -36.68 -25.31
C ASN B 744 -5.98 -37.87 -24.81
N ASP B 745 -6.38 -39.10 -25.16
CA ASP B 745 -5.70 -40.36 -24.75
C ASP B 745 -4.27 -40.39 -25.31
N ILE B 746 -4.09 -39.95 -26.57
CA ILE B 746 -2.76 -39.92 -27.26
C ILE B 746 -1.85 -38.94 -26.52
N ASN B 747 -2.28 -37.68 -26.38
CA ASN B 747 -1.46 -36.56 -25.84
C ASN B 747 -1.21 -36.76 -24.33
N THR B 748 -2.12 -37.43 -23.62
CA THR B 748 -1.97 -37.78 -22.19
C THR B 748 -0.91 -38.87 -22.04
N THR B 749 -1.05 -39.97 -22.80
CA THR B 749 -0.12 -41.12 -22.81
C THR B 749 1.31 -40.64 -23.06
N LEU B 750 1.50 -39.79 -24.07
CA LEU B 750 2.82 -39.22 -24.46
C LEU B 750 3.34 -38.30 -23.34
N GLY B 751 2.50 -37.35 -22.91
CA GLY B 751 2.84 -36.33 -21.90
C GLY B 751 3.16 -36.94 -20.54
N ALA B 752 2.30 -37.85 -20.06
CA ALA B 752 2.39 -38.50 -18.73
C ALA B 752 3.63 -39.39 -18.67
N ALA B 753 3.85 -40.22 -19.69
CA ALA B 753 4.95 -41.21 -19.77
C ALA B 753 6.30 -40.49 -19.86
N TRP B 754 6.50 -39.69 -20.90
CA TRP B 754 7.81 -39.08 -21.27
C TRP B 754 8.10 -37.84 -20.41
N GLY B 755 7.07 -37.03 -20.14
CA GLY B 755 7.20 -35.74 -19.41
C GLY B 755 6.97 -35.88 -17.92
N GLY B 756 6.04 -36.74 -17.52
CA GLY B 756 5.54 -36.85 -16.13
C GLY B 756 4.23 -36.10 -15.96
N SER B 757 3.44 -36.47 -14.96
CA SER B 757 2.09 -35.89 -14.69
C SER B 757 1.79 -35.91 -13.18
N TYR B 758 1.62 -34.72 -12.58
CA TYR B 758 1.20 -34.53 -11.17
C TYR B 758 -0.30 -34.82 -11.06
N VAL B 759 -0.66 -35.99 -10.50
CA VAL B 759 -2.05 -36.52 -10.45
C VAL B 759 -2.80 -35.85 -9.29
N ASN B 760 -2.39 -36.11 -8.04
CA ASN B 760 -3.09 -35.65 -6.82
C ASN B 760 -2.15 -35.73 -5.61
N ASP B 761 -2.65 -35.36 -4.42
CA ASP B 761 -1.89 -35.34 -3.14
C ASP B 761 -2.09 -36.67 -2.40
N PHE B 762 -1.18 -36.96 -1.46
CA PHE B 762 -1.24 -38.09 -0.49
C PHE B 762 -0.52 -37.67 0.79
N ILE B 763 -0.90 -38.28 1.92
CA ILE B 763 -0.41 -37.89 3.28
C ILE B 763 0.66 -38.90 3.73
N ASP B 764 1.92 -38.46 3.83
CA ASP B 764 3.08 -39.27 4.29
C ASP B 764 3.49 -38.80 5.69
N ARG B 765 3.06 -39.52 6.72
CA ARG B 765 3.40 -39.27 8.16
C ARG B 765 2.95 -37.86 8.55
N GLY B 766 1.68 -37.53 8.28
CA GLY B 766 1.05 -36.25 8.65
C GLY B 766 1.62 -35.07 7.89
N ARG B 767 1.97 -35.26 6.61
CA ARG B 767 2.50 -34.20 5.71
C ARG B 767 1.97 -34.45 4.29
N VAL B 768 1.28 -33.46 3.71
CA VAL B 768 0.72 -33.52 2.32
C VAL B 768 1.90 -33.51 1.34
N LYS B 769 1.90 -34.44 0.38
CA LYS B 769 2.99 -34.62 -0.64
C LYS B 769 2.36 -35.04 -1.98
N LYS B 770 3.07 -34.76 -3.08
CA LYS B 770 2.57 -34.94 -4.47
C LYS B 770 2.70 -36.40 -4.90
N VAL B 771 1.83 -36.83 -5.83
CA VAL B 771 1.86 -38.17 -6.50
C VAL B 771 2.10 -37.94 -7.99
N TYR B 772 3.26 -38.38 -8.49
CA TYR B 772 3.68 -38.28 -9.92
C TYR B 772 3.59 -39.66 -10.57
N VAL B 773 3.05 -39.72 -11.79
CA VAL B 773 3.10 -40.90 -12.69
C VAL B 773 4.00 -40.55 -13.88
N MET B 774 4.95 -41.42 -14.20
CA MET B 774 5.96 -41.21 -15.27
C MET B 774 6.50 -42.58 -15.72
N SER B 775 7.03 -42.66 -16.94
CA SER B 775 7.68 -43.88 -17.50
C SER B 775 8.99 -44.14 -16.75
N GLU B 776 9.30 -45.42 -16.50
CA GLU B 776 10.64 -45.86 -16.03
C GLU B 776 11.66 -45.48 -17.09
N ALA B 777 12.83 -44.97 -16.68
CA ALA B 777 13.87 -44.34 -17.53
C ALA B 777 13.99 -45.09 -18.87
N LYS B 778 14.20 -46.42 -18.82
CA LYS B 778 14.64 -47.24 -19.98
C LYS B 778 13.62 -47.22 -21.13
N TYR B 779 12.35 -46.87 -20.85
CA TYR B 779 11.24 -46.89 -21.86
C TYR B 779 10.96 -45.49 -22.42
N ARG B 780 11.83 -44.51 -22.17
CA ARG B 780 11.64 -43.12 -22.67
C ARG B 780 13.00 -42.42 -22.85
N MET B 781 13.97 -43.10 -23.49
CA MET B 781 15.35 -42.59 -23.71
C MET B 781 15.55 -42.22 -25.18
N LEU B 782 15.18 -43.10 -26.11
CA LEU B 782 15.50 -42.97 -27.56
C LEU B 782 14.21 -42.92 -28.39
N PRO B 783 14.26 -42.37 -29.63
CA PRO B 783 13.11 -42.36 -30.53
C PRO B 783 12.45 -43.72 -30.79
N ASP B 784 13.22 -44.81 -30.75
CA ASP B 784 12.75 -46.21 -30.99
C ASP B 784 11.69 -46.59 -29.94
N ASP B 785 11.79 -46.02 -28.72
CA ASP B 785 10.92 -46.35 -27.56
C ASP B 785 9.50 -45.77 -27.76
N ILE B 786 9.32 -44.84 -28.71
CA ILE B 786 7.99 -44.22 -29.03
C ILE B 786 7.02 -45.34 -29.45
N GLY B 787 7.48 -46.29 -30.27
CA GLY B 787 6.67 -47.39 -30.83
C GLY B 787 6.21 -48.39 -29.78
N ASP B 788 6.88 -48.45 -28.63
CA ASP B 788 6.60 -49.42 -27.53
C ASP B 788 5.35 -49.02 -26.75
N TRP B 789 4.89 -47.76 -26.86
CA TRP B 789 3.70 -47.23 -26.16
C TRP B 789 2.44 -47.50 -26.99
N TYR B 790 1.41 -48.07 -26.34
CA TYR B 790 0.10 -48.43 -26.95
C TYR B 790 -1.01 -47.64 -26.28
N VAL B 791 -1.96 -47.13 -27.08
CA VAL B 791 -3.19 -46.41 -26.63
C VAL B 791 -4.40 -47.22 -27.09
N ARG B 792 -5.36 -47.45 -26.19
CA ARG B 792 -6.60 -48.23 -26.47
C ARG B 792 -7.56 -47.37 -27.29
N ALA B 793 -8.08 -47.92 -28.40
CA ALA B 793 -9.11 -47.30 -29.25
C ALA B 793 -10.49 -47.55 -28.64
N ALA B 794 -11.54 -46.99 -29.24
CA ALA B 794 -12.95 -47.11 -28.80
C ALA B 794 -13.41 -48.57 -28.89
N ASP B 795 -12.97 -49.30 -29.92
CA ASP B 795 -13.38 -50.70 -30.20
C ASP B 795 -12.62 -51.67 -29.28
N GLY B 796 -11.57 -51.21 -28.58
CA GLY B 796 -10.89 -51.95 -27.51
C GLY B 796 -9.48 -52.39 -27.90
N GLN B 797 -9.16 -52.41 -29.20
CA GLN B 797 -7.84 -52.84 -29.73
C GLN B 797 -6.76 -51.83 -29.30
N MET B 798 -5.55 -52.32 -28.99
CA MET B 798 -4.38 -51.49 -28.59
C MET B 798 -3.59 -51.10 -29.83
N VAL B 799 -3.57 -49.81 -30.16
CA VAL B 799 -2.88 -49.23 -31.35
C VAL B 799 -1.50 -48.73 -30.90
N PRO B 800 -0.40 -49.10 -31.61
CA PRO B 800 0.92 -48.59 -31.27
C PRO B 800 1.05 -47.12 -31.68
N PHE B 801 1.94 -46.38 -31.03
CA PHE B 801 2.10 -44.91 -31.20
C PHE B 801 2.63 -44.61 -32.61
N SER B 802 3.37 -45.54 -33.20
CA SER B 802 3.98 -45.44 -34.55
C SER B 802 2.91 -45.42 -35.64
N ALA B 803 1.76 -46.05 -35.40
CA ALA B 803 0.68 -46.28 -36.40
C ALA B 803 0.03 -44.97 -36.83
N PHE B 804 -0.01 -43.95 -35.96
CA PHE B 804 -0.75 -42.69 -36.17
C PHE B 804 0.14 -41.45 -35.94
N SER B 805 1.46 -41.61 -36.04
CA SER B 805 2.43 -40.51 -35.81
C SER B 805 3.63 -40.62 -36.77
N SER B 806 4.19 -39.46 -37.17
CA SER B 806 5.45 -39.31 -37.93
C SER B 806 6.35 -38.32 -37.21
N SER B 807 7.66 -38.58 -37.16
CA SER B 807 8.67 -37.79 -36.40
C SER B 807 9.81 -37.34 -37.33
N ARG B 808 10.47 -36.23 -36.98
CA ARG B 808 11.64 -35.65 -37.69
C ARG B 808 12.45 -34.80 -36.71
N TRP B 809 13.69 -34.44 -37.08
CA TRP B 809 14.58 -33.55 -36.29
C TRP B 809 14.43 -32.12 -36.80
N GLU B 810 14.30 -31.16 -35.88
CA GLU B 810 14.32 -29.70 -36.17
C GLU B 810 15.03 -28.99 -35.00
N TYR B 811 15.36 -27.71 -35.19
CA TYR B 811 16.05 -26.86 -34.19
C TYR B 811 15.03 -25.91 -33.54
N GLY B 812 15.15 -25.73 -32.22
CA GLY B 812 14.31 -24.82 -31.41
C GLY B 812 15.03 -24.38 -30.15
N SER B 813 14.52 -23.33 -29.50
CA SER B 813 15.13 -22.68 -28.32
C SER B 813 14.91 -23.54 -27.07
N PRO B 814 15.97 -23.85 -26.29
CA PRO B 814 15.81 -24.43 -24.95
C PRO B 814 15.64 -23.37 -23.85
N ARG B 815 15.61 -22.09 -24.22
CA ARG B 815 15.44 -20.93 -23.29
C ARG B 815 15.07 -19.68 -24.11
N LEU B 816 13.79 -19.28 -24.07
CA LEU B 816 13.26 -18.08 -24.77
C LEU B 816 13.17 -16.92 -23.77
N GLU B 817 13.86 -15.81 -24.07
CA GLU B 817 13.89 -14.58 -23.23
C GLU B 817 12.87 -13.56 -23.76
N ARG B 818 12.32 -12.74 -22.87
CA ARG B 818 11.41 -11.61 -23.21
C ARG B 818 11.77 -10.41 -22.33
N TYR B 819 11.68 -9.19 -22.88
CA TYR B 819 11.96 -7.92 -22.17
C TYR B 819 10.82 -6.92 -22.46
N ASN B 820 10.14 -6.48 -21.41
CA ASN B 820 9.00 -5.50 -21.43
C ASN B 820 7.92 -6.02 -22.39
N GLY B 821 7.60 -7.32 -22.31
CA GLY B 821 6.46 -7.94 -23.01
C GLY B 821 6.85 -8.55 -24.36
N LEU B 822 7.84 -7.98 -25.05
CA LEU B 822 8.27 -8.40 -26.41
C LEU B 822 9.40 -9.42 -26.29
N PRO B 823 9.61 -10.28 -27.32
CA PRO B 823 10.76 -11.20 -27.33
C PRO B 823 12.08 -10.44 -27.34
N SER B 824 13.10 -10.98 -26.68
CA SER B 824 14.44 -10.33 -26.51
C SER B 824 15.56 -11.38 -26.46
N MET B 825 16.81 -10.91 -26.56
CA MET B 825 18.04 -11.70 -26.33
C MET B 825 19.06 -10.82 -25.61
N GLU B 826 19.35 -11.15 -24.34
CA GLU B 826 20.25 -10.37 -23.45
C GLU B 826 21.70 -10.59 -23.88
N ILE B 827 22.45 -9.50 -24.05
CA ILE B 827 23.89 -9.50 -24.48
C ILE B 827 24.71 -8.79 -23.40
N LEU B 828 25.78 -9.45 -22.92
CA LEU B 828 26.74 -8.92 -21.92
C LEU B 828 27.97 -8.36 -22.64
N GLY B 829 28.88 -7.76 -21.88
CA GLY B 829 30.14 -7.17 -22.39
C GLY B 829 30.67 -6.09 -21.47
N GLN B 830 31.93 -5.69 -21.68
CA GLN B 830 32.62 -4.64 -20.87
C GLN B 830 33.52 -3.81 -21.80
N ALA B 831 33.83 -2.58 -21.39
CA ALA B 831 34.72 -1.64 -22.10
C ALA B 831 36.14 -2.21 -22.13
N ALA B 832 36.86 -2.03 -23.25
CA ALA B 832 38.24 -2.50 -23.47
C ALA B 832 39.18 -1.74 -22.53
N PRO B 833 40.38 -2.28 -22.22
CA PRO B 833 41.34 -1.59 -21.37
C PRO B 833 41.67 -0.18 -21.89
N GLY B 834 41.45 0.84 -21.06
CA GLY B 834 41.68 2.26 -21.40
C GLY B 834 40.36 3.01 -21.64
N LYS B 835 39.41 2.35 -22.31
CA LYS B 835 38.08 2.93 -22.67
C LYS B 835 37.12 2.82 -21.48
N SER B 836 36.25 3.81 -21.30
CA SER B 836 35.19 3.86 -20.26
C SER B 836 33.97 3.07 -20.74
N THR B 837 33.04 2.77 -19.82
CA THR B 837 31.77 2.05 -20.09
C THR B 837 30.89 2.91 -21.02
N GLY B 838 30.88 4.22 -20.80
CA GLY B 838 30.12 5.21 -21.60
C GLY B 838 30.40 5.09 -23.09
N GLU B 839 31.68 4.98 -23.46
CA GLU B 839 32.14 4.84 -24.88
C GLU B 839 31.67 3.51 -25.45
N ALA B 840 31.84 2.42 -24.68
CA ALA B 840 31.46 1.03 -25.07
C ALA B 840 29.95 0.96 -25.31
N MET B 841 29.15 1.55 -24.42
CA MET B 841 27.67 1.60 -24.53
C MET B 841 27.26 2.43 -25.76
N GLU B 842 27.98 3.52 -26.03
CA GLU B 842 27.69 4.46 -27.16
C GLU B 842 27.91 3.75 -28.50
N LEU B 843 28.92 2.89 -28.61
CA LEU B 843 29.25 2.13 -29.85
C LEU B 843 28.18 1.05 -30.09
N MET B 844 27.74 0.37 -29.03
CA MET B 844 26.70 -0.69 -29.10
C MET B 844 25.39 -0.10 -29.66
N GLU B 845 25.06 1.14 -29.26
CA GLU B 845 23.87 1.90 -29.77
C GLU B 845 24.05 2.17 -31.27
N GLN B 846 25.26 2.56 -31.69
CA GLN B 846 25.60 2.89 -33.10
C GLN B 846 25.51 1.61 -33.96
N LEU B 847 26.05 0.49 -33.47
CA LEU B 847 26.03 -0.83 -34.17
C LEU B 847 24.59 -1.36 -34.22
N ALA B 848 23.76 -1.05 -33.22
CA ALA B 848 22.36 -1.51 -33.07
C ALA B 848 21.47 -0.85 -34.14
N SER B 849 21.76 0.39 -34.53
CA SER B 849 20.97 1.20 -35.50
C SER B 849 21.14 0.64 -36.92
N LYS B 850 22.18 -0.15 -37.17
CA LYS B 850 22.50 -0.74 -38.50
C LYS B 850 22.01 -2.19 -38.58
N LEU B 851 21.25 -2.66 -37.60
CA LEU B 851 20.62 -4.02 -37.60
C LEU B 851 19.34 -3.97 -38.43
N PRO B 852 18.80 -5.13 -38.86
CA PRO B 852 17.60 -5.17 -39.71
C PRO B 852 16.38 -4.41 -39.16
N THR B 853 15.39 -4.16 -40.02
CA THR B 853 14.15 -3.41 -39.74
C THR B 853 13.32 -4.17 -38.69
N GLY B 854 12.75 -3.45 -37.72
CA GLY B 854 11.90 -4.00 -36.65
C GLY B 854 12.70 -4.69 -35.57
N VAL B 855 13.98 -4.32 -35.41
CA VAL B 855 14.88 -4.83 -34.33
C VAL B 855 15.36 -3.63 -33.51
N GLY B 856 14.81 -3.48 -32.30
CA GLY B 856 15.15 -2.40 -31.35
C GLY B 856 16.09 -2.88 -30.27
N TYR B 857 16.37 -2.03 -29.28
CA TYR B 857 17.25 -2.35 -28.13
C TYR B 857 16.85 -1.50 -26.91
N ASP B 858 17.38 -1.88 -25.75
CA ASP B 858 17.23 -1.12 -24.47
C ASP B 858 18.35 -1.56 -23.52
N TRP B 859 18.65 -0.72 -22.52
CA TRP B 859 19.65 -1.00 -21.45
C TRP B 859 18.90 -1.44 -20.18
N THR B 860 19.45 -2.44 -19.49
CA THR B 860 18.84 -3.09 -18.29
C THR B 860 19.89 -3.19 -17.18
N GLY B 861 19.49 -3.69 -16.00
CA GLY B 861 20.37 -3.89 -14.83
C GLY B 861 21.15 -2.63 -14.48
N MET B 862 22.48 -2.74 -14.43
CA MET B 862 23.38 -1.64 -13.99
C MET B 862 23.54 -0.58 -15.10
N SER B 863 23.35 -0.96 -16.38
CA SER B 863 23.38 -0.03 -17.54
C SER B 863 22.21 0.96 -17.42
N TYR B 864 21.03 0.48 -17.02
CA TYR B 864 19.83 1.30 -16.73
C TYR B 864 20.10 2.19 -15.50
N GLN B 865 20.75 1.62 -14.47
CA GLN B 865 21.12 2.31 -13.21
C GLN B 865 22.05 3.50 -13.50
N GLU B 866 23.15 3.23 -14.21
CA GLU B 866 24.27 4.19 -14.44
C GLU B 866 23.84 5.34 -15.35
N ARG B 867 22.94 5.08 -16.31
CA ARG B 867 22.48 6.08 -17.32
C ARG B 867 21.64 7.17 -16.63
N LEU B 868 20.81 6.80 -15.65
CA LEU B 868 19.98 7.75 -14.85
C LEU B 868 20.83 8.38 -13.75
N SER B 869 21.76 7.61 -13.15
CA SER B 869 22.69 8.04 -12.08
C SER B 869 23.75 9.00 -12.66
N GLY B 870 24.14 8.80 -13.92
CA GLY B 870 25.18 9.58 -14.61
C GLY B 870 24.75 11.01 -14.89
N ASN B 871 23.47 11.21 -15.26
CA ASN B 871 22.89 12.53 -15.63
C ASN B 871 22.80 13.43 -14.39
N GLN B 872 22.65 12.83 -13.19
CA GLN B 872 22.47 13.56 -11.90
C GLN B 872 23.80 14.12 -11.42
N ALA B 873 24.94 13.51 -11.80
CA ALA B 873 26.29 13.78 -11.25
C ALA B 873 26.68 15.24 -11.46
N PRO B 874 26.70 15.78 -12.70
CA PRO B 874 27.08 17.17 -12.93
C PRO B 874 26.41 18.19 -11.98
N SER B 875 25.11 18.00 -11.73
CA SER B 875 24.27 18.88 -10.86
C SER B 875 24.75 18.83 -9.42
N LEU B 876 25.05 17.64 -8.90
CA LEU B 876 25.45 17.39 -7.49
C LEU B 876 26.86 17.96 -7.24
N TYR B 877 27.77 17.80 -8.21
CA TYR B 877 29.13 18.41 -8.20
C TYR B 877 29.01 19.93 -8.15
N ALA B 878 28.10 20.49 -8.96
CA ALA B 878 27.85 21.95 -9.09
C ALA B 878 27.30 22.51 -7.77
N ILE B 879 26.27 21.87 -7.21
CA ILE B 879 25.61 22.28 -5.94
C ILE B 879 26.66 22.28 -4.82
N SER B 880 27.52 21.24 -4.78
CA SER B 880 28.61 21.08 -3.77
C SER B 880 29.56 22.28 -3.83
N LEU B 881 30.10 22.57 -5.02
CA LEU B 881 31.11 23.65 -5.25
C LEU B 881 30.52 25.02 -4.93
N ILE B 882 29.28 25.28 -5.38
CA ILE B 882 28.60 26.61 -5.25
C ILE B 882 28.34 26.91 -3.76
N VAL B 883 27.83 25.94 -3.00
CA VAL B 883 27.44 26.12 -1.57
C VAL B 883 28.72 26.25 -0.72
N VAL B 884 29.77 25.48 -1.02
CA VAL B 884 31.10 25.56 -0.32
C VAL B 884 31.63 26.99 -0.45
N PHE B 885 31.59 27.56 -1.67
CA PHE B 885 32.02 28.96 -1.96
C PHE B 885 31.19 29.94 -1.12
N LEU B 886 29.86 29.78 -1.17
CA LEU B 886 28.89 30.67 -0.48
C LEU B 886 29.13 30.65 1.04
N CYS B 887 29.36 29.45 1.61
CA CYS B 887 29.60 29.24 3.06
C CYS B 887 30.90 29.95 3.49
N LEU B 888 31.97 29.78 2.71
CA LEU B 888 33.30 30.41 2.97
C LEU B 888 33.20 31.93 2.80
N ALA B 889 32.39 32.39 1.83
CA ALA B 889 32.16 33.82 1.54
C ALA B 889 31.52 34.52 2.74
N ALA B 890 30.55 33.85 3.38
CA ALA B 890 29.84 34.34 4.59
C ALA B 890 30.79 34.36 5.79
N LEU B 891 31.65 33.35 5.91
CA LEU B 891 32.65 33.20 7.02
C LEU B 891 33.64 34.38 6.98
N TYR B 892 34.26 34.62 5.82
CA TYR B 892 35.37 35.58 5.65
C TYR B 892 34.85 36.99 5.32
N GLU B 893 33.59 37.12 4.89
CA GLU B 893 32.99 38.40 4.44
C GLU B 893 33.78 38.90 3.22
N SER B 894 33.91 38.06 2.19
CA SER B 894 34.73 38.31 0.97
C SER B 894 34.35 37.32 -0.14
N TRP B 895 34.25 37.80 -1.38
CA TRP B 895 33.95 36.99 -2.59
C TRP B 895 35.23 36.34 -3.12
N SER B 896 36.38 36.98 -2.92
CA SER B 896 37.70 36.59 -3.50
C SER B 896 38.41 35.56 -2.61
N ILE B 897 38.41 35.79 -1.29
CA ILE B 897 39.24 35.04 -0.30
C ILE B 897 38.87 33.55 -0.34
N PRO B 898 37.58 33.15 -0.40
CA PRO B 898 37.21 31.74 -0.52
C PRO B 898 38.05 30.91 -1.51
N PHE B 899 38.45 31.49 -2.64
CA PHE B 899 39.26 30.83 -3.70
C PHE B 899 40.59 30.32 -3.12
N SER B 900 41.15 31.03 -2.13
CA SER B 900 42.42 30.67 -1.44
C SER B 900 42.28 29.30 -0.76
N VAL B 901 41.10 29.02 -0.19
CA VAL B 901 40.76 27.74 0.50
C VAL B 901 40.55 26.65 -0.55
N MET B 902 39.70 26.92 -1.56
CA MET B 902 39.18 25.93 -2.54
C MET B 902 40.29 25.45 -3.49
N LEU B 903 41.41 26.16 -3.56
CA LEU B 903 42.57 25.81 -4.44
C LEU B 903 43.38 24.65 -3.83
N VAL B 904 43.06 24.21 -2.61
CA VAL B 904 43.80 23.14 -1.88
C VAL B 904 43.41 21.75 -2.41
N VAL B 905 42.23 21.64 -3.06
CA VAL B 905 41.56 20.34 -3.39
C VAL B 905 42.55 19.41 -4.11
N PRO B 906 43.25 19.85 -5.17
CA PRO B 906 44.16 18.97 -5.90
C PRO B 906 45.35 18.43 -5.09
N LEU B 907 45.79 19.16 -4.05
CA LEU B 907 46.98 18.81 -3.23
C LEU B 907 46.74 17.47 -2.52
N GLY B 908 45.50 17.22 -2.07
CA GLY B 908 45.10 15.97 -1.40
C GLY B 908 44.84 14.85 -2.39
N VAL B 909 44.25 15.17 -3.55
CA VAL B 909 43.78 14.18 -4.56
C VAL B 909 44.98 13.52 -5.24
N ILE B 910 46.02 14.29 -5.59
CA ILE B 910 47.19 13.82 -6.38
C ILE B 910 47.87 12.65 -5.64
N GLY B 911 48.02 12.75 -4.31
CA GLY B 911 48.68 11.74 -3.48
C GLY B 911 47.91 10.43 -3.45
N ALA B 912 46.58 10.50 -3.33
CA ALA B 912 45.65 9.36 -3.36
C ALA B 912 45.79 8.60 -4.69
N LEU B 913 45.84 9.34 -5.80
CA LEU B 913 45.95 8.81 -7.18
C LEU B 913 47.30 8.11 -7.36
N LEU B 914 48.38 8.68 -6.82
CA LEU B 914 49.76 8.11 -6.91
C LEU B 914 49.82 6.80 -6.12
N ALA B 915 49.25 6.78 -4.91
CA ALA B 915 49.24 5.61 -3.99
C ALA B 915 48.42 4.46 -4.60
N ALA B 916 47.25 4.78 -5.18
CA ALA B 916 46.35 3.82 -5.85
C ALA B 916 47.02 3.25 -7.10
N THR B 917 47.66 4.11 -7.91
CA THR B 917 48.37 3.74 -9.16
C THR B 917 49.60 2.88 -8.84
N PHE B 918 50.38 3.26 -7.82
CA PHE B 918 51.61 2.57 -7.38
C PHE B 918 51.27 1.14 -6.90
N ARG B 919 50.32 1.04 -5.97
CA ARG B 919 49.89 -0.25 -5.36
C ARG B 919 49.07 -1.05 -6.39
N GLY B 920 48.47 -0.38 -7.36
CA GLY B 920 47.74 -0.99 -8.48
C GLY B 920 46.30 -1.29 -8.13
N LEU B 921 45.62 -0.35 -7.44
CA LEU B 921 44.19 -0.43 -7.07
C LEU B 921 43.36 0.35 -8.10
N THR B 922 42.03 0.27 -7.97
CA THR B 922 41.04 0.85 -8.93
C THR B 922 40.38 2.08 -8.32
N ASN B 923 39.65 2.85 -9.13
CA ASN B 923 38.84 4.03 -8.72
C ASN B 923 37.47 3.53 -8.25
N ASP B 924 37.43 2.89 -7.07
CA ASP B 924 36.21 2.29 -6.46
C ASP B 924 35.56 3.31 -5.53
N VAL B 925 34.42 2.95 -4.93
CA VAL B 925 33.59 3.87 -4.07
C VAL B 925 34.38 4.20 -2.79
N TYR B 926 35.10 3.23 -2.22
CA TYR B 926 35.93 3.39 -1.00
C TYR B 926 36.99 4.48 -1.24
N PHE B 927 37.58 4.51 -2.44
CA PHE B 927 38.59 5.50 -2.87
C PHE B 927 37.93 6.88 -3.04
N GLN B 928 36.75 6.92 -3.65
CA GLN B 928 36.01 8.17 -4.01
C GLN B 928 35.55 8.89 -2.73
N VAL B 929 35.04 8.15 -1.74
CA VAL B 929 34.64 8.71 -0.40
C VAL B 929 35.92 9.08 0.34
N GLY B 930 37.00 8.31 0.15
CA GLY B 930 38.34 8.57 0.72
C GLY B 930 38.89 9.92 0.30
N LEU B 931 38.64 10.34 -0.94
CA LEU B 931 39.07 11.64 -1.49
C LEU B 931 38.36 12.78 -0.75
N LEU B 932 37.06 12.66 -0.52
CA LEU B 932 36.20 13.72 0.10
C LEU B 932 36.69 14.02 1.51
N THR B 933 37.05 12.99 2.28
CA THR B 933 37.56 13.11 3.68
C THR B 933 38.95 13.76 3.67
N THR B 934 39.79 13.40 2.70
CA THR B 934 41.14 14.00 2.47
C THR B 934 40.99 15.47 2.08
N ILE B 935 40.09 15.76 1.12
CA ILE B 935 39.75 17.14 0.66
C ILE B 935 39.17 17.93 1.84
N GLY B 936 38.28 17.31 2.61
CA GLY B 936 37.59 17.91 3.77
C GLY B 936 38.56 18.37 4.84
N LEU B 937 39.50 17.50 5.24
CA LEU B 937 40.48 17.76 6.34
C LEU B 937 41.55 18.74 5.85
N SER B 938 41.96 18.65 4.57
CA SER B 938 42.93 19.58 3.93
C SER B 938 42.30 20.97 3.80
N ALA B 939 41.02 21.03 3.42
CA ALA B 939 40.21 22.27 3.33
C ALA B 939 40.03 22.88 4.72
N LYS B 940 39.85 22.03 5.74
CA LYS B 940 39.67 22.44 7.15
C LYS B 940 40.96 23.13 7.65
N ASN B 941 42.12 22.53 7.38
CA ASN B 941 43.46 23.07 7.73
C ASN B 941 43.63 24.46 7.11
N ALA B 942 43.31 24.59 5.82
CA ALA B 942 43.43 25.83 5.02
C ALA B 942 42.52 26.92 5.62
N ILE B 943 41.30 26.56 6.03
CA ILE B 943 40.27 27.51 6.56
C ILE B 943 40.82 28.20 7.81
N LEU B 944 41.44 27.45 8.72
CA LEU B 944 41.97 27.98 10.01
C LEU B 944 43.20 28.86 9.75
N ILE B 945 44.01 28.52 8.74
CA ILE B 945 45.22 29.32 8.34
C ILE B 945 44.75 30.68 7.80
N VAL B 946 43.75 30.68 6.91
CA VAL B 946 43.20 31.91 6.25
C VAL B 946 42.47 32.76 7.30
N GLU B 947 41.70 32.12 8.17
CA GLU B 947 40.94 32.78 9.28
C GLU B 947 41.92 33.55 10.18
N PHE B 948 42.98 32.87 10.64
CA PHE B 948 44.04 33.43 11.50
C PHE B 948 44.76 34.57 10.78
N ALA B 949 45.14 34.34 9.51
CA ALA B 949 45.84 35.32 8.65
C ALA B 949 44.98 36.56 8.44
N LYS B 950 43.68 36.39 8.16
CA LYS B 950 42.73 37.49 7.89
C LYS B 950 42.45 38.27 9.18
N ASP B 951 42.24 37.57 10.30
CA ASP B 951 41.89 38.17 11.62
C ASP B 951 43.05 39.03 12.13
N LEU B 952 44.30 38.64 11.83
CA LEU B 952 45.53 39.41 12.19
C LEU B 952 45.57 40.72 11.40
N MET B 953 45.21 40.69 10.12
CA MET B 953 45.20 41.87 9.21
C MET B 953 44.08 42.84 9.61
N ASP B 954 42.90 42.31 9.98
CA ASP B 954 41.69 43.11 10.30
C ASP B 954 41.84 43.73 11.70
N LYS B 955 42.06 42.89 12.73
CA LYS B 955 42.04 43.31 14.16
C LYS B 955 43.36 43.99 14.52
N GLU B 956 44.49 43.26 14.41
CA GLU B 956 45.82 43.70 14.88
C GLU B 956 46.52 44.58 13.81
N GLY B 957 45.91 44.72 12.62
CA GLY B 957 46.35 45.67 11.58
C GLY B 957 47.72 45.33 11.02
N LYS B 958 48.05 44.03 10.92
CA LYS B 958 49.34 43.54 10.39
C LYS B 958 49.30 43.52 8.85
N GLY B 959 50.47 43.42 8.21
CA GLY B 959 50.62 43.32 6.75
C GLY B 959 50.30 41.92 6.26
N LEU B 960 50.17 41.75 4.93
CA LEU B 960 49.74 40.48 4.27
C LEU B 960 50.72 39.36 4.61
N ILE B 961 52.01 39.57 4.32
CA ILE B 961 53.09 38.53 4.46
C ILE B 961 53.33 38.27 5.96
N GLU B 962 53.32 39.32 6.79
CA GLU B 962 53.51 39.23 8.26
C GLU B 962 52.43 38.32 8.85
N ALA B 963 51.17 38.56 8.50
CA ALA B 963 49.97 37.83 8.99
C ALA B 963 50.03 36.37 8.53
N THR B 964 50.34 36.14 7.24
CA THR B 964 50.42 34.80 6.60
C THR B 964 51.50 33.96 7.28
N LEU B 965 52.68 34.55 7.56
CA LEU B 965 53.83 33.87 8.21
C LEU B 965 53.47 33.56 9.67
N ASP B 966 52.84 34.51 10.37
CA ASP B 966 52.41 34.36 11.80
C ASP B 966 51.30 33.33 11.89
N ALA B 967 50.40 33.28 10.89
CA ALA B 967 49.26 32.34 10.82
C ALA B 967 49.78 30.89 10.73
N VAL B 968 50.59 30.60 9.72
CA VAL B 968 51.09 29.22 9.41
C VAL B 968 52.05 28.75 10.51
N ARG B 969 52.73 29.68 11.20
CA ARG B 969 53.57 29.38 12.39
C ARG B 969 52.68 28.78 13.49
N MET B 970 51.54 29.44 13.78
CA MET B 970 50.59 29.04 14.84
C MET B 970 49.90 27.71 14.48
N ARG B 971 49.65 27.47 13.18
CA ARG B 971 48.84 26.32 12.69
C ARG B 971 49.73 25.13 12.30
N LEU B 972 51.06 25.26 12.37
CA LEU B 972 52.00 24.18 11.97
C LEU B 972 51.82 22.96 12.88
N ARG B 973 51.85 23.16 14.20
CA ARG B 973 51.84 22.08 15.24
C ARG B 973 50.57 21.24 15.13
N PRO B 974 49.35 21.83 15.17
CA PRO B 974 48.12 21.03 15.17
C PRO B 974 47.91 20.24 13.86
N ILE B 975 48.35 20.77 12.72
CA ILE B 975 48.23 20.12 11.38
C ILE B 975 49.15 18.88 11.35
N LEU B 976 50.36 18.98 11.91
CA LEU B 976 51.34 17.86 11.99
C LEU B 976 50.84 16.81 12.99
N MET B 977 50.26 17.24 14.11
CA MET B 977 49.74 16.35 15.19
C MET B 977 48.63 15.46 14.63
N THR B 978 47.61 16.06 14.00
CA THR B 978 46.46 15.35 13.39
C THR B 978 46.95 14.39 12.30
N SER B 979 47.82 14.86 11.41
CA SER B 979 48.38 14.11 10.26
C SER B 979 49.19 12.91 10.75
N LEU B 980 50.08 13.11 11.73
CA LEU B 980 50.95 12.06 12.32
C LEU B 980 50.06 10.94 12.91
N ALA B 981 49.01 11.31 13.64
CA ALA B 981 48.06 10.39 14.31
C ALA B 981 47.24 9.63 13.27
N PHE B 982 46.68 10.33 12.28
CA PHE B 982 45.71 9.78 11.29
C PHE B 982 46.43 8.91 10.25
N ILE B 983 47.64 9.28 9.84
CA ILE B 983 48.47 8.50 8.86
C ILE B 983 48.87 7.17 9.51
N LEU B 984 49.30 7.20 10.78
CA LEU B 984 49.63 5.98 11.57
C LEU B 984 48.34 5.18 11.83
N GLY B 985 47.21 5.87 12.00
CA GLY B 985 45.89 5.28 12.28
C GLY B 985 45.40 4.37 11.16
N VAL B 986 45.66 4.76 9.89
CA VAL B 986 45.17 4.05 8.67
C VAL B 986 46.27 3.16 8.09
N MET B 987 47.45 3.10 8.74
CA MET B 987 48.62 2.32 8.24
C MET B 987 48.33 0.81 8.30
N PRO B 988 47.70 0.29 9.39
CA PRO B 988 47.32 -1.13 9.44
C PRO B 988 46.38 -1.57 8.31
N LEU B 989 45.51 -0.67 7.83
CA LEU B 989 44.49 -0.95 6.79
C LEU B 989 45.17 -1.18 5.44
N VAL B 990 46.32 -0.54 5.20
CA VAL B 990 47.11 -0.65 3.93
C VAL B 990 47.77 -2.03 3.87
N ILE B 991 48.43 -2.44 4.96
CA ILE B 991 49.30 -3.66 5.02
C ILE B 991 48.45 -4.91 5.28
N SER B 992 47.16 -4.75 5.62
CA SER B 992 46.22 -5.86 5.93
C SER B 992 46.05 -6.77 4.71
N THR B 993 46.15 -8.09 4.91
CA THR B 993 46.03 -9.14 3.85
C THR B 993 45.01 -10.21 4.24
N GLY B 994 44.36 -10.07 5.40
CA GLY B 994 43.44 -11.10 5.95
C GLY B 994 42.05 -10.99 5.35
N ALA B 995 41.01 -11.25 6.15
CA ALA B 995 39.58 -11.17 5.77
C ALA B 995 39.16 -9.70 5.72
N GLY B 996 38.44 -9.31 4.66
CA GLY B 996 37.99 -7.92 4.42
C GLY B 996 39.16 -6.99 4.13
N SER B 997 40.24 -7.51 3.55
CA SER B 997 41.50 -6.77 3.25
C SER B 997 41.30 -5.86 2.04
N GLY B 998 40.54 -6.31 1.03
CA GLY B 998 40.25 -5.56 -0.20
C GLY B 998 39.66 -4.19 0.09
N ALA B 999 38.66 -4.13 0.97
CA ALA B 999 37.97 -2.90 1.42
C ALA B 999 38.94 -2.03 2.24
N GLN B 1000 39.65 -2.64 3.20
CA GLN B 1000 40.65 -1.96 4.08
C GLN B 1000 41.74 -1.33 3.22
N ASN B 1001 42.25 -2.07 2.23
CA ASN B 1001 43.29 -1.60 1.27
C ASN B 1001 42.77 -0.38 0.51
N ALA B 1002 41.53 -0.45 0.01
CA ALA B 1002 40.87 0.62 -0.78
C ALA B 1002 40.69 1.87 0.10
N VAL B 1003 40.30 1.70 1.36
CA VAL B 1003 40.10 2.79 2.35
C VAL B 1003 41.46 3.37 2.75
N GLY B 1004 42.42 2.50 3.10
CA GLY B 1004 43.74 2.88 3.65
C GLY B 1004 44.61 3.59 2.62
N THR B 1005 44.91 2.92 1.50
CA THR B 1005 45.89 3.36 0.46
C THR B 1005 45.57 4.80 0.01
N GLY B 1006 44.34 5.04 -0.42
CA GLY B 1006 43.87 6.35 -0.94
C GLY B 1006 44.02 7.46 0.08
N VAL B 1007 43.71 7.18 1.36
CA VAL B 1007 43.72 8.16 2.48
C VAL B 1007 45.19 8.46 2.88
N MET B 1008 45.99 7.41 3.10
CA MET B 1008 47.41 7.53 3.51
C MET B 1008 48.15 8.41 2.49
N GLY B 1009 48.21 7.96 1.22
CA GLY B 1009 48.88 8.68 0.11
C GLY B 1009 48.37 10.09 -0.04
N GLY B 1010 47.05 10.29 0.06
CA GLY B 1010 46.38 11.59 -0.04
C GLY B 1010 46.76 12.52 1.11
N MET B 1011 46.83 11.99 2.33
CA MET B 1011 47.13 12.75 3.58
C MET B 1011 48.60 13.18 3.60
N VAL B 1012 49.51 12.36 3.05
CA VAL B 1012 50.97 12.65 2.99
C VAL B 1012 51.18 13.91 2.13
N THR B 1013 50.58 13.95 0.94
CA THR B 1013 50.65 15.10 -0.01
C THR B 1013 49.87 16.29 0.56
N ALA B 1014 48.65 16.05 1.05
CA ALA B 1014 47.74 17.08 1.63
C ALA B 1014 48.44 17.82 2.77
N THR B 1015 49.18 17.10 3.61
CA THR B 1015 49.95 17.66 4.76
C THR B 1015 51.17 18.43 4.23
N VAL B 1016 52.03 17.76 3.45
CA VAL B 1016 53.36 18.27 3.02
C VAL B 1016 53.19 19.48 2.10
N LEU B 1017 52.29 19.42 1.12
CA LEU B 1017 52.11 20.47 0.08
C LEU B 1017 51.39 21.69 0.67
N ALA B 1018 50.26 21.48 1.33
CA ALA B 1018 49.31 22.55 1.76
C ALA B 1018 50.00 23.54 2.72
N ILE B 1019 50.87 23.07 3.62
CA ILE B 1019 51.59 23.93 4.61
C ILE B 1019 52.41 24.99 3.86
N PHE B 1020 52.88 24.69 2.65
CA PHE B 1020 53.66 25.62 1.79
C PHE B 1020 52.74 26.36 0.80
N PHE B 1021 51.71 25.69 0.27
CA PHE B 1021 50.87 26.16 -0.86
C PHE B 1021 49.73 27.07 -0.37
N VAL B 1022 49.18 26.83 0.83
CA VAL B 1022 48.08 27.66 1.42
C VAL B 1022 48.58 29.08 1.63
N PRO B 1023 49.80 29.30 2.19
CA PRO B 1023 50.44 30.62 2.17
C PRO B 1023 50.39 31.30 0.79
N VAL B 1024 50.78 30.57 -0.27
CA VAL B 1024 50.86 31.09 -1.67
C VAL B 1024 49.45 31.47 -2.14
N PHE B 1025 48.48 30.57 -1.97
CA PHE B 1025 47.07 30.74 -2.41
C PHE B 1025 46.50 32.04 -1.81
N PHE B 1026 46.69 32.25 -0.50
CA PHE B 1026 46.13 33.40 0.25
C PHE B 1026 46.74 34.71 -0.25
N VAL B 1027 48.07 34.76 -0.42
CA VAL B 1027 48.82 36.00 -0.81
C VAL B 1027 48.51 36.35 -2.27
N VAL B 1028 48.45 35.36 -3.16
CA VAL B 1028 48.16 35.55 -4.62
C VAL B 1028 46.74 36.07 -4.78
N VAL B 1029 45.78 35.49 -4.05
CA VAL B 1029 44.32 35.86 -4.10
C VAL B 1029 44.14 37.26 -3.49
N ARG B 1030 44.82 37.55 -2.37
CA ARG B 1030 44.73 38.85 -1.66
C ARG B 1030 45.34 39.95 -2.53
N ARG B 1031 46.47 39.67 -3.19
CA ARG B 1031 47.17 40.62 -4.10
C ARG B 1031 46.29 40.94 -5.32
N ARG B 1032 45.67 39.92 -5.90
CA ARG B 1032 44.89 40.01 -7.18
C ARG B 1032 43.63 40.85 -6.97
N PHE B 1033 42.89 40.61 -5.88
CA PHE B 1033 41.58 41.25 -5.58
C PHE B 1033 41.73 42.21 -4.38
N SER B 1034 42.70 43.12 -4.45
CA SER B 1034 42.97 44.19 -3.44
C SER B 1034 43.16 43.56 -2.05
N MET C 1 11.66 38.15 31.11
CA MET C 1 10.27 37.88 30.59
C MET C 1 9.22 38.24 31.64
N PRO C 2 9.38 37.89 32.94
CA PRO C 2 8.43 38.32 33.97
C PRO C 2 8.25 39.83 34.04
N ASN C 3 9.35 40.59 34.05
CA ASN C 3 9.36 42.08 34.12
C ASN C 3 8.65 42.66 32.88
N PHE C 4 8.81 42.01 31.72
CA PHE C 4 8.20 42.43 30.43
C PHE C 4 6.67 42.45 30.56
N PHE C 5 6.09 41.41 31.14
CA PHE C 5 4.61 41.17 31.18
C PHE C 5 3.97 41.80 32.42
N ILE C 6 4.78 42.20 33.42
CA ILE C 6 4.29 42.99 34.59
C ILE C 6 3.92 44.39 34.11
N ASP C 7 4.74 44.98 33.24
CA ASP C 7 4.52 46.32 32.62
C ASP C 7 3.44 46.21 31.54
N ARG C 8 3.34 45.06 30.86
CA ARG C 8 2.39 44.80 29.75
C ARG C 8 1.42 43.69 30.15
N PRO C 9 0.39 44.00 30.99
CA PRO C 9 -0.58 42.99 31.43
C PRO C 9 -1.57 42.52 30.35
N ILE C 10 -1.87 43.37 29.36
CA ILE C 10 -2.84 43.06 28.26
C ILE C 10 -2.19 42.01 27.34
N PHE C 11 -0.90 42.17 27.02
CA PHE C 11 -0.08 41.19 26.25
C PHE C 11 -0.20 39.81 26.92
N ALA C 12 -0.01 39.77 28.24
CA ALA C 12 -0.10 38.55 29.08
C ALA C 12 -1.49 37.92 28.96
N TRP C 13 -2.55 38.74 29.03
CA TRP C 13 -3.96 38.31 28.88
C TRP C 13 -4.21 37.79 27.46
N VAL C 14 -3.66 38.47 26.45
CA VAL C 14 -3.82 38.12 25.01
C VAL C 14 -3.28 36.69 24.77
N ILE C 15 -2.09 36.39 25.29
CA ILE C 15 -1.43 35.06 25.13
C ILE C 15 -2.29 34.00 25.82
N ALA C 16 -2.87 34.31 26.98
CA ALA C 16 -3.74 33.41 27.77
C ALA C 16 -5.04 33.12 27.00
N ILE C 17 -5.68 34.17 26.47
CA ILE C 17 -7.00 34.10 25.78
C ILE C 17 -6.87 33.32 24.46
N ILE C 18 -5.78 33.54 23.72
CA ILE C 18 -5.50 32.84 22.42
C ILE C 18 -5.36 31.33 22.69
N ILE C 19 -4.66 30.95 23.76
CA ILE C 19 -4.44 29.53 24.17
C ILE C 19 -5.79 28.90 24.56
N MET C 20 -6.66 29.65 25.24
CA MET C 20 -7.96 29.15 25.78
C MET C 20 -8.94 28.87 24.63
N LEU C 21 -9.18 29.87 23.78
CA LEU C 21 -10.18 29.77 22.67
C LEU C 21 -9.68 28.82 21.58
N ALA C 22 -8.36 28.64 21.46
CA ALA C 22 -7.72 27.62 20.59
C ALA C 22 -8.03 26.23 21.14
N GLY C 23 -7.98 26.07 22.47
CA GLY C 23 -8.37 24.84 23.19
C GLY C 23 -9.85 24.57 23.09
N GLY C 24 -10.68 25.63 23.13
CA GLY C 24 -12.14 25.54 22.96
C GLY C 24 -12.51 24.94 21.61
N LEU C 25 -11.85 25.38 20.54
CA LEU C 25 -12.05 24.89 19.16
C LEU C 25 -11.58 23.43 19.05
N ALA C 26 -10.53 23.06 19.77
CA ALA C 26 -9.94 21.70 19.80
C ALA C 26 -10.95 20.70 20.37
N ILE C 27 -11.64 21.06 21.46
CA ILE C 27 -12.61 20.20 22.21
C ILE C 27 -13.76 19.80 21.26
N LEU C 28 -14.17 20.69 20.35
CA LEU C 28 -15.25 20.44 19.36
C LEU C 28 -14.81 19.36 18.37
N LYS C 29 -13.56 19.44 17.88
CA LYS C 29 -13.02 18.55 16.81
C LYS C 29 -12.45 17.26 17.41
N LEU C 30 -12.04 17.27 18.69
CA LEU C 30 -11.41 16.10 19.37
C LEU C 30 -12.43 14.96 19.46
N PRO C 31 -12.04 13.71 19.08
CA PRO C 31 -12.91 12.56 19.25
C PRO C 31 -12.95 12.08 20.71
N VAL C 32 -13.97 11.29 21.05
CA VAL C 32 -14.20 10.74 22.42
C VAL C 32 -14.16 9.21 22.35
N ALA C 33 -13.59 8.55 23.36
CA ALA C 33 -13.48 7.09 23.49
C ALA C 33 -13.16 6.72 24.93
N GLN C 34 -13.34 5.44 25.30
CA GLN C 34 -12.95 4.91 26.63
C GLN C 34 -11.43 4.88 26.72
N TYR C 35 -10.78 4.27 25.72
CA TYR C 35 -9.31 4.09 25.62
C TYR C 35 -8.85 4.49 24.22
N PRO C 36 -7.52 4.70 24.02
CA PRO C 36 -6.95 4.76 22.68
C PRO C 36 -6.79 3.33 22.12
N THR C 37 -6.08 3.18 20.99
CA THR C 37 -5.69 1.86 20.43
C THR C 37 -4.62 1.25 21.34
N ILE C 38 -5.05 0.55 22.40
CA ILE C 38 -4.17 -0.10 23.41
C ILE C 38 -3.81 -1.51 22.93
N ALA C 39 -4.83 -2.28 22.52
CA ALA C 39 -4.70 -3.69 22.06
C ALA C 39 -3.90 -3.74 20.76
N PRO C 40 -2.97 -4.70 20.60
CA PRO C 40 -2.16 -4.80 19.38
C PRO C 40 -2.96 -5.43 18.23
N PRO C 41 -2.61 -5.13 16.96
CA PRO C 41 -3.41 -5.57 15.82
C PRO C 41 -3.21 -7.07 15.52
N ALA C 42 -4.27 -7.73 15.06
CA ALA C 42 -4.30 -9.18 14.75
C ALA C 42 -4.84 -9.40 13.33
N VAL C 43 -4.24 -10.35 12.60
CA VAL C 43 -4.63 -10.76 11.22
C VAL C 43 -4.97 -12.26 11.26
N THR C 44 -6.18 -12.62 10.84
CA THR C 44 -6.69 -14.03 10.83
C THR C 44 -6.75 -14.54 9.39
N ILE C 45 -6.28 -15.77 9.17
CA ILE C 45 -6.37 -16.52 7.88
C ILE C 45 -7.42 -17.61 8.03
N SER C 46 -8.60 -17.42 7.43
CA SER C 46 -9.74 -18.38 7.45
C SER C 46 -9.71 -19.24 6.19
N ALA C 47 -9.56 -20.56 6.36
CA ALA C 47 -9.65 -21.58 5.29
C ALA C 47 -10.76 -22.58 5.62
N SER C 48 -11.16 -23.41 4.65
CA SER C 48 -12.28 -24.38 4.76
C SER C 48 -12.03 -25.57 3.84
N TYR C 49 -12.07 -26.79 4.40
CA TYR C 49 -11.94 -28.08 3.68
C TYR C 49 -13.19 -28.92 3.97
N PRO C 50 -14.32 -28.69 3.26
CA PRO C 50 -15.58 -29.35 3.56
C PRO C 50 -15.48 -30.88 3.58
N GLY C 51 -15.85 -31.50 4.71
CA GLY C 51 -15.91 -32.97 4.89
C GLY C 51 -14.76 -33.51 5.72
N ALA C 52 -13.58 -32.91 5.63
CA ALA C 52 -12.33 -33.38 6.27
C ALA C 52 -12.40 -33.15 7.79
N ASP C 53 -11.84 -34.09 8.57
CA ASP C 53 -11.77 -34.03 10.05
C ASP C 53 -10.60 -33.13 10.46
N ALA C 54 -10.51 -32.78 11.75
CA ALA C 54 -9.55 -31.82 12.34
C ALA C 54 -8.11 -32.23 12.01
N LYS C 55 -7.78 -33.52 12.14
CA LYS C 55 -6.41 -34.08 11.96
C LYS C 55 -5.97 -33.89 10.50
N THR C 56 -6.80 -34.31 9.55
CA THR C 56 -6.56 -34.19 8.09
C THR C 56 -6.39 -32.71 7.73
N VAL C 57 -7.27 -31.85 8.24
CA VAL C 57 -7.30 -30.38 7.98
C VAL C 57 -6.02 -29.73 8.53
N GLN C 58 -5.55 -30.18 9.70
CA GLN C 58 -4.33 -29.65 10.37
C GLN C 58 -3.10 -29.96 9.50
N ASP C 59 -3.03 -31.18 8.94
CA ASP C 59 -1.85 -31.69 8.19
C ASP C 59 -1.79 -31.06 6.79
N THR C 60 -2.93 -31.02 6.09
CA THR C 60 -3.03 -30.65 4.65
C THR C 60 -3.13 -29.12 4.48
N VAL C 61 -3.57 -28.38 5.51
CA VAL C 61 -3.85 -26.92 5.41
C VAL C 61 -3.04 -26.14 6.46
N THR C 62 -3.31 -26.36 7.75
CA THR C 62 -2.83 -25.51 8.88
C THR C 62 -1.30 -25.48 8.89
N GLN C 63 -0.64 -26.65 8.88
CA GLN C 63 0.84 -26.78 8.94
C GLN C 63 1.47 -26.22 7.66
N VAL C 64 0.77 -26.33 6.52
CA VAL C 64 1.24 -25.84 5.19
C VAL C 64 1.30 -24.30 5.21
N ILE C 65 0.31 -23.66 5.84
CA ILE C 65 0.23 -22.17 5.96
C ILE C 65 1.23 -21.70 7.03
N GLU C 66 1.20 -22.33 8.22
CA GLU C 66 1.97 -21.92 9.43
C GLU C 66 3.47 -21.90 9.13
N GLN C 67 3.98 -22.89 8.38
CA GLN C 67 5.43 -23.06 8.08
C GLN C 67 5.91 -21.93 7.15
N ASN C 68 5.01 -21.37 6.35
CA ASN C 68 5.31 -20.27 5.37
C ASN C 68 5.13 -18.90 6.05
N MET C 69 4.50 -18.85 7.23
CA MET C 69 4.33 -17.60 8.03
C MET C 69 5.58 -17.39 8.89
N ASN C 70 6.72 -17.11 8.26
CA ASN C 70 8.06 -16.98 8.90
C ASN C 70 8.68 -15.63 8.54
N GLY C 71 9.37 -15.01 9.50
CA GLY C 71 10.13 -13.75 9.32
C GLY C 71 9.26 -12.61 8.83
N ILE C 72 8.01 -12.54 9.31
CA ILE C 72 7.10 -11.38 9.07
C ILE C 72 7.43 -10.32 10.12
N ASP C 73 7.36 -9.03 9.75
CA ASP C 73 7.80 -7.89 10.59
C ASP C 73 6.85 -7.73 11.78
N ASN C 74 7.43 -7.64 12.99
CA ASN C 74 6.73 -7.24 14.25
C ASN C 74 5.68 -8.30 14.64
N LEU C 75 6.00 -9.59 14.45
CA LEU C 75 5.11 -10.73 14.83
C LEU C 75 5.43 -11.16 16.27
N MET C 76 4.48 -10.98 17.19
CA MET C 76 4.62 -11.33 18.64
C MET C 76 4.41 -12.84 18.81
N TYR C 77 3.30 -13.37 18.31
CA TYR C 77 2.96 -14.82 18.38
C TYR C 77 1.87 -15.17 17.35
N MET C 78 1.66 -16.47 17.15
CA MET C 78 0.72 -17.06 16.16
C MET C 78 -0.06 -18.20 16.82
N SER C 79 -1.37 -17.99 17.06
CA SER C 79 -2.33 -19.02 17.56
C SER C 79 -3.20 -19.49 16.40
N SER C 80 -3.60 -20.77 16.41
CA SER C 80 -4.46 -21.38 15.37
C SER C 80 -5.19 -22.62 15.93
N ASN C 81 -6.31 -22.99 15.32
CA ASN C 81 -7.11 -24.20 15.66
C ASN C 81 -7.76 -24.76 14.40
N SER C 82 -7.80 -26.10 14.27
CA SER C 82 -8.40 -26.87 13.16
C SER C 82 -9.47 -27.80 13.72
N ASP C 83 -10.69 -27.77 13.16
CA ASP C 83 -11.89 -28.42 13.75
C ASP C 83 -12.49 -29.46 12.77
N SER C 84 -13.46 -30.24 13.26
CA SER C 84 -14.05 -31.43 12.59
C SER C 84 -14.85 -31.04 11.35
N THR C 85 -15.44 -29.84 11.33
CA THR C 85 -16.29 -29.34 10.21
C THR C 85 -15.42 -29.03 8.99
N GLY C 86 -14.14 -28.76 9.18
CA GLY C 86 -13.16 -28.54 8.10
C GLY C 86 -12.50 -27.17 8.16
N THR C 87 -12.96 -26.29 9.04
CA THR C 87 -12.51 -24.86 9.15
C THR C 87 -11.10 -24.80 9.74
N VAL C 88 -10.30 -23.85 9.26
CA VAL C 88 -9.00 -23.42 9.86
C VAL C 88 -9.10 -21.93 10.19
N GLN C 89 -8.49 -21.50 11.29
CA GLN C 89 -8.35 -20.07 11.68
C GLN C 89 -6.97 -19.86 12.29
N ILE C 90 -6.06 -19.21 11.55
CA ILE C 90 -4.66 -18.90 11.97
C ILE C 90 -4.57 -17.39 12.25
N THR C 91 -4.59 -17.01 13.53
CA THR C 91 -4.52 -15.60 14.00
C THR C 91 -3.06 -15.24 14.30
N LEU C 92 -2.52 -14.25 13.58
CA LEU C 92 -1.16 -13.69 13.80
C LEU C 92 -1.29 -12.34 14.51
N THR C 93 -0.90 -12.28 15.79
CA THR C 93 -0.92 -11.04 16.61
C THR C 93 0.44 -10.34 16.48
N PHE C 94 0.43 -9.05 16.14
CA PHE C 94 1.62 -8.21 15.88
C PHE C 94 1.88 -7.28 17.06
N GLU C 95 3.06 -6.65 17.10
CA GLU C 95 3.50 -5.73 18.19
C GLU C 95 2.64 -4.47 18.14
N SER C 96 2.50 -3.78 19.29
CA SER C 96 1.76 -2.51 19.44
C SER C 96 2.49 -1.40 18.65
N GLY C 97 1.74 -0.65 17.83
CA GLY C 97 2.28 0.42 16.96
C GLY C 97 2.48 -0.05 15.53
N THR C 98 2.33 -1.36 15.27
CA THR C 98 2.47 -1.97 13.92
C THR C 98 1.33 -1.50 13.02
N ASP C 99 1.65 -1.14 11.77
CA ASP C 99 0.65 -0.80 10.71
C ASP C 99 -0.08 -2.10 10.34
N ALA C 100 -1.35 -2.22 10.72
CA ALA C 100 -2.20 -3.42 10.53
C ALA C 100 -2.40 -3.70 9.04
N ASP C 101 -2.42 -2.64 8.21
CA ASP C 101 -2.63 -2.73 6.74
C ASP C 101 -1.39 -3.36 6.08
N ILE C 102 -0.18 -2.95 6.50
CA ILE C 102 1.11 -3.52 6.03
C ILE C 102 1.22 -4.96 6.54
N ALA C 103 0.85 -5.20 7.80
CA ALA C 103 0.83 -6.54 8.45
C ALA C 103 -0.05 -7.48 7.62
N GLN C 104 -1.24 -7.02 7.21
CA GLN C 104 -2.21 -7.78 6.37
C GLN C 104 -1.53 -8.14 5.04
N VAL C 105 -0.85 -7.19 4.41
CA VAL C 105 -0.17 -7.35 3.09
C VAL C 105 0.94 -8.41 3.20
N GLN C 106 1.78 -8.33 4.23
CA GLN C 106 2.93 -9.25 4.46
C GLN C 106 2.43 -10.67 4.71
N VAL C 107 1.32 -10.83 5.44
CA VAL C 107 0.65 -12.14 5.70
C VAL C 107 0.11 -12.70 4.37
N GLN C 108 -0.56 -11.85 3.59
CA GLN C 108 -1.19 -12.22 2.29
C GLN C 108 -0.09 -12.70 1.32
N ASN C 109 1.04 -11.97 1.27
CA ASN C 109 2.21 -12.29 0.39
C ASN C 109 2.74 -13.69 0.73
N LYS C 110 2.85 -14.01 2.02
CA LYS C 110 3.42 -15.29 2.52
C LYS C 110 2.40 -16.43 2.34
N LEU C 111 1.10 -16.14 2.40
CA LEU C 111 0.02 -17.15 2.26
C LEU C 111 0.04 -17.72 0.83
N GLN C 112 0.22 -16.87 -0.18
CA GLN C 112 0.10 -17.24 -1.61
C GLN C 112 1.28 -18.12 -2.05
N LEU C 113 2.31 -18.27 -1.20
CA LEU C 113 3.37 -19.30 -1.36
C LEU C 113 2.83 -20.67 -0.92
N ALA C 114 1.99 -20.69 0.13
CA ALA C 114 1.39 -21.91 0.71
C ALA C 114 0.19 -22.37 -0.13
N MET C 115 -0.57 -21.42 -0.69
CA MET C 115 -1.84 -21.65 -1.45
C MET C 115 -1.66 -22.78 -2.48
N PRO C 116 -0.62 -22.77 -3.34
CA PRO C 116 -0.40 -23.86 -4.30
C PRO C 116 -0.22 -25.25 -3.69
N LEU C 117 0.33 -25.34 -2.47
CA LEU C 117 0.59 -26.62 -1.76
C LEU C 117 -0.70 -27.15 -1.12
N LEU C 118 -1.73 -26.31 -0.99
CA LEU C 118 -3.05 -26.69 -0.40
C LEU C 118 -3.81 -27.56 -1.40
N PRO C 119 -4.82 -28.34 -0.94
CA PRO C 119 -5.73 -29.06 -1.85
C PRO C 119 -6.58 -28.12 -2.72
N GLN C 120 -7.17 -28.66 -3.79
CA GLN C 120 -8.02 -27.91 -4.77
C GLN C 120 -9.32 -27.45 -4.09
N GLU C 121 -9.93 -28.31 -3.27
CA GLU C 121 -11.22 -28.02 -2.57
C GLU C 121 -11.05 -26.81 -1.63
N VAL C 122 -9.87 -26.67 -1.00
CA VAL C 122 -9.54 -25.54 -0.09
C VAL C 122 -9.43 -24.25 -0.92
N GLN C 123 -8.78 -24.33 -2.09
CA GLN C 123 -8.60 -23.20 -3.04
C GLN C 123 -9.95 -22.78 -3.63
N GLN C 124 -10.88 -23.73 -3.80
CA GLN C 124 -12.23 -23.50 -4.40
C GLN C 124 -13.10 -22.68 -3.43
N GLN C 125 -12.96 -22.90 -2.12
CA GLN C 125 -13.71 -22.15 -1.07
C GLN C 125 -13.17 -20.72 -0.98
N GLY C 126 -11.86 -20.54 -1.17
CA GLY C 126 -11.17 -19.24 -1.08
C GLY C 126 -10.69 -18.95 0.32
N VAL C 127 -9.42 -18.59 0.48
CA VAL C 127 -8.76 -18.30 1.79
C VAL C 127 -8.74 -16.79 2.00
N SER C 128 -9.46 -16.29 3.01
CA SER C 128 -9.55 -14.86 3.38
C SER C 128 -8.41 -14.48 4.33
N VAL C 129 -7.78 -13.33 4.10
CA VAL C 129 -6.75 -12.70 4.98
C VAL C 129 -7.21 -11.28 5.31
N GLU C 130 -7.54 -11.00 6.57
CA GLU C 130 -8.10 -9.71 7.01
C GLU C 130 -7.78 -9.45 8.48
N LYS C 131 -7.83 -8.18 8.90
CA LYS C 131 -7.65 -7.73 10.30
C LYS C 131 -8.82 -8.26 11.13
N SER C 132 -8.55 -8.68 12.37
CA SER C 132 -9.51 -9.39 13.26
C SER C 132 -9.39 -8.91 14.70
N SER C 133 -10.47 -9.10 15.48
CA SER C 133 -10.53 -8.92 16.95
C SER C 133 -11.41 -10.04 17.54
N SER C 134 -11.15 -10.43 18.79
CA SER C 134 -11.78 -11.59 19.47
C SER C 134 -13.18 -11.23 19.97
N SER C 135 -13.33 -10.05 20.60
CA SER C 135 -14.55 -9.64 21.36
C SER C 135 -15.51 -8.83 20.47
N PHE C 136 -16.80 -8.86 20.81
CA PHE C 136 -17.89 -8.10 20.14
C PHE C 136 -18.00 -6.70 20.74
N LEU C 137 -18.27 -5.70 19.89
CA LEU C 137 -18.61 -4.31 20.32
C LEU C 137 -20.01 -4.35 20.96
N MET C 138 -20.97 -4.96 20.27
CA MET C 138 -22.38 -5.13 20.73
C MET C 138 -22.99 -6.38 20.08
N VAL C 139 -24.16 -6.77 20.57
CA VAL C 139 -25.08 -7.78 19.94
C VAL C 139 -26.41 -7.08 19.67
N VAL C 140 -26.77 -6.89 18.40
CA VAL C 140 -28.11 -6.37 17.97
C VAL C 140 -29.04 -7.58 17.82
N GLY C 141 -29.98 -7.74 18.75
CA GLY C 141 -30.99 -8.81 18.75
C GLY C 141 -32.24 -8.40 17.97
N VAL C 142 -32.92 -9.37 17.36
CA VAL C 142 -34.18 -9.16 16.59
C VAL C 142 -35.19 -10.23 17.02
N ILE C 143 -36.42 -9.80 17.35
CA ILE C 143 -37.55 -10.68 17.78
C ILE C 143 -38.82 -10.27 17.03
N ASN C 144 -39.88 -11.08 17.13
CA ASN C 144 -41.22 -10.83 16.55
C ASN C 144 -42.26 -10.82 17.67
N THR C 145 -43.06 -9.74 17.76
CA THR C 145 -44.03 -9.50 18.86
C THR C 145 -45.42 -10.01 18.47
N ASP C 146 -45.82 -9.86 17.20
CA ASP C 146 -47.19 -10.17 16.71
C ASP C 146 -47.31 -11.65 16.34
N GLY C 147 -46.21 -12.40 16.38
CA GLY C 147 -46.20 -13.88 16.27
C GLY C 147 -46.42 -14.38 14.86
N THR C 148 -46.30 -13.50 13.84
CA THR C 148 -46.44 -13.84 12.41
C THR C 148 -45.20 -14.59 11.92
N MET C 149 -44.01 -14.07 12.26
CA MET C 149 -42.68 -14.60 11.84
C MET C 149 -42.14 -15.57 12.90
N THR C 150 -41.62 -16.72 12.46
CA THR C 150 -40.95 -17.74 13.32
C THR C 150 -39.49 -17.30 13.53
N GLN C 151 -38.73 -18.12 14.28
CA GLN C 151 -37.29 -17.90 14.58
C GLN C 151 -36.50 -17.86 13.27
N GLU C 152 -36.78 -18.81 12.36
CA GLU C 152 -36.08 -18.97 11.06
C GLU C 152 -36.41 -17.79 10.13
N ASP C 153 -37.66 -17.33 10.13
CA ASP C 153 -38.14 -16.17 9.32
C ASP C 153 -37.36 -14.91 9.70
N ILE C 154 -37.12 -14.70 11.00
CA ILE C 154 -36.39 -13.52 11.56
C ILE C 154 -34.92 -13.60 11.09
N SER C 155 -34.28 -14.76 11.27
CA SER C 155 -32.87 -15.03 10.89
C SER C 155 -32.66 -14.75 9.39
N ASP C 156 -33.59 -15.18 8.54
CA ASP C 156 -33.53 -14.98 7.07
C ASP C 156 -33.58 -13.49 6.75
N TYR C 157 -34.52 -12.74 7.35
CA TYR C 157 -34.73 -11.29 7.10
C TYR C 157 -33.48 -10.51 7.49
N VAL C 158 -32.89 -10.84 8.65
CA VAL C 158 -31.63 -10.21 9.17
C VAL C 158 -30.51 -10.47 8.15
N ALA C 159 -30.37 -11.72 7.70
CA ALA C 159 -29.32 -12.17 6.75
C ALA C 159 -29.50 -11.49 5.40
N ALA C 160 -30.74 -11.42 4.90
CA ALA C 160 -31.09 -10.99 3.52
C ALA C 160 -31.11 -9.46 3.42
N ASN C 161 -31.61 -8.76 4.44
CA ASN C 161 -32.01 -7.33 4.34
C ASN C 161 -31.22 -6.43 5.29
N MET C 162 -30.49 -6.98 6.27
CA MET C 162 -29.81 -6.18 7.33
C MET C 162 -28.29 -6.43 7.35
N LYS C 163 -27.85 -7.69 7.23
CA LYS C 163 -26.45 -8.12 7.52
C LYS C 163 -25.44 -7.37 6.64
N ASP C 164 -25.67 -7.36 5.31
CA ASP C 164 -24.70 -6.84 4.30
C ASP C 164 -24.46 -5.35 4.52
N ALA C 165 -25.51 -4.56 4.71
CA ALA C 165 -25.46 -3.08 4.89
C ALA C 165 -24.75 -2.75 6.20
N ILE C 166 -25.05 -3.49 7.28
CA ILE C 166 -24.41 -3.35 8.62
C ILE C 166 -22.91 -3.66 8.51
N SER C 167 -22.55 -4.68 7.72
CA SER C 167 -21.16 -5.17 7.55
C SER C 167 -20.31 -4.19 6.72
N ARG C 168 -20.96 -3.27 5.99
CA ARG C 168 -20.30 -2.21 5.17
C ARG C 168 -20.39 -0.86 5.88
N THR C 169 -20.96 -0.80 7.08
CA THR C 169 -21.09 0.43 7.90
C THR C 169 -19.71 0.85 8.43
N SER C 170 -19.53 2.16 8.66
CA SER C 170 -18.25 2.79 9.10
C SER C 170 -17.80 2.20 10.45
N GLY C 171 -16.63 1.57 10.48
CA GLY C 171 -15.96 1.09 11.70
C GLY C 171 -16.31 -0.35 12.06
N VAL C 172 -17.26 -0.96 11.35
CA VAL C 172 -17.72 -2.37 11.59
C VAL C 172 -16.70 -3.32 10.97
N GLY C 173 -16.12 -4.21 11.78
CA GLY C 173 -15.19 -5.27 11.35
C GLY C 173 -15.93 -6.48 10.83
N ASP C 174 -15.89 -7.59 11.57
CA ASP C 174 -16.62 -8.85 11.28
C ASP C 174 -18.06 -8.72 11.80
N VAL C 175 -19.03 -9.29 11.08
CA VAL C 175 -20.47 -9.37 11.50
C VAL C 175 -20.88 -10.85 11.47
N GLN C 176 -21.22 -11.40 12.64
CA GLN C 176 -21.62 -12.82 12.84
C GLN C 176 -23.15 -12.89 12.97
N LEU C 177 -23.79 -13.78 12.22
CA LEU C 177 -25.27 -14.01 12.25
C LEU C 177 -25.59 -15.10 13.27
N PHE C 178 -26.42 -14.77 14.28
CA PHE C 178 -26.94 -15.73 15.28
C PHE C 178 -28.18 -16.42 14.69
N GLY C 179 -27.94 -17.32 13.74
CA GLY C 179 -28.95 -17.99 12.91
C GLY C 179 -28.39 -18.33 11.54
N SER C 180 -29.27 -18.47 10.54
CA SER C 180 -28.89 -18.82 9.13
C SER C 180 -29.88 -18.18 8.15
N GLN C 181 -29.37 -17.74 6.99
CA GLN C 181 -30.19 -17.28 5.84
C GLN C 181 -30.92 -18.50 5.24
N TYR C 182 -32.13 -18.30 4.69
CA TYR C 182 -32.92 -19.36 4.02
C TYR C 182 -32.18 -19.82 2.76
N ALA C 183 -32.28 -21.13 2.48
CA ALA C 183 -31.84 -21.79 1.23
C ALA C 183 -32.98 -22.70 0.76
N MET C 184 -32.97 -23.11 -0.51
CA MET C 184 -33.94 -24.08 -1.06
C MET C 184 -33.53 -25.48 -0.58
N ARG C 185 -34.15 -25.96 0.50
CA ARG C 185 -33.87 -27.28 1.12
C ARG C 185 -34.66 -28.37 0.37
N ILE C 186 -33.95 -29.27 -0.30
CA ILE C 186 -34.52 -30.49 -0.93
C ILE C 186 -34.32 -31.65 0.05
N TRP C 187 -35.28 -31.87 0.96
CA TRP C 187 -35.26 -32.95 1.98
C TRP C 187 -35.65 -34.27 1.32
N MET C 188 -34.64 -35.08 0.95
CA MET C 188 -34.79 -36.32 0.13
C MET C 188 -35.32 -37.46 1.00
N ASN C 189 -36.22 -38.27 0.45
CA ASN C 189 -36.75 -39.53 1.05
C ASN C 189 -36.06 -40.70 0.35
N PRO C 190 -35.29 -41.55 1.08
CA PRO C 190 -34.53 -42.63 0.45
C PRO C 190 -35.42 -43.78 -0.07
N ASN C 191 -36.58 -44.01 0.57
CA ASN C 191 -37.55 -45.06 0.21
C ASN C 191 -38.20 -44.72 -1.15
N GLU C 192 -38.55 -43.45 -1.35
CA GLU C 192 -39.21 -42.96 -2.59
C GLU C 192 -38.17 -42.87 -3.73
N LEU C 193 -36.91 -42.55 -3.39
CA LEU C 193 -35.75 -42.62 -4.32
C LEU C 193 -35.59 -44.06 -4.83
N ASN C 194 -35.69 -45.03 -3.92
CA ASN C 194 -35.55 -46.49 -4.21
C ASN C 194 -36.75 -46.96 -5.05
N LYS C 195 -37.94 -46.40 -4.78
CA LYS C 195 -39.23 -46.82 -5.41
C LYS C 195 -39.20 -46.54 -6.93
N PHE C 196 -38.61 -45.42 -7.35
CA PHE C 196 -38.55 -44.95 -8.76
C PHE C 196 -37.15 -45.18 -9.35
N GLN C 197 -36.32 -46.00 -8.68
CA GLN C 197 -34.92 -46.31 -9.08
C GLN C 197 -34.16 -45.00 -9.37
N LEU C 198 -33.88 -44.21 -8.34
CA LEU C 198 -33.16 -42.91 -8.45
C LEU C 198 -32.18 -42.75 -7.28
N THR C 199 -31.25 -41.80 -7.41
CA THR C 199 -30.19 -41.47 -6.42
C THR C 199 -30.10 -39.95 -6.25
N PRO C 200 -29.43 -39.45 -5.19
CA PRO C 200 -29.10 -38.03 -5.08
C PRO C 200 -28.36 -37.44 -6.30
N VAL C 201 -27.61 -38.27 -7.04
CA VAL C 201 -26.87 -37.87 -8.27
C VAL C 201 -27.89 -37.40 -9.32
N ASP C 202 -28.99 -38.15 -9.48
CA ASP C 202 -30.08 -37.84 -10.45
C ASP C 202 -30.78 -36.54 -10.04
N VAL C 203 -30.91 -36.29 -8.73
CA VAL C 203 -31.56 -35.07 -8.17
C VAL C 203 -30.64 -33.87 -8.43
N ILE C 204 -29.34 -34.01 -8.14
CA ILE C 204 -28.31 -32.93 -8.30
C ILE C 204 -28.21 -32.56 -9.80
N THR C 205 -28.12 -33.55 -10.68
CA THR C 205 -28.04 -33.38 -12.16
C THR C 205 -29.28 -32.64 -12.67
N ALA C 206 -30.46 -33.05 -12.21
CA ALA C 206 -31.79 -32.49 -12.60
C ALA C 206 -31.87 -31.02 -12.18
N ILE C 207 -31.47 -30.69 -10.95
CA ILE C 207 -31.53 -29.32 -10.36
C ILE C 207 -30.58 -28.41 -11.15
N LYS C 208 -29.35 -28.87 -11.43
CA LYS C 208 -28.32 -28.11 -12.18
C LYS C 208 -28.84 -27.77 -13.59
N ALA C 209 -29.55 -28.72 -14.23
CA ALA C 209 -30.08 -28.58 -15.60
C ALA C 209 -31.31 -27.66 -15.63
N GLN C 210 -32.17 -27.74 -14.60
CA GLN C 210 -33.52 -27.10 -14.59
C GLN C 210 -33.56 -25.89 -13.64
N ASN C 211 -32.50 -25.66 -12.85
CA ASN C 211 -32.27 -24.40 -12.10
C ASN C 211 -30.97 -23.77 -12.63
N ALA C 212 -31.01 -23.27 -13.87
CA ALA C 212 -29.85 -22.73 -14.61
C ALA C 212 -30.15 -21.31 -15.09
N GLN C 213 -29.10 -20.49 -15.21
CA GLN C 213 -29.15 -19.11 -15.78
C GLN C 213 -28.22 -19.08 -17.00
N VAL C 214 -28.78 -19.35 -18.20
CA VAL C 214 -28.01 -19.55 -19.46
C VAL C 214 -27.82 -18.20 -20.16
N ALA C 215 -26.61 -17.95 -20.68
CA ALA C 215 -26.27 -16.83 -21.59
C ALA C 215 -26.50 -17.29 -23.03
N ALA C 216 -27.55 -16.78 -23.69
CA ALA C 216 -28.10 -17.29 -24.97
C ALA C 216 -27.72 -16.39 -26.15
N GLY C 217 -27.29 -15.15 -25.91
CA GLY C 217 -26.83 -14.21 -26.95
C GLY C 217 -27.89 -13.20 -27.34
N GLN C 218 -27.84 -12.71 -28.59
CA GLN C 218 -28.70 -11.60 -29.10
C GLN C 218 -29.16 -11.89 -30.54
N LEU C 219 -30.35 -11.39 -30.89
CA LEU C 219 -30.81 -11.20 -32.29
C LEU C 219 -30.23 -9.88 -32.81
N GLY C 220 -29.54 -9.92 -33.96
CA GLY C 220 -28.96 -8.72 -34.61
C GLY C 220 -27.84 -8.10 -33.79
N GLY C 221 -27.04 -8.94 -33.11
CA GLY C 221 -25.87 -8.50 -32.33
C GLY C 221 -24.66 -8.29 -33.23
N THR C 222 -23.66 -7.56 -32.75
CA THR C 222 -22.42 -7.22 -33.49
C THR C 222 -21.52 -8.46 -33.56
N PRO C 223 -20.85 -8.74 -34.70
CA PRO C 223 -20.99 -7.97 -35.93
C PRO C 223 -22.27 -8.31 -36.70
N PRO C 224 -23.08 -7.31 -37.11
CA PRO C 224 -24.35 -7.57 -37.79
C PRO C 224 -24.20 -7.56 -39.33
N VAL C 225 -25.27 -7.96 -40.04
CA VAL C 225 -25.46 -7.71 -41.49
C VAL C 225 -25.93 -6.26 -41.64
N LYS C 226 -25.19 -5.44 -42.40
CA LYS C 226 -25.48 -3.99 -42.58
C LYS C 226 -26.92 -3.81 -43.07
N GLY C 227 -27.71 -3.00 -42.36
CA GLY C 227 -29.14 -2.74 -42.65
C GLY C 227 -30.05 -3.37 -41.61
N GLN C 228 -29.49 -4.07 -40.63
CA GLN C 228 -30.23 -4.71 -39.50
C GLN C 228 -30.99 -3.61 -38.74
N GLN C 229 -32.25 -3.89 -38.37
CA GLN C 229 -33.14 -2.98 -37.61
C GLN C 229 -33.32 -3.52 -36.19
N LEU C 230 -33.67 -4.80 -36.05
CA LEU C 230 -33.92 -5.48 -34.76
C LEU C 230 -32.59 -5.72 -34.04
N ASN C 231 -32.51 -5.31 -32.77
CA ASN C 231 -31.42 -5.68 -31.82
C ASN C 231 -32.07 -5.98 -30.47
N ALA C 232 -32.14 -7.25 -30.09
CA ALA C 232 -32.81 -7.75 -28.86
C ALA C 232 -32.04 -8.92 -28.26
N SER C 233 -31.98 -8.98 -26.92
CA SER C 233 -31.35 -10.07 -26.14
C SER C 233 -32.22 -11.33 -26.22
N ILE C 234 -31.60 -12.51 -26.28
CA ILE C 234 -32.27 -13.83 -26.18
C ILE C 234 -32.22 -14.26 -24.70
N ILE C 235 -33.40 -14.50 -24.10
CA ILE C 235 -33.55 -14.99 -22.70
C ILE C 235 -33.95 -16.47 -22.75
N ALA C 236 -33.03 -17.35 -22.36
CA ALA C 236 -33.25 -18.81 -22.24
C ALA C 236 -33.73 -19.12 -20.81
N GLN C 237 -33.15 -20.12 -20.15
CA GLN C 237 -33.53 -20.55 -18.77
C GLN C 237 -33.08 -19.49 -17.77
N THR C 238 -33.91 -19.19 -16.77
CA THR C 238 -33.59 -18.33 -15.60
C THR C 238 -33.64 -19.17 -14.33
N ARG C 239 -33.07 -18.65 -13.23
CA ARG C 239 -33.06 -19.30 -11.89
C ARG C 239 -34.51 -19.47 -11.41
N LEU C 240 -34.83 -20.62 -10.82
CA LEU C 240 -36.14 -20.87 -10.14
C LEU C 240 -36.20 -19.99 -8.90
N THR C 241 -37.41 -19.51 -8.54
CA THR C 241 -37.62 -18.43 -7.53
C THR C 241 -38.51 -18.87 -6.37
N SER C 242 -39.02 -20.10 -6.37
CA SER C 242 -40.01 -20.58 -5.36
C SER C 242 -39.97 -22.11 -5.24
N THR C 243 -40.54 -22.64 -4.14
CA THR C 243 -40.62 -24.09 -3.80
C THR C 243 -41.45 -24.81 -4.86
N GLU C 244 -42.50 -24.16 -5.39
CA GLU C 244 -43.43 -24.72 -6.40
C GLU C 244 -42.65 -25.12 -7.65
N GLU C 245 -41.73 -24.26 -8.11
CA GLU C 245 -40.93 -24.44 -9.35
C GLU C 245 -39.92 -25.59 -9.16
N PHE C 246 -39.28 -25.66 -8.00
CA PHE C 246 -38.31 -26.74 -7.63
C PHE C 246 -39.07 -28.07 -7.49
N GLY C 247 -40.28 -28.03 -6.90
CA GLY C 247 -41.14 -29.21 -6.68
C GLY C 247 -41.50 -29.92 -7.98
N LYS C 248 -41.66 -29.16 -9.07
CA LYS C 248 -42.10 -29.69 -10.40
C LYS C 248 -40.89 -29.91 -11.32
N ILE C 249 -39.68 -30.00 -10.76
CA ILE C 249 -38.45 -30.43 -11.51
C ILE C 249 -38.66 -31.89 -11.94
N LEU C 250 -38.67 -32.14 -13.25
CA LEU C 250 -38.89 -33.47 -13.86
C LEU C 250 -37.60 -34.30 -13.73
N LEU C 251 -37.62 -35.35 -12.90
CA LEU C 251 -36.47 -36.27 -12.68
C LEU C 251 -36.40 -37.25 -13.85
N LYS C 252 -37.52 -37.91 -14.19
CA LYS C 252 -37.63 -38.83 -15.35
C LYS C 252 -39.11 -39.07 -15.71
N VAL C 253 -39.36 -39.58 -16.92
CA VAL C 253 -40.68 -39.99 -17.44
C VAL C 253 -40.71 -41.52 -17.52
N ASN C 254 -41.72 -42.16 -16.90
CA ASN C 254 -41.91 -43.63 -16.90
C ASN C 254 -42.45 -44.08 -18.27
N GLN C 255 -42.30 -45.36 -18.59
CA GLN C 255 -42.64 -45.97 -19.91
C GLN C 255 -44.16 -45.96 -20.12
N ASP C 256 -44.93 -46.27 -19.07
CA ASP C 256 -46.41 -46.42 -19.11
C ASP C 256 -47.07 -45.10 -19.53
N GLY C 257 -46.57 -43.97 -19.04
CA GLY C 257 -47.11 -42.62 -19.32
C GLY C 257 -46.84 -41.64 -18.19
N SER C 258 -46.91 -42.11 -16.93
CA SER C 258 -46.70 -41.30 -15.71
C SER C 258 -45.28 -40.70 -15.69
N ARG C 259 -45.05 -39.71 -14.83
CA ARG C 259 -43.80 -38.91 -14.78
C ARG C 259 -43.43 -38.62 -13.31
N VAL C 260 -42.16 -38.79 -12.96
CA VAL C 260 -41.61 -38.60 -11.58
C VAL C 260 -41.06 -37.17 -11.46
N LEU C 261 -41.64 -36.37 -10.56
CA LEU C 261 -41.17 -35.00 -10.23
C LEU C 261 -40.30 -35.06 -8.96
N LEU C 262 -39.68 -33.94 -8.59
CA LEU C 262 -38.77 -33.84 -7.41
C LEU C 262 -39.59 -33.91 -6.11
N ARG C 263 -40.80 -33.35 -6.12
CA ARG C 263 -41.73 -33.31 -4.94
C ARG C 263 -42.27 -34.73 -4.65
N ASP C 264 -42.19 -35.64 -5.63
CA ASP C 264 -42.67 -37.04 -5.50
C ASP C 264 -41.67 -37.89 -4.70
N VAL C 265 -40.42 -37.43 -4.54
CA VAL C 265 -39.35 -38.18 -3.82
C VAL C 265 -38.66 -37.30 -2.75
N ALA C 266 -39.19 -36.11 -2.46
CA ALA C 266 -38.58 -35.16 -1.50
C ALA C 266 -39.60 -34.11 -1.04
N LYS C 267 -39.34 -33.50 0.12
CA LYS C 267 -40.11 -32.35 0.67
C LYS C 267 -39.37 -31.06 0.33
N ILE C 268 -40.08 -30.08 -0.25
CA ILE C 268 -39.52 -28.78 -0.73
C ILE C 268 -39.99 -27.68 0.23
N GLU C 269 -39.04 -26.92 0.79
CA GLU C 269 -39.33 -25.79 1.73
C GLU C 269 -38.11 -24.86 1.83
N LEU C 270 -38.36 -23.58 2.09
CA LEU C 270 -37.31 -22.59 2.46
C LEU C 270 -36.82 -22.92 3.87
N GLY C 271 -35.53 -23.25 4.01
CA GLY C 271 -34.89 -23.60 5.28
C GLY C 271 -33.47 -23.08 5.36
N GLY C 272 -32.93 -22.94 6.57
CA GLY C 272 -31.59 -22.37 6.82
C GLY C 272 -30.49 -23.17 6.14
N GLU C 273 -29.42 -22.49 5.72
CA GLU C 273 -28.19 -23.11 5.15
C GLU C 273 -27.61 -24.09 6.18
N ASN C 274 -27.58 -23.67 7.46
CA ASN C 274 -27.23 -24.51 8.63
C ASN C 274 -28.34 -24.36 9.69
N TYR C 275 -28.50 -25.37 10.56
CA TYR C 275 -29.47 -25.41 11.67
C TYR C 275 -28.71 -25.53 13.00
N ASP C 276 -27.48 -25.02 13.06
CA ASP C 276 -26.53 -25.23 14.18
C ASP C 276 -26.77 -24.17 15.27
N ILE C 277 -27.08 -22.93 14.88
CA ILE C 277 -27.22 -21.76 15.80
C ILE C 277 -28.72 -21.52 16.06
N ILE C 278 -29.11 -21.54 17.34
CA ILE C 278 -30.49 -21.23 17.83
C ILE C 278 -30.38 -20.26 19.02
N ALA C 279 -30.74 -19.00 18.81
CA ALA C 279 -30.67 -17.90 19.82
C ALA C 279 -32.06 -17.67 20.43
N GLU C 280 -32.09 -17.24 21.70
CA GLU C 280 -33.33 -16.87 22.43
C GLU C 280 -33.06 -15.63 23.28
N PHE C 281 -34.03 -14.72 23.35
CA PHE C 281 -33.99 -13.46 24.14
C PHE C 281 -35.02 -13.55 25.28
N ASN C 282 -34.54 -13.91 26.48
CA ASN C 282 -35.37 -14.13 27.70
C ASN C 282 -36.42 -15.21 27.44
N GLY C 283 -36.02 -16.31 26.78
CA GLY C 283 -36.87 -17.47 26.48
C GLY C 283 -37.53 -17.37 25.11
N GLN C 284 -37.86 -16.16 24.65
CA GLN C 284 -38.57 -15.89 23.38
C GLN C 284 -37.65 -16.23 22.19
N PRO C 285 -38.17 -16.90 21.14
CA PRO C 285 -37.40 -17.10 19.91
C PRO C 285 -36.83 -15.79 19.35
N ALA C 286 -35.57 -15.79 18.93
CA ALA C 286 -34.80 -14.59 18.52
C ALA C 286 -33.70 -14.95 17.51
N SER C 287 -33.26 -13.95 16.75
CA SER C 287 -32.00 -13.93 15.96
C SER C 287 -31.21 -12.68 16.35
N GLY C 288 -30.11 -12.39 15.65
CA GLY C 288 -29.32 -11.17 15.89
C GLY C 288 -28.03 -11.13 15.12
N LEU C 289 -27.29 -10.02 15.26
CA LEU C 289 -25.96 -9.78 14.63
C LEU C 289 -24.93 -9.54 15.73
N GLY C 290 -23.88 -10.35 15.76
CA GLY C 290 -22.68 -10.15 16.60
C GLY C 290 -21.69 -9.23 15.89
N ILE C 291 -21.80 -7.92 16.12
CA ILE C 291 -20.99 -6.86 15.45
C ILE C 291 -19.67 -6.71 16.20
N LYS C 292 -18.55 -6.67 15.46
CA LYS C 292 -17.17 -6.47 15.99
C LYS C 292 -16.64 -5.12 15.49
N LEU C 293 -15.81 -4.47 16.29
CA LEU C 293 -15.18 -3.15 15.99
C LEU C 293 -13.91 -3.39 15.15
N ALA C 294 -13.79 -2.70 14.01
CA ALA C 294 -12.62 -2.76 13.10
C ALA C 294 -11.40 -2.15 13.80
N THR C 295 -10.21 -2.62 13.45
CA THR C 295 -8.90 -2.19 14.04
C THR C 295 -8.73 -0.68 13.82
N GLY C 296 -8.63 0.09 14.90
CA GLY C 296 -8.36 1.54 14.89
C GLY C 296 -9.64 2.38 14.90
N ALA C 297 -10.80 1.76 14.69
CA ALA C 297 -12.12 2.44 14.60
C ALA C 297 -12.54 2.94 15.98
N ASN C 298 -13.23 4.10 16.02
CA ASN C 298 -13.79 4.71 17.25
C ASN C 298 -15.08 3.97 17.62
N ALA C 299 -15.19 3.50 18.86
CA ALA C 299 -16.30 2.64 19.36
C ALA C 299 -17.62 3.40 19.31
N LEU C 300 -17.66 4.63 19.83
CA LEU C 300 -18.89 5.46 19.97
C LEU C 300 -19.40 5.87 18.58
N ASP C 301 -18.49 6.24 17.67
CA ASP C 301 -18.83 6.64 16.27
C ASP C 301 -19.43 5.44 15.52
N THR C 302 -18.86 4.24 15.71
CA THR C 302 -19.31 2.98 15.08
C THR C 302 -20.70 2.61 15.60
N ALA C 303 -20.91 2.70 16.91
CA ALA C 303 -22.19 2.38 17.59
C ALA C 303 -23.29 3.34 17.10
N ALA C 304 -22.95 4.62 16.93
CA ALA C 304 -23.85 5.68 16.41
C ALA C 304 -24.16 5.43 14.93
N ALA C 305 -23.17 4.97 14.16
CA ALA C 305 -23.27 4.65 12.72
C ALA C 305 -24.17 3.43 12.53
N ILE C 306 -24.07 2.44 13.42
CA ILE C 306 -24.90 1.19 13.41
C ILE C 306 -26.36 1.57 13.73
N ARG C 307 -26.57 2.39 14.76
CA ARG C 307 -27.92 2.85 15.21
C ARG C 307 -28.56 3.71 14.11
N ALA C 308 -27.76 4.50 13.39
CA ALA C 308 -28.18 5.33 12.24
C ALA C 308 -28.63 4.42 11.09
N GLU C 309 -27.89 3.34 10.84
CA GLU C 309 -28.14 2.37 9.74
C GLU C 309 -29.38 1.53 10.04
N LEU C 310 -29.60 1.16 11.31
CA LEU C 310 -30.78 0.37 11.77
C LEU C 310 -32.04 1.24 11.69
N ALA C 311 -31.92 2.54 11.97
CA ALA C 311 -33.01 3.55 11.92
C ALA C 311 -33.48 3.73 10.47
N LYS C 312 -32.57 3.56 9.50
CA LYS C 312 -32.85 3.65 8.04
C LYS C 312 -33.65 2.43 7.60
N MET C 313 -33.40 1.27 8.21
CA MET C 313 -34.03 -0.04 7.86
C MET C 313 -35.40 -0.19 8.53
N GLU C 314 -35.62 0.48 9.68
CA GLU C 314 -36.75 0.20 10.61
C GLU C 314 -38.09 0.45 9.92
N PRO C 315 -38.27 1.54 9.14
CA PRO C 315 -39.53 1.77 8.41
C PRO C 315 -39.95 0.66 7.44
N PHE C 316 -38.99 -0.13 6.93
CA PHE C 316 -39.20 -1.15 5.86
C PHE C 316 -39.30 -2.56 6.45
N PHE C 317 -39.40 -2.69 7.79
CA PHE C 317 -39.56 -3.99 8.49
C PHE C 317 -40.97 -4.53 8.27
N PRO C 318 -41.17 -5.86 8.29
CA PRO C 318 -42.50 -6.45 8.30
C PRO C 318 -43.21 -6.26 9.65
N SER C 319 -44.44 -6.78 9.77
CA SER C 319 -45.33 -6.61 10.95
C SER C 319 -44.70 -7.26 12.18
N GLY C 320 -44.46 -6.47 13.23
CA GLY C 320 -44.12 -6.94 14.59
C GLY C 320 -42.64 -7.19 14.80
N LEU C 321 -41.80 -6.99 13.77
CA LEU C 321 -40.32 -7.16 13.87
C LEU C 321 -39.75 -5.98 14.67
N LYS C 322 -39.13 -6.27 15.82
CA LYS C 322 -38.57 -5.27 16.76
C LYS C 322 -37.10 -5.56 17.01
N ILE C 323 -36.25 -4.53 16.97
CA ILE C 323 -34.80 -4.60 17.36
C ILE C 323 -34.71 -4.45 18.88
N VAL C 324 -33.88 -5.27 19.53
CA VAL C 324 -33.55 -5.20 20.98
C VAL C 324 -32.03 -5.15 21.12
N TYR C 325 -31.54 -4.70 22.27
CA TYR C 325 -30.09 -4.45 22.55
C TYR C 325 -29.67 -5.27 23.77
N PRO C 326 -29.54 -6.61 23.63
CA PRO C 326 -29.23 -7.50 24.75
C PRO C 326 -27.79 -7.47 25.29
N TYR C 327 -26.85 -6.84 24.59
CA TYR C 327 -25.40 -6.80 24.94
C TYR C 327 -24.72 -5.66 24.19
N ASP C 328 -24.20 -4.67 24.93
CA ASP C 328 -23.54 -3.47 24.38
C ASP C 328 -22.54 -2.93 25.41
N THR C 329 -21.32 -2.62 24.97
CA THR C 329 -20.20 -2.11 25.81
C THR C 329 -20.24 -0.57 25.87
N THR C 330 -20.89 0.09 24.91
CA THR C 330 -20.85 1.56 24.70
C THR C 330 -21.58 2.30 25.82
N PRO C 331 -22.67 1.76 26.42
CA PRO C 331 -23.23 2.35 27.64
C PRO C 331 -22.20 2.54 28.76
N PHE C 332 -21.30 1.58 28.96
CA PHE C 332 -20.20 1.63 29.96
C PHE C 332 -19.17 2.68 29.56
N VAL C 333 -18.88 2.80 28.26
CA VAL C 333 -17.90 3.77 27.69
C VAL C 333 -18.37 5.19 28.05
N LYS C 334 -19.65 5.50 27.82
CA LYS C 334 -20.23 6.85 27.99
C LYS C 334 -20.29 7.22 29.47
N ILE C 335 -20.81 6.33 30.33
CA ILE C 335 -21.01 6.57 31.79
C ILE C 335 -19.64 6.72 32.47
N SER C 336 -18.65 5.91 32.09
CA SER C 336 -17.27 5.95 32.67
C SER C 336 -16.65 7.32 32.41
N ILE C 337 -16.83 7.87 31.20
CA ILE C 337 -16.28 9.20 30.78
C ILE C 337 -17.00 10.31 31.56
N HIS C 338 -18.30 10.18 31.80
CA HIS C 338 -19.10 11.14 32.61
CA HIS C 338 -19.10 11.14 32.61
C HIS C 338 -18.55 11.19 34.04
N GLU C 339 -18.18 10.02 34.58
CA GLU C 339 -17.68 9.86 35.98
C GLU C 339 -16.28 10.48 36.12
N VAL C 340 -15.46 10.48 35.07
CA VAL C 340 -14.09 11.07 35.08
C VAL C 340 -14.21 12.59 34.91
N VAL C 341 -15.15 13.05 34.06
CA VAL C 341 -15.49 14.50 33.89
C VAL C 341 -16.05 15.01 35.23
N LYS C 342 -16.90 14.21 35.88
CA LYS C 342 -17.45 14.50 37.24
C LYS C 342 -16.29 14.60 38.24
N THR C 343 -15.34 13.67 38.17
CA THR C 343 -14.11 13.64 39.02
C THR C 343 -13.25 14.88 38.75
N LEU C 344 -13.11 15.27 37.49
CA LEU C 344 -12.24 16.40 37.03
C LEU C 344 -12.79 17.73 37.57
N VAL C 345 -14.12 17.93 37.48
CA VAL C 345 -14.81 19.17 37.96
C VAL C 345 -14.69 19.22 39.50
N GLU C 346 -14.90 18.08 40.17
CA GLU C 346 -14.76 17.93 41.64
C GLU C 346 -13.33 18.28 42.06
N ALA C 347 -12.33 17.85 41.29
CA ALA C 347 -10.89 18.09 41.53
C ALA C 347 -10.60 19.60 41.50
N ILE C 348 -11.15 20.31 40.50
CA ILE C 348 -10.96 21.78 40.30
C ILE C 348 -11.58 22.54 41.48
N ILE C 349 -12.77 22.12 41.92
CA ILE C 349 -13.53 22.77 43.04
C ILE C 349 -12.77 22.55 44.35
N LEU C 350 -12.24 21.34 44.59
CA LEU C 350 -11.50 20.99 45.83
C LEU C 350 -10.16 21.73 45.86
N VAL C 351 -9.46 21.83 44.73
CA VAL C 351 -8.17 22.57 44.59
C VAL C 351 -8.42 24.06 44.83
N PHE C 352 -9.55 24.59 44.35
CA PHE C 352 -9.98 26.00 44.55
C PHE C 352 -10.14 26.28 46.05
N LEU C 353 -10.81 25.38 46.77
CA LEU C 353 -11.10 25.50 48.22
C LEU C 353 -9.82 25.40 49.04
N VAL C 354 -8.83 24.61 48.58
CA VAL C 354 -7.50 24.46 49.23
C VAL C 354 -6.76 25.80 49.14
N MET C 355 -6.74 26.41 47.94
CA MET C 355 -6.08 27.71 47.68
C MET C 355 -6.82 28.83 48.43
N TYR C 356 -8.15 28.74 48.51
CA TYR C 356 -9.03 29.71 49.23
C TYR C 356 -8.74 29.66 50.73
N LEU C 357 -8.41 28.47 51.27
CA LEU C 357 -8.11 28.25 52.72
C LEU C 357 -6.90 29.10 53.13
N PHE C 358 -5.85 29.11 52.30
CA PHE C 358 -4.54 29.77 52.59
C PHE C 358 -4.54 31.22 52.12
N LEU C 359 -5.08 31.50 50.93
CA LEU C 359 -5.05 32.85 50.28
C LEU C 359 -6.18 33.73 50.84
N GLN C 360 -7.36 33.16 51.06
CA GLN C 360 -8.46 33.75 51.88
C GLN C 360 -9.15 34.89 51.11
N ASN C 361 -8.40 35.90 50.64
CA ASN C 361 -8.92 36.97 49.75
C ASN C 361 -9.33 36.33 48.42
N PHE C 362 -10.50 36.71 47.89
CA PHE C 362 -11.10 36.13 46.65
C PHE C 362 -10.26 36.51 45.42
N ARG C 363 -9.79 37.76 45.36
CA ARG C 363 -8.99 38.30 44.22
C ARG C 363 -7.65 37.56 44.15
N ALA C 364 -7.00 37.34 45.31
CA ALA C 364 -5.71 36.62 45.44
C ALA C 364 -5.88 35.14 45.07
N THR C 365 -7.00 34.54 45.45
CA THR C 365 -7.35 33.11 45.20
C THR C 365 -7.62 32.89 43.70
N LEU C 366 -8.17 33.90 43.03
CA LEU C 366 -8.60 33.81 41.60
C LEU C 366 -7.38 33.76 40.66
N ILE C 367 -6.25 34.34 41.08
CA ILE C 367 -5.02 34.48 40.23
C ILE C 367 -4.51 33.10 39.84
N PRO C 368 -4.19 32.18 40.79
CA PRO C 368 -3.76 30.83 40.42
C PRO C 368 -4.90 29.94 39.89
N THR C 369 -6.16 30.31 40.13
CA THR C 369 -7.38 29.61 39.63
C THR C 369 -7.51 29.81 38.12
N ILE C 370 -7.10 30.98 37.61
CA ILE C 370 -7.15 31.34 36.16
C ILE C 370 -6.16 30.48 35.38
N ALA C 371 -5.15 29.89 36.05
CA ALA C 371 -4.17 28.96 35.46
C ALA C 371 -4.86 27.68 34.97
N VAL C 372 -5.95 27.26 35.64
CA VAL C 372 -6.68 25.99 35.36
C VAL C 372 -7.22 26.01 33.93
N PRO C 373 -8.11 26.95 33.54
CA PRO C 373 -8.63 26.98 32.17
C PRO C 373 -7.54 27.19 31.10
N VAL C 374 -6.55 28.04 31.37
CA VAL C 374 -5.45 28.38 30.41
C VAL C 374 -4.62 27.13 30.13
N VAL C 375 -4.21 26.40 31.17
CA VAL C 375 -3.33 25.20 31.07
C VAL C 375 -4.11 24.04 30.45
N LEU C 376 -5.34 23.77 30.93
CA LEU C 376 -6.16 22.61 30.50
C LEU C 376 -6.56 22.75 29.03
N LEU C 377 -7.13 23.90 28.64
CA LEU C 377 -7.53 24.20 27.24
C LEU C 377 -6.29 24.19 26.35
N GLY C 378 -5.18 24.73 26.85
CA GLY C 378 -3.86 24.67 26.18
C GLY C 378 -3.43 23.23 25.92
N THR C 379 -3.68 22.33 26.87
CA THR C 379 -3.35 20.88 26.80
C THR C 379 -4.25 20.19 25.76
N PHE C 380 -5.54 20.56 25.72
CA PHE C 380 -6.55 20.04 24.75
C PHE C 380 -6.10 20.37 23.33
N ALA C 381 -5.51 21.56 23.12
CA ALA C 381 -4.98 22.03 21.81
C ALA C 381 -3.81 21.15 21.39
N VAL C 382 -2.95 20.76 22.33
CA VAL C 382 -1.75 19.91 22.08
C VAL C 382 -2.20 18.47 21.74
N LEU C 383 -3.21 17.95 22.46
CA LEU C 383 -3.79 16.60 22.21
C LEU C 383 -4.33 16.54 20.78
N ALA C 384 -5.04 17.60 20.34
CA ALA C 384 -5.63 17.73 18.98
C ALA C 384 -4.52 17.81 17.93
N ALA C 385 -3.41 18.51 18.25
CA ALA C 385 -2.27 18.76 17.34
C ALA C 385 -1.54 17.44 17.03
N PHE C 386 -1.33 16.59 18.04
CA PHE C 386 -0.59 15.30 17.92
C PHE C 386 -1.56 14.13 17.74
N GLY C 387 -2.84 14.41 17.50
CA GLY C 387 -3.86 13.43 17.09
C GLY C 387 -4.21 12.45 18.20
N PHE C 388 -4.31 12.93 19.44
CA PHE C 388 -4.79 12.17 20.62
C PHE C 388 -6.28 12.44 20.82
N SER C 389 -6.98 11.52 21.49
CA SER C 389 -8.44 11.58 21.76
C SER C 389 -8.69 11.98 23.23
N ILE C 390 -9.88 12.51 23.51
CA ILE C 390 -10.40 12.72 24.90
C ILE C 390 -10.87 11.35 25.41
N ASN C 391 -10.01 10.66 26.18
CA ASN C 391 -10.27 9.29 26.71
C ASN C 391 -9.96 9.27 28.22
N THR C 392 -10.38 8.19 28.90
CA THR C 392 -10.27 8.04 30.38
C THR C 392 -8.83 8.27 30.83
N LEU C 393 -7.85 7.76 30.07
CA LEU C 393 -6.39 7.82 30.41
C LEU C 393 -5.90 9.27 30.32
N THR C 394 -6.20 9.97 29.23
CA THR C 394 -5.85 11.41 29.02
C THR C 394 -6.58 12.27 30.08
N MET C 395 -7.80 11.88 30.45
CA MET C 395 -8.62 12.59 31.46
C MET C 395 -8.01 12.39 32.86
N PHE C 396 -7.58 11.17 33.19
CA PHE C 396 -6.87 10.86 34.46
C PHE C 396 -5.61 11.72 34.56
N GLY C 397 -4.87 11.85 33.45
CA GLY C 397 -3.69 12.73 33.33
C GLY C 397 -4.02 14.18 33.68
N MET C 398 -5.19 14.66 33.29
CA MET C 398 -5.68 16.04 33.57
C MET C 398 -6.12 16.17 35.02
N VAL C 399 -6.72 15.11 35.61
CA VAL C 399 -7.16 15.08 37.03
C VAL C 399 -5.93 15.18 37.94
N LEU C 400 -4.87 14.42 37.62
CA LEU C 400 -3.56 14.47 38.33
C LEU C 400 -2.93 15.87 38.18
N ALA C 401 -3.09 16.47 36.99
CA ALA C 401 -2.42 17.74 36.58
C ALA C 401 -2.98 18.94 37.36
N ILE C 402 -4.27 18.92 37.74
CA ILE C 402 -4.95 20.06 38.41
C ILE C 402 -4.11 20.49 39.63
N GLY C 403 -3.69 19.51 40.44
CA GLY C 403 -2.89 19.72 41.66
C GLY C 403 -1.51 20.28 41.36
N LEU C 404 -0.95 19.97 40.18
CA LEU C 404 0.46 20.28 39.79
C LEU C 404 0.53 21.59 39.00
N LEU C 405 -0.43 21.87 38.12
CA LEU C 405 -0.38 23.03 37.18
C LEU C 405 -0.56 24.34 37.95
N VAL C 406 -1.15 24.30 39.15
CA VAL C 406 -1.39 25.50 40.01
C VAL C 406 -0.15 25.78 40.88
N ASP C 407 0.80 24.84 40.95
CA ASP C 407 1.97 24.91 41.86
C ASP C 407 2.77 26.20 41.61
N ASP C 408 3.27 26.39 40.40
CA ASP C 408 4.12 27.55 40.02
C ASP C 408 3.34 28.85 40.27
N ALA C 409 2.05 28.89 39.93
CA ALA C 409 1.16 30.07 40.13
C ALA C 409 1.06 30.39 41.63
N ILE C 410 0.83 29.38 42.47
CA ILE C 410 0.73 29.51 43.96
C ILE C 410 2.06 30.06 44.50
N VAL C 411 3.19 29.50 44.06
CA VAL C 411 4.56 29.88 44.52
C VAL C 411 4.79 31.37 44.22
N VAL C 412 4.32 31.86 43.07
CA VAL C 412 4.43 33.30 42.67
C VAL C 412 3.58 34.14 43.64
N VAL C 413 2.29 33.81 43.76
CA VAL C 413 1.28 34.61 44.53
C VAL C 413 1.64 34.59 46.02
N GLU C 414 2.06 33.43 46.55
CA GLU C 414 2.41 33.25 47.99
C GLU C 414 3.67 34.07 48.32
N ASN C 415 4.67 34.05 47.44
CA ASN C 415 5.96 34.77 47.61
C ASN C 415 5.72 36.29 47.58
N VAL C 416 4.78 36.76 46.74
CA VAL C 416 4.40 38.19 46.63
C VAL C 416 3.80 38.65 47.96
N GLU C 417 2.84 37.90 48.50
CA GLU C 417 2.15 38.21 49.79
C GLU C 417 3.14 38.09 50.95
N ARG C 418 4.14 37.21 50.85
CA ARG C 418 5.21 37.04 51.86
C ARG C 418 6.09 38.29 51.89
N VAL C 419 6.49 38.80 50.71
CA VAL C 419 7.33 40.02 50.56
C VAL C 419 6.54 41.24 51.05
N MET C 420 5.24 41.30 50.74
CA MET C 420 4.33 42.39 51.18
C MET C 420 4.12 42.33 52.69
N ALA C 421 4.13 41.13 53.28
CA ALA C 421 3.96 40.89 54.73
C ALA C 421 5.23 41.30 55.48
N GLU C 422 6.40 40.92 54.97
CA GLU C 422 7.73 41.15 55.62
C GLU C 422 8.17 42.61 55.39
N GLU C 423 8.40 42.99 54.13
CA GLU C 423 9.04 44.29 53.75
C GLU C 423 7.99 45.41 53.69
N GLY C 424 6.73 45.09 53.36
CA GLY C 424 5.63 46.07 53.30
C GLY C 424 5.66 46.90 52.04
N LEU C 425 6.08 46.31 50.91
CA LEU C 425 6.16 46.99 49.59
C LEU C 425 4.78 46.99 48.95
N PRO C 426 4.52 47.86 47.95
CA PRO C 426 3.31 47.77 47.13
C PRO C 426 3.23 46.47 46.34
N PRO C 427 2.05 46.11 45.77
CA PRO C 427 1.90 44.87 45.00
C PRO C 427 2.85 44.77 43.80
N LYS C 428 2.96 45.85 43.01
CA LYS C 428 3.75 45.91 41.75
C LYS C 428 5.24 45.78 42.07
N GLU C 429 5.70 46.43 43.15
CA GLU C 429 7.13 46.47 43.57
C GLU C 429 7.53 45.08 44.12
N ALA C 430 6.66 44.47 44.93
CA ALA C 430 6.88 43.16 45.60
C ALA C 430 6.96 42.03 44.57
N THR C 431 6.25 42.16 43.44
CA THR C 431 6.21 41.13 42.36
C THR C 431 7.57 41.08 41.66
N ARG C 432 8.15 42.23 41.31
CA ARG C 432 9.49 42.35 40.69
C ARG C 432 10.52 41.63 41.57
N LYS C 433 10.49 41.91 42.87
CA LYS C 433 11.36 41.28 43.90
C LYS C 433 11.17 39.76 43.88
N SER C 434 9.92 39.30 43.88
CA SER C 434 9.51 37.87 44.00
C SER C 434 10.05 37.06 42.83
N MET C 435 9.80 37.50 41.59
CA MET C 435 10.12 36.76 40.34
C MET C 435 11.64 36.57 40.23
N GLY C 436 12.44 37.50 40.78
CA GLY C 436 13.91 37.41 40.84
C GLY C 436 14.39 36.25 41.71
N GLN C 437 13.65 35.95 42.79
CA GLN C 437 14.01 34.93 43.81
C GLN C 437 13.57 33.54 43.35
N ILE C 438 12.34 33.41 42.86
CA ILE C 438 11.59 32.11 42.75
C ILE C 438 11.85 31.42 41.40
N GLN C 439 12.29 32.14 40.37
CA GLN C 439 12.43 31.62 38.98
C GLN C 439 13.09 30.23 39.00
N GLY C 440 14.13 30.04 39.82
CA GLY C 440 14.85 28.76 39.98
C GLY C 440 13.90 27.63 40.39
N ALA C 441 12.97 27.92 41.31
CA ALA C 441 11.97 26.97 41.84
C ALA C 441 10.89 26.70 40.79
N LEU C 442 10.36 27.75 40.14
CA LEU C 442 9.26 27.67 39.15
C LEU C 442 9.67 26.73 38.00
N VAL C 443 10.88 26.91 37.45
CA VAL C 443 11.43 26.12 36.31
C VAL C 443 11.73 24.69 36.80
N GLY C 444 12.27 24.56 38.02
CA GLY C 444 12.65 23.28 38.64
C GLY C 444 11.46 22.35 38.82
N ILE C 445 10.34 22.87 39.34
CA ILE C 445 9.08 22.12 39.61
C ILE C 445 8.54 21.58 38.27
N ALA C 446 8.44 22.45 37.26
CA ALA C 446 7.93 22.13 35.90
C ALA C 446 8.85 21.10 35.22
N MET C 447 10.16 21.20 35.45
CA MET C 447 11.20 20.34 34.81
C MET C 447 11.05 18.89 35.30
N VAL C 448 11.05 18.67 36.62
CA VAL C 448 11.05 17.31 37.24
C VAL C 448 9.69 16.64 37.03
N LEU C 449 8.59 17.42 37.06
CA LEU C 449 7.20 16.91 36.87
C LEU C 449 6.91 16.69 35.37
N SER C 450 7.82 17.12 34.48
CA SER C 450 7.76 16.86 33.03
C SER C 450 8.72 15.72 32.67
N ALA C 451 10.01 15.88 33.01
CA ALA C 451 11.13 15.00 32.62
C ALA C 451 10.88 13.55 33.04
N VAL C 452 10.18 13.34 34.17
CA VAL C 452 9.93 11.98 34.74
C VAL C 452 8.90 11.23 33.87
N PHE C 453 8.08 11.95 33.10
CA PHE C 453 7.02 11.38 32.24
C PHE C 453 7.49 11.27 30.77
N VAL C 454 8.76 11.60 30.49
CA VAL C 454 9.32 11.59 29.10
C VAL C 454 9.73 10.17 28.71
N PRO C 455 10.57 9.45 29.51
CA PRO C 455 11.02 8.11 29.13
C PRO C 455 9.90 7.10 28.85
N MET C 456 8.82 7.15 29.64
CA MET C 456 7.69 6.17 29.59
C MET C 456 7.02 6.17 28.20
N ALA C 457 7.05 7.31 27.50
CA ALA C 457 6.45 7.48 26.16
C ALA C 457 7.17 6.60 25.12
N PHE C 458 8.46 6.33 25.32
CA PHE C 458 9.34 5.59 24.38
C PHE C 458 9.18 4.07 24.55
N PHE C 459 8.57 3.61 25.64
CA PHE C 459 8.34 2.16 25.92
C PHE C 459 7.22 1.65 25.01
N GLY C 460 7.26 0.35 24.68
CA GLY C 460 6.37 -0.31 23.71
C GLY C 460 5.32 -1.17 24.38
N GLY C 461 4.57 -1.94 23.58
CA GLY C 461 3.47 -2.81 24.04
C GLY C 461 2.21 -2.02 24.37
N SER C 462 1.19 -2.69 24.92
CA SER C 462 -0.08 -2.09 25.38
C SER C 462 0.19 -1.12 26.54
N THR C 463 1.16 -1.45 27.40
CA THR C 463 1.61 -0.64 28.56
C THR C 463 2.12 0.72 28.07
N GLY C 464 2.92 0.71 26.99
CA GLY C 464 3.50 1.92 26.38
C GLY C 464 2.44 2.85 25.82
N ALA C 465 1.37 2.29 25.23
CA ALA C 465 0.22 3.03 24.65
C ALA C 465 -0.54 3.76 25.76
N ILE C 466 -0.66 3.13 26.94
CA ILE C 466 -1.31 3.70 28.16
C ILE C 466 -0.41 4.84 28.70
N TYR C 467 0.90 4.59 28.79
CA TYR C 467 1.90 5.56 29.32
C TYR C 467 1.83 6.89 28.57
N ARG C 468 1.73 6.83 27.23
CA ARG C 468 1.80 8.02 26.33
C ARG C 468 0.61 8.97 26.58
N GLN C 469 -0.54 8.44 27.02
CA GLN C 469 -1.76 9.25 27.29
C GLN C 469 -1.49 10.17 28.48
N PHE C 470 -0.88 9.64 29.54
CA PHE C 470 -0.46 10.40 30.76
C PHE C 470 0.71 11.34 30.39
N SER C 471 1.68 10.81 29.63
CA SER C 471 2.92 11.51 29.21
C SER C 471 2.57 12.83 28.51
N ILE C 472 1.87 12.77 27.39
CA ILE C 472 1.55 13.94 26.51
C ILE C 472 0.75 14.98 27.30
N THR C 473 -0.19 14.53 28.16
CA THR C 473 -1.13 15.39 28.90
C THR C 473 -0.39 16.18 30.00
N ILE C 474 0.37 15.47 30.86
CA ILE C 474 1.03 16.06 32.06
C ILE C 474 2.20 16.94 31.62
N VAL C 475 3.04 16.47 30.69
CA VAL C 475 4.24 17.21 30.19
C VAL C 475 3.77 18.54 29.56
N SER C 476 2.69 18.51 28.78
CA SER C 476 2.07 19.69 28.13
C SER C 476 1.49 20.64 29.20
N ALA C 477 0.81 20.08 30.20
CA ALA C 477 0.17 20.82 31.31
C ALA C 477 1.24 21.54 32.15
N MET C 478 2.34 20.85 32.48
CA MET C 478 3.45 21.38 33.31
C MET C 478 4.24 22.42 32.51
N ALA C 479 4.43 22.20 31.20
CA ALA C 479 5.14 23.12 30.28
C ALA C 479 4.38 24.45 30.19
N LEU C 480 3.06 24.41 30.11
CA LEU C 480 2.18 25.61 30.07
C LEU C 480 2.15 26.30 31.44
N SER C 481 2.16 25.52 32.53
CA SER C 481 2.03 26.01 33.93
C SER C 481 3.13 27.03 34.24
N VAL C 482 4.39 26.72 33.90
CA VAL C 482 5.58 27.59 34.14
C VAL C 482 5.49 28.82 33.23
N LEU C 483 5.02 28.66 31.99
CA LEU C 483 4.84 29.78 31.02
C LEU C 483 3.75 30.72 31.53
N VAL C 484 2.67 30.18 32.10
CA VAL C 484 1.56 30.97 32.74
C VAL C 484 2.13 31.70 33.97
N ALA C 485 3.01 31.04 34.74
CA ALA C 485 3.61 31.57 35.99
C ALA C 485 4.66 32.64 35.67
N LEU C 486 5.21 32.65 34.46
CA LEU C 486 6.23 33.64 34.00
C LEU C 486 5.56 34.79 33.24
N ILE C 487 4.43 34.54 32.57
CA ILE C 487 3.73 35.54 31.69
C ILE C 487 2.54 36.14 32.45
N LEU C 488 1.50 35.34 32.71
CA LEU C 488 0.17 35.82 33.20
C LEU C 488 0.23 36.14 34.70
N THR C 489 0.65 35.19 35.52
CA THR C 489 0.55 35.25 37.01
C THR C 489 1.22 36.51 37.54
N PRO C 490 2.44 36.88 37.09
CA PRO C 490 3.09 38.10 37.57
C PRO C 490 2.31 39.38 37.22
N ALA C 491 1.71 39.41 36.03
CA ALA C 491 0.88 40.54 35.52
C ALA C 491 -0.36 40.72 36.41
N LEU C 492 -0.98 39.61 36.85
CA LEU C 492 -2.17 39.62 37.73
C LEU C 492 -1.77 40.05 39.14
N CYS C 493 -0.64 39.54 39.65
CA CYS C 493 -0.07 39.87 40.99
C CYS C 493 0.22 41.38 41.09
N ALA C 494 0.61 42.01 39.99
CA ALA C 494 0.92 43.45 39.90
C ALA C 494 -0.37 44.27 39.92
N THR C 495 -1.37 43.87 39.12
CA THR C 495 -2.62 44.63 38.86
C THR C 495 -3.66 44.37 39.95
N MET C 496 -4.02 43.11 40.20
CA MET C 496 -5.22 42.73 41.00
C MET C 496 -4.82 41.93 42.26
N LEU C 497 -3.95 42.51 43.09
CA LEU C 497 -3.69 42.04 44.49
C LEU C 497 -3.87 43.23 45.45
N LYS C 498 -4.45 42.98 46.62
CA LYS C 498 -4.66 44.00 47.69
C LYS C 498 -3.33 44.21 48.41
N PRO C 499 -2.84 45.48 48.55
CA PRO C 499 -1.64 45.75 49.34
C PRO C 499 -1.79 45.30 50.80
N ILE C 500 -0.82 44.51 51.28
CA ILE C 500 -0.75 44.01 52.70
C ILE C 500 0.27 44.87 53.46
N ALA C 501 -0.08 45.30 54.68
CA ALA C 501 0.76 46.15 55.55
C ALA C 501 1.91 45.33 56.14
N LYS C 502 2.98 46.01 56.57
CA LYS C 502 4.19 45.39 57.18
C LYS C 502 3.84 44.82 58.56
N GLY C 503 3.96 43.50 58.72
CA GLY C 503 3.71 42.78 59.98
C GLY C 503 2.41 41.98 59.94
N ASP C 504 1.46 42.36 59.08
CA ASP C 504 0.13 41.72 58.94
C ASP C 504 0.29 40.36 58.26
N HIS C 505 0.02 39.27 58.99
CA HIS C 505 0.00 37.87 58.49
C HIS C 505 -1.41 37.30 58.65
N GLY C 506 -2.43 38.16 58.70
CA GLY C 506 -3.86 37.80 58.84
C GLY C 506 -4.17 37.14 60.18
N GLU C 507 -3.40 37.47 61.22
CA GLU C 507 -3.53 36.88 62.58
C GLU C 507 -4.71 37.55 63.31
N GLY C 508 -5.07 38.78 62.93
CA GLY C 508 -6.18 39.55 63.51
C GLY C 508 -7.40 39.60 62.61
N LYS C 509 -7.63 38.55 61.81
CA LYS C 509 -8.82 38.40 60.93
C LYS C 509 -9.98 37.84 61.75
N LYS C 510 -11.19 37.86 61.19
CA LYS C 510 -12.46 37.51 61.88
C LYS C 510 -12.78 36.03 61.65
N GLY C 511 -13.26 35.34 62.69
CA GLY C 511 -13.83 33.98 62.62
C GLY C 511 -12.79 32.93 62.32
N PHE C 512 -13.04 32.13 61.27
CA PHE C 512 -12.28 30.89 60.93
C PHE C 512 -10.88 31.24 60.42
N PHE C 513 -10.78 32.18 59.48
CA PHE C 513 -9.51 32.59 58.83
C PHE C 513 -8.53 33.14 59.88
N GLY C 514 -9.04 33.88 60.86
CA GLY C 514 -8.28 34.38 62.02
C GLY C 514 -7.68 33.25 62.83
N TRP C 515 -8.48 32.23 63.13
CA TRP C 515 -8.08 31.03 63.91
C TRP C 515 -7.03 30.22 63.14
N PHE C 516 -7.26 30.00 61.84
CA PHE C 516 -6.39 29.19 60.94
C PHE C 516 -5.00 29.83 60.85
N ASN C 517 -4.95 31.14 60.59
CA ASN C 517 -3.69 31.92 60.43
C ASN C 517 -2.89 31.89 61.75
N ARG C 518 -3.56 32.07 62.88
CA ARG C 518 -2.94 32.00 64.24
C ARG C 518 -2.40 30.59 64.47
N MET C 519 -3.19 29.55 64.14
CA MET C 519 -2.83 28.12 64.30
C MET C 519 -1.63 27.78 63.41
N PHE C 520 -1.63 28.25 62.16
CA PHE C 520 -0.59 27.95 61.15
C PHE C 520 0.72 28.67 61.51
N GLU C 521 0.65 29.97 61.78
CA GLU C 521 1.81 30.82 62.18
C GLU C 521 2.44 30.24 63.45
N LYS C 522 1.61 29.74 64.38
CA LYS C 522 2.06 29.05 65.62
C LYS C 522 2.76 27.74 65.24
N SER C 523 2.16 26.96 64.34
CA SER C 523 2.67 25.64 63.87
C SER C 523 3.96 25.81 63.07
N THR C 524 4.14 26.95 62.41
CA THR C 524 5.37 27.30 61.64
C THR C 524 6.56 27.41 62.60
N HIS C 525 6.37 28.06 63.76
CA HIS C 525 7.38 28.21 64.83
C HIS C 525 7.75 26.83 65.39
N HIS C 526 6.75 25.98 65.64
CA HIS C 526 6.93 24.56 66.09
C HIS C 526 7.84 23.82 65.11
N TYR C 527 7.59 23.96 63.81
CA TYR C 527 8.29 23.26 62.70
C TYR C 527 9.75 23.73 62.63
N THR C 528 9.98 25.04 62.60
CA THR C 528 11.32 25.68 62.46
C THR C 528 12.22 25.27 63.63
N ASP C 529 11.67 25.21 64.85
CA ASP C 529 12.38 24.76 66.07
C ASP C 529 12.78 23.29 65.92
N SER C 530 11.87 22.45 65.40
CA SER C 530 12.06 20.99 65.17
C SER C 530 13.23 20.77 64.22
N VAL C 531 13.22 21.43 63.05
CA VAL C 531 14.28 21.33 62.01
C VAL C 531 15.62 21.76 62.64
N GLY C 532 15.61 22.84 63.43
CA GLY C 532 16.77 23.31 64.20
C GLY C 532 17.36 22.21 65.07
N GLY C 533 16.50 21.43 65.73
CA GLY C 533 16.87 20.27 66.58
C GLY C 533 17.33 19.08 65.74
N ILE C 534 16.69 18.86 64.59
CA ILE C 534 17.00 17.73 63.65
C ILE C 534 18.40 17.94 63.06
N LEU C 535 18.72 19.17 62.63
CA LEU C 535 20.02 19.53 62.02
C LEU C 535 21.14 19.49 63.07
N ARG C 536 20.80 19.62 64.35
CA ARG C 536 21.76 19.62 65.49
C ARG C 536 22.19 18.17 65.81
N SER C 537 21.41 17.18 65.36
CA SER C 537 21.72 15.73 65.52
C SER C 537 21.23 14.96 64.27
N THR C 538 21.99 15.04 63.18
CA THR C 538 21.65 14.46 61.85
C THR C 538 21.87 12.95 61.84
N GLY C 539 22.83 12.45 62.63
CA GLY C 539 23.22 11.03 62.70
C GLY C 539 22.04 10.11 62.99
N ARG C 540 21.10 10.58 63.82
CA ARG C 540 19.89 9.81 64.24
C ARG C 540 18.99 9.55 63.03
N TYR C 541 18.84 10.54 62.14
CA TYR C 541 17.86 10.55 61.03
C TYR C 541 18.45 9.88 59.77
N LEU C 542 19.76 9.66 59.73
CA LEU C 542 20.42 8.84 58.68
C LEU C 542 20.06 7.36 58.91
N VAL C 543 19.86 6.96 60.16
CA VAL C 543 19.45 5.58 60.56
C VAL C 543 17.95 5.39 60.23
N LEU C 544 17.11 6.37 60.57
CA LEU C 544 15.65 6.36 60.27
C LEU C 544 15.43 6.26 58.76
N TYR C 545 16.21 7.00 57.97
CA TYR C 545 16.15 7.01 56.49
C TYR C 545 16.44 5.59 55.96
N LEU C 546 17.44 4.92 56.53
CA LEU C 546 17.88 3.57 56.13
C LEU C 546 16.77 2.55 56.43
N ILE C 547 16.00 2.76 57.51
CA ILE C 547 14.85 1.89 57.90
C ILE C 547 13.72 2.08 56.88
N ILE C 548 13.46 3.34 56.47
CA ILE C 548 12.39 3.71 55.49
C ILE C 548 12.70 3.06 54.13
N VAL C 549 13.98 3.07 53.70
CA VAL C 549 14.43 2.49 52.40
C VAL C 549 14.25 0.96 52.45
N VAL C 550 14.64 0.32 53.57
CA VAL C 550 14.49 -1.14 53.79
C VAL C 550 12.99 -1.47 53.89
N GLY C 551 12.22 -0.65 54.60
CA GLY C 551 10.76 -0.75 54.71
C GLY C 551 10.07 -0.61 53.36
N MET C 552 10.57 0.30 52.52
CA MET C 552 10.08 0.54 51.13
C MET C 552 10.28 -0.73 50.30
N ALA C 553 11.50 -1.29 50.33
CA ALA C 553 11.91 -2.50 49.57
C ALA C 553 11.03 -3.69 49.96
N TYR C 554 10.78 -3.88 51.26
CA TYR C 554 9.97 -4.99 51.82
C TYR C 554 8.52 -4.88 51.29
N LEU C 555 7.93 -3.69 51.40
CA LEU C 555 6.52 -3.43 50.98
C LEU C 555 6.37 -3.62 49.46
N PHE C 556 7.44 -3.35 48.69
CA PHE C 556 7.43 -3.43 47.21
C PHE C 556 7.31 -4.89 46.75
N VAL C 557 8.19 -5.76 47.26
CA VAL C 557 8.32 -7.19 46.80
C VAL C 557 7.08 -7.98 47.22
N ARG C 558 6.49 -7.68 48.39
CA ARG C 558 5.36 -8.45 48.98
C ARG C 558 4.03 -8.00 48.34
N LEU C 559 3.96 -6.76 47.84
CA LEU C 559 2.75 -6.20 47.17
C LEU C 559 2.48 -6.99 45.90
N PRO C 560 1.32 -7.69 45.78
CA PRO C 560 0.99 -8.43 44.56
C PRO C 560 0.84 -7.50 43.34
N SER C 561 1.00 -8.05 42.14
CA SER C 561 0.98 -7.32 40.85
C SER C 561 -0.19 -7.80 39.98
N SER C 562 -0.59 -6.96 39.01
CA SER C 562 -1.61 -7.23 37.97
C SER C 562 -1.37 -6.28 36.78
N PHE C 563 -2.24 -6.31 35.77
CA PHE C 563 -2.17 -5.42 34.58
C PHE C 563 -3.11 -4.22 34.77
N LEU C 564 -4.42 -4.46 34.74
CA LEU C 564 -5.48 -3.42 34.89
C LEU C 564 -6.62 -3.96 35.73
N PRO C 565 -7.33 -3.10 36.50
CA PRO C 565 -8.43 -3.56 37.35
C PRO C 565 -9.66 -3.96 36.52
N ASP C 566 -10.32 -5.07 36.89
CA ASP C 566 -11.62 -5.49 36.32
C ASP C 566 -12.68 -4.44 36.68
N GLU C 567 -13.62 -4.19 35.77
CA GLU C 567 -14.70 -3.17 35.94
C GLU C 567 -16.06 -3.86 35.78
N ASP C 568 -17.08 -3.33 36.47
CA ASP C 568 -18.51 -3.63 36.19
C ASP C 568 -18.90 -2.84 34.94
N GLN C 569 -19.04 -3.51 33.80
CA GLN C 569 -19.34 -2.88 32.48
C GLN C 569 -20.83 -3.06 32.14
N GLY C 570 -21.65 -3.44 33.13
CA GLY C 570 -23.11 -3.62 32.99
C GLY C 570 -23.47 -4.85 32.17
N VAL C 571 -22.48 -5.68 31.83
CA VAL C 571 -22.64 -6.89 30.97
C VAL C 571 -21.61 -7.94 31.40
N PHE C 572 -21.91 -9.22 31.14
CA PHE C 572 -20.96 -10.36 31.27
C PHE C 572 -21.49 -11.55 30.46
N MET C 573 -20.64 -12.55 30.23
CA MET C 573 -20.93 -13.73 29.39
C MET C 573 -20.87 -14.99 30.26
N THR C 574 -21.55 -16.06 29.80
CA THR C 574 -21.60 -17.40 30.46
C THR C 574 -21.41 -18.47 29.37
N MET C 575 -20.25 -19.14 29.37
CA MET C 575 -19.93 -20.27 28.45
C MET C 575 -20.58 -21.56 28.98
N VAL C 576 -21.06 -22.40 28.08
CA VAL C 576 -21.65 -23.74 28.39
C VAL C 576 -20.97 -24.78 27.48
N GLN C 577 -20.51 -25.89 28.07
CA GLN C 577 -19.86 -27.01 27.33
C GLN C 577 -20.31 -28.34 27.95
N LEU C 578 -21.05 -29.14 27.18
CA LEU C 578 -21.55 -30.48 27.59
C LEU C 578 -20.51 -31.54 27.19
N PRO C 579 -20.63 -32.79 27.72
CA PRO C 579 -19.74 -33.88 27.32
C PRO C 579 -19.70 -34.12 25.81
N ALA C 580 -18.68 -34.86 25.35
CA ALA C 580 -18.43 -35.18 23.92
C ALA C 580 -19.64 -35.91 23.33
N GLY C 581 -20.08 -35.50 22.14
CA GLY C 581 -21.14 -36.15 21.36
C GLY C 581 -22.53 -35.79 21.85
N ALA C 582 -22.65 -34.77 22.70
CA ALA C 582 -23.95 -34.26 23.24
C ALA C 582 -24.67 -33.47 22.14
N THR C 583 -25.99 -33.67 22.02
CA THR C 583 -26.85 -33.07 20.96
C THR C 583 -27.27 -31.65 21.35
N GLN C 584 -27.82 -30.92 20.38
CA GLN C 584 -28.31 -29.52 20.53
C GLN C 584 -29.41 -29.46 21.60
N GLU C 585 -30.27 -30.49 21.66
CA GLU C 585 -31.43 -30.58 22.60
C GLU C 585 -30.93 -30.60 24.05
N ARG C 586 -29.91 -31.41 24.34
CA ARG C 586 -29.34 -31.58 25.71
C ARG C 586 -28.62 -30.30 26.14
N THR C 587 -27.99 -29.60 25.20
CA THR C 587 -27.32 -28.29 25.43
C THR C 587 -28.36 -27.23 25.79
N GLN C 588 -29.50 -27.23 25.09
CA GLN C 588 -30.62 -26.27 25.29
C GLN C 588 -31.18 -26.42 26.71
N LYS C 589 -31.20 -27.65 27.24
CA LYS C 589 -31.67 -27.95 28.62
C LYS C 589 -30.78 -27.21 29.63
N VAL C 590 -29.46 -27.23 29.43
CA VAL C 590 -28.47 -26.58 30.34
C VAL C 590 -28.59 -25.05 30.20
N LEU C 591 -28.76 -24.55 28.97
CA LEU C 591 -28.92 -23.09 28.68
C LEU C 591 -30.19 -22.55 29.34
N ASN C 592 -31.25 -23.38 29.41
CA ASN C 592 -32.54 -23.06 30.10
C ASN C 592 -32.27 -22.86 31.60
N GLU C 593 -31.51 -23.77 32.22
CA GLU C 593 -31.13 -23.73 33.65
C GLU C 593 -30.29 -22.47 33.94
N VAL C 594 -29.39 -22.11 33.01
CA VAL C 594 -28.52 -20.90 33.12
C VAL C 594 -29.40 -19.65 33.01
N THR C 595 -30.28 -19.60 32.00
CA THR C 595 -31.24 -18.49 31.75
C THR C 595 -32.20 -18.36 32.94
N HIS C 596 -32.68 -19.50 33.46
CA HIS C 596 -33.59 -19.60 34.63
C HIS C 596 -32.98 -18.86 35.82
N TYR C 597 -31.76 -19.23 36.21
CA TYR C 597 -31.00 -18.67 37.36
C TYR C 597 -31.01 -17.14 37.28
N TYR C 598 -30.67 -16.57 36.11
CA TYR C 598 -30.52 -15.11 35.90
C TYR C 598 -31.88 -14.42 35.94
N LEU C 599 -32.96 -15.12 35.55
CA LEU C 599 -34.34 -14.54 35.48
C LEU C 599 -35.11 -14.79 36.78
N THR C 600 -34.54 -15.55 37.73
CA THR C 600 -35.20 -15.87 39.04
C THR C 600 -34.35 -15.34 40.20
N LYS C 601 -33.16 -15.90 40.42
CA LYS C 601 -32.26 -15.54 41.56
C LYS C 601 -31.73 -14.10 41.37
N GLU C 602 -31.25 -13.76 40.17
CA GLU C 602 -30.59 -12.46 39.86
C GLU C 602 -31.54 -11.55 39.06
N LYS C 603 -32.86 -11.65 39.31
CA LYS C 603 -33.89 -10.88 38.55
C LYS C 603 -33.83 -9.40 38.93
N ASN C 604 -33.30 -9.07 40.12
CA ASN C 604 -33.12 -7.68 40.59
C ASN C 604 -31.96 -7.02 39.84
N ASN C 605 -30.95 -7.79 39.44
CA ASN C 605 -29.68 -7.29 38.83
C ASN C 605 -29.72 -7.46 37.31
N VAL C 606 -30.12 -8.64 36.81
CA VAL C 606 -30.14 -8.99 35.36
C VAL C 606 -31.36 -8.33 34.70
N GLU C 607 -31.16 -7.68 33.55
CA GLU C 607 -32.23 -7.05 32.73
C GLU C 607 -32.65 -8.02 31.62
N SER C 608 -31.69 -8.54 30.85
CA SER C 608 -31.93 -9.45 29.69
C SER C 608 -30.84 -10.52 29.60
N VAL C 609 -31.21 -11.70 29.09
CA VAL C 609 -30.30 -12.86 28.81
C VAL C 609 -30.47 -13.26 27.34
N PHE C 610 -29.38 -13.25 26.56
CA PHE C 610 -29.35 -13.64 25.13
C PHE C 610 -28.56 -14.95 25.00
N ALA C 611 -29.22 -16.08 25.25
CA ALA C 611 -28.66 -17.45 25.14
C ALA C 611 -28.59 -17.86 23.66
N VAL C 612 -27.46 -18.41 23.24
CA VAL C 612 -27.19 -18.86 21.83
C VAL C 612 -26.65 -20.30 21.89
N ASN C 613 -27.48 -21.28 21.50
CA ASN C 613 -27.12 -22.71 21.42
C ASN C 613 -26.36 -22.95 20.11
N GLY C 614 -25.11 -23.44 20.20
CA GLY C 614 -24.25 -23.76 19.05
C GLY C 614 -23.04 -22.85 18.94
N PHE C 615 -23.21 -21.55 19.21
CA PHE C 615 -22.14 -20.53 19.11
C PHE C 615 -21.18 -20.67 20.30
N GLY C 616 -19.91 -20.31 20.08
CA GLY C 616 -18.81 -20.42 21.06
C GLY C 616 -17.48 -20.68 20.38
N PHE C 617 -17.45 -21.61 19.42
CA PHE C 617 -16.26 -22.00 18.61
C PHE C 617 -16.58 -21.87 17.12
N ALA C 618 -15.55 -21.89 16.28
CA ALA C 618 -15.62 -21.74 14.80
C ALA C 618 -16.34 -22.93 14.18
N GLY C 619 -16.12 -24.14 14.72
CA GLY C 619 -16.74 -25.39 14.25
C GLY C 619 -18.23 -25.45 14.51
N ARG C 620 -18.72 -24.65 15.47
CA ARG C 620 -20.16 -24.55 15.85
C ARG C 620 -20.70 -25.94 16.22
N PRO C 621 -20.07 -26.64 17.20
CA PRO C 621 -20.52 -27.97 17.60
C PRO C 621 -21.77 -27.91 18.49
N GLN C 622 -22.55 -29.00 18.51
CA GLN C 622 -23.89 -29.07 19.15
C GLN C 622 -23.75 -29.07 20.69
N ASN C 623 -22.59 -29.49 21.22
CA ASN C 623 -22.36 -29.69 22.68
C ASN C 623 -21.86 -28.39 23.33
N THR C 624 -21.90 -27.25 22.62
CA THR C 624 -21.45 -25.93 23.12
C THR C 624 -22.60 -24.92 23.07
N GLY C 625 -22.60 -23.96 23.99
CA GLY C 625 -23.55 -22.84 24.04
C GLY C 625 -22.96 -21.66 24.81
N ILE C 626 -23.48 -20.45 24.56
CA ILE C 626 -23.03 -19.19 25.22
C ILE C 626 -24.27 -18.33 25.53
N ALA C 627 -24.20 -17.54 26.60
CA ALA C 627 -25.28 -16.64 27.06
C ALA C 627 -24.70 -15.24 27.35
N PHE C 628 -25.16 -14.23 26.60
CA PHE C 628 -24.82 -12.79 26.80
C PHE C 628 -25.80 -12.19 27.81
N VAL C 629 -25.32 -11.92 29.04
CA VAL C 629 -26.12 -11.33 30.16
C VAL C 629 -25.86 -9.82 30.18
N SER C 630 -26.95 -9.02 30.22
CA SER C 630 -26.92 -7.55 30.37
C SER C 630 -27.64 -7.17 31.67
N LEU C 631 -26.91 -6.54 32.60
CA LEU C 631 -27.42 -6.10 33.93
C LEU C 631 -28.22 -4.81 33.77
N LYS C 632 -29.01 -4.46 34.79
CA LYS C 632 -29.78 -3.18 34.87
C LYS C 632 -28.81 -2.04 35.14
N ASP C 633 -29.32 -0.80 35.12
CA ASP C 633 -28.51 0.44 35.31
C ASP C 633 -27.74 0.35 36.64
N TRP C 634 -26.55 0.94 36.69
CA TRP C 634 -25.61 0.92 37.83
C TRP C 634 -26.28 1.50 39.09
N ALA C 635 -27.13 2.52 38.91
CA ALA C 635 -27.84 3.25 39.99
C ALA C 635 -28.82 2.32 40.72
N ASP C 636 -29.37 1.31 40.02
CA ASP C 636 -30.39 0.38 40.55
C ASP C 636 -29.74 -0.91 41.06
N ARG C 637 -28.40 -0.93 41.19
CA ARG C 637 -27.62 -2.08 41.73
C ARG C 637 -26.63 -1.56 42.77
N PRO C 638 -27.12 -1.09 43.95
CA PRO C 638 -26.25 -0.60 45.00
C PRO C 638 -25.63 -1.75 45.83
N GLY C 639 -24.46 -1.49 46.43
CA GLY C 639 -23.71 -2.48 47.24
C GLY C 639 -22.79 -3.34 46.39
N GLU C 640 -21.81 -3.98 47.03
CA GLU C 640 -20.76 -4.81 46.36
C GLU C 640 -21.36 -6.12 45.86
N GLU C 641 -22.37 -6.65 46.56
CA GLU C 641 -22.98 -7.98 46.30
C GLU C 641 -23.77 -7.96 44.98
N ASN C 642 -24.15 -6.77 44.48
CA ASN C 642 -24.98 -6.59 43.25
C ASN C 642 -24.10 -6.15 42.07
N LYS C 643 -22.79 -6.41 42.12
CA LYS C 643 -21.83 -6.08 41.03
C LYS C 643 -21.40 -7.38 40.33
N VAL C 644 -20.80 -7.25 39.15
CA VAL C 644 -20.48 -8.37 38.20
C VAL C 644 -19.61 -9.41 38.92
N GLU C 645 -18.60 -8.97 39.69
CA GLU C 645 -17.64 -9.87 40.37
C GLU C 645 -18.40 -10.83 41.29
N ALA C 646 -19.33 -10.30 42.09
CA ALA C 646 -20.14 -11.07 43.07
C ALA C 646 -21.17 -11.95 42.35
N ILE C 647 -21.81 -11.42 41.30
CA ILE C 647 -22.89 -12.12 40.53
C ILE C 647 -22.29 -13.33 39.81
N THR C 648 -21.15 -13.15 39.14
CA THR C 648 -20.42 -14.22 38.39
C THR C 648 -19.92 -15.29 39.38
N MET C 649 -19.49 -14.88 40.58
CA MET C 649 -19.00 -15.77 41.66
C MET C 649 -20.14 -16.66 42.14
N ARG C 650 -21.31 -16.05 42.44
CA ARG C 650 -22.54 -16.77 42.88
C ARG C 650 -23.03 -17.67 41.75
N ALA C 651 -23.05 -17.16 40.51
CA ALA C 651 -23.53 -17.86 39.29
C ALA C 651 -22.69 -19.12 39.05
N THR C 652 -21.36 -19.01 39.07
CA THR C 652 -20.40 -20.12 38.80
C THR C 652 -20.53 -21.18 39.88
N ARG C 653 -20.68 -20.77 41.15
CA ARG C 653 -20.85 -21.69 42.30
C ARG C 653 -22.21 -22.40 42.20
N ALA C 654 -23.23 -21.70 41.70
CA ALA C 654 -24.61 -22.21 41.52
C ALA C 654 -24.63 -23.26 40.38
N PHE C 655 -23.93 -22.99 39.28
CA PHE C 655 -23.93 -23.83 38.05
C PHE C 655 -23.04 -25.06 38.22
N SER C 656 -22.22 -25.11 39.28
CA SER C 656 -21.34 -26.27 39.61
C SER C 656 -22.18 -27.51 39.92
N GLN C 657 -23.44 -27.33 40.34
CA GLN C 657 -24.37 -28.42 40.75
C GLN C 657 -25.13 -28.97 39.54
N ILE C 658 -24.91 -28.42 38.34
CA ILE C 658 -25.59 -28.87 37.08
C ILE C 658 -25.00 -30.24 36.66
N LYS C 659 -25.88 -31.19 36.33
CA LYS C 659 -25.52 -32.58 35.93
C LYS C 659 -24.91 -32.57 34.53
N ASP C 660 -23.70 -33.14 34.39
CA ASP C 660 -22.98 -33.35 33.10
C ASP C 660 -22.97 -32.06 32.27
N ALA C 661 -22.22 -31.05 32.72
CA ALA C 661 -22.01 -29.78 32.01
C ALA C 661 -20.99 -28.90 32.75
N MET C 662 -19.97 -28.42 32.03
N MET C 662 -19.98 -28.42 32.02
CA MET C 662 -18.97 -27.43 32.50
CA MET C 662 -18.98 -27.43 32.52
C MET C 662 -19.47 -26.02 32.15
C MET C 662 -19.45 -26.02 32.15
N VAL C 663 -20.07 -25.32 33.12
CA VAL C 663 -20.65 -23.96 32.93
C VAL C 663 -19.87 -22.96 33.78
N PHE C 664 -19.49 -21.82 33.19
CA PHE C 664 -18.69 -20.75 33.84
C PHE C 664 -19.21 -19.38 33.40
N ALA C 665 -19.59 -18.55 34.38
CA ALA C 665 -19.91 -17.10 34.22
C ALA C 665 -18.69 -16.28 34.62
N PHE C 666 -18.35 -15.26 33.83
CA PHE C 666 -17.11 -14.46 34.00
C PHE C 666 -17.30 -13.04 33.46
N ASN C 667 -16.55 -12.09 34.05
CA ASN C 667 -16.48 -10.66 33.64
C ASN C 667 -15.58 -10.55 32.40
N LEU C 668 -15.63 -9.41 31.71
CA LEU C 668 -14.74 -9.08 30.56
C LEU C 668 -13.43 -8.53 31.09
N PRO C 669 -12.31 -8.65 30.33
CA PRO C 669 -11.03 -8.05 30.73
C PRO C 669 -10.99 -6.53 30.46
N ALA C 670 -9.82 -5.91 30.68
CA ALA C 670 -9.58 -4.46 30.47
C ALA C 670 -9.56 -4.15 28.96
N ILE C 671 -8.73 -4.86 28.20
CA ILE C 671 -8.62 -4.74 26.71
C ILE C 671 -9.30 -5.95 26.06
N VAL C 672 -10.54 -5.76 25.59
CA VAL C 672 -11.45 -6.84 25.11
C VAL C 672 -10.92 -7.44 23.80
N GLU C 673 -10.17 -6.66 23.00
CA GLU C 673 -9.71 -7.04 21.63
C GLU C 673 -8.80 -8.27 21.68
N LEU C 674 -8.06 -8.48 22.78
CA LEU C 674 -7.14 -9.63 22.97
C LEU C 674 -7.89 -10.78 23.65
N GLY C 675 -8.25 -10.62 24.93
CA GLY C 675 -8.88 -11.65 25.76
C GLY C 675 -10.40 -11.59 25.73
N THR C 676 -11.07 -12.74 25.66
CA THR C 676 -12.55 -12.88 25.72
C THR C 676 -13.01 -12.73 27.17
N ALA C 677 -12.37 -13.47 28.09
CA ALA C 677 -12.71 -13.56 29.53
C ALA C 677 -11.66 -12.83 30.36
N THR C 678 -11.94 -12.64 31.65
CA THR C 678 -11.05 -12.02 32.67
C THR C 678 -10.02 -13.07 33.14
N GLY C 679 -9.19 -12.71 34.12
CA GLY C 679 -8.17 -13.60 34.71
C GLY C 679 -6.95 -13.74 33.82
N PHE C 680 -6.35 -14.94 33.79
CA PHE C 680 -5.11 -15.26 33.02
C PHE C 680 -5.46 -16.12 31.81
N ASP C 681 -4.58 -16.12 30.80
CA ASP C 681 -4.71 -16.88 29.53
C ASP C 681 -3.43 -17.71 29.33
N PHE C 682 -3.45 -18.97 29.75
CA PHE C 682 -2.30 -19.91 29.76
C PHE C 682 -2.32 -20.77 28.49
N GLU C 683 -1.14 -21.03 27.91
CA GLU C 683 -0.94 -21.90 26.72
C GLU C 683 0.03 -23.04 27.08
N LEU C 684 -0.47 -24.27 27.16
CA LEU C 684 0.34 -25.50 27.35
C LEU C 684 0.76 -26.03 25.98
N ILE C 685 2.06 -26.18 25.75
CA ILE C 685 2.66 -26.47 24.41
C ILE C 685 3.38 -27.83 24.44
N ASP C 686 3.19 -28.62 23.38
CA ASP C 686 3.93 -29.89 23.11
C ASP C 686 5.21 -29.54 22.34
N GLN C 687 6.36 -29.56 23.03
CA GLN C 687 7.67 -29.08 22.50
C GLN C 687 8.63 -30.26 22.29
N ALA C 688 8.12 -31.49 22.17
CA ALA C 688 8.93 -32.72 22.02
C ALA C 688 8.16 -33.81 21.26
N GLY C 689 7.27 -33.43 20.34
CA GLY C 689 6.47 -34.35 19.51
C GLY C 689 5.90 -35.51 20.31
N LEU C 690 5.38 -35.24 21.51
CA LEU C 690 4.76 -36.25 22.42
C LEU C 690 3.44 -36.75 21.79
N GLY C 691 2.66 -35.84 21.20
CA GLY C 691 1.38 -36.14 20.53
C GLY C 691 0.20 -35.56 21.29
N HIS C 692 -0.99 -35.62 20.69
CA HIS C 692 -2.26 -35.05 21.22
C HIS C 692 -2.64 -35.72 22.54
N GLU C 693 -2.51 -37.05 22.63
CA GLU C 693 -2.96 -37.87 23.80
C GLU C 693 -2.12 -37.52 25.03
N LYS C 694 -0.80 -37.48 24.90
CA LYS C 694 0.15 -37.21 26.02
C LYS C 694 0.02 -35.75 26.48
N LEU C 695 -0.35 -34.85 25.57
CA LEU C 695 -0.62 -33.41 25.87
C LEU C 695 -1.92 -33.29 26.67
N THR C 696 -2.93 -34.10 26.34
CA THR C 696 -4.24 -34.18 27.05
C THR C 696 -4.01 -34.63 28.50
N GLN C 697 -3.15 -35.64 28.70
CA GLN C 697 -2.80 -36.20 30.03
C GLN C 697 -2.07 -35.14 30.86
N ALA C 698 -1.14 -34.40 30.24
CA ALA C 698 -0.37 -33.29 30.86
C ALA C 698 -1.32 -32.16 31.26
N ARG C 699 -2.30 -31.84 30.41
CA ARG C 699 -3.35 -30.82 30.68
C ARG C 699 -4.16 -31.25 31.90
N ASN C 700 -4.61 -32.52 31.93
CA ASN C 700 -5.42 -33.10 33.03
C ASN C 700 -4.60 -33.11 34.33
N GLN C 701 -3.29 -33.34 34.22
CA GLN C 701 -2.34 -33.34 35.38
C GLN C 701 -2.27 -31.93 35.97
N LEU C 702 -2.20 -30.89 35.12
CA LEU C 702 -2.09 -29.46 35.53
C LEU C 702 -3.42 -29.01 36.16
N LEU C 703 -4.55 -29.34 35.53
CA LEU C 703 -5.92 -28.98 36.00
C LEU C 703 -6.21 -29.65 37.35
N ALA C 704 -5.74 -30.89 37.53
CA ALA C 704 -5.89 -31.69 38.77
C ALA C 704 -5.12 -31.03 39.92
N GLU C 705 -3.87 -30.61 39.65
CA GLU C 705 -2.99 -29.93 40.64
C GLU C 705 -3.51 -28.52 40.93
N ALA C 706 -4.09 -27.85 39.92
CA ALA C 706 -4.68 -26.49 40.03
C ALA C 706 -5.90 -26.53 40.95
N ALA C 707 -6.68 -27.61 40.90
CA ALA C 707 -7.90 -27.83 41.70
C ALA C 707 -7.57 -27.94 43.19
N LYS C 708 -6.36 -28.40 43.53
CA LYS C 708 -5.87 -28.59 44.92
C LYS C 708 -5.53 -27.24 45.56
N HIS C 709 -5.51 -26.15 44.78
CA HIS C 709 -5.28 -24.76 45.25
C HIS C 709 -6.51 -23.90 44.95
N PRO C 710 -7.65 -24.11 45.64
CA PRO C 710 -8.83 -23.27 45.45
C PRO C 710 -8.67 -21.86 46.05
N ASP C 711 -7.74 -21.70 47.00
CA ASP C 711 -7.45 -20.42 47.71
C ASP C 711 -6.74 -19.44 46.77
N MET C 712 -6.12 -19.93 45.69
CA MET C 712 -5.35 -19.10 44.72
C MET C 712 -6.09 -19.05 43.37
N LEU C 713 -6.44 -20.21 42.80
CA LEU C 713 -7.07 -20.33 41.45
C LEU C 713 -8.53 -20.74 41.58
N THR C 714 -9.39 -20.20 40.72
CA THR C 714 -10.83 -20.56 40.58
C THR C 714 -11.24 -20.50 39.10
N SER C 715 -12.25 -21.27 38.71
CA SER C 715 -12.81 -21.35 37.33
C SER C 715 -11.70 -21.65 36.33
N VAL C 716 -10.78 -22.57 36.68
CA VAL C 716 -9.66 -23.02 35.80
C VAL C 716 -10.21 -24.05 34.81
N ARG C 717 -10.22 -23.70 33.52
CA ARG C 717 -10.90 -24.47 32.44
C ARG C 717 -10.08 -24.43 31.16
N PRO C 718 -10.06 -25.50 30.35
CA PRO C 718 -9.49 -25.45 29.00
C PRO C 718 -10.42 -24.72 28.04
N ASN C 719 -9.88 -23.79 27.22
CA ASN C 719 -10.60 -23.15 26.10
C ASN C 719 -10.47 -24.06 24.88
N GLY C 720 -11.14 -25.22 24.91
CA GLY C 720 -11.08 -26.25 23.87
C GLY C 720 -12.08 -27.37 24.12
N LEU C 721 -12.22 -28.28 23.15
CA LEU C 721 -13.22 -29.38 23.15
C LEU C 721 -12.52 -30.72 23.45
N GLU C 722 -13.26 -31.65 24.05
CA GLU C 722 -12.77 -33.02 24.40
C GLU C 722 -12.87 -33.92 23.17
N ASP C 723 -12.15 -35.05 23.19
CA ASP C 723 -12.11 -36.05 22.08
C ASP C 723 -13.51 -36.62 21.88
N THR C 724 -14.03 -36.56 20.65
CA THR C 724 -15.40 -36.98 20.26
C THR C 724 -15.35 -38.36 19.61
N PRO C 725 -16.47 -39.13 19.66
CA PRO C 725 -16.55 -40.40 18.93
C PRO C 725 -16.75 -40.16 17.42
N GLN C 726 -16.02 -40.93 16.60
CA GLN C 726 -16.05 -40.84 15.11
C GLN C 726 -16.59 -42.15 14.54
N PHE C 727 -17.61 -42.08 13.69
CA PHE C 727 -18.24 -43.23 12.99
C PHE C 727 -17.53 -43.44 11.65
N LYS C 728 -16.48 -44.27 11.64
CA LYS C 728 -15.66 -44.58 10.44
C LYS C 728 -16.40 -45.59 9.56
N ILE C 729 -17.08 -45.12 8.51
CA ILE C 729 -17.64 -45.97 7.42
C ILE C 729 -16.50 -46.30 6.45
N ASP C 730 -16.52 -47.50 5.88
CA ASP C 730 -15.47 -48.02 4.97
C ASP C 730 -16.15 -48.60 3.71
N ILE C 731 -15.98 -47.92 2.57
CA ILE C 731 -16.54 -48.34 1.25
C ILE C 731 -15.59 -49.36 0.62
N ASP C 732 -16.14 -50.51 0.19
CA ASP C 732 -15.41 -51.59 -0.52
C ASP C 732 -15.58 -51.38 -2.03
N GLN C 733 -14.56 -50.84 -2.70
CA GLN C 733 -14.62 -50.38 -4.11
C GLN C 733 -14.64 -51.59 -5.06
N GLU C 734 -13.87 -52.64 -4.76
CA GLU C 734 -13.78 -53.88 -5.57
C GLU C 734 -15.11 -54.64 -5.51
N LYS C 735 -15.71 -54.71 -4.31
CA LYS C 735 -17.03 -55.36 -4.06
C LYS C 735 -18.14 -54.54 -4.72
N ALA C 736 -17.98 -53.21 -4.77
CA ALA C 736 -18.91 -52.25 -5.42
C ALA C 736 -18.81 -52.40 -6.95
N GLN C 737 -17.61 -52.61 -7.48
CA GLN C 737 -17.34 -52.77 -8.93
C GLN C 737 -17.91 -54.11 -9.42
N ALA C 738 -17.91 -55.14 -8.56
CA ALA C 738 -18.46 -56.49 -8.82
C ALA C 738 -19.98 -56.40 -9.02
N LEU C 739 -20.66 -55.62 -8.18
CA LEU C 739 -22.13 -55.38 -8.23
C LEU C 739 -22.47 -54.40 -9.35
N GLY C 740 -21.49 -53.59 -9.78
CA GLY C 740 -21.58 -52.74 -10.98
C GLY C 740 -22.08 -51.34 -10.66
N VAL C 741 -21.55 -50.72 -9.60
CA VAL C 741 -21.88 -49.33 -9.16
C VAL C 741 -20.57 -48.52 -9.08
N SER C 742 -20.56 -47.32 -9.67
CA SER C 742 -19.42 -46.36 -9.64
C SER C 742 -19.34 -45.70 -8.26
N ILE C 743 -18.13 -45.52 -7.73
CA ILE C 743 -17.88 -44.99 -6.35
C ILE C 743 -18.23 -43.49 -6.32
N ASN C 744 -18.18 -42.81 -7.46
CA ASN C 744 -18.60 -41.39 -7.61
C ASN C 744 -20.06 -41.25 -7.18
N ASP C 745 -20.91 -42.19 -7.59
CA ASP C 745 -22.35 -42.24 -7.22
C ASP C 745 -22.49 -42.57 -5.73
N ILE C 746 -21.68 -43.52 -5.23
CA ILE C 746 -21.68 -43.97 -3.80
C ILE C 746 -21.27 -42.79 -2.91
N ASN C 747 -20.17 -42.12 -3.25
CA ASN C 747 -19.58 -40.99 -2.46
C ASN C 747 -20.56 -39.81 -2.45
N THR C 748 -21.17 -39.50 -3.61
CA THR C 748 -22.14 -38.38 -3.77
C THR C 748 -23.42 -38.70 -2.98
N THR C 749 -23.91 -39.94 -3.05
CA THR C 749 -25.12 -40.41 -2.33
C THR C 749 -24.91 -40.29 -0.82
N LEU C 750 -23.79 -40.82 -0.31
CA LEU C 750 -23.41 -40.77 1.12
C LEU C 750 -23.19 -39.31 1.55
N GLY C 751 -22.42 -38.55 0.76
CA GLY C 751 -22.07 -37.15 1.03
C GLY C 751 -23.29 -36.25 1.07
N ALA C 752 -24.14 -36.33 0.05
CA ALA C 752 -25.36 -35.49 -0.13
C ALA C 752 -26.37 -35.78 0.99
N ALA C 753 -26.64 -37.06 1.27
CA ALA C 753 -27.68 -37.54 2.21
C ALA C 753 -27.36 -37.05 3.64
N TRP C 754 -26.19 -37.43 4.16
CA TRP C 754 -25.82 -37.32 5.60
C TRP C 754 -25.24 -35.94 5.91
N GLY C 755 -24.39 -35.40 5.03
CA GLY C 755 -23.65 -34.13 5.25
C GLY C 755 -24.31 -32.93 4.58
N GLY C 756 -25.19 -33.17 3.61
CA GLY C 756 -25.76 -32.12 2.73
C GLY C 756 -24.84 -31.84 1.56
N SER C 757 -25.34 -31.18 0.52
CA SER C 757 -24.59 -30.85 -0.73
C SER C 757 -25.12 -29.55 -1.35
N TYR C 758 -24.26 -28.53 -1.43
CA TYR C 758 -24.51 -27.24 -2.12
C TYR C 758 -24.50 -27.49 -3.64
N VAL C 759 -25.68 -27.46 -4.27
CA VAL C 759 -25.88 -27.78 -5.72
C VAL C 759 -25.54 -26.53 -6.55
N ASN C 760 -26.33 -25.47 -6.40
CA ASN C 760 -26.16 -24.17 -7.13
C ASN C 760 -26.99 -23.09 -6.43
N ASP C 761 -26.95 -21.86 -6.96
CA ASP C 761 -27.69 -20.68 -6.43
C ASP C 761 -29.11 -20.65 -7.00
N PHE C 762 -30.01 -19.95 -6.32
CA PHE C 762 -31.38 -19.60 -6.79
C PHE C 762 -31.73 -18.19 -6.28
N ILE C 763 -32.80 -17.59 -6.81
CA ILE C 763 -33.19 -16.17 -6.53
C ILE C 763 -34.46 -16.15 -5.66
N ASP C 764 -34.29 -15.84 -4.37
CA ASP C 764 -35.40 -15.69 -3.39
C ASP C 764 -35.72 -14.21 -3.21
N ARG C 765 -36.79 -13.73 -3.87
CA ARG C 765 -37.30 -12.34 -3.80
C ARG C 765 -36.19 -11.35 -4.18
N GLY C 766 -35.55 -11.59 -5.34
CA GLY C 766 -34.56 -10.68 -5.95
C GLY C 766 -33.22 -10.68 -5.22
N ARG C 767 -32.91 -11.76 -4.49
CA ARG C 767 -31.60 -11.96 -3.80
C ARG C 767 -31.11 -13.39 -4.07
N VAL C 768 -29.83 -13.52 -4.44
CA VAL C 768 -29.14 -14.82 -4.69
C VAL C 768 -28.99 -15.54 -3.34
N LYS C 769 -29.47 -16.80 -3.28
CA LYS C 769 -29.34 -17.69 -2.09
C LYS C 769 -29.02 -19.10 -2.57
N LYS C 770 -28.53 -19.95 -1.66
CA LYS C 770 -27.99 -21.31 -1.98
C LYS C 770 -29.14 -22.30 -2.14
N VAL C 771 -28.87 -23.43 -2.79
CA VAL C 771 -29.76 -24.63 -2.89
C VAL C 771 -29.03 -25.82 -2.27
N TYR C 772 -29.65 -26.50 -1.32
CA TYR C 772 -29.09 -27.68 -0.60
C TYR C 772 -30.00 -28.89 -0.81
N VAL C 773 -29.41 -30.01 -1.23
CA VAL C 773 -30.06 -31.37 -1.17
C VAL C 773 -29.46 -32.11 0.03
N MET C 774 -30.32 -32.72 0.85
CA MET C 774 -29.93 -33.44 2.09
C MET C 774 -31.04 -34.42 2.46
N SER C 775 -30.73 -35.45 3.24
CA SER C 775 -31.70 -36.44 3.78
C SER C 775 -32.60 -35.74 4.81
N GLU C 776 -33.90 -36.10 4.82
CA GLU C 776 -34.84 -35.73 5.89
C GLU C 776 -34.33 -36.32 7.20
N ALA C 777 -34.44 -35.57 8.30
CA ALA C 777 -33.84 -35.86 9.63
C ALA C 777 -33.90 -37.37 9.93
N LYS C 778 -35.10 -37.97 9.83
CA LYS C 778 -35.43 -39.33 10.34
C LYS C 778 -34.60 -40.41 9.65
N TYR C 779 -34.09 -40.17 8.44
CA TYR C 779 -33.35 -41.16 7.61
C TYR C 779 -31.83 -40.99 7.74
N ARG C 780 -31.35 -40.17 8.69
CA ARG C 780 -29.90 -39.92 8.89
C ARG C 780 -29.59 -39.65 10.38
N MET C 781 -30.22 -40.39 11.29
CA MET C 781 -30.03 -40.25 12.76
C MET C 781 -29.12 -41.38 13.27
N LEU C 782 -29.50 -42.63 13.04
CA LEU C 782 -28.87 -43.85 13.65
C LEU C 782 -27.91 -44.50 12.66
N PRO C 783 -26.88 -45.23 13.15
CA PRO C 783 -25.96 -45.97 12.28
C PRO C 783 -26.61 -46.94 11.29
N ASP C 784 -27.73 -47.57 11.67
CA ASP C 784 -28.42 -48.63 10.89
C ASP C 784 -29.17 -48.02 9.69
N ASP C 785 -29.33 -46.69 9.66
CA ASP C 785 -30.03 -45.96 8.56
C ASP C 785 -29.14 -45.90 7.31
N ILE C 786 -27.85 -46.24 7.42
CA ILE C 786 -26.88 -46.28 6.28
C ILE C 786 -27.41 -47.24 5.21
N GLY C 787 -27.92 -48.41 5.61
CA GLY C 787 -28.38 -49.49 4.72
C GLY C 787 -29.64 -49.13 3.94
N ASP C 788 -30.41 -48.14 4.43
CA ASP C 788 -31.70 -47.70 3.81
C ASP C 788 -31.44 -46.97 2.48
N TRP C 789 -30.21 -46.55 2.22
CA TRP C 789 -29.80 -45.81 1.00
C TRP C 789 -29.35 -46.79 -0.09
N TYR C 790 -29.81 -46.56 -1.33
CA TYR C 790 -29.57 -47.42 -2.52
C TYR C 790 -28.89 -46.60 -3.63
N VAL C 791 -27.94 -47.22 -4.33
CA VAL C 791 -27.24 -46.65 -5.52
C VAL C 791 -27.59 -47.53 -6.73
N ARG C 792 -27.99 -46.90 -7.85
CA ARG C 792 -28.40 -47.60 -9.09
C ARG C 792 -27.15 -48.11 -9.83
N ALA C 793 -27.12 -49.40 -10.14
CA ALA C 793 -26.03 -50.08 -10.89
C ALA C 793 -26.19 -49.80 -12.39
N ALA C 794 -25.15 -50.11 -13.18
CA ALA C 794 -25.11 -49.91 -14.65
C ALA C 794 -26.21 -50.73 -15.32
N ASP C 795 -26.53 -51.92 -14.78
CA ASP C 795 -27.49 -52.89 -15.36
C ASP C 795 -28.93 -52.45 -15.06
N GLY C 796 -29.15 -51.66 -14.00
CA GLY C 796 -30.46 -51.06 -13.67
C GLY C 796 -30.88 -51.32 -12.23
N GLN C 797 -30.52 -52.48 -11.67
CA GLN C 797 -30.92 -52.93 -10.31
C GLN C 797 -30.31 -51.99 -9.26
N MET C 798 -31.03 -51.80 -8.14
CA MET C 798 -30.62 -50.93 -7.00
C MET C 798 -29.84 -51.77 -5.98
N VAL C 799 -28.78 -51.20 -5.39
CA VAL C 799 -27.83 -51.88 -4.46
C VAL C 799 -27.76 -51.11 -3.16
N PRO C 800 -28.06 -51.73 -1.99
CA PRO C 800 -27.94 -51.05 -0.70
C PRO C 800 -26.49 -50.92 -0.22
N PHE C 801 -26.21 -49.96 0.66
CA PHE C 801 -24.87 -49.65 1.22
C PHE C 801 -24.32 -50.85 1.99
N SER C 802 -25.20 -51.63 2.64
CA SER C 802 -24.85 -52.85 3.42
C SER C 802 -24.17 -53.90 2.54
N ALA C 803 -24.44 -53.87 1.22
CA ALA C 803 -23.93 -54.85 0.24
C ALA C 803 -22.47 -54.55 -0.15
N PHE C 804 -21.98 -53.33 0.10
CA PHE C 804 -20.61 -52.90 -0.33
C PHE C 804 -19.95 -51.98 0.71
N SER C 805 -20.31 -52.06 2.00
CA SER C 805 -19.69 -51.22 3.06
C SER C 805 -19.88 -51.84 4.45
N SER C 806 -18.88 -51.64 5.33
CA SER C 806 -18.92 -51.93 6.78
C SER C 806 -18.57 -50.63 7.54
N SER C 807 -18.70 -50.65 8.87
CA SER C 807 -18.48 -49.47 9.75
C SER C 807 -17.96 -49.90 11.12
N ARG C 808 -17.24 -49.01 11.81
CA ARG C 808 -16.76 -49.18 13.21
C ARG C 808 -16.60 -47.80 13.86
N TRP C 809 -16.34 -47.78 15.18
CA TRP C 809 -16.16 -46.55 15.99
C TRP C 809 -14.67 -46.25 16.18
N GLU C 810 -14.30 -44.97 16.13
CA GLU C 810 -12.94 -44.45 16.43
C GLU C 810 -13.07 -43.24 17.35
N TYR C 811 -11.94 -42.76 17.88
CA TYR C 811 -11.82 -41.55 18.73
C TYR C 811 -10.83 -40.58 18.09
N GLY C 812 -11.15 -39.28 18.13
CA GLY C 812 -10.32 -38.20 17.56
C GLY C 812 -10.74 -36.84 18.06
N SER C 813 -9.83 -35.86 18.00
CA SER C 813 -10.05 -34.46 18.46
C SER C 813 -10.95 -33.73 17.47
N PRO C 814 -12.02 -33.05 17.93
CA PRO C 814 -12.85 -32.20 17.07
C PRO C 814 -12.33 -30.75 16.95
N ARG C 815 -11.23 -30.43 17.64
CA ARG C 815 -10.61 -29.08 17.63
C ARG C 815 -9.15 -29.20 18.11
N LEU C 816 -8.20 -29.29 17.16
CA LEU C 816 -6.74 -29.35 17.41
C LEU C 816 -6.17 -27.93 17.38
N GLU C 817 -5.63 -27.45 18.51
CA GLU C 817 -5.04 -26.09 18.66
C GLU C 817 -3.54 -26.16 18.39
N ARG C 818 -2.95 -25.03 17.96
CA ARG C 818 -1.48 -24.85 17.80
C ARG C 818 -1.11 -23.42 18.23
N TYR C 819 0.05 -23.27 18.89
CA TYR C 819 0.59 -21.98 19.36
C TYR C 819 2.07 -21.88 18.96
N ASN C 820 2.43 -20.84 18.20
CA ASN C 820 3.79 -20.59 17.65
C ASN C 820 4.28 -21.83 16.90
N GLY C 821 3.40 -22.47 16.12
CA GLY C 821 3.73 -23.59 15.21
C GLY C 821 3.44 -24.95 15.82
N LEU C 822 3.72 -25.13 17.13
CA LEU C 822 3.67 -26.46 17.81
C LEU C 822 2.26 -26.74 18.31
N PRO C 823 1.86 -28.03 18.49
CA PRO C 823 0.58 -28.38 19.10
C PRO C 823 0.46 -27.81 20.52
N SER C 824 -0.69 -27.23 20.86
CA SER C 824 -0.95 -26.52 22.14
C SER C 824 -2.35 -26.83 22.67
N MET C 825 -2.63 -26.40 23.91
CA MET C 825 -3.97 -26.45 24.55
C MET C 825 -4.13 -25.22 25.46
N GLU C 826 -4.97 -24.28 25.05
CA GLU C 826 -5.25 -23.01 25.78
C GLU C 826 -6.02 -23.33 27.07
N ILE C 827 -5.53 -22.82 28.20
CA ILE C 827 -6.17 -22.97 29.55
C ILE C 827 -6.48 -21.56 30.08
N LEU C 828 -7.75 -21.27 30.32
CA LEU C 828 -8.22 -20.02 30.98
C LEU C 828 -8.38 -20.29 32.48
N GLY C 829 -8.42 -19.23 33.29
CA GLY C 829 -8.58 -19.31 34.75
C GLY C 829 -8.51 -17.94 35.41
N GLN C 830 -9.13 -17.80 36.58
CA GLN C 830 -9.20 -16.54 37.36
C GLN C 830 -8.45 -16.72 38.68
N ALA C 831 -7.96 -15.61 39.25
CA ALA C 831 -7.41 -15.54 40.62
C ALA C 831 -8.58 -15.55 41.61
N ALA C 832 -8.44 -16.29 42.71
CA ALA C 832 -9.48 -16.45 43.77
C ALA C 832 -9.73 -15.11 44.45
N PRO C 833 -10.88 -14.93 45.13
CA PRO C 833 -11.15 -13.68 45.87
C PRO C 833 -10.02 -13.33 46.84
N GLY C 834 -9.53 -12.09 46.77
CA GLY C 834 -8.43 -11.58 47.63
C GLY C 834 -7.09 -11.55 46.91
N LYS C 835 -6.85 -12.53 46.02
CA LYS C 835 -5.57 -12.69 45.29
C LYS C 835 -5.59 -11.84 44.01
N SER C 836 -4.41 -11.59 43.44
CA SER C 836 -4.19 -10.84 42.17
C SER C 836 -3.91 -11.83 41.03
N THR C 837 -3.99 -11.36 39.78
CA THR C 837 -3.70 -12.15 38.55
C THR C 837 -2.22 -12.54 38.54
N GLY C 838 -1.34 -11.65 39.03
CA GLY C 838 0.12 -11.89 39.15
C GLY C 838 0.42 -13.10 40.03
N GLU C 839 -0.28 -13.21 41.17
CA GLU C 839 -0.15 -14.34 42.13
C GLU C 839 -0.65 -15.63 41.47
N ALA C 840 -1.77 -15.56 40.73
CA ALA C 840 -2.36 -16.69 39.98
C ALA C 840 -1.37 -17.20 38.93
N MET C 841 -0.76 -16.28 38.17
CA MET C 841 0.26 -16.58 37.12
C MET C 841 1.47 -17.25 37.77
N GLU C 842 1.88 -16.77 38.95
CA GLU C 842 3.08 -17.27 39.70
C GLU C 842 2.89 -18.76 40.02
N LEU C 843 1.70 -19.15 40.52
CA LEU C 843 1.38 -20.54 40.93
C LEU C 843 1.32 -21.44 39.69
N MET C 844 0.66 -20.97 38.61
CA MET C 844 0.49 -21.73 37.34
C MET C 844 1.87 -22.09 36.76
N GLU C 845 2.83 -21.16 36.84
CA GLU C 845 4.24 -21.35 36.38
C GLU C 845 4.91 -22.45 37.22
N GLN C 846 4.69 -22.45 38.54
CA GLN C 846 5.26 -23.44 39.49
C GLN C 846 4.67 -24.83 39.21
N LEU C 847 3.35 -24.91 38.99
CA LEU C 847 2.62 -26.16 38.68
C LEU C 847 3.06 -26.69 37.30
N ALA C 848 3.37 -25.80 36.36
CA ALA C 848 3.75 -26.11 34.96
C ALA C 848 5.14 -26.77 34.91
N SER C 849 6.02 -26.45 35.87
CA SER C 849 7.41 -26.98 35.96
C SER C 849 7.41 -28.44 36.42
N LYS C 850 6.34 -28.88 37.11
CA LYS C 850 6.19 -30.27 37.63
C LYS C 850 5.72 -31.21 36.52
N LEU C 851 5.24 -30.68 35.39
CA LEU C 851 4.72 -31.46 34.24
C LEU C 851 5.87 -32.19 33.55
N PRO C 852 5.60 -33.32 32.85
CA PRO C 852 6.67 -34.13 32.26
C PRO C 852 7.49 -33.41 31.18
N THR C 853 8.74 -33.87 30.98
CA THR C 853 9.71 -33.30 30.01
C THR C 853 9.13 -33.35 28.59
N GLY C 854 9.25 -32.26 27.83
CA GLY C 854 8.65 -32.09 26.49
C GLY C 854 7.45 -31.16 26.52
N VAL C 855 6.75 -31.11 27.65
CA VAL C 855 5.57 -30.21 27.88
C VAL C 855 6.08 -28.89 28.48
N GLY C 856 6.19 -27.86 27.63
CA GLY C 856 6.48 -26.47 28.05
C GLY C 856 5.21 -25.64 28.12
N TYR C 857 5.34 -24.32 28.26
CA TYR C 857 4.19 -23.38 28.36
C TYR C 857 4.61 -21.98 27.88
N ASP C 858 3.61 -21.08 27.78
CA ASP C 858 3.79 -19.65 27.43
C ASP C 858 2.50 -18.90 27.82
N TRP C 859 2.62 -17.59 28.09
CA TRP C 859 1.47 -16.67 28.33
C TRP C 859 1.12 -15.98 27.01
N THR C 860 -0.18 -15.79 26.75
CA THR C 860 -0.72 -15.19 25.50
C THR C 860 -1.73 -14.10 25.86
N GLY C 861 -2.06 -13.24 24.89
CA GLY C 861 -3.09 -12.19 24.98
C GLY C 861 -2.88 -11.29 26.19
N MET C 862 -3.76 -11.43 27.19
CA MET C 862 -3.84 -10.55 28.38
C MET C 862 -2.64 -10.79 29.29
N SER C 863 -2.28 -12.05 29.53
CA SER C 863 -1.18 -12.48 30.43
C SER C 863 0.18 -12.14 29.81
N TYR C 864 0.27 -12.08 28.47
CA TYR C 864 1.49 -11.70 27.72
C TYR C 864 1.85 -10.24 28.04
N GLN C 865 0.85 -9.34 28.00
CA GLN C 865 1.01 -7.88 28.26
C GLN C 865 1.33 -7.66 29.74
N GLU C 866 0.73 -8.44 30.64
CA GLU C 866 0.93 -8.36 32.11
C GLU C 866 2.39 -8.73 32.44
N ARG C 867 2.90 -9.82 31.86
CA ARG C 867 4.30 -10.28 31.99
C ARG C 867 5.25 -9.19 31.47
N LEU C 868 4.94 -8.64 30.30
CA LEU C 868 5.74 -7.59 29.60
C LEU C 868 5.78 -6.33 30.48
N SER C 869 4.63 -5.93 31.04
CA SER C 869 4.46 -4.73 31.90
C SER C 869 5.37 -4.82 33.13
N GLY C 870 5.41 -5.99 33.78
CA GLY C 870 6.20 -6.25 35.00
C GLY C 870 7.69 -6.30 34.72
N ASN C 871 8.09 -6.84 33.57
CA ASN C 871 9.51 -7.09 33.20
C ASN C 871 10.22 -5.77 32.87
N GLN C 872 9.49 -4.78 32.31
CA GLN C 872 10.07 -3.50 31.80
C GLN C 872 9.92 -2.39 32.86
N ALA C 873 9.30 -2.68 34.00
CA ALA C 873 9.00 -1.69 35.07
C ALA C 873 10.28 -1.23 35.76
N PRO C 874 11.22 -2.13 36.16
CA PRO C 874 12.45 -1.72 36.82
C PRO C 874 13.30 -0.73 36.00
N SER C 875 13.51 -1.03 34.72
CA SER C 875 14.30 -0.21 33.77
C SER C 875 13.62 1.14 33.53
N LEU C 876 12.28 1.17 33.53
CA LEU C 876 11.45 2.39 33.38
C LEU C 876 11.70 3.33 34.57
N TYR C 877 11.75 2.78 35.79
CA TYR C 877 12.04 3.53 37.04
C TYR C 877 13.49 4.03 37.00
N ALA C 878 14.42 3.14 36.62
CA ALA C 878 15.88 3.41 36.56
C ALA C 878 16.16 4.64 35.68
N ILE C 879 15.76 4.59 34.40
CA ILE C 879 16.01 5.67 33.41
C ILE C 879 15.27 6.95 33.84
N SER C 880 14.06 6.82 34.39
CA SER C 880 13.22 7.96 34.86
C SER C 880 13.96 8.71 35.97
N LEU C 881 14.58 8.00 36.91
CA LEU C 881 15.38 8.58 38.02
C LEU C 881 16.61 9.28 37.46
N ILE C 882 17.33 8.63 36.53
CA ILE C 882 18.62 9.11 35.95
C ILE C 882 18.36 10.40 35.14
N VAL C 883 17.25 10.46 34.40
CA VAL C 883 16.88 11.64 33.56
C VAL C 883 16.61 12.85 34.48
N VAL C 884 15.86 12.64 35.55
CA VAL C 884 15.47 13.71 36.53
C VAL C 884 16.74 14.23 37.22
N PHE C 885 17.65 13.32 37.60
CA PHE C 885 18.96 13.63 38.23
C PHE C 885 19.78 14.54 37.32
N LEU C 886 19.94 14.15 36.05
CA LEU C 886 20.75 14.88 35.03
C LEU C 886 20.11 16.24 34.71
N CYS C 887 18.78 16.30 34.66
CA CYS C 887 17.99 17.54 34.40
C CYS C 887 18.20 18.54 35.54
N LEU C 888 18.25 18.07 36.78
CA LEU C 888 18.51 18.90 37.99
C LEU C 888 19.96 19.38 37.99
N ALA C 889 20.89 18.49 37.61
CA ALA C 889 22.35 18.78 37.51
C ALA C 889 22.59 19.85 36.45
N ALA C 890 21.90 19.75 35.31
CA ALA C 890 21.99 20.68 34.16
C ALA C 890 21.47 22.07 34.55
N LEU C 891 20.27 22.13 35.14
CA LEU C 891 19.55 23.40 35.44
C LEU C 891 20.26 24.19 36.54
N TYR C 892 20.63 23.52 37.64
CA TYR C 892 21.16 24.15 38.88
C TYR C 892 22.70 24.16 38.88
N GLU C 893 23.33 23.56 37.88
CA GLU C 893 24.82 23.56 37.70
C GLU C 893 25.45 23.06 39.01
N SER C 894 25.15 21.82 39.40
CA SER C 894 25.60 21.20 40.67
C SER C 894 25.48 19.67 40.59
N TRP C 895 26.23 18.97 41.44
CA TRP C 895 26.10 17.51 41.70
C TRP C 895 25.44 17.29 43.07
N SER C 896 25.74 18.15 44.04
CA SER C 896 25.25 18.08 45.45
C SER C 896 23.73 18.28 45.49
N ILE C 897 23.20 19.27 44.76
CA ILE C 897 21.75 19.63 44.75
C ILE C 897 20.94 18.46 44.19
N PRO C 898 21.28 17.90 43.00
CA PRO C 898 20.69 16.65 42.53
C PRO C 898 20.68 15.52 43.58
N PHE C 899 21.84 15.22 44.19
CA PHE C 899 21.98 14.13 45.19
CA PHE C 899 21.99 14.13 45.19
C PHE C 899 21.17 14.46 46.45
N SER C 900 21.11 15.75 46.81
CA SER C 900 20.32 16.27 47.95
C SER C 900 18.83 16.07 47.69
N VAL C 901 18.38 16.42 46.48
CA VAL C 901 16.95 16.33 46.04
C VAL C 901 16.56 14.86 45.90
N MET C 902 17.30 14.08 45.12
CA MET C 902 16.92 12.73 44.64
C MET C 902 16.87 11.71 45.79
N LEU C 903 17.42 12.04 46.97
CA LEU C 903 17.35 11.18 48.18
C LEU C 903 15.94 11.20 48.78
N VAL C 904 15.08 12.12 48.34
CA VAL C 904 13.69 12.31 48.85
C VAL C 904 12.77 11.20 48.29
N VAL C 905 13.14 10.58 47.16
CA VAL C 905 12.26 9.67 46.37
C VAL C 905 11.72 8.56 47.26
N PRO C 906 12.57 7.78 47.98
CA PRO C 906 12.08 6.77 48.92
C PRO C 906 10.98 7.24 49.90
N LEU C 907 11.04 8.49 50.38
CA LEU C 907 10.05 9.06 51.33
C LEU C 907 8.65 9.03 50.70
N GLY C 908 8.55 9.35 49.41
CA GLY C 908 7.29 9.32 48.66
C GLY C 908 6.85 7.90 48.34
N VAL C 909 7.77 7.08 47.85
CA VAL C 909 7.47 5.71 47.30
C VAL C 909 6.85 4.84 48.39
N ILE C 910 7.35 4.91 49.63
CA ILE C 910 6.84 4.08 50.77
C ILE C 910 5.38 4.45 51.07
N GLY C 911 5.03 5.74 50.93
CA GLY C 911 3.66 6.24 51.14
C GLY C 911 2.67 5.65 50.15
N ALA C 912 3.08 5.50 48.88
CA ALA C 912 2.28 4.90 47.79
C ALA C 912 2.07 3.41 48.07
N LEU C 913 3.11 2.71 48.53
CA LEU C 913 3.07 1.25 48.85
C LEU C 913 2.18 1.02 50.07
N LEU C 914 2.21 1.92 51.06
CA LEU C 914 1.37 1.84 52.29
C LEU C 914 -0.11 2.00 51.91
N ALA C 915 -0.44 3.06 51.16
CA ALA C 915 -1.81 3.40 50.71
C ALA C 915 -2.40 2.25 49.87
N ALA C 916 -1.57 1.64 49.00
CA ALA C 916 -1.96 0.52 48.12
C ALA C 916 -2.21 -0.74 48.97
N THR C 917 -1.28 -1.07 49.86
CA THR C 917 -1.28 -2.31 50.69
C THR C 917 -2.47 -2.29 51.66
N PHE C 918 -2.71 -1.16 52.33
CA PHE C 918 -3.78 -0.98 53.36
C PHE C 918 -5.16 -1.03 52.69
N ARG C 919 -5.32 -0.43 51.51
CA ARG C 919 -6.59 -0.44 50.74
C ARG C 919 -6.75 -1.78 50.00
N GLY C 920 -5.64 -2.47 49.73
CA GLY C 920 -5.64 -3.80 49.08
C GLY C 920 -5.66 -3.70 47.56
N LEU C 921 -5.01 -2.67 47.00
CA LEU C 921 -4.75 -2.55 45.53
C LEU C 921 -3.43 -3.27 45.22
N THR C 922 -3.13 -3.44 43.94
CA THR C 922 -1.96 -4.22 43.43
C THR C 922 -0.98 -3.30 42.71
N ASN C 923 0.23 -3.79 42.45
CA ASN C 923 1.26 -3.13 41.61
C ASN C 923 0.86 -3.31 40.14
N ASP C 924 -0.07 -2.48 39.67
CA ASP C 924 -0.63 -2.53 38.29
C ASP C 924 -0.14 -1.30 37.50
N VAL C 925 -0.56 -1.19 36.23
CA VAL C 925 -0.09 -0.15 35.26
C VAL C 925 -0.31 1.25 35.86
N TYR C 926 -1.45 1.47 36.50
CA TYR C 926 -1.84 2.77 37.12
C TYR C 926 -0.93 3.08 38.30
N PHE C 927 -0.49 2.06 39.04
CA PHE C 927 0.45 2.20 40.19
C PHE C 927 1.86 2.49 39.66
N GLN C 928 2.23 1.87 38.53
CA GLN C 928 3.52 2.13 37.83
C GLN C 928 3.58 3.60 37.41
N VAL C 929 2.48 4.13 36.86
CA VAL C 929 2.31 5.56 36.52
C VAL C 929 2.36 6.39 37.81
N GLY C 930 1.73 5.88 38.88
CA GLY C 930 1.68 6.51 40.21
C GLY C 930 3.05 6.69 40.83
N LEU C 931 3.92 5.68 40.71
CA LEU C 931 5.29 5.68 41.30
C LEU C 931 6.17 6.70 40.55
N LEU C 932 6.06 6.75 39.22
CA LEU C 932 6.77 7.75 38.36
C LEU C 932 6.32 9.16 38.74
N THR C 933 5.02 9.36 38.97
CA THR C 933 4.42 10.64 39.44
C THR C 933 5.00 11.00 40.81
N THR C 934 5.13 10.00 41.70
CA THR C 934 5.60 10.17 43.10
C THR C 934 7.06 10.65 43.11
N ILE C 935 7.89 10.18 42.17
CA ILE C 935 9.30 10.65 41.99
C ILE C 935 9.28 12.16 41.76
N GLY C 936 8.43 12.62 40.84
CA GLY C 936 8.24 14.05 40.50
C GLY C 936 7.68 14.83 41.68
N LEU C 937 6.64 14.30 42.33
CA LEU C 937 5.96 14.91 43.51
C LEU C 937 6.99 15.14 44.63
N SER C 938 7.81 14.12 44.92
CA SER C 938 8.82 14.11 46.01
C SER C 938 9.92 15.14 45.70
N ALA C 939 10.47 15.11 44.47
CA ALA C 939 11.53 16.02 43.99
C ALA C 939 11.03 17.47 43.99
N LYS C 940 9.75 17.68 43.66
CA LYS C 940 9.10 19.01 43.63
C LYS C 940 9.15 19.65 45.02
N ASN C 941 8.82 18.89 46.08
CA ASN C 941 8.85 19.36 47.49
C ASN C 941 10.30 19.61 47.91
N ALA C 942 11.23 18.73 47.51
CA ALA C 942 12.67 18.81 47.85
C ALA C 942 13.30 20.07 47.24
N ILE C 943 12.99 20.36 45.97
CA ILE C 943 13.50 21.55 45.22
C ILE C 943 13.16 22.83 45.99
N LEU C 944 11.92 22.95 46.48
CA LEU C 944 11.41 24.17 47.17
C LEU C 944 12.29 24.51 48.38
N ILE C 945 12.86 23.51 49.06
CA ILE C 945 13.78 23.69 50.22
C ILE C 945 15.22 23.85 49.70
N VAL C 946 15.70 22.87 48.93
CA VAL C 946 17.13 22.74 48.52
C VAL C 946 17.54 23.92 47.63
N GLU C 947 16.73 24.25 46.61
CA GLU C 947 17.00 25.34 45.64
C GLU C 947 17.16 26.67 46.39
N PHE C 948 16.23 26.99 47.29
CA PHE C 948 16.13 28.28 48.01
C PHE C 948 17.27 28.38 49.05
N ALA C 949 17.61 27.26 49.70
CA ALA C 949 18.70 27.16 50.69
C ALA C 949 20.03 27.53 50.03
N LYS C 950 20.35 26.89 48.90
CA LYS C 950 21.59 27.13 48.12
C LYS C 950 21.59 28.57 47.59
N ASP C 951 20.42 29.09 47.22
CA ASP C 951 20.24 30.45 46.65
C ASP C 951 20.57 31.51 47.72
N LEU C 952 20.13 31.27 48.97
CA LEU C 952 20.40 32.18 50.12
C LEU C 952 21.90 32.22 50.43
N MET C 953 22.57 31.06 50.36
CA MET C 953 24.04 30.92 50.61
C MET C 953 24.84 31.69 49.56
N ASP C 954 24.38 31.68 48.30
CA ASP C 954 25.09 32.30 47.15
C ASP C 954 24.86 33.81 47.15
N LYS C 955 23.59 34.25 47.25
CA LYS C 955 23.16 35.65 46.99
C LYS C 955 23.26 36.50 48.27
N GLU C 956 22.85 35.97 49.42
CA GLU C 956 22.80 36.71 50.71
C GLU C 956 23.99 36.32 51.61
N GLY C 957 24.81 35.34 51.20
CA GLY C 957 26.06 34.97 51.87
C GLY C 957 25.86 34.46 53.29
N LYS C 958 24.85 33.60 53.50
CA LYS C 958 24.50 33.02 54.81
C LYS C 958 25.16 31.65 54.97
N GLY C 959 25.26 31.15 56.20
CA GLY C 959 25.82 29.83 56.53
C GLY C 959 24.91 28.70 56.09
N LEU C 960 25.40 27.45 56.18
CA LEU C 960 24.69 26.23 55.73
C LEU C 960 23.43 26.01 56.58
N ILE C 961 23.55 26.17 57.91
CA ILE C 961 22.43 25.93 58.88
C ILE C 961 21.44 27.10 58.82
N GLU C 962 21.94 28.34 58.77
CA GLU C 962 21.12 29.58 58.75
C GLU C 962 20.24 29.60 57.49
N ALA C 963 20.83 29.31 56.33
CA ALA C 963 20.17 29.34 55.00
C ALA C 963 19.07 28.28 54.93
N THR C 964 19.33 27.07 55.43
CA THR C 964 18.37 25.93 55.46
C THR C 964 17.17 26.30 56.34
N LEU C 965 17.42 26.79 57.56
CA LEU C 965 16.38 27.15 58.55
C LEU C 965 15.52 28.30 58.02
N ASP C 966 16.13 29.27 57.35
CA ASP C 966 15.43 30.42 56.71
C ASP C 966 14.59 29.91 55.54
N ALA C 967 15.13 28.95 54.76
CA ALA C 967 14.50 28.37 53.55
C ALA C 967 13.24 27.61 53.94
N VAL C 968 13.33 26.69 54.91
CA VAL C 968 12.20 25.82 55.37
C VAL C 968 11.11 26.70 56.01
N ARG C 969 11.50 27.75 56.74
CA ARG C 969 10.56 28.70 57.40
C ARG C 969 9.68 29.37 56.34
N MET C 970 10.31 29.93 55.29
CA MET C 970 9.65 30.74 54.23
C MET C 970 8.87 29.82 53.28
N ARG C 971 9.32 28.58 53.08
CA ARG C 971 8.79 27.66 52.03
C ARG C 971 7.88 26.57 52.63
N LEU C 972 7.50 26.68 53.91
CA LEU C 972 6.53 25.73 54.55
C LEU C 972 5.14 25.95 53.95
N ARG C 973 4.68 27.21 53.91
CA ARG C 973 3.33 27.61 53.42
C ARG C 973 3.13 27.11 51.99
N PRO C 974 4.01 27.44 51.02
CA PRO C 974 3.83 26.98 49.63
C PRO C 974 3.93 25.46 49.46
N ILE C 975 4.76 24.77 50.23
CA ILE C 975 4.91 23.28 50.19
C ILE C 975 3.59 22.64 50.62
N LEU C 976 2.99 23.11 51.72
CA LEU C 976 1.72 22.57 52.26
C LEU C 976 0.54 22.98 51.38
N MET C 977 0.58 24.19 50.79
CA MET C 977 -0.46 24.70 49.85
C MET C 977 -0.53 23.80 48.62
N THR C 978 0.60 23.62 47.92
CA THR C 978 0.72 22.89 46.63
C THR C 978 0.51 21.39 46.85
N SER C 979 0.91 20.85 48.01
CA SER C 979 0.80 19.42 48.36
C SER C 979 -0.66 19.06 48.67
N LEU C 980 -1.34 19.86 49.49
CA LEU C 980 -2.75 19.64 49.91
C LEU C 980 -3.67 19.85 48.71
N ALA C 981 -3.27 20.67 47.73
CA ALA C 981 -3.98 20.88 46.45
C ALA C 981 -4.02 19.58 45.67
N PHE C 982 -2.89 18.87 45.56
CA PHE C 982 -2.76 17.58 44.85
C PHE C 982 -3.53 16.48 45.58
N ILE C 983 -3.40 16.42 46.92
CA ILE C 983 -4.03 15.38 47.78
C ILE C 983 -5.55 15.45 47.62
N LEU C 984 -6.14 16.64 47.80
CA LEU C 984 -7.60 16.88 47.62
C LEU C 984 -7.95 16.90 46.13
N GLY C 985 -6.97 17.16 45.26
CA GLY C 985 -7.11 17.11 43.80
C GLY C 985 -7.41 15.70 43.31
N VAL C 986 -6.70 14.69 43.85
CA VAL C 986 -6.85 13.26 43.47
C VAL C 986 -7.78 12.54 44.48
N MET C 987 -8.38 13.29 45.41
CA MET C 987 -9.34 12.78 46.43
C MET C 987 -10.53 12.11 45.74
N PRO C 988 -11.23 12.78 44.79
CA PRO C 988 -12.41 12.18 44.17
C PRO C 988 -12.14 10.91 43.35
N LEU C 989 -10.90 10.71 42.89
CA LEU C 989 -10.46 9.43 42.24
C LEU C 989 -10.48 8.31 43.28
N VAL C 990 -10.05 8.60 44.51
CA VAL C 990 -9.87 7.61 45.62
C VAL C 990 -11.25 7.18 46.15
N ILE C 991 -12.17 8.13 46.35
CA ILE C 991 -13.47 7.89 47.07
C ILE C 991 -14.60 7.58 46.06
N SER C 992 -14.29 7.50 44.76
CA SER C 992 -15.28 7.17 43.69
C SER C 992 -15.68 5.69 43.80
N THR C 993 -16.97 5.40 43.68
CA THR C 993 -17.56 4.03 43.69
C THR C 993 -18.54 3.86 42.52
N GLY C 994 -18.46 4.72 41.50
CA GLY C 994 -19.33 4.70 40.32
C GLY C 994 -18.84 3.71 39.27
N ALA C 995 -19.36 3.82 38.05
CA ALA C 995 -18.94 2.99 36.88
C ALA C 995 -17.51 3.38 36.47
N GLY C 996 -16.61 2.40 36.40
CA GLY C 996 -15.19 2.60 36.04
C GLY C 996 -14.37 3.09 37.23
N SER C 997 -14.83 2.81 38.46
CA SER C 997 -14.19 3.24 39.73
C SER C 997 -12.93 2.43 40.00
N GLY C 998 -12.84 1.22 39.44
CA GLY C 998 -11.66 0.34 39.55
C GLY C 998 -10.39 1.03 39.07
N ALA C 999 -10.45 1.68 37.90
CA ALA C 999 -9.34 2.43 37.27
C ALA C 999 -9.04 3.70 38.07
N GLN C 1000 -10.08 4.44 38.49
CA GLN C 1000 -9.97 5.71 39.24
C GLN C 1000 -9.25 5.46 40.57
N ASN C 1001 -9.68 4.44 41.33
CA ASN C 1001 -9.11 4.04 42.64
C ASN C 1001 -7.61 3.74 42.48
N ALA C 1002 -7.23 3.04 41.40
CA ALA C 1002 -5.85 2.62 41.09
C ALA C 1002 -4.94 3.85 40.87
N VAL C 1003 -5.43 4.85 40.13
CA VAL C 1003 -4.66 6.08 39.77
C VAL C 1003 -4.49 6.97 41.00
N GLY C 1004 -5.56 7.18 41.76
CA GLY C 1004 -5.63 8.16 42.86
C GLY C 1004 -4.90 7.71 44.11
N THR C 1005 -5.12 6.46 44.54
CA THR C 1005 -4.70 5.93 45.86
C THR C 1005 -3.18 6.02 46.04
N GLY C 1006 -2.41 5.50 45.08
CA GLY C 1006 -0.94 5.47 45.12
C GLY C 1006 -0.34 6.86 45.27
N VAL C 1007 -0.69 7.78 44.38
CA VAL C 1007 -0.12 9.17 44.32
C VAL C 1007 -0.57 9.97 45.54
N MET C 1008 -1.78 9.71 46.06
CA MET C 1008 -2.32 10.40 47.27
C MET C 1008 -1.43 10.08 48.47
N GLY C 1009 -1.28 8.79 48.79
CA GLY C 1009 -0.38 8.29 49.85
C GLY C 1009 1.06 8.70 49.58
N GLY C 1010 1.45 8.75 48.31
CA GLY C 1010 2.78 9.20 47.86
C GLY C 1010 3.06 10.63 48.28
N MET C 1011 2.11 11.54 48.01
CA MET C 1011 2.25 13.00 48.26
C MET C 1011 2.15 13.29 49.77
N VAL C 1012 1.38 12.50 50.51
CA VAL C 1012 1.21 12.64 51.99
C VAL C 1012 2.59 12.47 52.66
N THR C 1013 3.27 11.35 52.39
CA THR C 1013 4.60 11.01 52.97
C THR C 1013 5.67 11.93 52.35
N ALA C 1014 5.57 12.23 51.06
CA ALA C 1014 6.52 13.09 50.30
C ALA C 1014 6.39 14.56 50.75
N THR C 1015 5.39 14.88 51.59
CA THR C 1015 5.24 16.18 52.28
C THR C 1015 5.65 16.02 53.74
N VAL C 1016 4.97 15.14 54.48
CA VAL C 1016 5.06 15.00 55.97
C VAL C 1016 6.50 14.61 56.36
N LEU C 1017 7.11 13.66 55.68
CA LEU C 1017 8.51 13.19 55.96
C LEU C 1017 9.52 14.18 55.38
N ALA C 1018 9.30 14.65 54.14
CA ALA C 1018 10.26 15.46 53.35
C ALA C 1018 10.66 16.73 54.11
N ILE C 1019 9.69 17.44 54.69
CA ILE C 1019 9.90 18.76 55.37
C ILE C 1019 10.90 18.60 56.53
N PHE C 1020 11.05 17.40 57.09
CA PHE C 1020 12.00 17.08 58.18
C PHE C 1020 13.30 16.49 57.62
N PHE C 1021 13.21 15.66 56.57
CA PHE C 1021 14.32 14.81 56.06
C PHE C 1021 15.13 15.53 54.97
N VAL C 1022 14.52 16.43 54.20
CA VAL C 1022 15.19 17.15 53.08
C VAL C 1022 16.29 18.06 53.64
N PRO C 1023 16.02 18.86 54.71
CA PRO C 1023 17.08 19.63 55.37
C PRO C 1023 18.30 18.79 55.80
N VAL C 1024 18.07 17.56 56.26
CA VAL C 1024 19.14 16.61 56.69
C VAL C 1024 20.00 16.26 55.46
N PHE C 1025 19.35 15.88 54.35
CA PHE C 1025 20.03 15.47 53.08
C PHE C 1025 20.94 16.60 52.58
N PHE C 1026 20.42 17.84 52.55
CA PHE C 1026 21.13 19.04 52.04
C PHE C 1026 22.39 19.27 52.88
N VAL C 1027 22.24 19.34 54.21
CA VAL C 1027 23.34 19.70 55.17
C VAL C 1027 24.40 18.58 55.19
N VAL C 1028 23.98 17.31 55.21
CA VAL C 1028 24.90 16.13 55.29
C VAL C 1028 25.72 16.04 53.99
N VAL C 1029 25.07 16.23 52.83
CA VAL C 1029 25.73 16.12 51.48
C VAL C 1029 26.68 17.32 51.28
N ARG C 1030 26.26 18.52 51.69
CA ARG C 1030 27.07 19.77 51.55
C ARG C 1030 28.31 19.70 52.43
N ARG C 1031 28.17 19.16 53.66
CA ARG C 1031 29.28 19.02 54.64
C ARG C 1031 30.30 17.98 54.13
N ARG C 1032 29.80 16.84 53.64
CA ARG C 1032 30.64 15.66 53.23
C ARG C 1032 31.37 15.97 51.93
N PHE C 1033 30.64 16.36 50.88
CA PHE C 1033 31.13 16.45 49.48
C PHE C 1033 31.55 17.89 49.14
N SER C 1034 30.64 18.85 49.31
CA SER C 1034 30.83 20.28 48.90
C SER C 1034 31.72 21.01 49.91
N ARG C 1035 32.09 22.26 49.59
CA ARG C 1035 32.88 23.17 50.46
C ARG C 1035 32.41 24.61 50.25
N GLY D 11 34.19 -38.27 -34.05
CA GLY D 11 34.03 -36.92 -33.41
C GLY D 11 35.38 -36.26 -33.18
N SER D 12 35.98 -35.70 -34.25
CA SER D 12 37.30 -35.00 -34.22
C SER D 12 37.12 -33.58 -33.69
N ASP D 13 38.23 -32.88 -33.43
CA ASP D 13 38.27 -31.50 -32.89
C ASP D 13 37.75 -30.52 -33.96
N LEU D 14 38.31 -30.61 -35.18
CA LEU D 14 37.98 -29.72 -36.32
C LEU D 14 36.56 -30.01 -36.84
N GLY D 15 36.12 -31.28 -36.76
CA GLY D 15 34.79 -31.73 -37.20
C GLY D 15 33.67 -31.02 -36.43
N LYS D 16 33.83 -30.86 -35.12
CA LYS D 16 32.84 -30.18 -34.22
C LYS D 16 32.81 -28.68 -34.54
N LYS D 17 33.94 -28.10 -34.93
CA LYS D 17 34.06 -26.66 -35.29
C LYS D 17 33.42 -26.41 -36.65
N LEU D 18 33.50 -27.38 -37.57
CA LEU D 18 32.90 -27.30 -38.93
C LEU D 18 31.37 -27.32 -38.82
N LEU D 19 30.83 -28.15 -37.92
CA LEU D 19 29.37 -28.25 -37.64
C LEU D 19 28.85 -26.88 -37.17
N GLU D 20 29.50 -26.30 -36.17
CA GLU D 20 29.12 -24.98 -35.57
C GLU D 20 29.30 -23.87 -36.61
N ALA D 21 30.36 -23.94 -37.42
CA ALA D 21 30.70 -22.94 -38.47
C ALA D 21 29.65 -22.99 -39.59
N ALA D 22 29.32 -24.20 -40.06
CA ALA D 22 28.33 -24.46 -41.14
C ALA D 22 26.93 -23.99 -40.68
N ARG D 23 26.62 -24.17 -39.40
CA ARG D 23 25.32 -23.77 -38.77
C ARG D 23 25.23 -22.24 -38.74
N ALA D 24 26.23 -21.58 -38.17
CA ALA D 24 26.29 -20.11 -37.99
C ALA D 24 26.35 -19.40 -39.36
N GLY D 25 27.09 -19.98 -40.31
CA GLY D 25 27.23 -19.47 -41.68
C GLY D 25 28.50 -18.66 -41.87
N ARG D 26 29.56 -18.96 -41.11
CA ARG D 26 30.88 -18.28 -41.20
C ARG D 26 31.66 -18.86 -42.39
N ASP D 27 31.55 -18.24 -43.55
CA ASP D 27 32.17 -18.68 -44.83
C ASP D 27 33.70 -18.73 -44.68
N ASP D 28 34.28 -17.68 -44.09
CA ASP D 28 35.75 -17.50 -43.91
C ASP D 28 36.32 -18.63 -43.06
N GLU D 29 35.62 -19.02 -41.98
CA GLU D 29 36.06 -20.06 -41.01
C GLU D 29 35.97 -21.45 -41.67
N VAL D 30 34.91 -21.70 -42.44
CA VAL D 30 34.68 -22.99 -43.16
C VAL D 30 35.81 -23.19 -44.17
N ARG D 31 36.14 -22.15 -44.94
CA ARG D 31 37.24 -22.14 -45.95
C ARG D 31 38.55 -22.59 -45.29
N ILE D 32 38.85 -22.07 -44.10
CA ILE D 32 40.10 -22.36 -43.33
C ILE D 32 40.07 -23.82 -42.85
N LEU D 33 38.90 -24.31 -42.41
CA LEU D 33 38.72 -25.68 -41.85
C LEU D 33 38.83 -26.73 -42.98
N MET D 34 38.40 -26.39 -44.19
CA MET D 34 38.50 -27.26 -45.39
C MET D 34 39.98 -27.41 -45.79
N ALA D 35 40.77 -26.34 -45.63
CA ALA D 35 42.23 -26.29 -45.92
C ALA D 35 42.99 -27.14 -44.89
N ASN D 36 42.56 -27.11 -43.62
CA ASN D 36 43.18 -27.84 -42.49
C ASN D 36 42.75 -29.31 -42.50
N GLY D 37 41.69 -29.64 -43.25
CA GLY D 37 41.22 -31.02 -43.46
C GLY D 37 40.19 -31.44 -42.42
N ALA D 38 39.21 -30.58 -42.14
CA ALA D 38 38.08 -30.84 -41.21
C ALA D 38 37.20 -31.95 -41.79
N ASP D 39 36.66 -32.82 -40.93
CA ASP D 39 35.85 -34.01 -41.31
C ASP D 39 34.49 -33.53 -41.84
N VAL D 40 34.26 -33.69 -43.15
CA VAL D 40 33.00 -33.29 -43.85
C VAL D 40 31.87 -34.25 -43.47
N ASN D 41 32.21 -35.49 -43.07
CA ASN D 41 31.23 -36.56 -42.74
C ASN D 41 31.06 -36.67 -41.22
N ALA D 42 31.58 -35.71 -40.45
CA ALA D 42 31.35 -35.57 -39.00
C ALA D 42 29.88 -35.22 -38.76
N ALA D 43 29.31 -35.64 -37.62
CA ALA D 43 27.89 -35.46 -37.28
C ALA D 43 27.70 -35.31 -35.77
N ASP D 44 26.59 -34.69 -35.37
CA ASP D 44 26.14 -34.54 -33.96
C ASP D 44 25.38 -35.81 -33.56
N VAL D 45 24.66 -35.79 -32.43
CA VAL D 45 24.00 -36.99 -31.82
C VAL D 45 22.80 -37.40 -32.68
N VAL D 46 22.06 -36.43 -33.24
CA VAL D 46 20.86 -36.68 -34.09
C VAL D 46 21.29 -37.21 -35.46
N GLY D 47 22.54 -36.93 -35.87
CA GLY D 47 23.15 -37.46 -37.11
C GLY D 47 23.13 -36.45 -38.25
N TRP D 48 23.31 -35.16 -37.94
CA TRP D 48 23.33 -34.04 -38.92
C TRP D 48 24.77 -33.68 -39.28
N THR D 49 25.11 -33.77 -40.57
CA THR D 49 26.41 -33.35 -41.15
C THR D 49 26.43 -31.83 -41.30
N PRO D 50 27.61 -31.20 -41.50
CA PRO D 50 27.67 -29.78 -41.88
C PRO D 50 26.76 -29.41 -43.05
N LEU D 51 26.59 -30.33 -44.02
CA LEU D 51 25.73 -30.15 -45.22
C LEU D 51 24.26 -30.07 -44.77
N HIS D 52 23.84 -30.93 -43.84
CA HIS D 52 22.49 -30.90 -43.20
C HIS D 52 22.23 -29.50 -42.61
N LEU D 53 23.17 -29.03 -41.78
CA LEU D 53 23.07 -27.74 -41.04
C LEU D 53 23.10 -26.57 -42.03
N ALA D 54 24.01 -26.61 -43.01
CA ALA D 54 24.15 -25.58 -44.06
C ALA D 54 22.86 -25.48 -44.89
N ALA D 55 22.25 -26.63 -45.21
CA ALA D 55 21.00 -26.76 -45.99
C ALA D 55 19.82 -26.23 -45.17
N TYR D 56 19.80 -26.52 -43.87
CA TYR D 56 18.71 -26.15 -42.92
C TYR D 56 18.62 -24.62 -42.79
N TRP D 57 19.74 -24.00 -42.42
CA TRP D 57 19.83 -22.53 -42.12
C TRP D 57 19.98 -21.71 -43.40
N GLY D 58 20.12 -22.37 -44.56
CA GLY D 58 20.06 -21.73 -45.89
C GLY D 58 21.33 -20.97 -46.23
N HIS D 59 22.49 -21.63 -46.07
CA HIS D 59 23.83 -21.08 -46.38
C HIS D 59 24.33 -21.67 -47.70
N LEU D 60 24.14 -20.94 -48.81
CA LEU D 60 24.37 -21.42 -50.20
C LEU D 60 25.86 -21.71 -50.43
N GLU D 61 26.75 -20.77 -50.03
CA GLU D 61 28.21 -20.85 -50.26
C GLU D 61 28.79 -22.10 -49.60
N ILE D 62 28.44 -22.36 -48.34
CA ILE D 62 28.99 -23.47 -47.52
C ILE D 62 28.53 -24.82 -48.10
N VAL D 63 27.29 -24.90 -48.60
CA VAL D 63 26.76 -26.11 -49.29
C VAL D 63 27.65 -26.41 -50.50
N GLU D 64 27.98 -25.39 -51.30
CA GLU D 64 28.82 -25.50 -52.52
C GLU D 64 30.25 -25.92 -52.13
N VAL D 65 30.81 -25.29 -51.08
CA VAL D 65 32.20 -25.54 -50.59
C VAL D 65 32.30 -26.97 -50.05
N LEU D 66 31.31 -27.43 -49.29
CA LEU D 66 31.29 -28.77 -48.65
C LEU D 66 31.22 -29.86 -49.73
N LEU D 67 30.38 -29.68 -50.76
CA LEU D 67 30.18 -30.65 -51.87
C LEU D 67 31.48 -30.79 -52.67
N LYS D 68 32.20 -29.68 -52.89
CA LYS D 68 33.51 -29.66 -53.60
C LYS D 68 34.56 -30.46 -52.80
N ASN D 69 34.43 -30.47 -51.47
CA ASN D 69 35.36 -31.17 -50.54
C ASN D 69 34.77 -32.55 -50.14
N GLY D 70 34.03 -33.18 -51.05
CA GLY D 70 33.59 -34.59 -50.94
C GLY D 70 32.66 -34.84 -49.77
N ALA D 71 31.68 -33.95 -49.54
CA ALA D 71 30.59 -34.13 -48.56
C ALA D 71 29.53 -35.06 -49.16
N ASP D 72 28.97 -35.97 -48.34
CA ASP D 72 27.93 -36.94 -48.77
C ASP D 72 26.61 -36.20 -48.95
N VAL D 73 26.14 -36.09 -50.20
CA VAL D 73 24.90 -35.36 -50.60
C VAL D 73 23.68 -36.16 -50.12
N ASN D 74 23.79 -37.49 -50.06
CA ASN D 74 22.68 -38.43 -49.70
C ASN D 74 22.89 -39.00 -48.30
N ALA D 75 23.67 -38.32 -47.45
CA ALA D 75 23.81 -38.63 -46.01
C ALA D 75 22.46 -38.39 -45.32
N TYR D 76 22.09 -39.22 -44.35
CA TYR D 76 20.79 -39.16 -43.64
C TYR D 76 21.01 -39.21 -42.13
N ASP D 77 20.10 -38.58 -41.38
CA ASP D 77 20.11 -38.51 -39.89
C ASP D 77 19.53 -39.81 -39.33
N THR D 78 19.33 -39.89 -38.01
CA THR D 78 18.85 -41.10 -37.28
C THR D 78 17.39 -41.40 -37.64
N LEU D 79 16.68 -40.47 -38.28
CA LEU D 79 15.27 -40.64 -38.73
C LEU D 79 15.18 -40.63 -40.27
N GLY D 80 16.33 -40.66 -40.96
CA GLY D 80 16.41 -40.94 -42.42
C GLY D 80 16.25 -39.72 -43.30
N SER D 81 16.30 -38.51 -42.72
CA SER D 81 16.15 -37.22 -43.44
C SER D 81 17.50 -36.78 -44.02
N THR D 82 17.54 -36.51 -45.34
CA THR D 82 18.73 -36.02 -46.09
C THR D 82 18.71 -34.50 -46.14
N PRO D 83 19.83 -33.82 -46.53
CA PRO D 83 19.84 -32.37 -46.69
C PRO D 83 18.83 -31.81 -47.70
N LEU D 84 18.43 -32.61 -48.70
CA LEU D 84 17.44 -32.20 -49.73
C LEU D 84 16.06 -31.99 -49.08
N HIS D 85 15.70 -32.84 -48.10
CA HIS D 85 14.48 -32.69 -47.27
C HIS D 85 14.47 -31.31 -46.61
N LEU D 86 15.55 -30.98 -45.90
CA LEU D 86 15.69 -29.72 -45.10
C LEU D 86 15.67 -28.51 -46.05
N ALA D 87 16.36 -28.60 -47.19
CA ALA D 87 16.46 -27.53 -48.21
C ALA D 87 15.09 -27.29 -48.85
N ALA D 88 14.34 -28.38 -49.14
CA ALA D 88 13.02 -28.35 -49.81
C ALA D 88 11.95 -27.86 -48.83
N HIS D 89 12.01 -28.30 -47.57
CA HIS D 89 11.00 -28.02 -46.51
C HIS D 89 11.01 -26.54 -46.12
N PHE D 90 12.21 -25.94 -45.99
CA PHE D 90 12.42 -24.58 -45.44
C PHE D 90 12.61 -23.54 -46.56
N GLY D 91 12.30 -23.91 -47.81
CA GLY D 91 12.14 -22.98 -48.94
C GLY D 91 13.45 -22.35 -49.39
N HIS D 92 14.49 -23.17 -49.58
CA HIS D 92 15.83 -22.74 -50.08
C HIS D 92 16.02 -23.23 -51.52
N LEU D 93 15.53 -22.44 -52.49
CA LEU D 93 15.46 -22.81 -53.93
C LEU D 93 16.87 -23.07 -54.49
N GLU D 94 17.84 -22.21 -54.16
CA GLU D 94 19.23 -22.27 -54.69
C GLU D 94 19.90 -23.57 -54.25
N ILE D 95 19.81 -23.90 -52.96
CA ILE D 95 20.49 -25.09 -52.33
C ILE D 95 19.91 -26.38 -52.93
N VAL D 96 18.59 -26.44 -53.15
CA VAL D 96 17.88 -27.61 -53.74
C VAL D 96 18.48 -27.90 -55.13
N GLU D 97 18.69 -26.86 -55.94
CA GLU D 97 19.27 -26.97 -57.31
C GLU D 97 20.70 -27.50 -57.22
N VAL D 98 21.52 -26.92 -56.34
CA VAL D 98 22.97 -27.26 -56.17
C VAL D 98 23.09 -28.73 -55.73
N LEU D 99 22.28 -29.18 -54.78
CA LEU D 99 22.27 -30.58 -54.26
C LEU D 99 21.91 -31.55 -55.39
N LEU D 100 20.85 -31.24 -56.16
CA LEU D 100 20.33 -32.11 -57.26
C LEU D 100 21.35 -32.20 -58.39
N LYS D 101 22.11 -31.12 -58.64
CA LYS D 101 23.20 -31.08 -59.66
C LYS D 101 24.35 -32.01 -59.22
N ASN D 102 24.56 -32.16 -57.91
CA ASN D 102 25.64 -32.99 -57.31
C ASN D 102 25.10 -34.38 -56.94
N GLY D 103 23.98 -34.80 -57.53
CA GLY D 103 23.47 -36.18 -57.50
C GLY D 103 22.69 -36.49 -56.22
N ALA D 104 21.84 -35.55 -55.78
CA ALA D 104 20.94 -35.72 -54.61
C ALA D 104 19.74 -36.59 -55.03
N ASP D 105 19.46 -37.64 -54.26
CA ASP D 105 18.31 -38.57 -54.49
C ASP D 105 17.02 -37.77 -54.30
N VAL D 106 16.32 -37.48 -55.40
CA VAL D 106 15.08 -36.65 -55.43
C VAL D 106 13.92 -37.44 -54.80
N ASN D 107 13.95 -38.77 -54.86
CA ASN D 107 12.89 -39.68 -54.35
C ASN D 107 13.36 -40.32 -53.02
N ALA D 108 14.20 -39.62 -52.26
CA ALA D 108 14.75 -40.09 -50.96
C ALA D 108 13.61 -40.15 -49.93
N LYS D 109 13.31 -41.35 -49.43
CA LYS D 109 12.30 -41.59 -48.35
C LYS D 109 13.00 -41.58 -47.00
N ASP D 110 12.44 -40.87 -46.01
CA ASP D 110 12.85 -40.92 -44.59
C ASP D 110 12.15 -42.13 -43.95
N ASP D 111 12.19 -42.25 -42.62
CA ASP D 111 11.60 -43.38 -41.85
C ASP D 111 10.07 -43.38 -42.01
N ASN D 112 9.47 -42.21 -42.26
CA ASN D 112 7.99 -42.01 -42.36
C ASN D 112 7.53 -42.10 -43.82
N GLY D 113 8.45 -42.23 -44.77
CA GLY D 113 8.17 -42.29 -46.22
C GLY D 113 7.90 -40.91 -46.81
N ILE D 114 8.29 -39.85 -46.09
CA ILE D 114 8.10 -38.43 -46.50
C ILE D 114 9.26 -38.04 -47.42
N THR D 115 8.98 -37.79 -48.70
CA THR D 115 9.94 -37.32 -49.74
C THR D 115 10.11 -35.80 -49.63
N PRO D 116 11.18 -35.22 -50.20
CA PRO D 116 11.30 -33.77 -50.33
C PRO D 116 10.12 -33.08 -51.02
N LEU D 117 9.43 -33.78 -51.93
CA LEU D 117 8.25 -33.26 -52.68
C LEU D 117 7.09 -33.02 -51.69
N HIS D 118 6.87 -33.95 -50.75
CA HIS D 118 5.82 -33.85 -49.69
C HIS D 118 6.05 -32.60 -48.84
N LEU D 119 7.30 -32.38 -48.41
CA LEU D 119 7.69 -31.26 -47.49
C LEU D 119 7.56 -29.92 -48.22
N ALA D 120 8.01 -29.85 -49.48
CA ALA D 120 7.93 -28.66 -50.34
C ALA D 120 6.46 -28.32 -50.62
N ALA D 121 5.62 -29.34 -50.81
CA ALA D 121 4.17 -29.22 -51.07
C ALA D 121 3.45 -28.68 -49.81
N ASN D 122 3.89 -29.10 -48.62
CA ASN D 122 3.20 -28.82 -47.33
C ASN D 122 3.32 -27.33 -46.99
N ARG D 123 4.48 -26.71 -47.23
CA ARG D 123 4.76 -25.28 -46.93
C ARG D 123 4.53 -24.42 -48.19
N GLY D 124 4.11 -25.03 -49.30
CA GLY D 124 3.64 -24.34 -50.52
C GLY D 124 4.75 -23.61 -51.24
N HIS D 125 5.95 -24.21 -51.32
CA HIS D 125 7.13 -23.69 -52.07
C HIS D 125 6.99 -24.12 -53.54
N LEU D 126 6.33 -23.29 -54.36
CA LEU D 126 5.89 -23.63 -55.74
C LEU D 126 7.11 -23.86 -56.64
N GLU D 127 8.11 -22.97 -56.57
CA GLU D 127 9.32 -23.00 -57.44
C GLU D 127 10.12 -24.28 -57.17
N ILE D 128 10.23 -24.70 -55.91
CA ILE D 128 11.02 -25.90 -55.48
C ILE D 128 10.32 -27.17 -56.00
N VAL D 129 8.98 -27.21 -55.98
CA VAL D 129 8.17 -28.37 -56.47
C VAL D 129 8.47 -28.58 -57.96
N GLU D 130 8.54 -27.49 -58.74
CA GLU D 130 8.84 -27.53 -60.20
C GLU D 130 10.25 -28.07 -60.43
N VAL D 131 11.23 -27.64 -59.61
CA VAL D 131 12.66 -28.07 -59.69
C VAL D 131 12.75 -29.56 -59.39
N LEU D 132 12.08 -30.03 -58.32
CA LEU D 132 12.05 -31.46 -57.91
C LEU D 132 11.44 -32.31 -59.02
N LEU D 133 10.31 -31.86 -59.59
CA LEU D 133 9.58 -32.55 -60.69
C LEU D 133 10.48 -32.61 -61.95
N LYS D 134 11.28 -31.57 -62.18
CA LYS D 134 12.23 -31.48 -63.33
C LYS D 134 13.29 -32.58 -63.21
N TYR D 135 13.86 -32.77 -62.01
CA TYR D 135 14.95 -33.73 -61.71
C TYR D 135 14.39 -35.15 -61.49
N GLY D 136 13.08 -35.33 -61.64
CA GLY D 136 12.42 -36.65 -61.73
C GLY D 136 11.82 -37.09 -60.40
N ALA D 137 11.14 -36.19 -59.70
CA ALA D 137 10.42 -36.48 -58.43
C ALA D 137 9.16 -37.30 -58.75
N ASP D 138 9.00 -38.44 -58.08
CA ASP D 138 7.81 -39.33 -58.21
C ASP D 138 6.60 -38.62 -57.58
N VAL D 139 5.73 -38.05 -58.42
CA VAL D 139 4.54 -37.23 -57.99
C VAL D 139 3.52 -38.13 -57.27
N ASN D 140 3.50 -39.42 -57.58
CA ASN D 140 2.54 -40.42 -57.02
C ASN D 140 3.16 -41.14 -55.81
N ALA D 141 4.31 -40.65 -55.30
CA ALA D 141 4.99 -41.20 -54.11
C ALA D 141 4.11 -40.98 -52.88
N GLN D 142 3.84 -42.05 -52.11
CA GLN D 142 2.99 -42.04 -50.90
C GLN D 142 3.86 -42.14 -49.65
N ASP D 143 3.44 -41.48 -48.56
CA ASP D 143 4.06 -41.59 -47.22
C ASP D 143 3.45 -42.80 -46.49
N LYS D 144 3.73 -42.97 -45.20
CA LYS D 144 3.28 -44.12 -44.38
C LYS D 144 1.75 -44.13 -44.25
N PHE D 145 1.09 -42.97 -44.39
CA PHE D 145 -0.37 -42.80 -44.25
C PHE D 145 -1.06 -42.87 -45.63
N GLY D 146 -0.29 -43.11 -46.69
CA GLY D 146 -0.79 -43.27 -48.07
C GLY D 146 -1.26 -41.96 -48.68
N LYS D 147 -0.56 -40.85 -48.36
CA LYS D 147 -0.90 -39.49 -48.84
C LYS D 147 0.20 -39.00 -49.80
N THR D 148 -0.21 -38.58 -51.00
CA THR D 148 0.68 -38.03 -52.06
C THR D 148 0.86 -36.53 -51.85
N ALA D 149 1.70 -35.89 -52.66
CA ALA D 149 1.96 -34.42 -52.65
C ALA D 149 0.67 -33.67 -53.05
N PHE D 150 -0.16 -34.30 -53.88
CA PHE D 150 -1.48 -33.76 -54.32
C PHE D 150 -2.45 -33.76 -53.13
N ASP D 151 -2.46 -34.84 -52.34
CA ASP D 151 -3.33 -35.01 -51.15
C ASP D 151 -3.01 -33.92 -50.11
N ILE D 152 -1.75 -33.49 -50.03
CA ILE D 152 -1.27 -32.42 -49.11
C ILE D 152 -1.81 -31.06 -49.61
N SER D 153 -1.79 -30.83 -50.93
CA SER D 153 -2.16 -29.55 -51.59
C SER D 153 -3.66 -29.28 -51.43
N ILE D 154 -4.51 -30.30 -51.61
CA ILE D 154 -6.00 -30.17 -51.52
C ILE D 154 -6.40 -29.96 -50.05
N ASN D 155 -5.70 -30.59 -49.10
CA ASN D 155 -5.98 -30.49 -47.65
C ASN D 155 -5.58 -29.09 -47.14
N ASN D 156 -4.43 -28.59 -47.59
CA ASN D 156 -3.91 -27.24 -47.24
C ASN D 156 -4.74 -26.15 -47.95
N GLY D 157 -5.40 -26.51 -49.06
CA GLY D 157 -6.27 -25.60 -49.84
C GLY D 157 -5.46 -24.70 -50.77
N ASN D 158 -4.41 -25.25 -51.39
CA ASN D 158 -3.48 -24.54 -52.30
C ASN D 158 -3.93 -24.79 -53.75
N GLU D 159 -4.51 -23.77 -54.40
CA GLU D 159 -5.05 -23.86 -55.77
C GLU D 159 -3.90 -23.92 -56.79
N ASP D 160 -2.88 -23.08 -56.61
CA ASP D 160 -1.70 -22.99 -57.51
C ASP D 160 -0.95 -24.33 -57.54
N LEU D 161 -0.67 -24.89 -56.35
CA LEU D 161 0.13 -26.13 -56.18
C LEU D 161 -0.63 -27.33 -56.78
N ALA D 162 -1.93 -27.43 -56.52
CA ALA D 162 -2.82 -28.50 -57.03
C ALA D 162 -2.82 -28.51 -58.57
N GLU D 163 -2.76 -27.33 -59.19
CA GLU D 163 -2.75 -27.14 -60.67
C GLU D 163 -1.42 -27.65 -61.24
N ILE D 164 -0.31 -27.44 -60.54
CA ILE D 164 1.07 -27.84 -60.97
C ILE D 164 1.22 -29.36 -60.89
N LEU D 165 0.63 -30.00 -59.86
CA LEU D 165 0.80 -31.44 -59.54
C LEU D 165 -0.13 -32.31 -60.40
N GLN D 166 -0.78 -31.74 -61.42
CA GLN D 166 -1.57 -32.47 -62.44
C GLN D 166 -0.69 -33.54 -63.10
N ASP E 13 -44.88 7.44 -38.91
CA ASP E 13 -44.48 8.75 -38.31
C ASP E 13 -45.31 9.00 -37.04
N LEU E 14 -46.63 9.11 -37.18
CA LEU E 14 -47.59 9.35 -36.07
C LEU E 14 -47.82 8.04 -35.30
N GLY E 15 -47.85 6.90 -36.01
CA GLY E 15 -48.02 5.55 -35.43
C GLY E 15 -46.88 5.21 -34.46
N LYS E 16 -45.67 5.71 -34.73
CA LYS E 16 -44.48 5.55 -33.86
C LYS E 16 -44.70 6.28 -32.52
N LYS E 17 -45.29 7.48 -32.57
CA LYS E 17 -45.58 8.32 -31.38
C LYS E 17 -46.74 7.70 -30.57
N LEU E 18 -47.69 7.03 -31.26
CA LEU E 18 -48.84 6.34 -30.62
C LEU E 18 -48.35 5.12 -29.83
N LEU E 19 -47.33 4.41 -30.36
CA LEU E 19 -46.70 3.23 -29.71
C LEU E 19 -46.01 3.67 -28.42
N GLU E 20 -45.21 4.74 -28.48
CA GLU E 20 -44.46 5.31 -27.32
C GLU E 20 -45.46 5.83 -26.28
N ALA E 21 -46.56 6.46 -26.73
CA ALA E 21 -47.63 7.04 -25.87
C ALA E 21 -48.40 5.91 -25.17
N ALA E 22 -48.74 4.84 -25.90
CA ALA E 22 -49.50 3.67 -25.41
C ALA E 22 -48.67 2.90 -24.38
N ARG E 23 -47.35 2.82 -24.58
CA ARG E 23 -46.40 2.09 -23.70
C ARG E 23 -46.27 2.82 -22.35
N ALA E 24 -45.89 4.11 -22.38
CA ALA E 24 -45.63 4.97 -21.21
C ALA E 24 -46.90 5.14 -20.38
N GLY E 25 -48.07 5.14 -21.04
CA GLY E 25 -49.40 5.20 -20.38
C GLY E 25 -49.95 6.61 -20.31
N ARG E 26 -49.61 7.47 -21.29
CA ARG E 26 -50.11 8.87 -21.39
C ARG E 26 -51.49 8.85 -22.06
N ASP E 27 -52.56 9.03 -21.26
CA ASP E 27 -53.98 8.93 -21.69
C ASP E 27 -54.32 10.08 -22.65
N ASP E 28 -53.80 11.28 -22.39
CA ASP E 28 -54.09 12.52 -23.17
C ASP E 28 -53.46 12.42 -24.56
N GLU E 29 -52.21 11.94 -24.64
CA GLU E 29 -51.42 11.88 -25.91
C GLU E 29 -52.04 10.88 -26.88
N VAL E 30 -52.71 9.84 -26.38
CA VAL E 30 -53.42 8.81 -27.21
C VAL E 30 -54.61 9.49 -27.92
N ARG E 31 -55.33 10.35 -27.21
CA ARG E 31 -56.54 11.07 -27.73
C ARG E 31 -56.12 12.09 -28.79
N ILE E 32 -55.02 12.82 -28.55
CA ILE E 32 -54.52 13.93 -29.43
C ILE E 32 -53.98 13.34 -30.74
N LEU E 33 -53.24 12.23 -30.67
CA LEU E 33 -52.60 11.58 -31.84
C LEU E 33 -53.67 10.95 -32.75
N MET E 34 -54.73 10.37 -32.15
CA MET E 34 -55.84 9.70 -32.89
C MET E 34 -56.84 10.74 -33.41
N ALA E 35 -56.88 11.94 -32.80
CA ALA E 35 -57.61 13.12 -33.32
C ALA E 35 -56.91 13.65 -34.57
N ASN E 36 -55.57 13.58 -34.59
CA ASN E 36 -54.71 13.96 -35.75
C ASN E 36 -54.75 12.85 -36.81
N GLY E 37 -55.26 11.67 -36.47
CA GLY E 37 -55.51 10.54 -37.39
C GLY E 37 -54.30 9.64 -37.54
N ALA E 38 -53.77 9.15 -36.42
CA ALA E 38 -52.61 8.22 -36.35
C ALA E 38 -53.09 6.79 -36.62
N ASP E 39 -52.22 5.96 -37.19
CA ASP E 39 -52.51 4.53 -37.53
C ASP E 39 -52.65 3.73 -36.23
N VAL E 40 -53.86 3.25 -35.94
CA VAL E 40 -54.22 2.53 -34.68
C VAL E 40 -53.59 1.13 -34.67
N ASN E 41 -53.29 0.57 -35.85
CA ASN E 41 -52.67 -0.77 -36.02
C ASN E 41 -51.23 -0.62 -36.53
N ALA E 42 -50.49 0.37 -35.99
CA ALA E 42 -49.08 0.65 -36.31
C ALA E 42 -48.19 -0.31 -35.53
N ALA E 43 -47.60 -1.31 -36.21
CA ALA E 43 -46.74 -2.36 -35.62
C ALA E 43 -45.30 -1.85 -35.51
N ASP E 44 -44.61 -2.20 -34.42
CA ASP E 44 -43.17 -1.89 -34.19
C ASP E 44 -42.33 -3.02 -34.80
N VAL E 45 -41.04 -3.11 -34.45
CA VAL E 45 -40.05 -4.05 -35.07
C VAL E 45 -40.47 -5.50 -34.78
N VAL E 46 -40.88 -5.80 -33.54
CA VAL E 46 -41.29 -7.18 -33.10
C VAL E 46 -42.70 -7.49 -33.61
N GLY E 47 -43.49 -6.46 -33.96
CA GLY E 47 -44.85 -6.59 -34.51
C GLY E 47 -45.92 -6.33 -33.46
N TRP E 48 -45.66 -5.43 -32.52
CA TRP E 48 -46.58 -5.04 -31.42
C TRP E 48 -47.31 -3.74 -31.79
N THR E 49 -48.66 -3.79 -31.84
CA THR E 49 -49.55 -2.61 -31.99
C THR E 49 -49.67 -1.89 -30.65
N PRO E 50 -50.17 -0.64 -30.61
CA PRO E 50 -50.48 0.04 -29.35
C PRO E 50 -51.34 -0.80 -28.39
N LEU E 51 -52.24 -1.63 -28.91
CA LEU E 51 -53.17 -2.48 -28.12
C LEU E 51 -52.37 -3.59 -27.41
N HIS E 52 -51.33 -4.12 -28.06
CA HIS E 52 -50.37 -5.10 -27.47
C HIS E 52 -49.69 -4.48 -26.25
N LEU E 53 -49.15 -3.26 -26.41
CA LEU E 53 -48.37 -2.53 -25.37
C LEU E 53 -49.27 -2.18 -24.19
N ALA E 54 -50.48 -1.65 -24.46
CA ALA E 54 -51.49 -1.27 -23.45
C ALA E 54 -51.91 -2.50 -22.63
N ALA E 55 -52.05 -3.66 -23.28
CA ALA E 55 -52.44 -4.94 -22.66
C ALA E 55 -51.31 -5.47 -21.78
N TYR E 56 -50.05 -5.30 -22.21
CA TYR E 56 -48.84 -5.81 -21.53
C TYR E 56 -48.60 -5.03 -20.22
N TRP E 57 -48.51 -3.71 -20.31
CA TRP E 57 -48.15 -2.80 -19.18
C TRP E 57 -49.36 -2.54 -18.29
N GLY E 58 -50.57 -2.97 -18.70
CA GLY E 58 -51.78 -2.98 -17.87
C GLY E 58 -52.45 -1.61 -17.81
N HIS E 59 -52.64 -0.97 -18.96
CA HIS E 59 -53.31 0.35 -19.11
C HIS E 59 -54.75 0.13 -19.62
N LEU E 60 -55.70 -0.07 -18.70
CA LEU E 60 -57.12 -0.38 -19.00
C LEU E 60 -57.77 0.79 -19.76
N GLU E 61 -57.37 2.03 -19.45
CA GLU E 61 -57.97 3.26 -20.02
C GLU E 61 -57.66 3.36 -21.52
N ILE E 62 -56.42 3.03 -21.91
CA ILE E 62 -55.92 3.14 -23.32
C ILE E 62 -56.51 1.99 -24.16
N VAL E 63 -56.67 0.80 -23.58
CA VAL E 63 -57.25 -0.40 -24.27
C VAL E 63 -58.67 -0.07 -24.75
N GLU E 64 -59.48 0.58 -23.90
CA GLU E 64 -60.88 0.97 -24.21
C GLU E 64 -60.89 2.06 -25.30
N VAL E 65 -60.00 3.05 -25.19
CA VAL E 65 -59.92 4.22 -26.11
C VAL E 65 -59.43 3.77 -27.48
N LEU E 66 -58.48 2.81 -27.54
CA LEU E 66 -57.92 2.26 -28.80
C LEU E 66 -59.00 1.50 -29.56
N LEU E 67 -59.71 0.58 -28.88
CA LEU E 67 -60.76 -0.29 -29.46
C LEU E 67 -61.95 0.56 -29.95
N LYS E 68 -62.19 1.71 -29.31
CA LYS E 68 -63.27 2.67 -29.68
C LYS E 68 -62.99 3.25 -31.08
N ASN E 69 -61.71 3.46 -31.42
CA ASN E 69 -61.27 4.06 -32.70
C ASN E 69 -60.85 2.95 -33.69
N GLY E 70 -61.52 1.80 -33.62
CA GLY E 70 -61.39 0.69 -34.60
C GLY E 70 -60.00 0.08 -34.61
N ALA E 71 -59.48 -0.31 -33.44
CA ALA E 71 -58.20 -1.03 -33.28
C ALA E 71 -58.41 -2.52 -33.54
N ASP E 72 -57.45 -3.17 -34.21
CA ASP E 72 -57.49 -4.62 -34.55
C ASP E 72 -57.29 -5.42 -33.25
N VAL E 73 -58.36 -6.03 -32.75
CA VAL E 73 -58.40 -6.78 -31.46
C VAL E 73 -57.66 -8.12 -31.62
N ASN E 74 -57.64 -8.68 -32.83
CA ASN E 74 -57.06 -10.01 -33.14
C ASN E 74 -55.76 -9.84 -33.95
N ALA E 75 -55.09 -8.69 -33.82
CA ALA E 75 -53.74 -8.43 -34.38
C ALA E 75 -52.72 -9.31 -33.65
N TYR E 76 -51.70 -9.79 -34.35
CA TYR E 76 -50.65 -10.69 -33.80
C TYR E 76 -49.25 -10.23 -34.22
N ASP E 77 -48.26 -10.50 -33.38
CA ASP E 77 -46.82 -10.14 -33.58
C ASP E 77 -46.16 -11.21 -34.46
N THR E 78 -44.83 -11.12 -34.63
CA THR E 78 -44.04 -12.03 -35.51
C THR E 78 -44.07 -13.47 -34.99
N LEU E 79 -44.36 -13.68 -33.70
CA LEU E 79 -44.44 -15.02 -33.06
C LEU E 79 -45.90 -15.45 -32.86
N GLY E 80 -46.87 -14.56 -33.09
CA GLY E 80 -48.29 -14.90 -33.24
C GLY E 80 -49.13 -14.63 -32.00
N SER E 81 -48.57 -14.02 -30.96
CA SER E 81 -49.28 -13.66 -29.70
C SER E 81 -50.14 -12.43 -29.92
N THR E 82 -51.32 -12.39 -29.30
CA THR E 82 -52.35 -11.30 -29.43
C THR E 82 -52.37 -10.48 -28.14
N PRO E 83 -53.06 -9.31 -28.12
CA PRO E 83 -53.28 -8.57 -26.87
C PRO E 83 -54.00 -9.37 -25.77
N LEU E 84 -54.80 -10.38 -26.15
CA LEU E 84 -55.50 -11.28 -25.19
C LEU E 84 -54.48 -12.18 -24.48
N HIS E 85 -53.51 -12.72 -25.23
CA HIS E 85 -52.39 -13.55 -24.70
C HIS E 85 -51.65 -12.78 -23.59
N LEU E 86 -51.29 -11.53 -23.86
CA LEU E 86 -50.46 -10.68 -22.96
C LEU E 86 -51.24 -10.33 -21.69
N ALA E 87 -52.53 -9.98 -21.84
CA ALA E 87 -53.45 -9.59 -20.74
C ALA E 87 -53.66 -10.78 -19.79
N ALA E 88 -53.88 -11.97 -20.34
CA ALA E 88 -54.16 -13.23 -19.59
C ALA E 88 -52.89 -13.70 -18.86
N HIS E 89 -51.71 -13.45 -19.43
CA HIS E 89 -50.39 -13.90 -18.89
C HIS E 89 -50.02 -13.08 -17.65
N PHE E 90 -50.05 -11.76 -17.75
CA PHE E 90 -49.58 -10.80 -16.71
C PHE E 90 -50.72 -10.45 -15.75
N GLY E 91 -51.90 -11.05 -15.93
CA GLY E 91 -53.00 -11.03 -14.94
C GLY E 91 -53.72 -9.69 -14.92
N HIS E 92 -54.39 -9.34 -16.01
CA HIS E 92 -55.23 -8.11 -16.15
C HIS E 92 -56.69 -8.51 -16.41
N LEU E 93 -57.45 -8.74 -15.33
CA LEU E 93 -58.85 -9.26 -15.37
C LEU E 93 -59.72 -8.33 -16.21
N GLU E 94 -59.65 -7.02 -15.95
CA GLU E 94 -60.51 -5.99 -16.60
C GLU E 94 -60.17 -5.90 -18.09
N ILE E 95 -58.88 -5.94 -18.45
CA ILE E 95 -58.39 -5.82 -19.85
C ILE E 95 -58.82 -7.06 -20.65
N VAL E 96 -58.81 -8.24 -20.03
CA VAL E 96 -59.27 -9.53 -20.65
C VAL E 96 -60.74 -9.41 -21.03
N GLU E 97 -61.57 -8.86 -20.12
CA GLU E 97 -63.04 -8.71 -20.30
C GLU E 97 -63.33 -7.70 -21.43
N VAL E 98 -62.60 -6.58 -21.46
CA VAL E 98 -62.76 -5.49 -22.47
C VAL E 98 -62.43 -6.03 -23.87
N LEU E 99 -61.35 -6.82 -23.98
CA LEU E 99 -60.91 -7.45 -25.26
C LEU E 99 -61.96 -8.48 -25.71
N LEU E 100 -62.42 -9.34 -24.79
CA LEU E 100 -63.39 -10.44 -25.06
C LEU E 100 -64.75 -9.87 -25.47
N LYS E 101 -65.16 -8.73 -24.88
CA LYS E 101 -66.44 -8.04 -25.21
C LYS E 101 -66.36 -7.41 -26.60
N ASN E 102 -65.15 -7.02 -27.04
CA ASN E 102 -64.90 -6.37 -28.36
C ASN E 102 -64.58 -7.44 -29.42
N GLY E 103 -64.79 -8.72 -29.11
CA GLY E 103 -64.73 -9.83 -30.07
C GLY E 103 -63.32 -10.35 -30.28
N ALA E 104 -62.60 -10.62 -29.19
CA ALA E 104 -61.24 -11.21 -29.18
C ALA E 104 -61.34 -12.73 -29.36
N ASP E 105 -60.49 -13.31 -30.21
CA ASP E 105 -60.41 -14.78 -30.44
C ASP E 105 -59.89 -15.44 -29.17
N VAL E 106 -60.79 -16.12 -28.42
CA VAL E 106 -60.51 -16.76 -27.11
C VAL E 106 -59.61 -17.99 -27.33
N ASN E 107 -59.78 -18.67 -28.47
CA ASN E 107 -59.01 -19.89 -28.84
C ASN E 107 -57.88 -19.52 -29.80
N ALA E 108 -57.25 -18.35 -29.61
CA ALA E 108 -56.15 -17.82 -30.46
C ALA E 108 -54.89 -18.65 -30.23
N LYS E 109 -54.30 -19.19 -31.30
CA LYS E 109 -53.05 -20.01 -31.28
C LYS E 109 -51.91 -19.19 -31.90
N ASP E 110 -50.88 -18.90 -31.11
CA ASP E 110 -49.60 -18.31 -31.59
C ASP E 110 -48.82 -19.41 -32.34
N ASP E 111 -47.60 -19.11 -32.78
CA ASP E 111 -46.76 -20.02 -33.60
C ASP E 111 -46.49 -21.33 -32.84
N ASN E 112 -46.52 -21.29 -31.50
CA ASN E 112 -46.22 -22.46 -30.62
C ASN E 112 -47.49 -23.28 -30.37
N GLY E 113 -48.68 -22.70 -30.62
CA GLY E 113 -49.98 -23.33 -30.35
C GLY E 113 -50.47 -23.07 -28.92
N ILE E 114 -49.85 -22.09 -28.24
CA ILE E 114 -50.22 -21.65 -26.87
C ILE E 114 -51.42 -20.70 -26.97
N THR E 115 -52.38 -20.81 -26.05
CA THR E 115 -53.63 -20.01 -26.00
C THR E 115 -53.66 -19.19 -24.72
N PRO E 116 -54.49 -18.12 -24.64
CA PRO E 116 -54.62 -17.34 -23.41
C PRO E 116 -54.95 -18.16 -22.15
N LEU E 117 -55.68 -19.28 -22.32
CA LEU E 117 -56.05 -20.20 -21.21
C LEU E 117 -54.80 -20.89 -20.66
N HIS E 118 -53.86 -21.27 -21.53
CA HIS E 118 -52.55 -21.89 -21.18
C HIS E 118 -51.73 -20.91 -20.33
N LEU E 119 -51.66 -19.65 -20.75
CA LEU E 119 -50.84 -18.58 -20.10
C LEU E 119 -51.47 -18.21 -18.74
N ALA E 120 -52.80 -18.11 -18.69
CA ALA E 120 -53.59 -17.81 -17.46
C ALA E 120 -53.42 -18.94 -16.45
N ALA E 121 -53.51 -20.20 -16.91
CA ALA E 121 -53.38 -21.42 -16.09
C ALA E 121 -51.96 -21.54 -15.52
N ASN E 122 -50.95 -21.20 -16.32
CA ASN E 122 -49.50 -21.35 -15.99
C ASN E 122 -49.14 -20.42 -14.83
N ARG E 123 -49.48 -19.13 -14.93
CA ARG E 123 -49.13 -18.08 -13.94
C ARG E 123 -50.12 -18.12 -12.77
N GLY E 124 -51.23 -18.86 -12.91
CA GLY E 124 -52.15 -19.18 -11.80
C GLY E 124 -53.10 -18.03 -11.48
N HIS E 125 -53.73 -17.44 -12.50
CA HIS E 125 -54.78 -16.39 -12.38
C HIS E 125 -56.16 -17.07 -12.45
N LEU E 126 -56.74 -17.39 -11.30
CA LEU E 126 -57.99 -18.21 -11.18
C LEU E 126 -59.18 -17.43 -11.73
N GLU E 127 -59.22 -16.11 -11.53
CA GLU E 127 -60.34 -15.22 -11.97
C GLU E 127 -60.39 -15.16 -13.50
N ILE E 128 -59.23 -15.04 -14.16
CA ILE E 128 -59.10 -14.87 -15.64
C ILE E 128 -59.44 -16.20 -16.34
N VAL E 129 -59.05 -17.33 -15.76
CA VAL E 129 -59.34 -18.70 -16.30
C VAL E 129 -60.87 -18.88 -16.42
N GLU E 130 -61.61 -18.50 -15.38
CA GLU E 130 -63.10 -18.61 -15.32
C GLU E 130 -63.74 -17.73 -16.40
N VAL E 131 -63.18 -16.53 -16.64
CA VAL E 131 -63.69 -15.55 -17.65
C VAL E 131 -63.47 -16.11 -19.06
N LEU E 132 -62.29 -16.67 -19.34
CA LEU E 132 -61.94 -17.27 -20.66
C LEU E 132 -62.88 -18.44 -20.96
N LEU E 133 -63.17 -19.27 -19.96
CA LEU E 133 -64.08 -20.44 -20.06
C LEU E 133 -65.50 -19.97 -20.41
N LYS E 134 -65.93 -18.84 -19.85
CA LYS E 134 -67.29 -18.26 -20.05
C LYS E 134 -67.49 -17.92 -21.53
N TYR E 135 -66.49 -17.29 -22.16
CA TYR E 135 -66.55 -16.79 -23.57
C TYR E 135 -66.28 -17.94 -24.56
N GLY E 136 -65.96 -19.14 -24.06
CA GLY E 136 -65.90 -20.38 -24.85
C GLY E 136 -64.48 -20.78 -25.19
N ALA E 137 -63.63 -20.92 -24.16
CA ALA E 137 -62.23 -21.41 -24.27
C ALA E 137 -62.23 -22.94 -24.35
N ASP E 138 -61.52 -23.49 -25.34
CA ASP E 138 -61.38 -24.96 -25.55
C ASP E 138 -60.44 -25.53 -24.48
N VAL E 139 -60.97 -26.29 -23.53
CA VAL E 139 -60.24 -26.86 -22.36
C VAL E 139 -59.26 -27.94 -22.84
N ASN E 140 -59.59 -28.65 -23.92
CA ASN E 140 -58.80 -29.79 -24.46
C ASN E 140 -57.83 -29.31 -25.54
N ALA E 141 -57.73 -28.00 -25.78
CA ALA E 141 -56.79 -27.37 -26.72
C ALA E 141 -55.35 -27.66 -26.27
N GLN E 142 -54.50 -28.10 -27.19
CA GLN E 142 -53.09 -28.51 -26.93
C GLN E 142 -52.13 -27.54 -27.59
N ASP E 143 -50.91 -27.43 -27.05
CA ASP E 143 -49.75 -26.72 -27.66
C ASP E 143 -48.98 -27.71 -28.53
N LYS E 144 -47.81 -27.32 -29.04
CA LYS E 144 -46.95 -28.14 -29.93
C LYS E 144 -46.48 -29.42 -29.21
N PHE E 145 -46.34 -29.38 -27.87
CA PHE E 145 -45.82 -30.50 -27.04
C PHE E 145 -46.96 -31.40 -26.56
N GLY E 146 -48.21 -31.05 -26.87
CA GLY E 146 -49.40 -31.85 -26.53
C GLY E 146 -49.82 -31.68 -25.08
N LYS E 147 -49.73 -30.45 -24.56
CA LYS E 147 -50.05 -30.09 -23.15
C LYS E 147 -51.33 -29.25 -23.12
N THR E 148 -52.30 -29.66 -22.30
CA THR E 148 -53.59 -28.96 -22.06
C THR E 148 -53.44 -28.03 -20.85
N ALA E 149 -54.43 -27.16 -20.61
CA ALA E 149 -54.52 -26.27 -19.45
C ALA E 149 -54.61 -27.10 -18.16
N PHE E 150 -55.25 -28.28 -18.25
CA PHE E 150 -55.41 -29.25 -17.12
C PHE E 150 -54.04 -29.87 -16.78
N ASP E 151 -53.23 -30.18 -17.80
CA ASP E 151 -51.88 -30.77 -17.64
C ASP E 151 -50.96 -29.78 -16.91
N ILE E 152 -51.12 -28.48 -17.16
CA ILE E 152 -50.31 -27.38 -16.55
C ILE E 152 -50.65 -27.28 -15.06
N SER E 153 -51.94 -27.41 -14.70
CA SER E 153 -52.44 -27.30 -13.30
C SER E 153 -51.92 -28.46 -12.45
N ILE E 154 -51.81 -29.66 -13.03
CA ILE E 154 -51.24 -30.88 -12.37
C ILE E 154 -49.74 -30.65 -12.13
N ASN E 155 -49.02 -30.22 -13.17
CA ASN E 155 -47.54 -30.02 -13.16
C ASN E 155 -47.18 -28.93 -12.15
N ASN E 156 -47.86 -27.78 -12.19
CA ASN E 156 -47.62 -26.61 -11.31
C ASN E 156 -48.07 -26.94 -9.87
N GLY E 157 -49.02 -27.85 -9.71
CA GLY E 157 -49.54 -28.29 -8.40
C GLY E 157 -50.56 -27.30 -7.85
N ASN E 158 -51.36 -26.70 -8.73
CA ASN E 158 -52.45 -25.74 -8.38
C ASN E 158 -53.76 -26.53 -8.22
N GLU E 159 -54.13 -26.84 -6.97
CA GLU E 159 -55.30 -27.68 -6.62
C GLU E 159 -56.60 -26.91 -6.89
N ASP E 160 -56.60 -25.60 -6.62
CA ASP E 160 -57.77 -24.69 -6.83
C ASP E 160 -58.09 -24.57 -8.33
N LEU E 161 -57.06 -24.62 -9.18
CA LEU E 161 -57.18 -24.48 -10.66
C LEU E 161 -57.60 -25.83 -11.28
N ALA E 162 -57.18 -26.95 -10.66
CA ALA E 162 -57.41 -28.32 -11.16
C ALA E 162 -58.91 -28.66 -11.17
N GLU E 163 -59.63 -28.31 -10.10
CA GLU E 163 -61.07 -28.64 -9.93
C GLU E 163 -61.92 -27.78 -10.88
N ILE E 164 -61.46 -26.57 -11.22
CA ILE E 164 -62.16 -25.63 -12.14
C ILE E 164 -62.12 -26.22 -13.57
N LEU E 165 -61.04 -26.89 -13.94
CA LEU E 165 -60.85 -27.54 -15.28
C LEU E 165 -61.13 -29.04 -15.18
N GLN E 166 -62.09 -29.44 -14.34
CA GLN E 166 -62.51 -30.85 -14.10
C GLN E 166 -61.34 -31.81 -14.37
#